data_6RH6
#
_entry.id   6RH6
#
loop_
_entity.id
_entity.type
_entity.pdbx_description
1 polymer 'Adaptin ear-binding coat-associated protein 1'
2 polymer 'AP-2 complex subunit mu'
#
loop_
_entity_poly.entity_id
_entity_poly.type
_entity_poly.pdbx_seq_one_letter_code
_entity_poly.pdbx_strand_id
1 'polypeptide(L)'
;GSPNSMATELEYESVLCVKPDVSVYRIPPRASNRGYRASDWKLDQPDWTGRLRITSKGKTAYIKLEDKVSGELFAQAPVE
QYPGIAVETVTDSSRYFVIRIQDGTGRSAFIGIGFTDRGDAFDFNVSLQDHFKWVKQE
;
A
2 'polypeptide(L)' SQITSQV(TPO)GQIGWRR B
#
# COMPACT_ATOMS: atom_id res chain seq x y z
N GLY A 1 11.36 9.64 -17.31
CA GLY A 1 11.32 8.85 -18.57
C GLY A 1 9.90 8.54 -19.00
N SER A 2 9.70 8.28 -20.29
CA SER A 2 8.40 7.90 -20.88
C SER A 2 8.01 6.44 -20.56
N PRO A 3 6.69 6.11 -20.53
CA PRO A 3 6.22 4.74 -20.26
C PRO A 3 6.50 3.78 -21.43
N ASN A 4 6.47 2.47 -21.14
CA ASN A 4 6.77 1.41 -22.12
C ASN A 4 5.75 1.33 -23.28
N SER A 5 4.51 1.75 -23.04
CA SER A 5 3.45 1.93 -24.03
C SER A 5 2.90 3.36 -23.95
N MET A 6 2.88 4.05 -25.10
CA MET A 6 2.37 5.42 -25.23
C MET A 6 1.72 5.62 -26.61
N ALA A 7 0.50 6.17 -26.59
CA ALA A 7 -0.32 6.52 -27.75
C ALA A 7 -0.92 7.95 -27.63
N THR A 8 -0.17 8.86 -27.00
CA THR A 8 -0.56 10.26 -26.71
C THR A 8 -1.85 10.37 -25.90
N GLU A 9 -1.98 9.50 -24.89
CA GLU A 9 -3.05 9.49 -23.88
C GLU A 9 -2.64 10.28 -22.60
N LEU A 10 -3.58 10.44 -21.67
CA LEU A 10 -3.38 11.11 -20.36
C LEU A 10 -2.66 10.17 -19.36
N GLU A 11 -1.47 9.71 -19.71
CA GLU A 11 -0.66 8.73 -18.95
C GLU A 11 0.07 9.32 -17.72
N TYR A 12 -0.52 10.34 -17.07
CA TYR A 12 0.07 11.04 -15.92
C TYR A 12 -0.11 10.31 -14.59
N GLU A 13 0.40 10.88 -13.51
CA GLU A 13 0.13 10.57 -12.10
C GLU A 13 0.73 11.68 -11.21
N SER A 14 -0.09 12.24 -10.32
CA SER A 14 0.26 13.39 -9.47
C SER A 14 0.65 12.94 -8.07
N VAL A 15 1.81 13.36 -7.55
CA VAL A 15 2.31 12.89 -6.23
C VAL A 15 1.38 13.35 -5.09
N LEU A 16 1.06 12.43 -4.17
CA LEU A 16 0.25 12.66 -2.97
C LEU A 16 1.05 12.53 -1.67
N CYS A 17 1.92 11.50 -1.57
CA CYS A 17 2.68 11.22 -0.35
C CYS A 17 4.07 10.62 -0.63
N VAL A 18 4.97 10.83 0.32
CA VAL A 18 6.27 10.17 0.44
C VAL A 18 6.49 9.80 1.90
N LYS A 19 7.00 8.59 2.17
CA LYS A 19 7.50 8.19 3.50
C LYS A 19 8.92 7.58 3.47
N PRO A 20 9.78 7.92 4.44
CA PRO A 20 11.23 7.74 4.35
C PRO A 20 11.71 6.29 4.49
N ASP A 21 11.00 5.45 5.25
CA ASP A 21 11.31 4.04 5.48
C ASP A 21 10.04 3.20 5.56
N VAL A 22 9.98 2.12 4.78
CA VAL A 22 8.83 1.21 4.68
C VAL A 22 9.32 -0.21 4.37
N SER A 23 8.65 -1.22 4.93
CA SER A 23 8.99 -2.64 4.80
C SER A 23 7.81 -3.45 4.25
N VAL A 24 8.05 -4.54 3.51
CA VAL A 24 6.98 -5.37 2.91
C VAL A 24 7.02 -6.84 3.32
N TYR A 25 5.86 -7.47 3.23
CA TYR A 25 5.65 -8.91 3.46
C TYR A 25 4.98 -9.57 2.24
N ARG A 26 5.69 -10.39 1.48
CA ARG A 26 5.12 -11.32 0.47
C ARG A 26 4.35 -12.48 1.15
N ILE A 27 3.13 -12.17 1.60
CA ILE A 27 2.27 -13.03 2.44
C ILE A 27 1.71 -14.28 1.71
N PRO A 28 1.53 -15.42 2.42
CA PRO A 28 0.87 -16.60 1.85
C PRO A 28 -0.66 -16.51 1.63
N PRO A 29 -1.50 -16.03 2.56
CA PRO A 29 -2.97 -16.06 2.40
C PRO A 29 -3.53 -14.92 1.53
N ARG A 30 -4.81 -15.06 1.14
CA ARG A 30 -5.62 -14.05 0.44
C ARG A 30 -6.86 -13.61 1.22
N ALA A 31 -7.61 -14.54 1.78
CA ALA A 31 -8.92 -14.26 2.37
C ALA A 31 -9.26 -15.21 3.53
N SER A 32 -8.90 -14.77 4.72
CA SER A 32 -9.36 -15.33 5.99
C SER A 32 -10.67 -14.65 6.44
N ASN A 33 -11.37 -15.28 7.39
CA ASN A 33 -12.64 -14.83 7.96
C ASN A 33 -12.66 -13.39 8.52
N ARG A 34 -11.48 -12.84 8.90
CA ARG A 34 -11.31 -11.47 9.45
C ARG A 34 -10.56 -10.50 8.52
N GLY A 35 -10.10 -11.02 7.38
CA GLY A 35 -9.25 -10.32 6.41
C GLY A 35 -7.95 -11.07 6.16
N TYR A 36 -6.83 -10.50 6.61
CA TYR A 36 -5.48 -11.05 6.43
C TYR A 36 -4.72 -11.34 7.72
N ARG A 37 -4.95 -10.56 8.77
CA ARG A 37 -4.25 -10.53 10.07
C ARG A 37 -2.72 -10.65 9.99
N ALA A 38 -1.99 -9.54 10.16
CA ALA A 38 -0.51 -9.54 10.17
C ALA A 38 0.11 -10.57 11.14
N SER A 39 -0.56 -10.73 12.28
CA SER A 39 -0.32 -11.73 13.32
C SER A 39 -0.32 -13.20 12.83
N ASP A 40 -0.90 -13.49 11.65
CA ASP A 40 -0.94 -14.83 11.04
C ASP A 40 0.31 -15.17 10.21
N TRP A 41 1.06 -14.17 9.71
CA TRP A 41 2.17 -14.37 8.77
C TRP A 41 3.52 -13.90 9.32
N LYS A 42 3.87 -12.64 9.08
CA LYS A 42 5.27 -12.15 9.04
C LYS A 42 5.44 -10.74 9.60
N LEU A 43 4.59 -10.32 10.54
CA LEU A 43 4.57 -8.94 11.07
C LEU A 43 5.91 -8.38 11.65
N ASP A 44 6.91 -9.24 11.83
CA ASP A 44 8.27 -8.92 12.29
C ASP A 44 9.38 -9.39 11.32
N GLN A 45 9.04 -9.87 10.11
CA GLN A 45 9.93 -10.59 9.18
C GLN A 45 9.76 -10.10 7.72
N PRO A 46 10.23 -8.88 7.39
CA PRO A 46 10.10 -8.32 6.04
C PRO A 46 11.02 -9.00 5.01
N ASP A 47 10.62 -8.98 3.75
CA ASP A 47 11.39 -9.55 2.62
C ASP A 47 12.16 -8.47 1.83
N TRP A 48 11.64 -7.24 1.83
CA TRP A 48 12.26 -6.05 1.25
C TRP A 48 11.94 -4.82 2.11
N THR A 49 12.85 -3.85 2.15
CA THR A 49 12.60 -2.50 2.68
C THR A 49 13.19 -1.42 1.76
N GLY A 50 12.60 -0.24 1.83
CA GLY A 50 12.94 0.90 1.00
C GLY A 50 12.17 2.14 1.43
N ARG A 51 11.67 2.86 0.44
CA ARG A 51 10.98 4.16 0.56
C ARG A 51 9.58 4.08 -0.08
N LEU A 52 8.60 4.77 0.51
CA LEU A 52 7.23 4.84 -0.01
C LEU A 52 7.06 6.06 -0.92
N ARG A 53 6.37 5.88 -2.04
CA ARG A 53 5.70 6.94 -2.81
C ARG A 53 4.21 6.61 -2.97
N ILE A 54 3.37 7.63 -2.93
CA ILE A 54 1.96 7.56 -3.35
C ILE A 54 1.73 8.65 -4.39
N THR A 55 1.13 8.28 -5.52
CA THR A 55 0.74 9.18 -6.63
C THR A 55 -0.71 8.93 -7.02
N SER A 56 -1.33 9.78 -7.85
CA SER A 56 -2.70 9.59 -8.36
C SER A 56 -2.95 10.20 -9.74
N LYS A 57 -3.48 9.39 -10.65
CA LYS A 57 -4.08 9.79 -11.91
C LYS A 57 -5.61 9.77 -11.78
N GLY A 58 -6.16 10.89 -11.33
CA GLY A 58 -7.60 11.12 -11.14
C GLY A 58 -8.15 10.33 -9.95
N LYS A 59 -9.25 9.60 -10.15
CA LYS A 59 -9.86 8.65 -9.18
C LYS A 59 -8.96 7.47 -8.80
N THR A 60 -7.83 7.32 -9.48
CA THR A 60 -6.91 6.20 -9.27
C THR A 60 -5.64 6.67 -8.59
N ALA A 61 -5.35 6.16 -7.39
CA ALA A 61 -4.04 6.28 -6.76
C ALA A 61 -3.16 5.07 -7.11
N TYR A 62 -1.84 5.22 -6.93
CA TYR A 62 -0.84 4.20 -7.21
C TYR A 62 0.14 4.22 -6.05
N ILE A 63 0.16 3.15 -5.25
CA ILE A 63 1.21 2.95 -4.24
C ILE A 63 2.45 2.48 -4.98
N LYS A 64 3.50 3.29 -5.03
CA LYS A 64 4.76 2.95 -5.69
C LYS A 64 5.91 2.87 -4.69
N LEU A 65 6.61 1.74 -4.66
CA LEU A 65 7.67 1.46 -3.71
C LEU A 65 9.05 1.63 -4.35
N GLU A 66 9.95 2.31 -3.66
CA GLU A 66 11.20 2.84 -4.22
C GLU A 66 12.44 2.35 -3.43
N ASP A 67 13.58 2.20 -4.09
CA ASP A 67 14.84 1.83 -3.45
C ASP A 67 15.36 2.97 -2.57
N LYS A 68 15.85 2.63 -1.37
CA LYS A 68 16.26 3.59 -0.32
C LYS A 68 17.49 4.43 -0.67
N VAL A 69 18.16 4.12 -1.78
CA VAL A 69 19.45 4.69 -2.22
C VAL A 69 19.32 5.43 -3.55
N SER A 70 18.52 4.88 -4.49
CA SER A 70 18.47 5.37 -5.87
C SER A 70 17.05 5.68 -6.38
N GLY A 71 16.01 5.43 -5.57
CA GLY A 71 14.62 5.70 -5.93
C GLY A 71 14.00 4.75 -6.97
N GLU A 72 14.70 3.66 -7.32
CA GLU A 72 14.29 2.71 -8.38
C GLU A 72 13.07 1.87 -7.96
N LEU A 73 12.17 1.54 -8.90
CA LEU A 73 10.89 0.91 -8.60
C LEU A 73 11.05 -0.56 -8.16
N PHE A 74 10.54 -0.88 -6.96
CA PHE A 74 10.38 -2.24 -6.45
C PHE A 74 9.05 -2.86 -6.91
N ALA A 75 7.94 -2.17 -6.66
CA ALA A 75 6.59 -2.59 -7.02
C ALA A 75 5.62 -1.40 -7.14
N GLN A 76 4.49 -1.58 -7.83
CA GLN A 76 3.41 -0.59 -7.93
C GLN A 76 2.01 -1.23 -7.85
N ALA A 77 1.10 -0.61 -7.09
CA ALA A 77 -0.27 -1.07 -6.84
C ALA A 77 -1.34 -0.01 -7.24
N PRO A 78 -2.10 -0.21 -8.33
CA PRO A 78 -3.21 0.68 -8.71
C PRO A 78 -4.45 0.47 -7.83
N VAL A 79 -5.06 1.57 -7.34
CA VAL A 79 -6.30 1.57 -6.54
C VAL A 79 -7.33 2.57 -7.07
N GLU A 80 -8.58 2.14 -7.24
CA GLU A 80 -9.70 3.01 -7.66
C GLU A 80 -10.82 3.11 -6.61
N GLN A 81 -10.66 2.47 -5.45
CA GLN A 81 -11.58 2.53 -4.30
C GLN A 81 -10.87 2.21 -2.98
N TYR A 82 -11.19 2.96 -1.92
CA TYR A 82 -10.68 2.73 -0.55
C TYR A 82 -11.82 2.76 0.48
N PRO A 83 -11.94 1.76 1.39
CA PRO A 83 -11.26 0.45 1.38
C PRO A 83 -11.49 -0.37 0.11
N GLY A 84 -10.56 -1.28 -0.20
CA GLY A 84 -10.66 -2.19 -1.36
C GLY A 84 -9.63 -3.31 -1.35
N ILE A 85 -9.47 -3.99 -2.48
CA ILE A 85 -8.52 -5.10 -2.67
C ILE A 85 -7.09 -4.57 -2.86
N ALA A 86 -6.96 -3.32 -3.33
CA ALA A 86 -5.66 -2.71 -3.61
C ALA A 86 -5.01 -2.03 -2.41
N VAL A 87 -5.76 -1.83 -1.33
CA VAL A 87 -5.24 -1.42 -0.02
C VAL A 87 -6.27 -1.76 1.06
N GLU A 88 -5.89 -2.66 1.97
CA GLU A 88 -6.71 -3.20 3.05
C GLU A 88 -5.97 -3.12 4.40
N THR A 89 -6.71 -3.00 5.50
CA THR A 89 -6.15 -3.01 6.85
C THR A 89 -6.35 -4.38 7.46
N VAL A 90 -5.36 -5.24 7.19
CA VAL A 90 -4.97 -6.47 7.91
C VAL A 90 -6.07 -7.16 8.73
N THR A 91 -6.39 -6.60 9.90
CA THR A 91 -7.70 -6.74 10.57
C THR A 91 -8.18 -5.40 11.11
N ASP A 92 -7.34 -4.65 11.82
CA ASP A 92 -7.73 -3.37 12.41
C ASP A 92 -6.59 -2.37 12.68
N SER A 93 -5.55 -2.73 13.44
CA SER A 93 -4.36 -1.87 13.55
C SER A 93 -3.80 -1.46 12.20
N SER A 94 -3.90 -0.17 11.93
CA SER A 94 -3.37 0.47 10.73
C SER A 94 -1.92 0.92 10.90
N ARG A 95 -1.17 0.19 11.76
CA ARG A 95 0.29 0.01 11.72
C ARG A 95 0.74 -0.76 10.45
N TYR A 96 -0.13 -1.65 9.96
CA TYR A 96 0.09 -2.47 8.77
C TYR A 96 -1.02 -2.30 7.74
N PHE A 97 -0.74 -2.72 6.50
CA PHE A 97 -1.72 -2.86 5.41
C PHE A 97 -1.44 -4.09 4.56
N VAL A 98 -2.30 -4.37 3.58
CA VAL A 98 -2.07 -5.28 2.45
C VAL A 98 -2.48 -4.58 1.16
N ILE A 99 -1.64 -4.61 0.13
CA ILE A 99 -1.90 -4.00 -1.19
C ILE A 99 -1.74 -5.04 -2.31
N ARG A 100 -2.48 -4.85 -3.42
CA ARG A 100 -2.31 -5.64 -4.66
C ARG A 100 -1.38 -4.91 -5.63
N ILE A 101 -0.19 -5.45 -5.85
CA ILE A 101 0.81 -4.92 -6.79
C ILE A 101 0.74 -5.64 -8.14
N GLN A 102 1.27 -5.01 -9.19
CA GLN A 102 1.65 -5.69 -10.43
C GLN A 102 3.05 -6.29 -10.33
N ASP A 103 3.29 -7.45 -10.95
CA ASP A 103 4.64 -8.02 -11.12
C ASP A 103 5.35 -7.51 -12.39
N GLY A 104 4.67 -6.66 -13.18
CA GLY A 104 5.22 -6.00 -14.38
C GLY A 104 5.19 -6.83 -15.67
N THR A 105 4.53 -8.00 -15.64
CA THR A 105 4.47 -8.97 -16.76
C THR A 105 3.05 -9.28 -17.24
N GLY A 106 2.06 -8.47 -16.82
CA GLY A 106 0.63 -8.67 -17.07
C GLY A 106 -0.10 -9.43 -15.96
N ARG A 107 0.54 -9.54 -14.77
CA ARG A 107 0.04 -10.29 -13.60
C ARG A 107 0.21 -9.51 -12.30
N SER A 108 -0.52 -9.93 -11.25
CA SER A 108 -0.54 -9.27 -9.94
C SER A 108 -0.08 -10.19 -8.78
N ALA A 109 0.25 -9.57 -7.64
CA ALA A 109 0.58 -10.23 -6.38
C ALA A 109 0.09 -9.40 -5.18
N PHE A 110 -0.22 -10.06 -4.06
CA PHE A 110 -0.53 -9.38 -2.79
C PHE A 110 0.70 -9.33 -1.88
N ILE A 111 1.03 -8.14 -1.36
CA ILE A 111 1.99 -7.97 -0.27
C ILE A 111 1.36 -7.22 0.90
N GLY A 112 1.63 -7.70 2.11
CA GLY A 112 1.51 -6.92 3.33
C GLY A 112 2.55 -5.80 3.37
N ILE A 113 2.30 -4.78 4.19
CA ILE A 113 3.22 -3.69 4.45
C ILE A 113 3.35 -3.49 5.97
N GLY A 114 4.56 -3.19 6.45
CA GLY A 114 4.83 -2.70 7.80
C GLY A 114 5.71 -1.45 7.78
N PHE A 115 5.36 -0.45 8.58
CA PHE A 115 6.06 0.83 8.63
C PHE A 115 7.09 0.96 9.75
N THR A 116 7.94 1.97 9.61
CA THR A 116 8.92 2.40 10.61
C THR A 116 8.26 3.07 11.83
N ASP A 117 7.07 3.63 11.65
CA ASP A 117 6.25 4.26 12.71
C ASP A 117 4.74 4.00 12.51
N ARG A 118 4.00 3.83 13.62
CA ARG A 118 2.54 3.64 13.65
C ARG A 118 1.79 4.84 13.03
N GLY A 119 2.31 6.05 13.24
CA GLY A 119 1.78 7.29 12.66
C GLY A 119 2.10 7.46 11.17
N ASP A 120 3.25 6.97 10.71
CA ASP A 120 3.59 6.96 9.27
C ASP A 120 2.66 6.02 8.49
N ALA A 121 2.27 4.90 9.09
CA ALA A 121 1.24 4.02 8.53
C ALA A 121 -0.17 4.62 8.59
N PHE A 122 -0.55 5.27 9.70
CA PHE A 122 -1.84 5.97 9.76
C PHE A 122 -1.94 7.09 8.70
N ASP A 123 -0.82 7.71 8.34
CA ASP A 123 -0.74 8.74 7.29
C ASP A 123 -0.75 8.13 5.87
N PHE A 124 -0.26 6.88 5.70
CA PHE A 124 -0.49 6.11 4.48
C PHE A 124 -1.99 5.88 4.24
N ASN A 125 -2.75 5.58 5.29
CA ASN A 125 -4.21 5.55 5.25
C ASN A 125 -4.81 6.93 4.91
N VAL A 126 -4.44 8.00 5.64
CA VAL A 126 -5.05 9.33 5.44
C VAL A 126 -4.75 9.90 4.04
N SER A 127 -3.59 9.60 3.47
CA SER A 127 -3.21 9.95 2.09
C SER A 127 -4.19 9.37 1.04
N LEU A 128 -4.88 8.28 1.37
CA LEU A 128 -5.90 7.65 0.53
C LEU A 128 -7.32 8.03 0.97
N GLN A 129 -7.59 8.23 2.27
CA GLN A 129 -8.88 8.75 2.74
C GLN A 129 -9.20 10.10 2.09
N ASP A 130 -8.26 11.06 2.11
CA ASP A 130 -8.43 12.38 1.50
C ASP A 130 -8.31 12.37 -0.03
N HIS A 131 -7.92 11.24 -0.62
CA HIS A 131 -7.96 11.00 -2.07
C HIS A 131 -9.33 10.45 -2.51
N PHE A 132 -9.97 9.63 -1.69
CA PHE A 132 -11.29 9.05 -1.95
C PHE A 132 -12.47 9.85 -1.35
N LYS A 133 -12.22 10.88 -0.52
CA LYS A 133 -13.25 11.73 0.09
C LYS A 133 -14.04 12.60 -0.90
N TRP A 134 -13.43 12.98 -2.02
CA TRP A 134 -14.00 13.89 -3.04
C TRP A 134 -14.52 13.17 -4.31
N VAL A 135 -14.29 11.86 -4.40
CA VAL A 135 -14.85 10.93 -5.41
C VAL A 135 -15.90 10.02 -4.75
N LYS A 136 -16.17 8.84 -5.31
CA LYS A 136 -17.08 7.82 -4.74
C LYS A 136 -18.53 8.30 -4.53
N GLN A 137 -18.92 9.33 -5.30
CA GLN A 137 -20.23 10.01 -5.22
C GLN A 137 -20.56 10.59 -3.84
N GLU A 138 -19.53 10.98 -3.08
CA GLU A 138 -19.67 11.65 -1.77
C GLU A 138 -20.10 13.13 -1.88
N SER B 1 9.87 -13.88 15.76
CA SER B 1 11.34 -14.00 15.59
C SER B 1 12.09 -12.84 16.21
N GLN B 2 11.95 -11.61 15.69
CA GLN B 2 12.63 -10.41 16.20
C GLN B 2 11.85 -9.73 17.33
N ILE B 3 10.53 -9.64 17.19
CA ILE B 3 9.57 -9.02 18.13
C ILE B 3 8.16 -9.56 17.82
N THR B 4 7.18 -9.33 18.70
CA THR B 4 5.75 -9.48 18.38
C THR B 4 4.97 -8.20 18.68
N SER B 5 4.25 -7.72 17.67
CA SER B 5 3.53 -6.43 17.66
C SER B 5 2.17 -6.57 16.97
N GLN B 6 1.43 -7.58 17.40
CA GLN B 6 0.18 -8.08 16.81
C GLN B 6 -0.81 -6.97 16.42
N VAL B 7 -1.48 -7.13 15.27
CA VAL B 7 -2.50 -6.18 14.82
C VAL B 7 -3.65 -6.14 15.85
N GLY B 9 -7.27 -5.09 17.66
CA GLY B 9 -8.65 -5.53 17.38
C GLY B 9 -9.61 -5.48 18.58
N GLN B 10 -9.09 -5.63 19.81
CA GLN B 10 -9.89 -5.52 21.05
C GLN B 10 -10.42 -4.10 21.32
N ILE B 11 -9.78 -3.07 20.74
CA ILE B 11 -10.23 -1.66 20.71
C ILE B 11 -10.45 -1.15 19.28
N GLY B 12 -9.62 -1.59 18.33
CA GLY B 12 -9.82 -1.41 16.89
C GLY B 12 -9.69 0.04 16.44
N TRP B 13 -8.48 0.61 16.57
CA TRP B 13 -8.27 2.06 16.51
C TRP B 13 -7.01 2.53 15.73
N ARG B 14 -6.57 3.77 16.01
CA ARG B 14 -6.13 4.73 14.98
C ARG B 14 -4.86 5.51 15.37
N ARG B 15 -4.88 6.21 16.50
CA ARG B 15 -3.79 7.05 17.04
C ARG B 15 -3.67 6.92 18.56
N GLY A 1 -7.32 15.46 -29.99
CA GLY A 1 -6.68 14.25 -29.42
C GLY A 1 -6.32 13.23 -30.47
N SER A 2 -5.87 12.04 -30.05
CA SER A 2 -5.44 10.95 -30.93
C SER A 2 -6.62 10.37 -31.77
N PRO A 3 -6.36 9.84 -32.98
CA PRO A 3 -7.39 9.22 -33.83
C PRO A 3 -7.80 7.80 -33.37
N ASN A 4 -7.08 7.22 -32.41
CA ASN A 4 -7.24 5.87 -31.89
C ASN A 4 -7.37 5.84 -30.35
N SER A 5 -7.39 4.65 -29.75
CA SER A 5 -7.59 4.40 -28.31
C SER A 5 -6.58 5.08 -27.37
N MET A 6 -5.45 5.58 -27.88
CA MET A 6 -4.46 6.34 -27.08
C MET A 6 -5.07 7.61 -26.46
N ALA A 7 -6.16 8.15 -27.02
CA ALA A 7 -6.91 9.28 -26.47
C ALA A 7 -7.56 9.00 -25.09
N THR A 8 -7.66 7.72 -24.68
CA THR A 8 -8.21 7.32 -23.36
C THR A 8 -7.22 7.40 -22.21
N GLU A 9 -5.94 7.61 -22.51
CA GLU A 9 -4.82 7.75 -21.57
C GLU A 9 -4.33 9.21 -21.50
N LEU A 10 -3.92 9.65 -20.30
CA LEU A 10 -3.41 11.00 -20.02
C LEU A 10 -1.95 11.01 -19.51
N GLU A 11 -1.39 9.82 -19.27
CA GLU A 11 0.04 9.55 -19.01
C GLU A 11 0.69 10.29 -17.81
N TYR A 12 -0.09 10.74 -16.82
CA TYR A 12 0.41 11.46 -15.64
C TYR A 12 0.20 10.70 -14.32
N GLU A 13 0.66 11.28 -13.22
CA GLU A 13 0.29 10.94 -11.84
C GLU A 13 0.71 12.09 -10.91
N SER A 14 -0.18 12.51 -10.03
CA SER A 14 0.01 13.59 -9.06
C SER A 14 0.43 13.05 -7.69
N VAL A 15 1.52 13.55 -7.09
CA VAL A 15 2.04 13.03 -5.81
C VAL A 15 1.07 13.31 -4.64
N LEU A 16 0.88 12.30 -3.79
CA LEU A 16 0.02 12.35 -2.60
C LEU A 16 0.79 12.12 -1.29
N CYS A 17 1.73 11.16 -1.27
CA CYS A 17 2.51 10.83 -0.07
C CYS A 17 3.92 10.31 -0.40
N VAL A 18 4.84 10.53 0.54
CA VAL A 18 6.19 9.95 0.57
C VAL A 18 6.56 9.68 2.03
N LYS A 19 7.03 8.46 2.33
CA LYS A 19 7.51 8.10 3.68
C LYS A 19 8.95 7.54 3.68
N PRO A 20 9.79 7.95 4.66
CA PRO A 20 11.24 7.79 4.65
C PRO A 20 11.72 6.34 4.88
N ASP A 21 10.93 5.52 5.56
CA ASP A 21 11.19 4.09 5.77
C ASP A 21 9.89 3.28 5.76
N VAL A 22 9.89 2.20 4.98
CA VAL A 22 8.79 1.23 4.90
C VAL A 22 9.37 -0.17 4.64
N SER A 23 8.75 -1.19 5.23
CA SER A 23 9.11 -2.61 5.05
C SER A 23 7.96 -3.43 4.45
N VAL A 24 8.29 -4.49 3.71
CA VAL A 24 7.33 -5.33 2.97
C VAL A 24 7.46 -6.80 3.34
N TYR A 25 6.32 -7.49 3.40
CA TYR A 25 6.22 -8.94 3.56
C TYR A 25 5.28 -9.52 2.48
N ARG A 26 5.73 -10.43 1.61
CA ARG A 26 4.85 -11.30 0.81
C ARG A 26 3.97 -12.18 1.71
N ILE A 27 2.70 -12.36 1.35
CA ILE A 27 1.70 -13.05 2.21
C ILE A 27 0.96 -14.21 1.50
N PRO A 28 0.64 -15.32 2.21
CA PRO A 28 -0.17 -16.41 1.66
C PRO A 28 -1.72 -16.25 1.63
N PRO A 29 -2.42 -15.61 2.60
CA PRO A 29 -3.88 -15.51 2.59
C PRO A 29 -4.43 -14.45 1.61
N ARG A 30 -5.75 -14.44 1.42
CA ARG A 30 -6.52 -13.45 0.63
C ARG A 30 -7.72 -12.88 1.38
N ALA A 31 -8.40 -13.71 2.16
CA ALA A 31 -9.63 -13.34 2.85
C ALA A 31 -9.90 -14.24 4.08
N SER A 32 -8.85 -14.92 4.55
CA SER A 32 -8.96 -16.37 4.80
C SER A 32 -9.56 -16.73 6.16
N ASN A 33 -9.87 -15.73 6.99
CA ASN A 33 -10.77 -15.85 8.14
C ASN A 33 -11.75 -14.66 8.17
N ARG A 34 -11.26 -13.49 8.65
CA ARG A 34 -11.99 -12.21 8.77
C ARG A 34 -11.41 -11.08 7.90
N GLY A 35 -10.29 -11.37 7.24
CA GLY A 35 -9.44 -10.42 6.53
C GLY A 35 -8.08 -11.05 6.25
N TYR A 36 -7.00 -10.34 6.56
CA TYR A 36 -5.62 -10.81 6.31
C TYR A 36 -4.81 -11.14 7.56
N ARG A 37 -5.01 -10.37 8.63
CA ARG A 37 -4.27 -10.35 9.91
C ARG A 37 -2.75 -10.39 9.76
N ALA A 38 -2.04 -9.29 10.04
CA ALA A 38 -0.57 -9.29 10.10
C ALA A 38 -0.02 -10.40 11.01
N SER A 39 -0.75 -10.66 12.10
CA SER A 39 -0.53 -11.73 13.08
C SER A 39 -0.58 -13.17 12.50
N ASP A 40 -1.12 -13.38 11.29
CA ASP A 40 -1.17 -14.67 10.60
C ASP A 40 0.11 -15.00 9.81
N TRP A 41 0.87 -13.98 9.40
CA TRP A 41 2.10 -14.09 8.60
C TRP A 41 3.29 -13.46 9.34
N LYS A 42 4.45 -13.35 8.67
CA LYS A 42 5.61 -12.59 9.17
C LYS A 42 5.26 -11.09 9.28
N LEU A 43 5.05 -10.59 10.51
CA LEU A 43 4.97 -9.14 10.80
C LEU A 43 6.30 -8.55 11.33
N ASP A 44 7.35 -9.37 11.44
CA ASP A 44 8.64 -9.02 12.06
C ASP A 44 9.85 -9.21 11.13
N GLN A 45 9.68 -9.88 9.98
CA GLN A 45 10.76 -10.34 9.09
C GLN A 45 10.50 -9.95 7.62
N PRO A 46 10.93 -8.75 7.18
CA PRO A 46 10.71 -8.26 5.81
C PRO A 46 11.40 -9.06 4.70
N ASP A 47 10.83 -9.00 3.50
CA ASP A 47 11.46 -9.41 2.24
C ASP A 47 12.21 -8.25 1.56
N TRP A 48 11.67 -7.03 1.71
CA TRP A 48 12.18 -5.81 1.10
C TRP A 48 11.96 -4.60 2.02
N THR A 49 12.86 -3.61 1.94
CA THR A 49 12.77 -2.33 2.65
C THR A 49 13.24 -1.18 1.77
N GLY A 50 12.66 0.00 1.98
CA GLY A 50 12.93 1.18 1.18
C GLY A 50 12.04 2.37 1.52
N ARG A 51 11.50 3.00 0.49
CA ARG A 51 10.74 4.27 0.51
C ARG A 51 9.34 4.08 -0.08
N LEU A 52 8.33 4.71 0.53
CA LEU A 52 6.97 4.77 -0.01
C LEU A 52 6.83 5.96 -0.98
N ARG A 53 6.09 5.78 -2.08
CA ARG A 53 5.68 6.88 -2.96
C ARG A 53 4.24 6.69 -3.45
N ILE A 54 3.28 7.40 -2.85
CA ILE A 54 1.87 7.36 -3.28
C ILE A 54 1.62 8.52 -4.25
N THR A 55 1.01 8.20 -5.38
CA THR A 55 0.65 9.13 -6.46
C THR A 55 -0.79 8.91 -6.92
N SER A 56 -1.34 9.76 -7.79
CA SER A 56 -2.70 9.61 -8.33
C SER A 56 -2.92 10.28 -9.70
N LYS A 57 -3.33 9.49 -10.68
CA LYS A 57 -3.83 9.98 -11.98
C LYS A 57 -5.37 10.08 -11.93
N GLY A 58 -5.84 11.20 -11.39
CA GLY A 58 -7.26 11.51 -11.20
C GLY A 58 -7.89 10.72 -10.06
N LYS A 59 -9.03 10.05 -10.32
CA LYS A 59 -9.73 9.15 -9.37
C LYS A 59 -8.98 7.87 -9.04
N THR A 60 -7.84 7.64 -9.68
CA THR A 60 -6.99 6.47 -9.43
C THR A 60 -5.75 6.85 -8.64
N ALA A 61 -5.55 6.23 -7.47
CA ALA A 61 -4.29 6.28 -6.73
C ALA A 61 -3.37 5.11 -7.16
N TYR A 62 -2.06 5.28 -6.97
CA TYR A 62 -1.05 4.27 -7.22
C TYR A 62 -0.10 4.21 -6.02
N ILE A 63 -0.04 3.06 -5.35
CA ILE A 63 0.94 2.79 -4.30
C ILE A 63 2.22 2.32 -4.98
N LYS A 64 3.21 3.20 -5.15
CA LYS A 64 4.54 2.83 -5.66
C LYS A 64 5.52 2.67 -4.50
N LEU A 65 6.48 1.77 -4.66
CA LEU A 65 7.52 1.48 -3.67
C LEU A 65 8.90 1.63 -4.32
N GLU A 66 9.79 2.37 -3.69
CA GLU A 66 11.04 2.89 -4.28
C GLU A 66 12.27 2.52 -3.45
N ASP A 67 13.41 2.29 -4.10
CA ASP A 67 14.68 2.02 -3.45
C ASP A 67 15.24 3.30 -2.79
N LYS A 68 15.74 3.18 -1.56
CA LYS A 68 16.17 4.31 -0.72
C LYS A 68 17.45 5.00 -1.22
N VAL A 69 18.16 4.40 -2.19
CA VAL A 69 19.46 4.84 -2.71
C VAL A 69 19.33 5.46 -4.09
N SER A 70 18.37 4.99 -4.89
CA SER A 70 18.26 5.31 -6.32
C SER A 70 16.87 5.79 -6.77
N GLY A 71 15.84 5.59 -5.95
CA GLY A 71 14.44 5.79 -6.33
C GLY A 71 13.89 4.72 -7.30
N GLU A 72 14.62 3.63 -7.54
CA GLU A 72 14.20 2.59 -8.50
C GLU A 72 12.98 1.81 -7.99
N LEU A 73 12.09 1.43 -8.92
CA LEU A 73 10.79 0.82 -8.58
C LEU A 73 10.95 -0.65 -8.11
N PHE A 74 10.43 -0.95 -6.92
CA PHE A 74 10.27 -2.31 -6.40
C PHE A 74 8.95 -2.94 -6.86
N ALA A 75 7.83 -2.24 -6.63
CA ALA A 75 6.49 -2.67 -7.05
C ALA A 75 5.54 -1.46 -7.19
N GLN A 76 4.39 -1.68 -7.86
CA GLN A 76 3.26 -0.75 -7.85
C GLN A 76 1.90 -1.48 -7.73
N ALA A 77 0.96 -0.89 -6.99
CA ALA A 77 -0.43 -1.32 -6.87
C ALA A 77 -1.41 -0.20 -7.29
N PRO A 78 -2.26 -0.39 -8.33
CA PRO A 78 -3.28 0.58 -8.72
C PRO A 78 -4.54 0.44 -7.83
N VAL A 79 -4.98 1.55 -7.23
CA VAL A 79 -6.14 1.64 -6.33
C VAL A 79 -7.21 2.56 -6.95
N GLU A 80 -8.43 2.07 -7.13
CA GLU A 80 -9.57 2.82 -7.68
C GLU A 80 -10.69 3.05 -6.64
N GLN A 81 -10.54 2.50 -5.44
CA GLN A 81 -11.48 2.59 -4.32
C GLN A 81 -10.78 2.32 -2.98
N TYR A 82 -11.17 3.05 -1.93
CA TYR A 82 -10.69 2.83 -0.56
C TYR A 82 -11.87 2.78 0.43
N PRO A 83 -12.01 1.72 1.26
CA PRO A 83 -11.27 0.45 1.23
C PRO A 83 -11.54 -0.37 -0.05
N GLY A 84 -10.65 -1.32 -0.37
CA GLY A 84 -10.79 -2.22 -1.52
C GLY A 84 -9.86 -3.45 -1.46
N ILE A 85 -9.59 -4.06 -2.62
CA ILE A 85 -8.63 -5.17 -2.76
C ILE A 85 -7.19 -4.68 -2.97
N ALA A 86 -7.03 -3.47 -3.55
CA ALA A 86 -5.72 -2.92 -3.86
C ALA A 86 -5.01 -2.31 -2.65
N VAL A 87 -5.76 -1.91 -1.61
CA VAL A 87 -5.26 -1.51 -0.30
C VAL A 87 -6.26 -1.89 0.81
N GLU A 88 -5.79 -2.52 1.88
CA GLU A 88 -6.59 -2.97 3.05
C GLU A 88 -5.79 -2.89 4.36
N THR A 89 -6.47 -2.75 5.50
CA THR A 89 -5.87 -2.74 6.83
C THR A 89 -6.15 -4.07 7.52
N VAL A 90 -5.30 -5.03 7.16
CA VAL A 90 -4.94 -6.26 7.90
C VAL A 90 -6.07 -6.92 8.71
N THR A 91 -6.37 -6.36 9.88
CA THR A 91 -7.67 -6.53 10.57
C THR A 91 -8.21 -5.23 11.12
N ASP A 92 -7.37 -4.53 11.90
CA ASP A 92 -7.78 -3.32 12.62
C ASP A 92 -6.67 -2.27 12.64
N SER A 93 -5.58 -2.52 13.39
CA SER A 93 -4.51 -1.52 13.53
C SER A 93 -3.70 -1.21 12.29
N SER A 94 -3.13 -0.01 12.28
CA SER A 94 -2.27 0.52 11.23
C SER A 94 -0.87 0.85 11.73
N ARG A 95 -0.09 -0.19 12.06
CA ARG A 95 1.32 -0.25 11.59
C ARG A 95 1.41 -0.92 10.22
N TYR A 96 0.39 -1.68 9.83
CA TYR A 96 0.38 -2.53 8.64
C TYR A 96 -0.74 -2.21 7.66
N PHE A 97 -0.52 -2.68 6.43
CA PHE A 97 -1.53 -2.78 5.37
C PHE A 97 -1.30 -4.05 4.56
N VAL A 98 -2.21 -4.32 3.63
CA VAL A 98 -2.01 -5.25 2.50
C VAL A 98 -2.35 -4.49 1.23
N ILE A 99 -1.54 -4.67 0.17
CA ILE A 99 -1.83 -4.14 -1.16
C ILE A 99 -1.70 -5.24 -2.24
N ARG A 100 -2.50 -5.11 -3.30
CA ARG A 100 -2.41 -5.95 -4.51
C ARG A 100 -1.56 -5.25 -5.56
N ILE A 101 -0.30 -5.65 -5.67
CA ILE A 101 0.63 -5.15 -6.70
C ILE A 101 0.48 -5.92 -8.01
N GLN A 102 1.03 -5.37 -9.10
CA GLN A 102 1.42 -6.16 -10.27
C GLN A 102 2.91 -6.51 -10.25
N ASP A 103 3.26 -7.69 -10.79
CA ASP A 103 4.65 -8.14 -10.90
C ASP A 103 5.34 -7.62 -12.19
N GLY A 104 4.59 -6.89 -13.04
CA GLY A 104 5.10 -6.23 -14.25
C GLY A 104 5.31 -7.16 -15.47
N THR A 105 4.79 -8.40 -15.41
CA THR A 105 4.91 -9.43 -16.47
C THR A 105 3.56 -10.05 -16.86
N GLY A 106 2.48 -9.27 -16.72
CA GLY A 106 1.10 -9.65 -17.06
C GLY A 106 0.34 -10.32 -15.90
N ARG A 107 0.83 -10.17 -14.66
CA ARG A 107 0.36 -10.87 -13.46
C ARG A 107 0.36 -10.00 -12.20
N SER A 108 -0.23 -10.52 -11.13
CA SER A 108 -0.45 -9.83 -9.84
C SER A 108 0.13 -10.61 -8.65
N ALA A 109 0.36 -9.91 -7.52
CA ALA A 109 0.74 -10.49 -6.24
C ALA A 109 0.18 -9.67 -5.06
N PHE A 110 -0.11 -10.33 -3.94
CA PHE A 110 -0.46 -9.67 -2.67
C PHE A 110 0.75 -9.61 -1.74
N ILE A 111 1.03 -8.43 -1.21
CA ILE A 111 2.01 -8.21 -0.12
C ILE A 111 1.36 -7.47 1.04
N GLY A 112 1.72 -7.87 2.25
CA GLY A 112 1.61 -7.06 3.44
C GLY A 112 2.71 -6.01 3.48
N ILE A 113 2.43 -4.91 4.16
CA ILE A 113 3.38 -3.81 4.40
C ILE A 113 3.46 -3.57 5.92
N GLY A 114 4.63 -3.21 6.45
CA GLY A 114 4.82 -2.77 7.83
C GLY A 114 5.66 -1.49 7.90
N PHE A 115 5.15 -0.48 8.60
CA PHE A 115 5.82 0.80 8.81
C PHE A 115 6.67 0.84 10.09
N THR A 116 7.58 1.80 10.14
CA THR A 116 8.47 2.03 11.30
C THR A 116 7.76 2.73 12.46
N ASP A 117 6.66 3.43 12.17
CA ASP A 117 5.82 4.14 13.14
C ASP A 117 4.31 3.99 12.84
N ARG A 118 3.47 3.98 13.89
CA ARG A 118 2.00 4.00 13.77
C ARG A 118 1.50 5.26 13.05
N GLY A 119 2.13 6.41 13.25
CA GLY A 119 1.81 7.66 12.55
C GLY A 119 2.19 7.61 11.06
N ASP A 120 3.29 6.92 10.71
CA ASP A 120 3.72 6.78 9.31
C ASP A 120 2.77 5.87 8.51
N ALA A 121 2.25 4.80 9.13
CA ALA A 121 1.18 4.00 8.54
C ALA A 121 -0.19 4.72 8.57
N PHE A 122 -0.58 5.37 9.66
CA PHE A 122 -1.83 6.17 9.65
C PHE A 122 -1.83 7.28 8.57
N ASP A 123 -0.67 7.81 8.17
CA ASP A 123 -0.56 8.74 7.04
C ASP A 123 -0.68 8.05 5.67
N PHE A 124 -0.26 6.79 5.54
CA PHE A 124 -0.53 5.96 4.37
C PHE A 124 -2.04 5.74 4.19
N ASN A 125 -2.81 5.67 5.29
CA ASN A 125 -4.27 5.70 5.25
C ASN A 125 -4.81 7.11 4.88
N VAL A 126 -4.46 8.17 5.62
CA VAL A 126 -5.07 9.51 5.43
C VAL A 126 -4.79 10.11 4.06
N SER A 127 -3.61 9.87 3.47
CA SER A 127 -3.28 10.29 2.09
C SER A 127 -4.18 9.65 1.03
N LEU A 128 -4.77 8.48 1.30
CA LEU A 128 -5.78 7.84 0.47
C LEU A 128 -7.21 8.25 0.86
N GLN A 129 -7.51 8.41 2.15
CA GLN A 129 -8.83 8.88 2.60
C GLN A 129 -9.16 10.24 1.99
N ASP A 130 -8.27 11.23 2.10
CA ASP A 130 -8.48 12.57 1.54
C ASP A 130 -8.31 12.64 0.00
N HIS A 131 -7.84 11.55 -0.62
CA HIS A 131 -7.86 11.39 -2.08
C HIS A 131 -9.20 10.84 -2.56
N PHE A 132 -9.81 9.92 -1.82
CA PHE A 132 -11.11 9.35 -2.16
C PHE A 132 -12.32 10.12 -1.60
N LYS A 133 -12.14 11.01 -0.61
CA LYS A 133 -13.25 11.73 0.07
C LYS A 133 -14.08 12.63 -0.85
N TRP A 134 -13.47 13.15 -1.93
CA TRP A 134 -14.10 14.07 -2.88
C TRP A 134 -14.58 13.38 -4.19
N VAL A 135 -14.50 12.05 -4.25
CA VAL A 135 -14.83 11.19 -5.41
C VAL A 135 -15.73 10.02 -4.97
N LYS A 136 -15.86 8.97 -5.80
CA LYS A 136 -16.27 7.62 -5.37
C LYS A 136 -17.67 7.57 -4.74
N GLN A 137 -18.53 8.47 -5.23
CA GLN A 137 -19.93 8.64 -4.83
C GLN A 137 -20.16 8.86 -3.32
N GLU A 138 -19.19 9.49 -2.64
CA GLU A 138 -19.29 9.93 -1.24
C GLU A 138 -20.19 11.16 -1.05
N SER B 1 13.11 -6.35 25.46
CA SER B 1 11.97 -7.28 25.33
C SER B 1 11.87 -7.84 23.91
N GLN B 2 11.30 -9.05 23.76
CA GLN B 2 11.18 -9.78 22.47
C GLN B 2 9.72 -9.99 22.01
N ILE B 3 8.75 -9.30 22.62
CA ILE B 3 7.31 -9.40 22.30
C ILE B 3 7.04 -8.79 20.92
N THR B 4 6.34 -9.52 20.05
CA THR B 4 5.99 -9.12 18.68
C THR B 4 4.74 -8.22 18.60
N SER B 5 4.71 -7.33 17.62
CA SER B 5 3.80 -6.17 17.55
C SER B 5 2.50 -6.46 16.78
N GLN B 6 1.75 -7.45 17.25
CA GLN B 6 0.48 -7.93 16.69
C GLN B 6 -0.48 -6.78 16.26
N VAL B 7 -1.25 -6.98 15.17
CA VAL B 7 -2.32 -6.02 14.80
C VAL B 7 -3.42 -6.05 15.86
N GLY B 9 -6.67 -5.00 18.67
CA GLY B 9 -8.07 -5.36 18.93
C GLY B 9 -8.56 -4.94 20.32
N GLN B 10 -7.64 -4.71 21.26
CA GLN B 10 -7.90 -4.22 22.62
C GLN B 10 -8.43 -2.77 22.69
N ILE B 11 -8.21 -1.96 21.64
CA ILE B 11 -8.52 -0.51 21.66
C ILE B 11 -9.37 -0.01 20.48
N GLY B 12 -9.09 -0.47 19.25
CA GLY B 12 -9.94 -0.23 18.06
C GLY B 12 -9.82 1.18 17.46
N TRP B 13 -8.64 1.80 17.59
CA TRP B 13 -8.35 3.20 17.31
C TRP B 13 -8.02 3.52 15.85
N ARG B 14 -6.73 3.51 15.55
CA ARG B 14 -6.10 3.78 14.25
C ARG B 14 -6.34 2.65 13.24
N ARG B 15 -6.47 2.97 11.95
CA ARG B 15 -6.67 2.05 10.81
C ARG B 15 -6.19 2.68 9.49
N GLY A 1 -5.76 5.28 -32.95
CA GLY A 1 -4.68 4.60 -32.19
C GLY A 1 -5.20 3.36 -31.48
N SER A 2 -4.39 2.29 -31.45
CA SER A 2 -4.75 0.99 -30.85
C SER A 2 -4.93 1.07 -29.32
N PRO A 3 -5.89 0.33 -28.72
CA PRO A 3 -6.25 0.46 -27.30
C PRO A 3 -5.17 -0.03 -26.32
N ASN A 4 -4.16 -0.76 -26.80
CA ASN A 4 -2.98 -1.17 -26.03
C ASN A 4 -1.86 -0.08 -25.95
N SER A 5 -2.00 1.03 -26.68
CA SER A 5 -1.05 2.16 -26.65
C SER A 5 -1.27 3.08 -25.44
N MET A 6 -0.21 3.71 -24.97
CA MET A 6 -0.26 4.78 -23.96
C MET A 6 -0.82 6.11 -24.48
N ALA A 7 -0.87 6.30 -25.81
CA ALA A 7 -1.24 7.55 -26.46
C ALA A 7 -2.75 7.84 -26.50
N THR A 8 -3.60 6.89 -26.09
CA THR A 8 -5.07 6.98 -26.15
C THR A 8 -5.70 7.77 -25.00
N GLU A 9 -4.92 8.09 -23.97
CA GLU A 9 -5.35 8.78 -22.75
C GLU A 9 -4.33 9.82 -22.24
N LEU A 10 -4.72 10.59 -21.23
CA LEU A 10 -3.83 11.44 -20.43
C LEU A 10 -3.13 10.55 -19.38
N GLU A 11 -2.00 9.97 -19.76
CA GLU A 11 -1.32 8.89 -19.03
C GLU A 11 -0.40 9.42 -17.89
N TYR A 12 -0.90 10.38 -17.11
CA TYR A 12 -0.18 11.05 -16.02
C TYR A 12 -0.34 10.35 -14.65
N GLU A 13 0.25 10.92 -13.61
CA GLU A 13 -0.04 10.67 -12.19
C GLU A 13 0.69 11.74 -11.34
N SER A 14 -0.04 12.35 -10.41
CA SER A 14 0.43 13.47 -9.57
C SER A 14 0.75 13.03 -8.15
N VAL A 15 1.93 13.38 -7.61
CA VAL A 15 2.36 12.96 -6.27
C VAL A 15 1.51 13.59 -5.15
N LEU A 16 1.07 12.74 -4.20
CA LEU A 16 0.31 13.12 -3.01
C LEU A 16 1.13 12.97 -1.72
N CYS A 17 1.88 11.86 -1.59
CA CYS A 17 2.62 11.52 -0.37
C CYS A 17 3.95 10.83 -0.65
N VAL A 18 4.88 10.98 0.30
CA VAL A 18 6.17 10.29 0.39
C VAL A 18 6.43 9.92 1.84
N LYS A 19 6.84 8.67 2.10
CA LYS A 19 7.32 8.22 3.42
C LYS A 19 8.73 7.62 3.37
N PRO A 20 9.58 7.89 4.39
CA PRO A 20 11.03 7.72 4.34
C PRO A 20 11.50 6.26 4.50
N ASP A 21 10.75 5.43 5.23
CA ASP A 21 11.12 4.05 5.56
C ASP A 21 9.88 3.15 5.68
N VAL A 22 9.83 2.10 4.87
CA VAL A 22 8.70 1.17 4.74
C VAL A 22 9.21 -0.25 4.45
N SER A 23 8.57 -1.25 5.02
CA SER A 23 9.01 -2.65 5.00
C SER A 23 7.90 -3.58 4.48
N VAL A 24 8.27 -4.61 3.71
CA VAL A 24 7.33 -5.50 3.01
C VAL A 24 7.57 -6.96 3.39
N TYR A 25 6.46 -7.65 3.69
CA TYR A 25 6.44 -8.92 4.44
C TYR A 25 5.91 -10.15 3.65
N ARG A 26 5.58 -9.96 2.35
CA ARG A 26 5.29 -10.98 1.30
C ARG A 26 4.48 -12.19 1.76
N ILE A 27 3.15 -12.10 1.62
CA ILE A 27 2.18 -12.86 2.42
C ILE A 27 1.53 -14.07 1.69
N PRO A 28 1.19 -15.17 2.40
CA PRO A 28 0.44 -16.29 1.83
C PRO A 28 -1.11 -16.18 1.76
N PRO A 29 -1.87 -15.58 2.72
CA PRO A 29 -3.34 -15.55 2.68
C PRO A 29 -3.92 -14.49 1.73
N ARG A 30 -5.24 -14.52 1.54
CA ARG A 30 -6.03 -13.55 0.74
C ARG A 30 -7.29 -13.05 1.45
N ALA A 31 -7.99 -13.94 2.15
CA ALA A 31 -9.30 -13.63 2.77
C ALA A 31 -9.63 -14.59 3.92
N SER A 32 -8.60 -15.19 4.50
CA SER A 32 -8.63 -16.64 4.74
C SER A 32 -9.32 -17.08 6.04
N ASN A 33 -9.89 -16.13 6.79
CA ASN A 33 -10.85 -16.38 7.88
C ASN A 33 -11.74 -15.15 8.19
N ARG A 34 -11.18 -13.94 8.20
CA ARG A 34 -11.88 -12.64 8.34
C ARG A 34 -11.30 -11.58 7.40
N GLY A 35 -9.98 -11.42 7.46
CA GLY A 35 -9.19 -10.54 6.61
C GLY A 35 -7.83 -11.16 6.31
N TYR A 36 -6.75 -10.47 6.70
CA TYR A 36 -5.37 -10.92 6.49
C TYR A 36 -4.57 -11.18 7.76
N ARG A 37 -4.81 -10.39 8.82
CA ARG A 37 -4.08 -10.30 10.10
C ARG A 37 -2.54 -10.34 9.97
N ALA A 38 -1.86 -9.20 10.21
CA ALA A 38 -0.39 -9.11 10.18
C ALA A 38 0.31 -10.13 11.11
N SER A 39 -0.37 -10.51 12.20
CA SER A 39 0.08 -11.50 13.18
C SER A 39 0.06 -12.95 12.66
N ASP A 40 -0.65 -13.23 11.55
CA ASP A 40 -0.72 -14.57 10.93
C ASP A 40 0.53 -14.90 10.08
N TRP A 41 1.09 -13.87 9.43
CA TRP A 41 2.33 -13.90 8.65
C TRP A 41 3.49 -13.24 9.41
N LYS A 42 4.60 -12.93 8.73
CA LYS A 42 5.71 -12.16 9.30
C LYS A 42 5.25 -10.77 9.72
N LEU A 43 5.40 -10.55 11.02
CA LEU A 43 4.99 -9.37 11.75
C LEU A 43 6.19 -8.45 12.07
N ASP A 44 7.40 -9.02 12.17
CA ASP A 44 8.63 -8.32 12.59
C ASP A 44 9.86 -8.61 11.67
N GLN A 45 9.73 -9.51 10.69
CA GLN A 45 10.80 -9.94 9.79
C GLN A 45 10.44 -9.73 8.30
N PRO A 46 10.73 -8.55 7.71
CA PRO A 46 10.43 -8.28 6.29
C PRO A 46 11.39 -8.98 5.33
N ASP A 47 11.00 -9.07 4.06
CA ASP A 47 11.84 -9.59 2.95
C ASP A 47 12.47 -8.45 2.12
N TRP A 48 11.85 -7.26 2.14
CA TRP A 48 12.31 -6.04 1.47
C TRP A 48 12.02 -4.81 2.34
N THR A 49 12.90 -3.80 2.31
CA THR A 49 12.60 -2.46 2.82
C THR A 49 13.10 -1.37 1.87
N GLY A 50 12.47 -0.20 1.94
CA GLY A 50 12.71 0.91 1.04
C GLY A 50 11.95 2.16 1.45
N ARG A 51 11.38 2.82 0.44
CA ARG A 51 10.77 4.15 0.48
C ARG A 51 9.39 4.11 -0.20
N LEU A 52 8.45 4.94 0.24
CA LEU A 52 7.09 5.03 -0.31
C LEU A 52 6.94 6.27 -1.20
N ARG A 53 6.27 6.13 -2.34
CA ARG A 53 5.53 7.19 -3.04
C ARG A 53 4.06 6.82 -3.17
N ILE A 54 3.18 7.80 -2.99
CA ILE A 54 1.77 7.72 -3.40
C ILE A 54 1.51 8.81 -4.42
N THR A 55 1.05 8.40 -5.60
CA THR A 55 0.73 9.24 -6.76
C THR A 55 -0.73 9.04 -7.18
N SER A 56 -1.30 9.96 -7.97
CA SER A 56 -2.70 9.91 -8.37
C SER A 56 -3.01 10.53 -9.74
N LYS A 57 -3.63 9.74 -10.61
CA LYS A 57 -4.26 10.17 -11.86
C LYS A 57 -5.78 10.27 -11.67
N GLY A 58 -6.22 11.42 -11.18
CA GLY A 58 -7.62 11.75 -10.89
C GLY A 58 -8.19 10.93 -9.74
N LYS A 59 -9.32 10.25 -9.96
CA LYS A 59 -9.92 9.25 -9.03
C LYS A 59 -9.03 8.05 -8.76
N THR A 60 -7.97 7.85 -9.55
CA THR A 60 -7.07 6.72 -9.38
C THR A 60 -5.82 7.10 -8.60
N ALA A 61 -5.51 6.36 -7.52
CA ALA A 61 -4.23 6.40 -6.82
C ALA A 61 -3.32 5.24 -7.27
N TYR A 62 -2.01 5.39 -7.05
CA TYR A 62 -0.99 4.40 -7.36
C TYR A 62 -0.03 4.36 -6.17
N ILE A 63 0.03 3.22 -5.49
CA ILE A 63 1.05 2.97 -4.48
C ILE A 63 2.30 2.53 -5.20
N LYS A 64 3.36 3.35 -5.16
CA LYS A 64 4.68 3.05 -5.73
C LYS A 64 5.72 2.85 -4.63
N LEU A 65 6.39 1.70 -4.64
CA LEU A 65 7.44 1.36 -3.67
C LEU A 65 8.82 1.47 -4.33
N GLU A 66 9.75 2.15 -3.68
CA GLU A 66 11.06 2.56 -4.23
C GLU A 66 12.22 2.10 -3.35
N ASP A 67 13.41 1.83 -3.90
CA ASP A 67 14.54 1.35 -3.09
C ASP A 67 15.19 2.47 -2.28
N LYS A 68 15.80 2.10 -1.14
CA LYS A 68 16.34 3.02 -0.12
C LYS A 68 17.60 3.79 -0.57
N VAL A 69 18.21 3.40 -1.70
CA VAL A 69 19.53 3.84 -2.16
C VAL A 69 19.43 4.66 -3.44
N SER A 70 18.61 4.24 -4.40
CA SER A 70 18.52 4.85 -5.73
C SER A 70 17.11 5.29 -6.13
N GLY A 71 16.08 4.92 -5.37
CA GLY A 71 14.69 5.26 -5.66
C GLY A 71 14.06 4.47 -6.82
N GLU A 72 14.67 3.34 -7.22
CA GLU A 72 14.17 2.49 -8.31
C GLU A 72 12.97 1.65 -7.86
N LEU A 73 12.07 1.33 -8.80
CA LEU A 73 10.77 0.74 -8.50
C LEU A 73 10.90 -0.75 -8.08
N PHE A 74 10.43 -1.06 -6.87
CA PHE A 74 10.26 -2.42 -6.34
C PHE A 74 8.94 -3.04 -6.81
N ALA A 75 7.83 -2.33 -6.58
CA ALA A 75 6.47 -2.73 -6.98
C ALA A 75 5.55 -1.52 -7.12
N GLN A 76 4.42 -1.71 -7.82
CA GLN A 76 3.33 -0.74 -7.88
C GLN A 76 1.94 -1.39 -7.84
N ALA A 77 0.98 -0.74 -7.16
CA ALA A 77 -0.42 -1.17 -7.02
C ALA A 77 -1.39 -0.04 -7.43
N PRO A 78 -2.27 -0.23 -8.43
CA PRO A 78 -3.30 0.74 -8.79
C PRO A 78 -4.55 0.61 -7.89
N VAL A 79 -5.02 1.71 -7.30
CA VAL A 79 -6.17 1.80 -6.38
C VAL A 79 -7.21 2.77 -6.95
N GLU A 80 -8.48 2.37 -7.06
CA GLU A 80 -9.58 3.24 -7.53
C GLU A 80 -10.76 3.33 -6.52
N GLN A 81 -10.60 2.77 -5.33
CA GLN A 81 -11.52 2.84 -4.20
C GLN A 81 -10.76 2.58 -2.88
N TYR A 82 -11.17 3.24 -1.80
CA TYR A 82 -10.58 3.07 -0.46
C TYR A 82 -11.63 2.87 0.65
N PRO A 83 -11.53 1.81 1.48
CA PRO A 83 -10.69 0.62 1.27
C PRO A 83 -11.17 -0.22 0.07
N GLY A 84 -10.35 -1.16 -0.39
CA GLY A 84 -10.69 -2.08 -1.49
C GLY A 84 -9.80 -3.34 -1.54
N ILE A 85 -9.68 -3.95 -2.72
CA ILE A 85 -8.75 -5.07 -2.96
C ILE A 85 -7.31 -4.57 -3.14
N ALA A 86 -7.15 -3.35 -3.66
CA ALA A 86 -5.85 -2.80 -3.96
C ALA A 86 -5.13 -2.23 -2.74
N VAL A 87 -5.86 -1.82 -1.69
CA VAL A 87 -5.31 -1.49 -0.38
C VAL A 87 -6.32 -1.88 0.72
N GLU A 88 -5.85 -2.63 1.72
CA GLU A 88 -6.64 -3.18 2.83
C GLU A 88 -5.89 -3.05 4.16
N THR A 89 -6.60 -2.97 5.28
CA THR A 89 -6.02 -2.88 6.63
C THR A 89 -6.26 -4.18 7.37
N VAL A 90 -5.37 -5.13 7.08
CA VAL A 90 -5.00 -6.33 7.85
C VAL A 90 -6.10 -6.99 8.70
N THR A 91 -6.45 -6.38 9.82
CA THR A 91 -7.73 -6.58 10.51
C THR A 91 -8.35 -5.24 10.92
N ASP A 92 -7.56 -4.43 11.63
CA ASP A 92 -8.06 -3.21 12.28
C ASP A 92 -7.04 -2.08 12.31
N SER A 93 -5.96 -2.20 13.11
CA SER A 93 -4.87 -1.20 13.16
C SER A 93 -4.27 -0.83 11.81
N SER A 94 -4.30 0.46 11.53
CA SER A 94 -3.67 1.09 10.40
C SER A 94 -2.20 1.42 10.70
N ARG A 95 -1.49 0.30 10.89
CA ARG A 95 -0.10 0.09 11.33
C ARG A 95 0.64 -0.82 10.33
N TYR A 96 -0.12 -1.77 9.77
CA TYR A 96 0.21 -2.60 8.63
C TYR A 96 -0.91 -2.48 7.59
N PHE A 97 -0.64 -2.93 6.37
CA PHE A 97 -1.61 -2.97 5.27
C PHE A 97 -1.35 -4.20 4.38
N VAL A 98 -2.26 -4.44 3.44
CA VAL A 98 -2.02 -5.31 2.27
C VAL A 98 -2.38 -4.53 1.02
N ILE A 99 -1.56 -4.61 -0.03
CA ILE A 99 -1.87 -4.04 -1.34
C ILE A 99 -1.74 -5.07 -2.47
N ARG A 100 -2.56 -4.92 -3.52
CA ARG A 100 -2.52 -5.74 -4.75
C ARG A 100 -1.63 -5.03 -5.77
N ILE A 101 -0.38 -5.49 -5.88
CA ILE A 101 0.58 -5.02 -6.88
C ILE A 101 0.44 -5.78 -8.20
N GLN A 102 1.06 -5.27 -9.26
CA GLN A 102 1.44 -6.06 -10.43
C GLN A 102 2.93 -6.39 -10.45
N ASP A 103 3.28 -7.55 -11.00
CA ASP A 103 4.69 -7.96 -11.20
C ASP A 103 5.27 -7.40 -12.52
N GLY A 104 4.45 -6.74 -13.34
CA GLY A 104 4.84 -6.05 -14.57
C GLY A 104 4.95 -6.94 -15.82
N THR A 105 4.61 -8.23 -15.70
CA THR A 105 4.67 -9.24 -16.78
C THR A 105 3.29 -9.68 -17.30
N GLY A 106 2.24 -8.94 -16.93
CA GLY A 106 0.83 -9.27 -17.19
C GLY A 106 0.13 -10.00 -16.03
N ARG A 107 0.76 -10.02 -14.84
CA ARG A 107 0.29 -10.73 -13.63
C ARG A 107 0.26 -9.85 -12.37
N SER A 108 -0.38 -10.35 -11.33
CA SER A 108 -0.61 -9.66 -10.04
C SER A 108 -0.09 -10.45 -8.84
N ALA A 109 0.15 -9.75 -7.72
CA ALA A 109 0.48 -10.34 -6.42
C ALA A 109 -0.05 -9.49 -5.25
N PHE A 110 -0.35 -10.11 -4.11
CA PHE A 110 -0.65 -9.41 -2.86
C PHE A 110 0.59 -9.35 -1.96
N ILE A 111 0.94 -8.15 -1.48
CA ILE A 111 2.00 -7.95 -0.47
C ILE A 111 1.46 -7.29 0.80
N GLY A 112 1.88 -7.82 1.94
CA GLY A 112 1.68 -7.18 3.25
C GLY A 112 2.79 -6.16 3.52
N ILE A 113 2.43 -5.02 4.09
CA ILE A 113 3.33 -3.91 4.40
C ILE A 113 3.30 -3.63 5.91
N GLY A 114 4.44 -3.27 6.49
CA GLY A 114 4.56 -2.65 7.80
C GLY A 114 5.48 -1.43 7.76
N PHE A 115 5.09 -0.35 8.44
CA PHE A 115 5.87 0.89 8.49
C PHE A 115 6.85 0.94 9.68
N THR A 116 7.80 1.87 9.60
CA THR A 116 8.78 2.13 10.67
C THR A 116 8.14 2.76 11.92
N ASP A 117 6.98 3.40 11.74
CA ASP A 117 6.17 4.00 12.80
C ASP A 117 4.66 3.76 12.58
N ARG A 118 3.89 3.60 13.66
CA ARG A 118 2.42 3.48 13.65
C ARG A 118 1.77 4.72 12.99
N GLY A 119 2.33 5.91 13.21
CA GLY A 119 1.89 7.15 12.59
C GLY A 119 2.23 7.26 11.10
N ASP A 120 3.35 6.70 10.65
CA ASP A 120 3.71 6.66 9.23
C ASP A 120 2.77 5.74 8.43
N ALA A 121 2.30 4.65 9.03
CA ALA A 121 1.22 3.83 8.48
C ALA A 121 -0.15 4.51 8.55
N PHE A 122 -0.49 5.18 9.65
CA PHE A 122 -1.76 5.93 9.72
C PHE A 122 -1.83 7.03 8.64
N ASP A 123 -0.68 7.62 8.28
CA ASP A 123 -0.57 8.62 7.22
C ASP A 123 -0.65 7.97 5.82
N PHE A 124 -0.24 6.71 5.65
CA PHE A 124 -0.50 5.93 4.43
C PHE A 124 -2.02 5.77 4.19
N ASN A 125 -2.76 5.47 5.27
CA ASN A 125 -4.23 5.51 5.27
C ASN A 125 -4.77 6.91 4.95
N VAL A 126 -4.32 7.98 5.64
CA VAL A 126 -4.87 9.33 5.44
C VAL A 126 -4.63 9.86 4.02
N SER A 127 -3.49 9.51 3.42
CA SER A 127 -3.16 9.82 2.01
C SER A 127 -4.16 9.22 1.01
N LEU A 128 -4.89 8.18 1.41
CA LEU A 128 -5.97 7.55 0.64
C LEU A 128 -7.36 8.02 1.08
N GLN A 129 -7.59 8.21 2.39
CA GLN A 129 -8.84 8.79 2.92
C GLN A 129 -9.16 10.13 2.25
N ASP A 130 -8.23 11.10 2.29
CA ASP A 130 -8.43 12.43 1.71
C ASP A 130 -8.32 12.47 0.17
N HIS A 131 -7.89 11.36 -0.44
CA HIS A 131 -7.91 11.18 -1.91
C HIS A 131 -9.27 10.65 -2.39
N PHE A 132 -9.94 9.80 -1.60
CA PHE A 132 -11.27 9.28 -1.92
C PHE A 132 -12.44 10.08 -1.31
N LYS A 133 -12.19 10.98 -0.34
CA LYS A 133 -13.23 11.79 0.33
C LYS A 133 -14.04 12.70 -0.60
N TRP A 134 -13.44 13.15 -1.71
CA TRP A 134 -14.04 14.07 -2.69
C TRP A 134 -14.59 13.38 -3.96
N VAL A 135 -14.54 12.05 -4.01
CA VAL A 135 -15.07 11.17 -5.08
C VAL A 135 -16.02 10.13 -4.46
N LYS A 136 -16.34 9.05 -5.19
CA LYS A 136 -17.16 7.91 -4.73
C LYS A 136 -18.60 8.26 -4.31
N GLN A 137 -19.08 9.43 -4.76
CA GLN A 137 -20.34 10.06 -4.36
C GLN A 137 -20.52 10.24 -2.83
N GLU A 138 -19.41 10.38 -2.10
CA GLU A 138 -19.38 10.65 -0.65
C GLU A 138 -19.62 12.12 -0.28
N SER B 1 5.33 -8.04 27.69
CA SER B 1 4.04 -8.76 27.52
C SER B 1 4.24 -10.13 26.88
N GLN B 2 3.32 -11.07 27.14
CA GLN B 2 3.24 -12.36 26.45
C GLN B 2 2.63 -12.23 25.04
N ILE B 3 1.87 -11.17 24.76
CA ILE B 3 1.24 -10.88 23.47
C ILE B 3 2.26 -10.28 22.49
N THR B 4 2.16 -10.66 21.20
CA THR B 4 2.97 -10.11 20.09
C THR B 4 2.69 -8.61 19.82
N SER B 5 3.56 -7.97 19.04
CA SER B 5 3.40 -6.57 18.56
C SER B 5 2.40 -6.42 17.40
N GLN B 6 1.30 -7.15 17.53
CA GLN B 6 0.27 -7.35 16.52
C GLN B 6 -0.54 -6.09 16.18
N VAL B 7 -1.24 -6.14 15.04
CA VAL B 7 -2.28 -5.18 14.65
C VAL B 7 -3.31 -5.04 15.79
N GLY B 9 -6.68 -3.97 17.82
CA GLY B 9 -8.13 -4.22 17.74
C GLY B 9 -8.89 -3.90 19.04
N GLN B 10 -8.16 -3.72 20.15
CA GLN B 10 -8.63 -3.38 21.49
C GLN B 10 -9.19 -1.95 21.64
N ILE B 11 -8.89 -1.05 20.69
CA ILE B 11 -9.30 0.37 20.72
C ILE B 11 -9.63 0.97 19.34
N GLY B 12 -8.90 0.55 18.29
CA GLY B 12 -9.17 0.96 16.90
C GLY B 12 -8.89 2.44 16.62
N TRP B 13 -7.77 2.95 17.12
CA TRP B 13 -7.36 4.36 17.16
C TRP B 13 -6.43 4.78 16.00
N ARG B 14 -5.45 5.65 16.29
CA ARG B 14 -4.86 6.63 15.36
C ARG B 14 -3.32 6.72 15.49
N ARG B 15 -2.70 7.67 14.76
CA ARG B 15 -1.29 8.08 14.92
C ARG B 15 -0.95 8.57 16.34
N GLY A 1 4.32 14.00 -32.30
CA GLY A 1 4.15 13.27 -33.58
C GLY A 1 2.72 13.37 -34.10
N SER A 2 2.29 12.39 -34.91
CA SER A 2 0.93 12.30 -35.46
C SER A 2 -0.11 11.86 -34.41
N PRO A 3 -1.41 12.23 -34.57
CA PRO A 3 -2.48 11.84 -33.66
C PRO A 3 -2.80 10.33 -33.75
N ASN A 4 -3.21 9.74 -32.62
CA ASN A 4 -3.52 8.31 -32.50
C ASN A 4 -4.57 8.06 -31.38
N SER A 5 -5.31 6.94 -31.48
CA SER A 5 -6.35 6.53 -30.53
C SER A 5 -5.87 6.33 -29.08
N MET A 6 -4.56 6.20 -28.84
CA MET A 6 -3.94 6.14 -27.50
C MET A 6 -4.15 7.40 -26.63
N ALA A 7 -4.70 8.49 -27.19
CA ALA A 7 -5.02 9.75 -26.51
C ALA A 7 -5.96 9.61 -25.28
N THR A 8 -6.60 8.45 -25.10
CA THR A 8 -7.42 8.13 -23.92
C THR A 8 -6.61 7.85 -22.65
N GLU A 9 -5.31 7.58 -22.81
CA GLU A 9 -4.31 7.57 -21.73
C GLU A 9 -3.73 8.99 -21.56
N LEU A 10 -3.49 9.39 -20.31
CA LEU A 10 -3.02 10.74 -19.93
C LEU A 10 -1.56 10.77 -19.45
N GLU A 11 -0.97 9.59 -19.24
CA GLU A 11 0.47 9.37 -18.99
C GLU A 11 1.08 10.24 -17.85
N TYR A 12 0.39 10.36 -16.72
CA TYR A 12 0.88 11.08 -15.53
C TYR A 12 0.54 10.35 -14.22
N GLU A 13 0.94 10.94 -13.10
CA GLU A 13 0.45 10.70 -11.75
C GLU A 13 0.89 11.87 -10.85
N SER A 14 -0.02 12.36 -10.02
CA SER A 14 0.21 13.48 -9.11
C SER A 14 0.55 12.98 -7.71
N VAL A 15 1.66 13.41 -7.11
CA VAL A 15 2.10 12.89 -5.80
C VAL A 15 1.12 13.31 -4.68
N LEU A 16 0.84 12.38 -3.77
CA LEU A 16 -0.06 12.56 -2.62
C LEU A 16 0.66 12.36 -1.26
N CYS A 17 1.52 11.34 -1.16
CA CYS A 17 2.32 11.06 0.02
C CYS A 17 3.71 10.50 -0.35
N VAL A 18 4.69 10.77 0.52
CA VAL A 18 6.01 10.18 0.52
C VAL A 18 6.38 9.81 1.95
N LYS A 19 6.94 8.61 2.15
CA LYS A 19 7.56 8.21 3.44
C LYS A 19 8.98 7.66 3.29
N PRO A 20 9.91 8.01 4.21
CA PRO A 20 11.35 7.74 4.07
C PRO A 20 11.77 6.29 4.39
N ASP A 21 10.96 5.56 5.16
CA ASP A 21 11.27 4.19 5.61
C ASP A 21 10.00 3.35 5.71
N VAL A 22 9.97 2.21 5.01
CA VAL A 22 8.82 1.29 4.91
C VAL A 22 9.34 -0.13 4.63
N SER A 23 8.68 -1.15 5.17
CA SER A 23 9.09 -2.55 5.07
C SER A 23 7.97 -3.43 4.54
N VAL A 24 8.29 -4.45 3.73
CA VAL A 24 7.33 -5.26 2.96
C VAL A 24 7.39 -6.74 3.34
N TYR A 25 6.21 -7.35 3.40
CA TYR A 25 6.00 -8.77 3.69
C TYR A 25 5.20 -9.44 2.57
N ARG A 26 5.79 -10.29 1.73
CA ARG A 26 5.04 -11.26 0.89
C ARG A 26 4.20 -12.19 1.77
N ILE A 27 2.92 -12.35 1.41
CA ILE A 27 1.92 -13.13 2.19
C ILE A 27 1.28 -14.28 1.37
N PRO A 28 0.98 -15.44 2.00
CA PRO A 28 0.27 -16.53 1.35
C PRO A 28 -1.26 -16.33 1.09
N PRO A 29 -2.09 -15.79 2.00
CA PRO A 29 -3.54 -15.69 1.81
C PRO A 29 -3.98 -14.51 0.94
N ARG A 30 -5.21 -14.59 0.40
CA ARG A 30 -5.93 -13.50 -0.27
C ARG A 30 -7.14 -12.95 0.48
N ALA A 31 -7.80 -13.78 1.29
CA ALA A 31 -9.01 -13.41 2.02
C ALA A 31 -9.31 -14.40 3.16
N SER A 32 -9.04 -13.96 4.38
CA SER A 32 -9.64 -14.51 5.60
C SER A 32 -10.97 -13.81 5.91
N ASN A 33 -11.81 -14.42 6.74
CA ASN A 33 -13.07 -13.82 7.21
C ASN A 33 -12.85 -12.61 8.14
N ARG A 34 -11.64 -12.45 8.71
CA ARG A 34 -11.20 -11.26 9.46
C ARG A 34 -10.59 -10.17 8.59
N GLY A 35 -10.23 -10.52 7.36
CA GLY A 35 -9.43 -9.71 6.45
C GLY A 35 -8.15 -10.45 6.04
N TYR A 36 -7.02 -10.11 6.65
CA TYR A 36 -5.72 -10.76 6.41
C TYR A 36 -4.96 -11.17 7.66
N ARG A 37 -5.07 -10.40 8.75
CA ARG A 37 -4.31 -10.44 10.00
C ARG A 37 -2.80 -10.68 9.85
N ALA A 38 -1.97 -9.65 10.05
CA ALA A 38 -0.49 -9.76 10.01
C ALA A 38 0.04 -10.90 10.90
N SER A 39 -0.62 -11.12 12.03
CA SER A 39 -0.41 -12.20 12.99
C SER A 39 -0.52 -13.62 12.42
N ASP A 40 -1.15 -13.81 11.26
CA ASP A 40 -1.26 -15.11 10.55
C ASP A 40 -0.04 -15.43 9.67
N TRP A 41 0.69 -14.41 9.21
CA TRP A 41 1.83 -14.50 8.30
C TRP A 41 3.09 -13.80 8.89
N LYS A 42 3.97 -13.26 8.05
CA LYS A 42 5.22 -12.61 8.46
C LYS A 42 4.96 -11.21 8.99
N LEU A 43 4.73 -11.19 10.29
CA LEU A 43 4.42 -10.06 11.14
C LEU A 43 5.61 -9.10 11.35
N ASP A 44 6.85 -9.59 11.26
CA ASP A 44 8.07 -8.82 11.55
C ASP A 44 9.30 -9.18 10.68
N GLN A 45 9.12 -10.03 9.66
CA GLN A 45 10.22 -10.61 8.85
C GLN A 45 10.19 -10.08 7.39
N PRO A 46 10.87 -8.96 7.07
CA PRO A 46 10.73 -8.30 5.76
C PRO A 46 11.39 -9.07 4.61
N ASP A 47 10.77 -9.01 3.43
CA ASP A 47 11.33 -9.47 2.16
C ASP A 47 12.07 -8.34 1.42
N TRP A 48 11.59 -7.10 1.62
CA TRP A 48 12.15 -5.88 1.05
C TRP A 48 11.91 -4.71 2.00
N THR A 49 12.82 -3.72 2.02
CA THR A 49 12.60 -2.43 2.69
C THR A 49 13.14 -1.28 1.84
N GLY A 50 12.55 -0.09 2.00
CA GLY A 50 12.89 1.07 1.18
C GLY A 50 12.06 2.30 1.54
N ARG A 51 11.50 2.92 0.50
CA ARG A 51 10.81 4.23 0.50
C ARG A 51 9.41 4.09 -0.10
N LEU A 52 8.45 4.86 0.40
CA LEU A 52 7.08 4.94 -0.11
C LEU A 52 6.90 6.15 -1.01
N ARG A 53 6.22 5.98 -2.15
CA ARG A 53 5.44 7.03 -2.81
C ARG A 53 3.98 6.59 -2.93
N ILE A 54 3.09 7.55 -2.77
CA ILE A 54 1.67 7.45 -3.16
C ILE A 54 1.42 8.59 -4.15
N THR A 55 0.83 8.25 -5.28
CA THR A 55 0.54 9.18 -6.38
C THR A 55 -0.89 8.94 -6.91
N SER A 56 -1.42 9.79 -7.77
CA SER A 56 -2.76 9.64 -8.36
C SER A 56 -2.89 10.23 -9.77
N LYS A 57 -3.28 9.40 -10.72
CA LYS A 57 -3.76 9.78 -12.05
C LYS A 57 -5.28 9.70 -12.10
N GLY A 58 -5.94 10.83 -11.85
CA GLY A 58 -7.39 11.00 -11.81
C GLY A 58 -8.02 10.40 -10.54
N LYS A 59 -9.14 9.67 -10.69
CA LYS A 59 -9.83 8.91 -9.62
C LYS A 59 -9.03 7.73 -9.08
N THR A 60 -7.89 7.44 -9.68
CA THR A 60 -7.05 6.31 -9.36
C THR A 60 -5.81 6.73 -8.57
N ALA A 61 -5.55 6.11 -7.42
CA ALA A 61 -4.29 6.22 -6.68
C ALA A 61 -3.35 5.06 -7.04
N TYR A 62 -2.04 5.23 -6.84
CA TYR A 62 -1.02 4.24 -7.13
C TYR A 62 0.00 4.24 -5.98
N ILE A 63 0.12 3.11 -5.27
CA ILE A 63 1.18 2.91 -4.28
C ILE A 63 2.42 2.48 -5.05
N LYS A 64 3.42 3.36 -5.17
CA LYS A 64 4.69 3.09 -5.88
C LYS A 64 5.87 3.05 -4.90
N LEU A 65 6.47 1.88 -4.73
CA LEU A 65 7.52 1.63 -3.74
C LEU A 65 8.91 1.81 -4.39
N GLU A 66 9.80 2.57 -3.74
CA GLU A 66 11.09 2.99 -4.28
C GLU A 66 12.28 2.50 -3.42
N ASP A 67 13.43 2.23 -4.04
CA ASP A 67 14.65 1.84 -3.35
C ASP A 67 15.28 3.06 -2.65
N LYS A 68 15.67 2.89 -1.38
CA LYS A 68 16.21 3.95 -0.51
C LYS A 68 17.56 4.52 -0.99
N VAL A 69 18.24 3.83 -1.91
CA VAL A 69 19.59 4.17 -2.42
C VAL A 69 19.49 4.94 -3.73
N SER A 70 18.54 4.56 -4.60
CA SER A 70 18.51 4.98 -6.00
C SER A 70 17.18 5.56 -6.48
N GLY A 71 16.11 5.42 -5.71
CA GLY A 71 14.74 5.74 -6.13
C GLY A 71 14.15 4.75 -7.15
N GLU A 72 14.80 3.61 -7.39
CA GLU A 72 14.35 2.61 -8.38
C GLU A 72 13.07 1.90 -7.93
N LEU A 73 12.14 1.61 -8.86
CA LEU A 73 10.84 1.03 -8.54
C LEU A 73 10.97 -0.45 -8.13
N PHE A 74 10.47 -0.78 -6.93
CA PHE A 74 10.32 -2.16 -6.42
C PHE A 74 9.01 -2.78 -6.91
N ALA A 75 7.88 -2.12 -6.67
CA ALA A 75 6.54 -2.57 -7.07
C ALA A 75 5.55 -1.39 -7.16
N GLN A 76 4.45 -1.61 -7.89
CA GLN A 76 3.31 -0.70 -7.96
C GLN A 76 1.98 -1.42 -7.68
N ALA A 77 1.10 -0.84 -6.86
CA ALA A 77 -0.28 -1.29 -6.65
C ALA A 77 -1.29 -0.22 -7.12
N PRO A 78 -2.10 -0.45 -8.16
CA PRO A 78 -3.14 0.47 -8.59
C PRO A 78 -4.41 0.32 -7.71
N VAL A 79 -4.86 1.43 -7.12
CA VAL A 79 -6.01 1.51 -6.20
C VAL A 79 -7.11 2.40 -6.80
N GLU A 80 -8.32 1.86 -6.93
CA GLU A 80 -9.49 2.60 -7.45
C GLU A 80 -10.65 2.69 -6.44
N GLN A 81 -10.47 2.16 -5.23
CA GLN A 81 -11.40 2.20 -4.10
C GLN A 81 -10.66 1.97 -2.77
N TYR A 82 -11.10 2.60 -1.70
CA TYR A 82 -10.58 2.39 -0.33
C TYR A 82 -11.68 2.40 0.74
N PRO A 83 -11.78 1.39 1.64
CA PRO A 83 -11.08 0.10 1.62
C PRO A 83 -11.30 -0.72 0.33
N GLY A 84 -10.36 -1.59 -0.01
CA GLY A 84 -10.45 -2.45 -1.20
C GLY A 84 -9.45 -3.60 -1.20
N ILE A 85 -9.23 -4.21 -2.37
CA ILE A 85 -8.27 -5.29 -2.57
C ILE A 85 -6.85 -4.76 -2.77
N ALA A 86 -6.72 -3.53 -3.29
CA ALA A 86 -5.43 -2.92 -3.58
C ALA A 86 -4.82 -2.17 -2.40
N VAL A 87 -5.60 -1.78 -1.40
CA VAL A 87 -5.12 -1.37 -0.06
C VAL A 87 -6.15 -1.71 1.03
N GLU A 88 -5.69 -2.38 2.09
CA GLU A 88 -6.50 -2.84 3.23
C GLU A 88 -5.70 -2.80 4.55
N THR A 89 -6.39 -2.72 5.70
CA THR A 89 -5.79 -2.83 7.03
C THR A 89 -6.09 -4.22 7.58
N VAL A 90 -5.10 -5.09 7.40
CA VAL A 90 -4.83 -6.36 8.11
C VAL A 90 -5.99 -6.94 8.94
N THR A 91 -6.27 -6.33 10.09
CA THR A 91 -7.55 -6.42 10.82
C THR A 91 -7.91 -5.08 11.45
N ASP A 92 -6.97 -4.48 12.19
CA ASP A 92 -7.17 -3.18 12.84
C ASP A 92 -5.88 -2.35 13.00
N SER A 93 -4.87 -2.84 13.74
CA SER A 93 -3.59 -2.12 13.90
C SER A 93 -2.98 -1.69 12.57
N SER A 94 -3.10 -0.38 12.32
CA SER A 94 -2.69 0.24 11.08
C SER A 94 -1.20 0.55 11.01
N ARG A 95 -0.45 0.08 12.02
CA ARG A 95 0.97 -0.29 11.99
C ARG A 95 1.34 -1.12 10.75
N TYR A 96 0.37 -1.91 10.25
CA TYR A 96 0.46 -2.68 9.02
C TYR A 96 -0.68 -2.37 8.03
N PHE A 97 -0.46 -2.76 6.78
CA PHE A 97 -1.45 -2.82 5.70
C PHE A 97 -1.25 -4.06 4.83
N VAL A 98 -2.13 -4.28 3.86
CA VAL A 98 -1.94 -5.20 2.73
C VAL A 98 -2.28 -4.45 1.44
N ILE A 99 -1.46 -4.61 0.40
CA ILE A 99 -1.72 -4.09 -0.94
C ILE A 99 -1.55 -5.18 -2.01
N ARG A 100 -2.31 -5.05 -3.10
CA ARG A 100 -2.21 -5.89 -4.31
C ARG A 100 -1.35 -5.17 -5.34
N ILE A 101 -0.10 -5.60 -5.49
CA ILE A 101 0.86 -5.07 -6.49
C ILE A 101 0.77 -5.84 -7.81
N GLN A 102 1.26 -5.24 -8.89
CA GLN A 102 1.58 -5.97 -10.14
C GLN A 102 3.04 -6.45 -10.18
N ASP A 103 3.31 -7.49 -10.97
CA ASP A 103 4.67 -7.91 -11.32
C ASP A 103 5.24 -7.17 -12.55
N GLY A 104 4.38 -6.46 -13.31
CA GLY A 104 4.72 -5.79 -14.57
C GLY A 104 4.68 -6.68 -15.82
N THR A 105 4.23 -7.94 -15.69
CA THR A 105 4.17 -8.95 -16.77
C THR A 105 2.74 -9.37 -17.12
N GLY A 106 1.74 -8.56 -16.74
CA GLY A 106 0.31 -8.86 -16.91
C GLY A 106 -0.31 -9.64 -15.74
N ARG A 107 0.38 -9.68 -14.59
CA ARG A 107 0.01 -10.44 -13.38
C ARG A 107 0.17 -9.63 -12.09
N SER A 108 -0.25 -10.19 -10.96
CA SER A 108 -0.24 -9.53 -9.65
C SER A 108 0.07 -10.45 -8.46
N ALA A 109 0.50 -9.83 -7.35
CA ALA A 109 0.80 -10.45 -6.06
C ALA A 109 0.28 -9.63 -4.88
N PHE A 110 -0.06 -10.30 -3.78
CA PHE A 110 -0.39 -9.65 -2.50
C PHE A 110 0.85 -9.55 -1.61
N ILE A 111 1.08 -8.36 -1.05
CA ILE A 111 2.05 -8.14 0.04
C ILE A 111 1.39 -7.39 1.20
N GLY A 112 1.71 -7.80 2.41
CA GLY A 112 1.62 -6.99 3.61
C GLY A 112 2.69 -5.90 3.61
N ILE A 113 2.45 -4.85 4.40
CA ILE A 113 3.41 -3.78 4.68
C ILE A 113 3.51 -3.60 6.19
N GLY A 114 4.71 -3.35 6.71
CA GLY A 114 4.96 -2.83 8.07
C GLY A 114 5.68 -1.48 8.02
N PHE A 115 5.21 -0.53 8.82
CA PHE A 115 5.78 0.82 8.90
C PHE A 115 6.72 1.04 10.08
N THR A 116 7.56 2.08 9.95
CA THR A 116 8.55 2.48 10.96
C THR A 116 7.93 3.24 12.15
N ASP A 117 6.78 3.88 11.92
CA ASP A 117 6.00 4.63 12.92
C ASP A 117 4.49 4.49 12.66
N ARG A 118 3.67 4.40 13.71
CA ARG A 118 2.21 4.31 13.61
C ARG A 118 1.59 5.56 12.97
N GLY A 119 2.17 6.74 13.19
CA GLY A 119 1.75 8.00 12.55
C GLY A 119 2.13 8.06 11.06
N ASP A 120 3.29 7.51 10.69
CA ASP A 120 3.68 7.37 9.26
C ASP A 120 2.73 6.42 8.51
N ALA A 121 2.30 5.35 9.19
CA ALA A 121 1.34 4.39 8.65
C ALA A 121 -0.10 4.95 8.61
N PHE A 122 -0.54 5.66 9.65
CA PHE A 122 -1.85 6.30 9.65
C PHE A 122 -1.95 7.39 8.56
N ASP A 123 -0.83 7.98 8.14
CA ASP A 123 -0.76 8.92 7.01
C ASP A 123 -0.72 8.20 5.65
N PHE A 124 -0.20 6.97 5.56
CA PHE A 124 -0.41 6.08 4.41
C PHE A 124 -1.91 5.82 4.19
N ASN A 125 -2.67 5.61 5.27
CA ASN A 125 -4.13 5.54 5.25
C ASN A 125 -4.77 6.88 4.86
N VAL A 126 -4.48 7.99 5.55
CA VAL A 126 -5.16 9.28 5.32
C VAL A 126 -4.91 9.85 3.93
N SER A 127 -3.74 9.61 3.33
CA SER A 127 -3.44 9.95 1.94
C SER A 127 -4.46 9.34 0.96
N LEU A 128 -4.97 8.14 1.26
CA LEU A 128 -5.98 7.44 0.45
C LEU A 128 -7.41 7.79 0.89
N GLN A 129 -7.67 8.00 2.19
CA GLN A 129 -8.97 8.48 2.67
C GLN A 129 -9.34 9.81 1.98
N ASP A 130 -8.43 10.79 2.00
CA ASP A 130 -8.62 12.11 1.37
C ASP A 130 -8.51 12.07 -0.16
N HIS A 131 -8.09 10.94 -0.76
CA HIS A 131 -8.17 10.71 -2.20
C HIS A 131 -9.56 10.23 -2.63
N PHE A 132 -10.24 9.40 -1.82
CA PHE A 132 -11.55 8.84 -2.21
C PHE A 132 -12.73 9.69 -1.70
N LYS A 133 -12.49 10.49 -0.66
CA LYS A 133 -13.34 11.57 -0.11
C LYS A 133 -14.12 12.40 -1.14
N TRP A 134 -13.49 12.77 -2.26
CA TRP A 134 -14.06 13.65 -3.31
C TRP A 134 -14.54 12.91 -4.58
N VAL A 135 -14.51 11.57 -4.57
CA VAL A 135 -14.94 10.65 -5.64
C VAL A 135 -15.84 9.54 -5.06
N LYS A 136 -16.00 8.41 -5.75
CA LYS A 136 -16.73 7.20 -5.31
C LYS A 136 -18.22 7.42 -4.97
N GLN A 137 -18.80 8.52 -5.46
CA GLN A 137 -20.18 8.96 -5.22
C GLN A 137 -20.59 9.04 -3.73
N GLU A 138 -19.62 9.30 -2.83
CA GLU A 138 -19.85 9.47 -1.39
C GLU A 138 -20.31 10.89 -0.99
N SER B 1 10.78 -19.32 22.92
CA SER B 1 9.70 -18.44 22.38
C SER B 1 9.96 -16.97 22.70
N GLN B 2 9.29 -16.06 22.00
CA GLN B 2 9.40 -14.60 22.18
C GLN B 2 8.04 -13.88 22.02
N ILE B 3 7.98 -12.63 22.49
CA ILE B 3 6.82 -11.74 22.37
C ILE B 3 6.65 -11.30 20.90
N THR B 4 5.40 -11.20 20.44
CA THR B 4 5.03 -10.80 19.06
C THR B 4 4.12 -9.57 19.05
N SER B 5 4.36 -8.64 18.11
CA SER B 5 3.68 -7.34 18.02
C SER B 5 2.38 -7.39 17.20
N GLN B 6 1.56 -8.39 17.51
CA GLN B 6 0.34 -8.79 16.79
C GLN B 6 -0.61 -7.62 16.50
N VAL B 7 -1.26 -7.63 15.32
CA VAL B 7 -2.23 -6.60 14.92
C VAL B 7 -3.39 -6.55 15.93
N GLY B 9 -6.57 -5.57 18.57
CA GLY B 9 -7.96 -6.00 18.81
C GLY B 9 -8.45 -5.76 20.25
N GLN B 10 -7.52 -5.51 21.17
CA GLN B 10 -7.74 -5.16 22.59
C GLN B 10 -8.37 -3.76 22.81
N ILE B 11 -8.38 -2.90 21.78
CA ILE B 11 -8.91 -1.52 21.84
C ILE B 11 -9.56 -1.07 20.52
N GLY B 12 -8.95 -1.41 19.37
CA GLY B 12 -9.49 -1.12 18.04
C GLY B 12 -9.27 0.33 17.60
N TRP B 13 -8.02 0.71 17.31
CA TRP B 13 -7.61 2.13 17.19
C TRP B 13 -6.50 2.45 16.15
N ARG B 14 -5.83 3.61 16.33
CA ARG B 14 -5.50 4.53 15.22
C ARG B 14 -4.08 5.10 15.28
N ARG B 15 -3.75 5.83 16.35
CA ARG B 15 -2.52 6.61 16.50
C ARG B 15 -1.96 6.53 17.93
N GLY A 1 -8.51 16.90 -37.87
CA GLY A 1 -8.93 15.79 -36.97
C GLY A 1 -10.20 16.14 -36.21
N SER A 2 -10.44 15.46 -35.08
CA SER A 2 -11.63 15.66 -34.23
C SER A 2 -11.67 17.05 -33.55
N PRO A 3 -12.85 17.64 -33.33
CA PRO A 3 -12.98 18.96 -32.70
C PRO A 3 -12.71 18.96 -31.18
N ASN A 4 -12.78 17.79 -30.53
CA ASN A 4 -12.45 17.56 -29.12
C ASN A 4 -11.81 16.16 -28.94
N SER A 5 -11.07 15.95 -27.85
CA SER A 5 -10.44 14.67 -27.50
C SER A 5 -11.46 13.65 -26.98
N MET A 6 -11.19 12.37 -27.21
CA MET A 6 -11.96 11.21 -26.71
C MET A 6 -11.06 10.17 -26.00
N ALA A 7 -9.83 10.55 -25.61
CA ALA A 7 -8.91 9.68 -24.91
C ALA A 7 -9.34 9.45 -23.45
N THR A 8 -9.40 8.18 -23.09
CA THR A 8 -9.65 7.68 -21.72
C THR A 8 -8.41 7.70 -20.82
N GLU A 9 -7.23 7.80 -21.42
CA GLU A 9 -5.92 7.90 -20.77
C GLU A 9 -5.39 9.34 -20.82
N LEU A 10 -4.74 9.77 -19.74
CA LEU A 10 -4.13 11.10 -19.58
C LEU A 10 -2.59 11.04 -19.35
N GLU A 11 -2.05 9.84 -19.23
CA GLU A 11 -0.61 9.52 -19.20
C GLU A 11 0.22 10.25 -18.11
N TYR A 12 -0.36 10.51 -16.93
CA TYR A 12 0.33 11.14 -15.79
C TYR A 12 0.06 10.46 -14.45
N GLU A 13 0.63 10.99 -13.37
CA GLU A 13 0.23 10.76 -11.97
C GLU A 13 0.92 11.81 -11.08
N SER A 14 0.15 12.47 -10.23
CA SER A 14 0.59 13.54 -9.33
C SER A 14 0.84 13.01 -7.92
N VAL A 15 1.90 13.46 -7.23
CA VAL A 15 2.23 12.98 -5.87
C VAL A 15 1.18 13.42 -4.83
N LEU A 16 0.83 12.49 -3.93
CA LEU A 16 -0.09 12.69 -2.80
C LEU A 16 0.62 12.52 -1.45
N CYS A 17 1.45 11.47 -1.33
CA CYS A 17 2.22 11.16 -0.12
C CYS A 17 3.59 10.55 -0.45
N VAL A 18 4.54 10.78 0.44
CA VAL A 18 5.91 10.23 0.41
C VAL A 18 6.36 9.97 1.85
N LYS A 19 6.82 8.76 2.13
CA LYS A 19 7.32 8.34 3.46
C LYS A 19 8.76 7.78 3.35
N PRO A 20 9.66 8.15 4.28
CA PRO A 20 11.07 7.76 4.24
C PRO A 20 11.34 6.32 4.67
N ASP A 21 10.32 5.59 5.14
CA ASP A 21 10.38 4.17 5.50
C ASP A 21 9.17 3.40 4.97
N VAL A 22 9.41 2.15 4.57
CA VAL A 22 8.39 1.12 4.34
C VAL A 22 9.08 -0.26 4.28
N SER A 23 8.49 -1.28 4.90
CA SER A 23 8.93 -2.68 4.83
C SER A 23 7.83 -3.62 4.32
N VAL A 24 8.19 -4.68 3.59
CA VAL A 24 7.23 -5.57 2.88
C VAL A 24 7.43 -7.05 3.24
N TYR A 25 6.32 -7.75 3.50
CA TYR A 25 6.28 -9.09 4.11
C TYR A 25 5.96 -10.29 3.20
N ARG A 26 5.59 -10.07 1.93
CA ARG A 26 5.27 -11.09 0.90
C ARG A 26 4.44 -12.28 1.44
N ILE A 27 3.15 -12.03 1.60
CA ILE A 27 2.21 -12.87 2.37
C ILE A 27 1.67 -14.09 1.58
N PRO A 28 1.36 -15.22 2.25
CA PRO A 28 0.71 -16.37 1.61
C PRO A 28 -0.78 -16.20 1.22
N PRO A 29 -1.69 -15.65 2.06
CA PRO A 29 -3.13 -15.59 1.76
C PRO A 29 -3.54 -14.45 0.82
N ARG A 30 -4.69 -14.61 0.17
CA ARG A 30 -5.40 -13.55 -0.58
C ARG A 30 -6.63 -12.98 0.13
N ALA A 31 -7.24 -13.78 1.01
CA ALA A 31 -8.43 -13.41 1.76
C ALA A 31 -8.62 -14.40 2.91
N SER A 32 -8.33 -13.90 4.11
CA SER A 32 -8.58 -14.60 5.37
C SER A 32 -9.98 -14.27 5.93
N ASN A 33 -10.40 -15.09 6.89
CA ASN A 33 -11.69 -15.04 7.59
C ASN A 33 -12.10 -13.66 8.13
N ARG A 34 -11.12 -12.85 8.58
CA ARG A 34 -11.25 -11.42 8.86
C ARG A 34 -10.11 -10.71 8.14
N GLY A 35 -10.37 -10.25 6.93
CA GLY A 35 -9.42 -9.54 6.07
C GLY A 35 -8.18 -10.35 5.72
N TYR A 36 -7.11 -10.14 6.49
CA TYR A 36 -5.82 -10.81 6.34
C TYR A 36 -5.14 -11.21 7.65
N ARG A 37 -5.34 -10.43 8.73
CA ARG A 37 -4.64 -10.42 10.02
C ARG A 37 -3.12 -10.61 9.93
N ALA A 38 -2.35 -9.55 10.16
CA ALA A 38 -0.88 -9.58 10.10
C ALA A 38 -0.24 -10.71 10.94
N SER A 39 -0.89 -11.07 12.07
CA SER A 39 -0.45 -12.15 12.97
C SER A 39 -0.54 -13.55 12.36
N ASP A 40 -1.24 -13.72 11.22
CA ASP A 40 -1.24 -14.97 10.44
C ASP A 40 0.06 -15.19 9.65
N TRP A 41 0.81 -14.11 9.36
CA TRP A 41 1.99 -14.12 8.49
C TRP A 41 3.17 -13.34 9.12
N LYS A 42 4.15 -12.94 8.30
CA LYS A 42 5.51 -12.54 8.71
C LYS A 42 5.63 -11.13 9.32
N LEU A 43 4.76 -10.70 10.22
CA LEU A 43 4.71 -9.31 10.72
C LEU A 43 5.98 -8.79 11.43
N ASP A 44 7.00 -9.64 11.62
CA ASP A 44 8.30 -9.31 12.23
C ASP A 44 9.49 -9.43 11.23
N GLN A 45 9.28 -9.97 10.02
CA GLN A 45 10.35 -10.42 9.11
C GLN A 45 10.14 -9.94 7.65
N PRO A 46 10.61 -8.74 7.27
CA PRO A 46 10.47 -8.23 5.91
C PRO A 46 11.42 -8.93 4.91
N ASP A 47 10.98 -9.04 3.65
CA ASP A 47 11.79 -9.51 2.52
C ASP A 47 12.37 -8.34 1.70
N TRP A 48 11.74 -7.17 1.77
CA TRP A 48 12.18 -5.93 1.12
C TRP A 48 11.90 -4.71 2.01
N THR A 49 12.76 -3.69 1.92
CA THR A 49 12.60 -2.39 2.59
C THR A 49 13.06 -1.24 1.69
N GLY A 50 12.48 -0.05 1.91
CA GLY A 50 12.80 1.13 1.11
C GLY A 50 11.98 2.37 1.48
N ARG A 51 11.38 2.98 0.46
CA ARG A 51 10.70 4.29 0.46
C ARG A 51 9.33 4.19 -0.22
N LEU A 52 8.35 4.96 0.27
CA LEU A 52 6.98 5.00 -0.27
C LEU A 52 6.77 6.20 -1.21
N ARG A 53 6.02 6.00 -2.29
CA ARG A 53 5.33 7.08 -3.03
C ARG A 53 3.87 6.70 -3.24
N ILE A 54 2.95 7.58 -2.86
CA ILE A 54 1.54 7.49 -3.23
C ILE A 54 1.26 8.64 -4.20
N THR A 55 0.76 8.30 -5.37
CA THR A 55 0.48 9.21 -6.49
C THR A 55 -0.99 9.06 -6.92
N SER A 56 -1.51 9.97 -7.75
CA SER A 56 -2.81 9.84 -8.40
C SER A 56 -2.92 10.63 -9.70
N LYS A 57 -3.54 9.99 -10.69
CA LYS A 57 -3.98 10.56 -11.97
C LYS A 57 -5.47 11.01 -11.94
N GLY A 58 -6.00 11.31 -10.76
CA GLY A 58 -7.40 11.66 -10.47
C GLY A 58 -8.31 10.44 -10.38
N LYS A 59 -8.97 10.24 -9.21
CA LYS A 59 -9.79 9.08 -8.81
C LYS A 59 -9.10 7.72 -8.81
N THR A 60 -7.96 7.57 -9.47
CA THR A 60 -7.08 6.41 -9.34
C THR A 60 -5.83 6.82 -8.59
N ALA A 61 -5.65 6.31 -7.38
CA ALA A 61 -4.38 6.39 -6.65
C ALA A 61 -3.48 5.21 -7.05
N TYR A 62 -2.17 5.40 -7.02
CA TYR A 62 -1.20 4.35 -7.30
C TYR A 62 -0.21 4.27 -6.11
N ILE A 63 -0.16 3.12 -5.45
CA ILE A 63 0.84 2.85 -4.40
C ILE A 63 2.10 2.35 -5.08
N LYS A 64 3.13 3.19 -5.13
CA LYS A 64 4.46 2.88 -5.67
C LYS A 64 5.49 2.72 -4.55
N LEU A 65 6.38 1.74 -4.68
CA LEU A 65 7.43 1.44 -3.71
C LEU A 65 8.82 1.58 -4.36
N GLU A 66 9.71 2.35 -3.74
CA GLU A 66 11.01 2.74 -4.30
C GLU A 66 12.18 2.25 -3.44
N ASP A 67 13.31 1.89 -4.06
CA ASP A 67 14.54 1.52 -3.38
C ASP A 67 15.22 2.79 -2.82
N LYS A 68 15.62 2.75 -1.54
CA LYS A 68 16.18 3.89 -0.81
C LYS A 68 17.55 4.38 -1.35
N VAL A 69 18.22 3.55 -2.15
CA VAL A 69 19.60 3.77 -2.64
C VAL A 69 19.60 4.31 -4.05
N SER A 70 18.67 3.83 -4.90
CA SER A 70 18.68 4.13 -6.34
C SER A 70 17.35 4.63 -6.91
N GLY A 71 16.28 4.70 -6.10
CA GLY A 71 14.95 5.13 -6.52
C GLY A 71 14.23 4.13 -7.45
N GLU A 72 14.73 2.90 -7.57
CA GLU A 72 14.19 1.88 -8.48
C GLU A 72 12.83 1.35 -8.01
N LEU A 73 11.90 1.14 -8.93
CA LEU A 73 10.53 0.70 -8.63
C LEU A 73 10.50 -0.78 -8.25
N PHE A 74 10.12 -1.07 -7.00
CA PHE A 74 9.96 -2.42 -6.47
C PHE A 74 8.59 -3.01 -6.86
N ALA A 75 7.51 -2.26 -6.63
CA ALA A 75 6.14 -2.68 -6.96
C ALA A 75 5.18 -1.50 -7.13
N GLN A 76 4.03 -1.77 -7.75
CA GLN A 76 3.00 -0.79 -8.09
C GLN A 76 1.58 -1.40 -7.92
N ALA A 77 0.72 -0.79 -7.10
CA ALA A 77 -0.69 -1.19 -6.93
C ALA A 77 -1.66 -0.07 -7.36
N PRO A 78 -2.51 -0.27 -8.39
CA PRO A 78 -3.57 0.67 -8.74
C PRO A 78 -4.77 0.53 -7.80
N VAL A 79 -5.19 1.63 -7.16
CA VAL A 79 -6.34 1.75 -6.25
C VAL A 79 -7.40 2.64 -6.90
N GLU A 80 -8.61 2.11 -7.11
CA GLU A 80 -9.75 2.82 -7.71
C GLU A 80 -10.91 3.05 -6.72
N GLN A 81 -10.77 2.53 -5.49
CA GLN A 81 -11.69 2.71 -4.37
C GLN A 81 -10.97 2.45 -3.04
N TYR A 82 -11.31 3.23 -2.01
CA TYR A 82 -10.82 3.04 -0.63
C TYR A 82 -11.98 2.99 0.39
N PRO A 83 -11.98 2.04 1.34
CA PRO A 83 -11.17 0.80 1.33
C PRO A 83 -11.50 -0.10 0.13
N GLY A 84 -10.60 -1.03 -0.20
CA GLY A 84 -10.81 -1.99 -1.30
C GLY A 84 -9.87 -3.20 -1.27
N ILE A 85 -9.71 -3.86 -2.41
CA ILE A 85 -8.75 -4.96 -2.60
C ILE A 85 -7.34 -4.46 -2.87
N ALA A 86 -7.22 -3.26 -3.46
CA ALA A 86 -5.93 -2.69 -3.80
C ALA A 86 -5.15 -2.19 -2.59
N VAL A 87 -5.85 -1.74 -1.53
CA VAL A 87 -5.26 -1.35 -0.25
C VAL A 87 -6.22 -1.67 0.90
N GLU A 88 -5.72 -2.33 1.93
CA GLU A 88 -6.48 -2.84 3.08
C GLU A 88 -5.70 -2.75 4.39
N THR A 89 -6.39 -2.62 5.52
CA THR A 89 -5.81 -2.65 6.87
C THR A 89 -6.18 -3.97 7.54
N VAL A 90 -5.44 -5.00 7.16
CA VAL A 90 -5.17 -6.26 7.88
C VAL A 90 -6.32 -6.86 8.71
N THR A 91 -6.60 -6.26 9.86
CA THR A 91 -7.91 -6.32 10.56
C THR A 91 -8.30 -4.96 11.13
N ASP A 92 -7.37 -4.28 11.81
CA ASP A 92 -7.62 -2.94 12.38
C ASP A 92 -6.37 -2.08 12.59
N SER A 93 -5.35 -2.56 13.32
CA SER A 93 -4.09 -1.83 13.48
C SER A 93 -3.47 -1.48 12.14
N SER A 94 -3.23 -0.19 11.99
CA SER A 94 -2.62 0.40 10.82
C SER A 94 -1.10 0.51 10.93
N ARG A 95 -0.49 -0.16 11.92
CA ARG A 95 0.94 -0.55 11.93
C ARG A 95 1.30 -1.33 10.65
N TYR A 96 0.32 -2.05 10.09
CA TYR A 96 0.42 -2.84 8.86
C TYR A 96 -0.69 -2.51 7.86
N PHE A 97 -0.47 -2.92 6.61
CA PHE A 97 -1.46 -2.91 5.52
C PHE A 97 -1.27 -4.15 4.63
N VAL A 98 -2.15 -4.32 3.66
CA VAL A 98 -1.95 -5.19 2.49
C VAL A 98 -2.32 -4.40 1.24
N ILE A 99 -1.56 -4.54 0.16
CA ILE A 99 -1.92 -4.00 -1.16
C ILE A 99 -1.84 -5.08 -2.25
N ARG A 100 -2.67 -4.93 -3.28
CA ARG A 100 -2.67 -5.78 -4.49
C ARG A 100 -1.85 -5.09 -5.57
N ILE A 101 -0.63 -5.56 -5.82
CA ILE A 101 0.29 -5.02 -6.82
C ILE A 101 0.15 -5.72 -8.17
N GLN A 102 0.51 -5.04 -9.25
CA GLN A 102 1.05 -5.69 -10.45
C GLN A 102 2.52 -6.03 -10.16
N ASP A 103 2.92 -7.29 -10.36
CA ASP A 103 4.16 -7.85 -9.79
C ASP A 103 5.41 -7.66 -10.69
N GLY A 104 5.28 -6.85 -11.74
CA GLY A 104 6.37 -6.46 -12.64
C GLY A 104 6.79 -7.51 -13.68
N THR A 105 6.08 -8.63 -13.78
CA THR A 105 6.39 -9.76 -14.69
C THR A 105 5.19 -10.26 -15.50
N GLY A 106 4.19 -9.39 -15.73
CA GLY A 106 2.98 -9.69 -16.51
C GLY A 106 1.85 -10.34 -15.69
N ARG A 107 1.92 -10.17 -14.37
CA ARG A 107 1.02 -10.78 -13.36
C ARG A 107 0.71 -9.81 -12.22
N SER A 108 -0.18 -10.20 -11.31
CA SER A 108 -0.47 -9.46 -10.06
C SER A 108 -0.28 -10.34 -8.82
N ALA A 109 0.01 -9.71 -7.68
CA ALA A 109 0.28 -10.34 -6.39
C ALA A 109 -0.22 -9.51 -5.21
N PHE A 110 -0.45 -10.15 -4.06
CA PHE A 110 -0.73 -9.46 -2.79
C PHE A 110 0.56 -9.37 -1.95
N ILE A 111 0.86 -8.16 -1.45
CA ILE A 111 1.92 -7.93 -0.46
C ILE A 111 1.40 -7.27 0.81
N GLY A 112 1.77 -7.84 1.95
CA GLY A 112 1.61 -7.23 3.26
C GLY A 112 2.73 -6.22 3.51
N ILE A 113 2.42 -5.14 4.22
CA ILE A 113 3.33 -4.03 4.49
C ILE A 113 3.42 -3.80 6.00
N GLY A 114 4.60 -3.44 6.51
CA GLY A 114 4.80 -2.84 7.83
C GLY A 114 5.56 -1.52 7.77
N PHE A 115 5.14 -0.57 8.61
CA PHE A 115 5.85 0.70 8.82
C PHE A 115 6.68 0.68 10.12
N THR A 116 7.75 1.47 10.13
CA THR A 116 8.67 1.60 11.27
C THR A 116 8.14 2.55 12.35
N ASP A 117 7.16 3.41 11.99
CA ASP A 117 6.42 4.28 12.91
C ASP A 117 4.91 4.23 12.60
N ARG A 118 4.06 4.15 13.64
CA ARG A 118 2.60 4.20 13.48
C ARG A 118 2.10 5.53 12.93
N GLY A 119 2.78 6.64 13.24
CA GLY A 119 2.48 7.96 12.69
C GLY A 119 2.81 8.07 11.20
N ASP A 120 3.88 7.41 10.74
CA ASP A 120 4.21 7.32 9.31
C ASP A 120 3.24 6.38 8.56
N ALA A 121 2.79 5.30 9.19
CA ALA A 121 1.71 4.46 8.65
C ALA A 121 0.35 5.17 8.60
N PHE A 122 0.06 6.04 9.56
CA PHE A 122 -1.20 6.79 9.59
C PHE A 122 -1.34 7.75 8.40
N ASP A 123 -0.23 8.20 7.82
CA ASP A 123 -0.23 9.01 6.60
C ASP A 123 -0.50 8.15 5.35
N PHE A 124 -0.11 6.86 5.35
CA PHE A 124 -0.41 5.92 4.26
C PHE A 124 -1.91 5.70 4.12
N ASN A 125 -2.65 5.56 5.24
CA ASN A 125 -4.10 5.38 5.21
C ASN A 125 -4.87 6.68 5.04
N VAL A 126 -4.46 7.78 5.69
CA VAL A 126 -5.20 9.05 5.62
C VAL A 126 -5.01 9.79 4.29
N SER A 127 -3.86 9.67 3.63
CA SER A 127 -3.70 10.18 2.25
C SER A 127 -4.65 9.51 1.26
N LEU A 128 -5.04 8.26 1.51
CA LEU A 128 -6.02 7.53 0.69
C LEU A 128 -7.46 7.84 1.12
N GLN A 129 -7.75 7.91 2.44
CA GLN A 129 -9.05 8.37 2.93
C GLN A 129 -9.43 9.74 2.34
N ASP A 130 -8.53 10.74 2.41
CA ASP A 130 -8.78 12.09 1.90
C ASP A 130 -8.74 12.19 0.37
N HIS A 131 -8.28 11.13 -0.32
CA HIS A 131 -8.30 11.04 -1.79
C HIS A 131 -9.63 10.49 -2.32
N PHE A 132 -10.30 9.61 -1.57
CA PHE A 132 -11.57 8.98 -1.96
C PHE A 132 -12.80 9.66 -1.36
N LYS A 133 -12.59 10.45 -0.30
CA LYS A 133 -13.51 11.36 0.40
C LYS A 133 -14.32 12.32 -0.49
N TRP A 134 -13.77 12.75 -1.64
CA TRP A 134 -14.41 13.69 -2.58
C TRP A 134 -14.88 13.06 -3.91
N VAL A 135 -14.74 11.74 -4.05
CA VAL A 135 -15.15 10.92 -5.22
C VAL A 135 -16.09 9.79 -4.75
N LYS A 136 -16.20 8.69 -5.51
CA LYS A 136 -17.02 7.50 -5.18
C LYS A 136 -18.53 7.75 -5.05
N GLN A 137 -19.00 8.89 -5.55
CA GLN A 137 -20.39 9.34 -5.56
C GLN A 137 -21.07 9.32 -4.18
N GLU A 138 -20.29 9.53 -3.10
CA GLU A 138 -20.71 9.52 -1.69
C GLU A 138 -20.68 10.90 -0.99
N SER B 1 11.64 -19.88 18.54
CA SER B 1 10.95 -18.79 19.27
C SER B 1 10.61 -17.63 18.34
N GLN B 2 9.63 -16.79 18.71
CA GLN B 2 9.19 -15.62 17.95
C GLN B 2 8.71 -14.47 18.85
N ILE B 3 8.72 -13.24 18.33
CA ILE B 3 8.21 -12.00 18.96
C ILE B 3 7.28 -11.30 17.97
N THR B 4 6.15 -10.76 18.45
CA THR B 4 5.09 -10.16 17.60
C THR B 4 4.50 -8.87 18.17
N SER B 5 4.08 -7.96 17.28
CA SER B 5 3.42 -6.67 17.59
C SER B 5 2.00 -6.60 17.00
N GLN B 6 1.27 -7.69 17.27
CA GLN B 6 0.03 -8.15 16.62
C GLN B 6 -1.01 -7.04 16.36
N VAL B 7 -1.69 -7.13 15.21
CA VAL B 7 -2.70 -6.15 14.78
C VAL B 7 -3.87 -6.10 15.79
N GLY B 9 -7.65 -4.79 17.43
CA GLY B 9 -9.05 -5.10 17.16
C GLY B 9 -10.00 -4.71 18.31
N GLN B 10 -9.48 -4.63 19.54
CA GLN B 10 -10.26 -4.33 20.76
C GLN B 10 -10.79 -2.89 20.84
N ILE B 11 -10.12 -1.92 20.22
CA ILE B 11 -10.54 -0.49 20.22
C ILE B 11 -11.28 -0.09 18.94
N GLY B 12 -10.87 -0.60 17.78
CA GLY B 12 -11.53 -0.41 16.48
C GLY B 12 -11.38 1.01 15.94
N TRP B 13 -10.14 1.45 15.69
CA TRP B 13 -9.78 2.86 15.49
C TRP B 13 -8.91 3.08 14.24
N ARG B 14 -8.31 4.28 14.20
CA ARG B 14 -7.21 4.68 13.31
C ARG B 14 -7.53 4.75 11.79
N ARG B 15 -8.80 5.02 11.46
CA ARG B 15 -9.33 5.37 10.12
C ARG B 15 -9.02 4.32 9.02
N GLY A 1 -1.20 -8.08 -24.98
CA GLY A 1 -0.61 -7.09 -25.91
C GLY A 1 -1.26 -5.73 -25.77
N SER A 2 -0.49 -4.66 -26.01
CA SER A 2 -0.92 -3.26 -25.85
C SER A 2 -0.39 -2.37 -27.00
N PRO A 3 -1.11 -1.29 -27.40
CA PRO A 3 -0.79 -0.49 -28.57
C PRO A 3 0.39 0.48 -28.36
N ASN A 4 1.01 0.93 -29.46
CA ASN A 4 2.12 1.90 -29.45
C ASN A 4 1.70 3.30 -28.90
N SER A 5 0.40 3.60 -28.90
CA SER A 5 -0.17 4.85 -28.36
C SER A 5 0.03 5.05 -26.85
N MET A 6 0.53 4.05 -26.11
CA MET A 6 1.03 4.24 -24.74
C MET A 6 2.13 5.33 -24.64
N ALA A 7 2.85 5.60 -25.74
CA ALA A 7 3.84 6.68 -25.83
C ALA A 7 3.23 8.10 -25.95
N THR A 8 1.94 8.22 -26.29
CA THR A 8 1.22 9.50 -26.52
C THR A 8 -0.02 9.70 -25.63
N GLU A 9 -0.41 8.66 -24.91
CA GLU A 9 -1.50 8.63 -23.92
C GLU A 9 -1.25 9.60 -22.74
N LEU A 10 -2.34 10.01 -22.08
CA LEU A 10 -2.37 10.81 -20.85
C LEU A 10 -2.01 9.95 -19.61
N GLU A 11 -0.86 9.27 -19.69
CA GLU A 11 -0.30 8.38 -18.67
C GLU A 11 0.37 9.14 -17.50
N TYR A 12 -0.32 10.18 -16.98
CA TYR A 12 0.15 10.99 -15.84
C TYR A 12 -0.11 10.31 -14.49
N GLU A 13 0.37 10.95 -13.42
CA GLU A 13 0.01 10.71 -12.02
C GLU A 13 0.57 11.84 -11.15
N SER A 14 -0.30 12.41 -10.32
CA SER A 14 0.01 13.51 -9.38
C SER A 14 0.46 12.97 -8.02
N VAL A 15 1.53 13.50 -7.43
CA VAL A 15 2.05 13.00 -6.12
C VAL A 15 1.08 13.32 -4.96
N LEU A 16 0.89 12.34 -4.06
CA LEU A 16 0.05 12.45 -2.86
C LEU A 16 0.84 12.26 -1.55
N CYS A 17 1.71 11.25 -1.48
CA CYS A 17 2.50 10.94 -0.29
C CYS A 17 3.89 10.40 -0.64
N VAL A 18 4.85 10.61 0.27
CA VAL A 18 6.17 9.98 0.25
C VAL A 18 6.60 9.71 1.69
N LYS A 19 7.04 8.47 1.99
CA LYS A 19 7.61 8.11 3.31
C LYS A 19 9.03 7.54 3.21
N PRO A 20 9.93 7.92 4.14
CA PRO A 20 11.38 7.69 4.03
C PRO A 20 11.81 6.24 4.26
N ASP A 21 11.05 5.48 5.03
CA ASP A 21 11.33 4.07 5.36
C ASP A 21 10.03 3.26 5.45
N VAL A 22 9.97 2.12 4.76
CA VAL A 22 8.83 1.20 4.76
C VAL A 22 9.32 -0.23 4.49
N SER A 23 8.72 -1.22 5.15
CA SER A 23 9.08 -2.64 5.03
C SER A 23 7.93 -3.46 4.45
N VAL A 24 8.25 -4.46 3.63
CA VAL A 24 7.30 -5.28 2.87
C VAL A 24 7.44 -6.76 3.21
N TYR A 25 6.28 -7.41 3.31
CA TYR A 25 6.07 -8.75 3.83
C TYR A 25 5.15 -9.51 2.84
N ARG A 26 5.69 -10.06 1.75
CA ARG A 26 4.94 -10.90 0.77
C ARG A 26 4.12 -12.01 1.46
N ILE A 27 2.87 -12.21 1.05
CA ILE A 27 1.89 -13.06 1.77
C ILE A 27 1.34 -14.25 0.95
N PRO A 28 1.16 -15.44 1.55
CA PRO A 28 0.46 -16.55 0.92
C PRO A 28 -1.08 -16.45 0.79
N PRO A 29 -1.86 -15.97 1.79
CA PRO A 29 -3.33 -15.92 1.69
C PRO A 29 -3.85 -14.77 0.80
N ARG A 30 -5.09 -14.92 0.32
CA ARG A 30 -5.82 -13.90 -0.47
C ARG A 30 -7.03 -13.30 0.23
N ALA A 31 -7.67 -14.04 1.13
CA ALA A 31 -8.85 -13.60 1.86
C ALA A 31 -9.12 -14.50 3.08
N SER A 32 -8.83 -13.97 4.27
CA SER A 32 -9.40 -14.42 5.53
C SER A 32 -10.80 -13.81 5.76
N ASN A 33 -11.62 -14.46 6.59
CA ASN A 33 -12.91 -13.94 7.05
C ASN A 33 -12.77 -12.77 8.04
N ARG A 34 -11.56 -12.48 8.50
CA ARG A 34 -11.19 -11.29 9.31
C ARG A 34 -10.56 -10.22 8.44
N GLY A 35 -9.70 -10.68 7.53
CA GLY A 35 -9.20 -9.92 6.39
C GLY A 35 -7.93 -10.54 5.81
N TYR A 36 -6.80 -10.29 6.48
CA TYR A 36 -5.49 -10.90 6.20
C TYR A 36 -4.67 -11.24 7.44
N ARG A 37 -4.81 -10.47 8.53
CA ARG A 37 -4.02 -10.44 9.77
C ARG A 37 -2.50 -10.49 9.58
N ALA A 38 -1.77 -9.41 9.87
CA ALA A 38 -0.29 -9.38 9.82
C ALA A 38 0.37 -10.48 10.68
N SER A 39 -0.32 -10.94 11.72
CA SER A 39 0.10 -12.01 12.63
C SER A 39 -0.07 -13.44 12.06
N ASP A 40 -0.79 -13.61 10.95
CA ASP A 40 -0.94 -14.90 10.26
C ASP A 40 0.29 -15.27 9.41
N TRP A 41 0.87 -14.25 8.77
CA TRP A 41 2.12 -14.28 8.01
C TRP A 41 3.28 -13.68 8.84
N LYS A 42 4.42 -13.37 8.22
CA LYS A 42 5.54 -12.66 8.87
C LYS A 42 5.15 -11.24 9.25
N LEU A 43 5.22 -11.02 10.55
CA LEU A 43 4.77 -9.85 11.29
C LEU A 43 5.91 -8.85 11.56
N ASP A 44 7.15 -9.34 11.70
CA ASP A 44 8.34 -8.51 12.01
C ASP A 44 9.62 -8.96 11.24
N GLN A 45 9.47 -9.87 10.26
CA GLN A 45 10.54 -10.36 9.37
C GLN A 45 10.25 -10.00 7.90
N PRO A 46 10.68 -8.82 7.40
CA PRO A 46 10.39 -8.38 6.04
C PRO A 46 11.24 -9.11 4.98
N ASP A 47 10.75 -9.08 3.74
CA ASP A 47 11.44 -9.61 2.55
C ASP A 47 12.13 -8.50 1.72
N TRP A 48 11.63 -7.27 1.83
CA TRP A 48 12.17 -6.06 1.21
C TRP A 48 11.93 -4.83 2.12
N THR A 49 12.83 -3.85 2.10
CA THR A 49 12.57 -2.52 2.64
C THR A 49 13.09 -1.43 1.69
N GLY A 50 12.45 -0.26 1.77
CA GLY A 50 12.71 0.86 0.88
C GLY A 50 11.91 2.09 1.29
N ARG A 51 11.31 2.74 0.30
CA ARG A 51 10.65 4.04 0.37
C ARG A 51 9.24 3.94 -0.22
N LEU A 52 8.27 4.66 0.35
CA LEU A 52 6.90 4.74 -0.17
C LEU A 52 6.76 5.93 -1.14
N ARG A 53 6.00 5.76 -2.22
CA ARG A 53 5.54 6.86 -3.09
C ARG A 53 4.08 6.64 -3.50
N ILE A 54 3.16 7.40 -2.94
CA ILE A 54 1.73 7.37 -3.33
C ILE A 54 1.48 8.51 -4.32
N THR A 55 0.83 8.19 -5.43
CA THR A 55 0.42 9.12 -6.49
C THR A 55 -1.06 8.92 -6.84
N SER A 56 -1.62 9.77 -7.71
CA SER A 56 -2.94 9.57 -8.30
C SER A 56 -3.10 10.24 -9.68
N LYS A 57 -3.55 9.46 -10.66
CA LYS A 57 -4.04 9.94 -11.95
C LYS A 57 -5.56 10.19 -11.86
N GLY A 58 -5.90 11.29 -11.21
CA GLY A 58 -7.28 11.73 -10.95
C GLY A 58 -7.93 10.92 -9.82
N LYS A 59 -9.09 10.31 -10.09
CA LYS A 59 -9.82 9.43 -9.16
C LYS A 59 -9.10 8.12 -8.83
N THR A 60 -8.03 7.81 -9.55
CA THR A 60 -7.26 6.60 -9.35
C THR A 60 -5.95 6.87 -8.62
N ALA A 61 -5.77 6.32 -7.41
CA ALA A 61 -4.49 6.33 -6.70
C ALA A 61 -3.59 5.15 -7.14
N TYR A 62 -2.28 5.28 -6.92
CA TYR A 62 -1.29 4.24 -7.15
C TYR A 62 -0.36 4.19 -5.94
N ILE A 63 -0.29 3.03 -5.29
CA ILE A 63 0.70 2.76 -4.24
C ILE A 63 1.96 2.26 -4.92
N LYS A 64 2.98 3.11 -5.06
CA LYS A 64 4.28 2.75 -5.64
C LYS A 64 5.31 2.59 -4.52
N LEU A 65 6.26 1.69 -4.73
CA LEU A 65 7.32 1.39 -3.76
C LEU A 65 8.69 1.56 -4.44
N GLU A 66 9.56 2.36 -3.83
CA GLU A 66 10.83 2.82 -4.39
C GLU A 66 12.04 2.26 -3.62
N ASP A 67 13.19 2.10 -4.27
CA ASP A 67 14.47 1.87 -3.62
C ASP A 67 14.83 3.10 -2.79
N LYS A 68 15.29 2.86 -1.55
CA LYS A 68 15.56 3.90 -0.54
C LYS A 68 16.60 4.95 -0.96
N VAL A 69 17.39 4.64 -1.99
CA VAL A 69 18.54 5.41 -2.46
C VAL A 69 18.28 6.01 -3.84
N SER A 70 17.76 5.19 -4.76
CA SER A 70 17.77 5.48 -6.20
C SER A 70 16.40 5.87 -6.77
N GLY A 71 15.32 5.63 -6.01
CA GLY A 71 13.94 5.84 -6.49
C GLY A 71 13.45 4.77 -7.48
N GLU A 72 14.16 3.64 -7.60
CA GLU A 72 13.85 2.58 -8.56
C GLU A 72 12.61 1.77 -8.13
N LEU A 73 11.77 1.41 -9.11
CA LEU A 73 10.45 0.80 -8.84
C LEU A 73 10.59 -0.68 -8.43
N PHE A 74 10.14 -0.99 -7.21
CA PHE A 74 10.04 -2.35 -6.66
C PHE A 74 8.69 -3.00 -7.00
N ALA A 75 7.59 -2.32 -6.69
CA ALA A 75 6.23 -2.73 -7.03
C ALA A 75 5.30 -1.51 -7.14
N GLN A 76 4.15 -1.69 -7.81
CA GLN A 76 3.04 -0.73 -7.78
C GLN A 76 1.66 -1.41 -7.76
N ALA A 77 0.72 -0.85 -7.01
CA ALA A 77 -0.67 -1.29 -6.91
C ALA A 77 -1.65 -0.16 -7.30
N PRO A 78 -2.49 -0.32 -8.35
CA PRO A 78 -3.53 0.65 -8.69
C PRO A 78 -4.75 0.50 -7.77
N VAL A 79 -5.25 1.62 -7.22
CA VAL A 79 -6.36 1.74 -6.26
C VAL A 79 -7.44 2.68 -6.82
N GLU A 80 -8.70 2.24 -6.89
CA GLU A 80 -9.83 3.05 -7.37
C GLU A 80 -10.96 3.21 -6.32
N GLN A 81 -10.75 2.69 -5.12
CA GLN A 81 -11.62 2.80 -3.95
C GLN A 81 -10.81 2.56 -2.67
N TYR A 82 -11.16 3.25 -1.58
CA TYR A 82 -10.50 3.11 -0.27
C TYR A 82 -11.49 2.92 0.90
N PRO A 83 -11.32 1.87 1.73
CA PRO A 83 -10.50 0.67 1.50
C PRO A 83 -11.04 -0.19 0.33
N GLY A 84 -10.24 -1.14 -0.15
CA GLY A 84 -10.63 -2.09 -1.20
C GLY A 84 -9.72 -3.33 -1.29
N ILE A 85 -9.66 -3.96 -2.46
CA ILE A 85 -8.72 -5.08 -2.70
C ILE A 85 -7.31 -4.58 -2.95
N ALA A 86 -7.17 -3.36 -3.50
CA ALA A 86 -5.88 -2.80 -3.82
C ALA A 86 -5.12 -2.28 -2.59
N VAL A 87 -5.82 -1.84 -1.55
CA VAL A 87 -5.25 -1.44 -0.26
C VAL A 87 -6.24 -1.77 0.87
N GLU A 88 -5.78 -2.48 1.90
CA GLU A 88 -6.58 -2.98 3.02
C GLU A 88 -5.79 -2.93 4.35
N THR A 89 -6.49 -2.84 5.48
CA THR A 89 -5.89 -2.86 6.83
C THR A 89 -6.15 -4.20 7.49
N VAL A 90 -5.29 -5.16 7.16
CA VAL A 90 -4.93 -6.39 7.88
C VAL A 90 -6.04 -7.06 8.72
N THR A 91 -6.35 -6.49 9.88
CA THR A 91 -7.67 -6.62 10.55
C THR A 91 -8.13 -5.28 11.11
N ASP A 92 -7.24 -4.56 11.81
CA ASP A 92 -7.59 -3.27 12.45
C ASP A 92 -6.38 -2.34 12.72
N SER A 93 -5.30 -2.82 13.36
CA SER A 93 -4.07 -2.01 13.55
C SER A 93 -3.54 -1.49 12.23
N SER A 94 -3.27 -0.20 12.24
CA SER A 94 -2.84 0.58 11.09
C SER A 94 -1.37 0.99 11.22
N ARG A 95 -0.53 0.11 11.79
CA ARG A 95 0.91 0.00 11.46
C ARG A 95 1.12 -0.75 10.13
N TYR A 96 0.21 -1.68 9.82
CA TYR A 96 0.31 -2.59 8.67
C TYR A 96 -0.81 -2.38 7.67
N PHE A 97 -0.56 -2.81 6.44
CA PHE A 97 -1.54 -2.90 5.36
C PHE A 97 -1.32 -4.17 4.53
N VAL A 98 -2.23 -4.43 3.60
CA VAL A 98 -2.04 -5.32 2.46
C VAL A 98 -2.39 -4.55 1.20
N ILE A 99 -1.58 -4.67 0.14
CA ILE A 99 -1.88 -4.10 -1.18
C ILE A 99 -1.79 -5.17 -2.28
N ARG A 100 -2.56 -4.98 -3.35
CA ARG A 100 -2.58 -5.84 -4.56
C ARG A 100 -1.75 -5.18 -5.65
N ILE A 101 -0.53 -5.63 -5.86
CA ILE A 101 0.43 -5.09 -6.83
C ILE A 101 0.40 -5.82 -8.18
N GLN A 102 0.95 -5.18 -9.21
CA GLN A 102 1.60 -5.89 -10.31
C GLN A 102 2.95 -6.42 -9.81
N ASP A 103 3.27 -7.72 -10.00
CA ASP A 103 4.48 -8.33 -9.44
C ASP A 103 5.73 -8.17 -10.33
N GLY A 104 5.60 -7.44 -11.44
CA GLY A 104 6.69 -7.09 -12.37
C GLY A 104 7.10 -8.20 -13.35
N THR A 105 6.47 -9.38 -13.28
CA THR A 105 6.80 -10.57 -14.10
C THR A 105 5.69 -10.94 -15.10
N GLY A 106 4.73 -10.02 -15.34
CA GLY A 106 3.54 -10.24 -16.17
C GLY A 106 2.32 -10.74 -15.39
N ARG A 107 2.34 -10.62 -14.06
CA ARG A 107 1.31 -11.11 -13.12
C ARG A 107 0.96 -10.08 -12.05
N SER A 108 -0.07 -10.36 -11.25
CA SER A 108 -0.39 -9.62 -10.02
C SER A 108 -0.09 -10.47 -8.77
N ALA A 109 0.22 -9.79 -7.65
CA ALA A 109 0.46 -10.41 -6.35
C ALA A 109 -0.09 -9.57 -5.19
N PHE A 110 -0.42 -10.21 -4.06
CA PHE A 110 -0.65 -9.53 -2.80
C PHE A 110 0.65 -9.45 -1.97
N ILE A 111 0.91 -8.28 -1.39
CA ILE A 111 1.94 -8.09 -0.36
C ILE A 111 1.36 -7.43 0.88
N GLY A 112 1.83 -7.87 2.05
CA GLY A 112 1.70 -7.13 3.30
C GLY A 112 2.73 -6.00 3.35
N ILE A 113 2.40 -4.93 4.06
CA ILE A 113 3.30 -3.82 4.37
C ILE A 113 3.30 -3.62 5.88
N GLY A 114 4.45 -3.23 6.45
CA GLY A 114 4.58 -2.78 7.84
C GLY A 114 5.55 -1.62 7.95
N PHE A 115 5.14 -0.54 8.62
CA PHE A 115 5.95 0.68 8.77
C PHE A 115 6.83 0.67 10.01
N THR A 116 7.80 1.58 10.04
CA THR A 116 8.68 1.82 11.19
C THR A 116 7.96 2.51 12.37
N ASP A 117 6.88 3.24 12.06
CA ASP A 117 6.01 3.93 13.04
C ASP A 117 4.51 3.77 12.71
N ARG A 118 3.67 3.66 13.76
CA ARG A 118 2.20 3.69 13.65
C ARG A 118 1.70 4.96 12.95
N GLY A 119 2.34 6.11 13.21
CA GLY A 119 2.01 7.39 12.58
C GLY A 119 2.40 7.48 11.10
N ASP A 120 3.50 6.84 10.69
CA ASP A 120 3.90 6.81 9.27
C ASP A 120 2.94 5.97 8.42
N ALA A 121 2.40 4.88 8.98
CA ALA A 121 1.33 4.10 8.38
C ALA A 121 -0.04 4.80 8.47
N PHE A 122 -0.34 5.54 9.54
CA PHE A 122 -1.56 6.35 9.62
C PHE A 122 -1.60 7.44 8.52
N ASP A 123 -0.44 7.96 8.09
CA ASP A 123 -0.34 8.89 6.96
C ASP A 123 -0.56 8.18 5.61
N PHE A 124 -0.13 6.91 5.46
CA PHE A 124 -0.45 6.09 4.29
C PHE A 124 -1.97 5.94 4.13
N ASN A 125 -2.67 5.64 5.23
CA ASN A 125 -4.13 5.56 5.27
C ASN A 125 -4.82 6.91 5.02
N VAL A 126 -4.44 7.99 5.73
CA VAL A 126 -5.13 9.28 5.63
C VAL A 126 -4.89 9.97 4.28
N SER A 127 -3.74 9.76 3.64
CA SER A 127 -3.50 10.20 2.25
C SER A 127 -4.55 9.61 1.29
N LEU A 128 -4.99 8.37 1.54
CA LEU A 128 -6.03 7.70 0.76
C LEU A 128 -7.44 8.11 1.21
N GLN A 129 -7.70 8.30 2.50
CA GLN A 129 -8.96 8.88 2.99
C GLN A 129 -9.24 10.23 2.30
N ASP A 130 -8.29 11.16 2.35
CA ASP A 130 -8.42 12.51 1.76
C ASP A 130 -8.30 12.51 0.23
N HIS A 131 -7.93 11.39 -0.38
CA HIS A 131 -7.98 11.21 -1.84
C HIS A 131 -9.36 10.76 -2.31
N PHE A 132 -10.02 9.86 -1.58
CA PHE A 132 -11.37 9.40 -1.91
C PHE A 132 -12.49 10.27 -1.32
N LYS A 133 -12.20 11.19 -0.37
CA LYS A 133 -13.22 12.05 0.27
C LYS A 133 -13.95 13.01 -0.68
N TRP A 134 -13.32 13.41 -1.79
CA TRP A 134 -13.87 14.36 -2.78
C TRP A 134 -14.39 13.68 -4.07
N VAL A 135 -14.32 12.35 -4.13
CA VAL A 135 -14.84 11.46 -5.18
C VAL A 135 -15.76 10.41 -4.53
N LYS A 136 -15.98 9.25 -5.16
CA LYS A 136 -16.70 8.10 -4.62
C LYS A 136 -18.16 8.40 -4.17
N GLN A 137 -18.75 9.45 -4.76
CA GLN A 137 -20.09 9.98 -4.45
C GLN A 137 -20.31 10.34 -2.97
N GLU A 138 -19.24 10.76 -2.28
CA GLU A 138 -19.26 11.27 -0.91
C GLU A 138 -19.83 12.69 -0.78
N SER B 1 7.58 -10.08 30.74
CA SER B 1 7.90 -10.93 29.56
C SER B 1 7.56 -10.20 28.26
N GLN B 2 8.26 -10.53 27.18
CA GLN B 2 8.05 -9.96 25.84
C GLN B 2 6.84 -10.58 25.11
N ILE B 3 6.29 -9.86 24.14
CA ILE B 3 5.19 -10.30 23.25
C ILE B 3 5.38 -9.75 21.83
N THR B 4 4.76 -10.37 20.83
CA THR B 4 4.77 -9.93 19.43
C THR B 4 3.83 -8.75 19.18
N SER B 5 4.17 -7.92 18.18
CA SER B 5 3.48 -6.65 17.83
C SER B 5 2.24 -6.84 16.95
N GLN B 6 1.38 -7.76 17.38
CA GLN B 6 0.19 -8.24 16.65
C GLN B 6 -0.80 -7.12 16.28
N VAL B 7 -1.63 -7.33 15.25
CA VAL B 7 -2.67 -6.39 14.84
C VAL B 7 -3.69 -6.23 15.98
N GLY B 9 -7.06 -5.08 18.41
CA GLY B 9 -8.43 -5.57 18.64
C GLY B 9 -9.01 -5.16 19.99
N GLN B 10 -8.13 -4.81 20.94
CA GLN B 10 -8.48 -4.25 22.26
C GLN B 10 -9.16 -2.87 22.21
N ILE B 11 -9.06 -2.14 21.09
CA ILE B 11 -9.54 -0.74 20.97
C ILE B 11 -10.39 -0.48 19.73
N GLY B 12 -10.05 -1.06 18.58
CA GLY B 12 -10.91 -1.12 17.37
C GLY B 12 -11.11 0.25 16.71
N TRP B 13 -10.03 0.84 16.21
CA TRP B 13 -9.92 2.30 16.01
C TRP B 13 -9.09 2.78 14.81
N ARG B 14 -9.19 4.10 14.58
CA ARG B 14 -8.23 4.96 13.86
C ARG B 14 -8.59 6.43 14.04
N ARG B 15 -9.86 6.79 13.79
CA ARG B 15 -10.45 8.13 13.91
C ARG B 15 -11.83 8.09 14.59
N GLY A 1 17.57 3.26 -34.68
CA GLY A 1 16.49 4.12 -34.13
C GLY A 1 16.49 5.50 -34.80
N SER A 2 15.32 6.13 -34.87
CA SER A 2 15.09 7.44 -35.51
C SER A 2 14.11 8.32 -34.70
N PRO A 3 14.13 9.66 -34.85
CA PRO A 3 13.21 10.56 -34.15
C PRO A 3 11.72 10.28 -34.43
N ASN A 4 10.89 10.41 -33.40
CA ASN A 4 9.42 10.23 -33.47
C ASN A 4 8.71 11.05 -32.36
N SER A 5 7.42 11.30 -32.53
CA SER A 5 6.55 11.89 -31.48
C SER A 5 6.26 10.87 -30.37
N MET A 6 6.42 11.27 -29.11
CA MET A 6 6.34 10.36 -27.94
C MET A 6 5.10 10.57 -27.05
N ALA A 7 4.29 11.60 -27.30
CA ALA A 7 3.08 11.92 -26.53
C ALA A 7 1.85 11.12 -27.00
N THR A 8 1.98 9.80 -26.90
CA THR A 8 1.04 8.80 -27.44
C THR A 8 -0.24 8.64 -26.60
N GLU A 9 -0.15 8.93 -25.30
CA GLU A 9 -1.25 8.81 -24.32
C GLU A 9 -1.07 9.82 -23.18
N LEU A 10 -2.18 10.14 -22.49
CA LEU A 10 -2.22 10.90 -21.24
C LEU A 10 -1.85 10.02 -20.03
N GLU A 11 -0.68 9.38 -20.12
CA GLU A 11 -0.10 8.57 -19.04
C GLU A 11 0.68 9.47 -18.06
N TYR A 12 0.21 9.55 -16.81
CA TYR A 12 0.84 10.31 -15.73
C TYR A 12 0.52 9.73 -14.35
N GLU A 13 0.98 10.40 -13.29
CA GLU A 13 0.52 10.26 -11.92
C GLU A 13 0.97 11.49 -11.10
N SER A 14 0.07 12.02 -10.28
CA SER A 14 0.31 13.18 -9.41
C SER A 14 0.64 12.73 -8.00
N VAL A 15 1.76 13.19 -7.41
CA VAL A 15 2.20 12.72 -6.08
C VAL A 15 1.24 13.18 -4.97
N LEU A 16 0.95 12.28 -4.03
CA LEU A 16 0.07 12.49 -2.88
C LEU A 16 0.81 12.35 -1.54
N CYS A 17 1.64 11.31 -1.40
CA CYS A 17 2.43 11.04 -0.19
C CYS A 17 3.81 10.48 -0.52
N VAL A 18 4.75 10.68 0.40
CA VAL A 18 6.09 10.11 0.40
C VAL A 18 6.51 9.81 1.84
N LYS A 19 6.94 8.58 2.12
CA LYS A 19 7.48 8.20 3.44
C LYS A 19 8.91 7.64 3.40
N PRO A 20 9.76 8.04 4.38
CA PRO A 20 11.21 7.83 4.36
C PRO A 20 11.67 6.37 4.56
N ASP A 21 10.87 5.56 5.26
CA ASP A 21 11.19 4.18 5.59
C ASP A 21 9.92 3.32 5.65
N VAL A 22 9.92 2.19 4.93
CA VAL A 22 8.77 1.27 4.82
C VAL A 22 9.30 -0.15 4.57
N SER A 23 8.66 -1.16 5.16
CA SER A 23 9.08 -2.56 5.09
C SER A 23 7.95 -3.47 4.60
N VAL A 24 8.27 -4.47 3.79
CA VAL A 24 7.30 -5.29 3.04
C VAL A 24 7.34 -6.74 3.47
N TYR A 25 6.17 -7.35 3.58
CA TYR A 25 5.95 -8.76 3.88
C TYR A 25 5.15 -9.44 2.75
N ARG A 26 5.78 -10.24 1.89
CA ARG A 26 5.07 -11.20 1.01
C ARG A 26 4.21 -12.17 1.84
N ILE A 27 2.96 -12.37 1.42
CA ILE A 27 1.93 -13.16 2.15
C ILE A 27 1.33 -14.29 1.29
N PRO A 28 0.99 -15.46 1.89
CA PRO A 28 0.29 -16.54 1.18
C PRO A 28 -1.22 -16.31 0.88
N PRO A 29 -2.07 -15.76 1.79
CA PRO A 29 -3.51 -15.66 1.55
C PRO A 29 -3.92 -14.46 0.67
N ARG A 30 -5.11 -14.56 0.07
CA ARG A 30 -5.83 -13.47 -0.61
C ARG A 30 -7.02 -12.91 0.19
N ALA A 31 -7.60 -13.73 1.07
CA ALA A 31 -8.77 -13.38 1.87
C ALA A 31 -8.92 -14.36 3.03
N SER A 32 -8.57 -13.88 4.23
CA SER A 32 -8.86 -14.53 5.51
C SER A 32 -10.19 -14.04 6.09
N ASN A 33 -10.73 -14.80 7.04
CA ASN A 33 -12.03 -14.62 7.68
C ASN A 33 -12.23 -13.25 8.38
N ARG A 34 -11.15 -12.57 8.78
CA ARG A 34 -11.16 -11.21 9.38
C ARG A 34 -10.61 -10.12 8.46
N GLY A 35 -10.16 -10.49 7.27
CA GLY A 35 -9.42 -9.66 6.32
C GLY A 35 -8.15 -10.37 5.86
N TYR A 36 -7.04 -10.12 6.55
CA TYR A 36 -5.75 -10.80 6.31
C TYR A 36 -4.99 -11.22 7.57
N ARG A 37 -5.07 -10.40 8.63
CA ARG A 37 -4.34 -10.44 9.91
C ARG A 37 -2.83 -10.66 9.78
N ALA A 38 -2.01 -9.64 10.07
CA ALA A 38 -0.53 -9.74 10.06
C ALA A 38 0.02 -10.87 10.94
N SER A 39 -0.72 -11.25 11.98
CA SER A 39 -0.44 -12.35 12.90
C SER A 39 -0.50 -13.75 12.24
N ASP A 40 -1.23 -13.91 11.12
CA ASP A 40 -1.32 -15.18 10.37
C ASP A 40 -0.05 -15.49 9.54
N TRP A 41 0.59 -14.44 9.03
CA TRP A 41 1.79 -14.47 8.18
C TRP A 41 2.98 -13.80 8.89
N LYS A 42 3.93 -13.23 8.14
CA LYS A 42 5.14 -12.60 8.69
C LYS A 42 4.85 -11.22 9.25
N LEU A 43 4.89 -11.19 10.57
CA LEU A 43 4.46 -10.11 11.43
C LEU A 43 5.55 -9.04 11.68
N ASP A 44 6.84 -9.39 11.54
CA ASP A 44 7.95 -8.41 11.61
C ASP A 44 9.21 -8.83 10.82
N GLN A 45 9.08 -9.71 9.83
CA GLN A 45 10.21 -10.29 9.06
C GLN A 45 10.19 -9.87 7.58
N PRO A 46 10.88 -8.79 7.18
CA PRO A 46 10.72 -8.21 5.84
C PRO A 46 11.37 -9.03 4.72
N ASP A 47 10.73 -9.01 3.54
CA ASP A 47 11.29 -9.48 2.27
C ASP A 47 12.05 -8.37 1.53
N TRP A 48 11.59 -7.13 1.71
CA TRP A 48 12.14 -5.92 1.12
C TRP A 48 11.89 -4.72 2.03
N THR A 49 12.81 -3.74 2.03
CA THR A 49 12.62 -2.43 2.67
C THR A 49 13.16 -1.30 1.80
N GLY A 50 12.60 -0.11 1.95
CA GLY A 50 12.93 1.04 1.12
C GLY A 50 12.11 2.28 1.47
N ARG A 51 11.57 2.91 0.43
CA ARG A 51 10.87 4.21 0.45
C ARG A 51 9.47 4.08 -0.18
N LEU A 52 8.49 4.79 0.39
CA LEU A 52 7.12 4.85 -0.11
C LEU A 52 6.93 6.05 -1.04
N ARG A 53 6.22 5.86 -2.16
CA ARG A 53 5.43 6.91 -2.82
C ARG A 53 3.97 6.49 -2.90
N ILE A 54 3.08 7.45 -2.73
CA ILE A 54 1.68 7.36 -3.13
C ILE A 54 1.44 8.47 -4.15
N THR A 55 0.88 8.11 -5.28
CA THR A 55 0.57 9.03 -6.39
C THR A 55 -0.87 8.78 -6.86
N SER A 56 -1.40 9.59 -7.78
CA SER A 56 -2.71 9.39 -8.39
C SER A 56 -2.83 10.01 -9.78
N LYS A 57 -3.21 9.19 -10.75
CA LYS A 57 -3.61 9.62 -12.10
C LYS A 57 -5.13 9.93 -12.12
N GLY A 58 -5.48 10.99 -11.40
CA GLY A 58 -6.87 11.44 -11.18
C GLY A 58 -7.59 10.60 -10.13
N LYS A 59 -8.74 10.01 -10.48
CA LYS A 59 -9.60 9.13 -9.65
C LYS A 59 -9.03 7.72 -9.42
N THR A 60 -7.73 7.56 -9.65
CA THR A 60 -6.98 6.31 -9.42
C THR A 60 -5.69 6.63 -8.66
N ALA A 61 -5.54 6.12 -7.44
CA ALA A 61 -4.28 6.17 -6.68
C ALA A 61 -3.36 5.00 -7.07
N TYR A 62 -2.07 5.13 -6.80
CA TYR A 62 -1.08 4.08 -6.99
C TYR A 62 -0.12 4.09 -5.80
N ILE A 63 0.04 2.93 -5.15
CA ILE A 63 1.08 2.73 -4.13
C ILE A 63 2.33 2.26 -4.85
N LYS A 64 3.32 3.15 -5.02
CA LYS A 64 4.57 2.86 -5.76
C LYS A 64 5.77 2.85 -4.80
N LEU A 65 6.46 1.71 -4.73
CA LEU A 65 7.53 1.48 -3.76
C LEU A 65 8.90 1.64 -4.42
N GLU A 66 9.79 2.42 -3.81
CA GLU A 66 11.08 2.86 -4.36
C GLU A 66 12.27 2.41 -3.50
N ASP A 67 13.46 2.25 -4.11
CA ASP A 67 14.71 2.09 -3.38
C ASP A 67 15.03 3.38 -2.62
N LYS A 68 15.58 3.26 -1.40
CA LYS A 68 15.77 4.36 -0.45
C LYS A 68 16.82 5.38 -0.93
N VAL A 69 17.67 4.99 -1.88
CA VAL A 69 18.82 5.77 -2.36
C VAL A 69 18.90 5.89 -3.88
N SER A 70 18.41 4.90 -4.63
CA SER A 70 18.47 4.91 -6.10
C SER A 70 17.12 5.22 -6.75
N GLY A 71 16.04 5.27 -5.94
CA GLY A 71 14.68 5.56 -6.40
C GLY A 71 14.06 4.50 -7.33
N GLU A 72 14.68 3.32 -7.44
CA GLU A 72 14.27 2.27 -8.41
C GLU A 72 12.97 1.58 -7.96
N LEU A 73 12.04 1.31 -8.89
CA LEU A 73 10.73 0.73 -8.57
C LEU A 73 10.86 -0.74 -8.14
N PHE A 74 10.43 -1.04 -6.91
CA PHE A 74 10.27 -2.40 -6.39
C PHE A 74 8.94 -3.02 -6.83
N ALA A 75 7.83 -2.32 -6.59
CA ALA A 75 6.48 -2.75 -6.94
C ALA A 75 5.52 -1.55 -7.06
N GLN A 76 4.38 -1.76 -7.73
CA GLN A 76 3.28 -0.79 -7.81
C GLN A 76 1.91 -1.46 -7.70
N ALA A 77 1.02 -0.95 -6.83
CA ALA A 77 -0.36 -1.41 -6.69
C ALA A 77 -1.36 -0.32 -7.14
N PRO A 78 -2.20 -0.56 -8.16
CA PRO A 78 -3.24 0.38 -8.60
C PRO A 78 -4.48 0.30 -7.69
N VAL A 79 -4.89 1.44 -7.12
CA VAL A 79 -6.03 1.58 -6.20
C VAL A 79 -7.12 2.45 -6.82
N GLU A 80 -8.34 1.92 -6.93
CA GLU A 80 -9.51 2.60 -7.53
C GLU A 80 -10.69 2.68 -6.54
N GLN A 81 -10.50 2.25 -5.28
CA GLN A 81 -11.41 2.41 -4.16
C GLN A 81 -10.64 2.31 -2.83
N TYR A 82 -11.07 3.04 -1.81
CA TYR A 82 -10.51 2.95 -0.45
C TYR A 82 -11.60 2.84 0.65
N PRO A 83 -11.47 1.88 1.60
CA PRO A 83 -10.59 0.71 1.55
C PRO A 83 -11.01 -0.26 0.43
N GLY A 84 -10.14 -1.18 0.04
CA GLY A 84 -10.42 -2.14 -1.03
C GLY A 84 -9.46 -3.34 -1.08
N ILE A 85 -9.38 -3.99 -2.24
CA ILE A 85 -8.46 -5.11 -2.46
C ILE A 85 -7.02 -4.64 -2.68
N ALA A 86 -6.87 -3.42 -3.24
CA ALA A 86 -5.56 -2.88 -3.55
C ALA A 86 -4.88 -2.20 -2.35
N VAL A 87 -5.62 -1.75 -1.34
CA VAL A 87 -5.07 -1.32 -0.06
C VAL A 87 -6.09 -1.62 1.07
N GLU A 88 -5.65 -2.32 2.11
CA GLU A 88 -6.49 -2.78 3.24
C GLU A 88 -5.72 -2.73 4.58
N THR A 89 -6.42 -2.56 5.70
CA THR A 89 -5.86 -2.71 7.04
C THR A 89 -6.14 -4.12 7.56
N VAL A 90 -5.14 -4.99 7.39
CA VAL A 90 -4.90 -6.30 8.04
C VAL A 90 -6.06 -6.92 8.82
N THR A 91 -6.39 -6.35 9.98
CA THR A 91 -7.72 -6.41 10.62
C THR A 91 -8.10 -5.03 11.15
N ASP A 92 -7.18 -4.37 11.88
CA ASP A 92 -7.43 -3.04 12.46
C ASP A 92 -6.18 -2.23 12.81
N SER A 93 -5.23 -2.79 13.57
CA SER A 93 -3.95 -2.10 13.87
C SER A 93 -3.24 -1.68 12.60
N SER A 94 -3.01 -0.37 12.51
CA SER A 94 -2.70 0.31 11.28
C SER A 94 -1.23 0.67 11.13
N ARG A 95 -0.34 0.11 11.99
CA ARG A 95 1.10 -0.05 11.70
C ARG A 95 1.33 -0.92 10.46
N TYR A 96 0.37 -1.79 10.16
CA TYR A 96 0.37 -2.67 8.99
C TYR A 96 -0.74 -2.34 7.99
N PHE A 97 -0.51 -2.76 6.75
CA PHE A 97 -1.51 -2.82 5.68
C PHE A 97 -1.29 -4.07 4.82
N VAL A 98 -2.17 -4.29 3.85
CA VAL A 98 -1.99 -5.21 2.72
C VAL A 98 -2.31 -4.48 1.43
N ILE A 99 -1.49 -4.64 0.40
CA ILE A 99 -1.71 -4.09 -0.93
C ILE A 99 -1.59 -5.16 -2.03
N ARG A 100 -2.33 -4.97 -3.12
CA ARG A 100 -2.31 -5.85 -4.31
C ARG A 100 -1.48 -5.21 -5.42
N ILE A 101 -0.21 -5.58 -5.50
CA ILE A 101 0.76 -5.08 -6.50
C ILE A 101 0.65 -5.82 -7.84
N GLN A 102 1.05 -5.19 -8.93
CA GLN A 102 1.36 -5.86 -10.19
C GLN A 102 2.85 -6.19 -10.30
N ASP A 103 3.18 -7.31 -10.97
CA ASP A 103 4.56 -7.72 -11.26
C ASP A 103 5.12 -7.12 -12.56
N GLY A 104 4.32 -6.32 -13.28
CA GLY A 104 4.72 -5.60 -14.50
C GLY A 104 4.76 -6.45 -15.78
N THR A 105 4.18 -7.66 -15.76
CA THR A 105 4.20 -8.61 -16.89
C THR A 105 2.82 -9.26 -17.16
N GLY A 106 1.74 -8.54 -16.83
CA GLY A 106 0.34 -8.97 -17.03
C GLY A 106 -0.24 -9.75 -15.84
N ARG A 107 0.40 -9.66 -14.67
CA ARG A 107 0.09 -10.45 -13.46
C ARG A 107 0.23 -9.63 -12.17
N SER A 108 -0.18 -10.22 -11.04
CA SER A 108 -0.24 -9.53 -9.73
C SER A 108 0.01 -10.45 -8.52
N ALA A 109 0.33 -9.82 -7.38
CA ALA A 109 0.62 -10.46 -6.10
C ALA A 109 0.11 -9.62 -4.90
N PHE A 110 -0.18 -10.29 -3.79
CA PHE A 110 -0.46 -9.64 -2.50
C PHE A 110 0.81 -9.55 -1.64
N ILE A 111 1.06 -8.36 -1.07
CA ILE A 111 2.02 -8.15 0.00
C ILE A 111 1.36 -7.40 1.17
N GLY A 112 1.68 -7.82 2.38
CA GLY A 112 1.57 -7.01 3.58
C GLY A 112 2.65 -5.92 3.60
N ILE A 113 2.40 -4.87 4.37
CA ILE A 113 3.36 -3.81 4.69
C ILE A 113 3.44 -3.68 6.21
N GLY A 114 4.62 -3.38 6.75
CA GLY A 114 4.82 -2.86 8.11
C GLY A 114 5.66 -1.58 8.10
N PHE A 115 5.21 -0.58 8.84
CA PHE A 115 5.88 0.72 8.95
C PHE A 115 6.84 0.81 10.14
N THR A 116 7.70 1.84 10.09
CA THR A 116 8.64 2.19 11.17
C THR A 116 7.98 2.99 12.30
N ASP A 117 6.89 3.70 11.99
CA ASP A 117 6.10 4.52 12.93
C ASP A 117 4.59 4.36 12.68
N ARG A 118 3.79 4.26 13.76
CA ARG A 118 2.32 4.17 13.67
C ARG A 118 1.69 5.42 13.04
N GLY A 119 2.27 6.60 13.27
CA GLY A 119 1.83 7.86 12.67
C GLY A 119 2.16 7.95 11.18
N ASP A 120 3.31 7.42 10.74
CA ASP A 120 3.65 7.36 9.31
C ASP A 120 2.76 6.38 8.55
N ALA A 121 2.34 5.29 9.20
CA ALA A 121 1.37 4.33 8.67
C ALA A 121 -0.07 4.88 8.65
N PHE A 122 -0.49 5.58 9.70
CA PHE A 122 -1.78 6.27 9.73
C PHE A 122 -1.88 7.35 8.63
N ASP A 123 -0.74 7.95 8.25
CA ASP A 123 -0.66 8.92 7.15
C ASP A 123 -0.67 8.24 5.77
N PHE A 124 -0.15 7.00 5.64
CA PHE A 124 -0.37 6.14 4.47
C PHE A 124 -1.86 5.92 4.22
N ASN A 125 -2.62 5.59 5.27
CA ASN A 125 -4.07 5.38 5.20
C ASN A 125 -4.85 6.68 4.93
N VAL A 126 -4.62 7.75 5.68
CA VAL A 126 -5.44 8.96 5.57
C VAL A 126 -5.18 9.75 4.29
N SER A 127 -3.97 9.66 3.71
CA SER A 127 -3.71 10.18 2.35
C SER A 127 -4.63 9.54 1.30
N LEU A 128 -4.99 8.26 1.48
CA LEU A 128 -5.93 7.54 0.60
C LEU A 128 -7.39 7.82 0.98
N GLN A 129 -7.74 7.94 2.27
CA GLN A 129 -9.08 8.38 2.68
C GLN A 129 -9.43 9.73 2.04
N ASP A 130 -8.54 10.71 2.15
CA ASP A 130 -8.71 12.06 1.57
C ASP A 130 -8.53 12.11 0.05
N HIS A 131 -8.07 11.02 -0.57
CA HIS A 131 -8.06 10.88 -2.03
C HIS A 131 -9.42 10.39 -2.55
N PHE A 132 -10.08 9.46 -1.83
CA PHE A 132 -11.40 8.95 -2.22
C PHE A 132 -12.57 9.75 -1.64
N LYS A 133 -12.37 10.63 -0.64
CA LYS A 133 -13.45 11.43 -0.01
C LYS A 133 -14.20 12.36 -0.97
N TRP A 134 -13.56 12.79 -2.06
CA TRP A 134 -14.12 13.72 -3.05
C TRP A 134 -14.55 13.06 -4.38
N VAL A 135 -14.47 11.72 -4.45
CA VAL A 135 -14.82 10.88 -5.62
C VAL A 135 -15.64 9.65 -5.16
N LYS A 136 -15.85 8.65 -6.04
CA LYS A 136 -16.57 7.39 -5.76
C LYS A 136 -18.01 7.56 -5.25
N GLN A 137 -18.61 8.72 -5.50
CA GLN A 137 -19.91 9.17 -4.97
C GLN A 137 -20.04 9.08 -3.45
N GLU A 138 -18.92 9.22 -2.73
CA GLU A 138 -18.88 9.31 -1.25
C GLU A 138 -19.40 10.66 -0.69
N SER B 1 9.18 -15.51 27.42
CA SER B 1 7.82 -15.44 26.81
C SER B 1 7.91 -15.32 25.29
N GLN B 2 6.77 -15.49 24.59
CA GLN B 2 6.67 -15.46 23.11
C GLN B 2 5.63 -14.44 22.62
N ILE B 3 5.53 -13.30 23.31
CA ILE B 3 4.61 -12.19 22.98
C ILE B 3 5.13 -11.42 21.75
N THR B 4 4.24 -11.09 20.82
CA THR B 4 4.53 -10.39 19.55
C THR B 4 3.54 -9.27 19.24
N SER B 5 3.88 -8.38 18.31
CA SER B 5 3.15 -7.12 18.01
C SER B 5 1.90 -7.28 17.12
N GLN B 6 1.08 -8.27 17.47
CA GLN B 6 -0.10 -8.74 16.75
C GLN B 6 -1.16 -7.62 16.56
N VAL B 7 -1.94 -7.70 15.47
CA VAL B 7 -2.92 -6.67 15.08
C VAL B 7 -3.99 -6.50 16.17
N GLY B 9 -7.56 -5.46 17.98
CA GLY B 9 -8.98 -5.81 17.95
C GLY B 9 -9.75 -5.43 19.23
N GLN B 10 -9.02 -5.09 20.30
CA GLN B 10 -9.51 -4.72 21.63
C GLN B 10 -10.18 -3.33 21.71
N ILE B 11 -9.95 -2.45 20.74
CA ILE B 11 -10.48 -1.07 20.72
C ILE B 11 -11.30 -0.74 19.45
N GLY B 12 -10.88 -1.22 18.28
CA GLY B 12 -11.65 -1.14 17.03
C GLY B 12 -11.73 0.30 16.48
N TRP B 13 -10.60 0.84 16.04
CA TRP B 13 -10.39 2.29 15.88
C TRP B 13 -9.47 2.73 14.74
N ARG B 14 -9.57 4.03 14.40
CA ARG B 14 -8.56 4.83 13.66
C ARG B 14 -8.97 6.31 13.70
N ARG B 15 -10.23 6.61 13.38
CA ARG B 15 -10.92 7.90 13.56
C ARG B 15 -12.33 7.71 14.13
N GLY A 1 -0.81 8.98 -38.79
CA GLY A 1 -0.85 7.84 -37.86
C GLY A 1 0.43 7.75 -37.04
N SER A 2 0.31 7.36 -35.76
CA SER A 2 1.42 7.30 -34.78
C SER A 2 1.36 6.01 -33.94
N PRO A 3 2.51 5.48 -33.46
CA PRO A 3 2.55 4.25 -32.65
C PRO A 3 2.03 4.43 -31.21
N ASN A 4 1.97 5.67 -30.72
CA ASN A 4 1.41 6.08 -29.42
C ASN A 4 0.70 7.44 -29.55
N SER A 5 -0.19 7.77 -28.59
CA SER A 5 -0.94 9.03 -28.55
C SER A 5 -1.22 9.49 -27.11
N MET A 6 -1.33 10.81 -26.92
CA MET A 6 -1.77 11.46 -25.68
C MET A 6 -3.10 12.24 -25.85
N ALA A 7 -3.80 12.05 -26.97
CA ALA A 7 -5.07 12.73 -27.25
C ALA A 7 -6.29 12.11 -26.54
N THR A 8 -6.24 10.79 -26.26
CA THR A 8 -7.32 10.02 -25.62
C THR A 8 -7.16 9.88 -24.10
N GLU A 9 -5.92 10.00 -23.62
CA GLU A 9 -5.53 10.01 -22.20
C GLU A 9 -4.21 10.76 -22.03
N LEU A 10 -4.06 11.52 -20.94
CA LEU A 10 -2.88 12.37 -20.67
C LEU A 10 -1.72 11.62 -20.00
N GLU A 11 -1.98 10.38 -19.55
CA GLU A 11 -1.01 9.37 -19.10
C GLU A 11 0.01 9.91 -18.07
N TYR A 12 -0.51 10.65 -17.09
CA TYR A 12 0.22 11.31 -16.00
C TYR A 12 0.13 10.53 -14.68
N GLU A 13 0.60 11.12 -13.59
CA GLU A 13 0.24 10.81 -12.20
C GLU A 13 0.75 11.94 -11.29
N SER A 14 -0.13 12.46 -10.43
CA SER A 14 0.15 13.58 -9.53
C SER A 14 0.62 13.07 -8.16
N VAL A 15 1.65 13.66 -7.55
CA VAL A 15 2.17 13.19 -6.25
C VAL A 15 1.20 13.51 -5.09
N LEU A 16 1.00 12.55 -4.19
CA LEU A 16 0.15 12.66 -3.00
C LEU A 16 0.94 12.52 -1.70
N CYS A 17 1.83 11.53 -1.60
CA CYS A 17 2.60 11.26 -0.39
C CYS A 17 4.00 10.68 -0.67
N VAL A 18 4.90 10.89 0.29
CA VAL A 18 6.22 10.27 0.36
C VAL A 18 6.54 9.98 1.83
N LYS A 19 7.01 8.75 2.13
CA LYS A 19 7.52 8.37 3.46
C LYS A 19 8.93 7.78 3.43
N PRO A 20 9.77 8.11 4.43
CA PRO A 20 11.22 7.87 4.41
C PRO A 20 11.63 6.39 4.58
N ASP A 21 10.81 5.59 5.28
CA ASP A 21 11.07 4.17 5.55
C ASP A 21 9.76 3.37 5.52
N VAL A 22 9.78 2.20 4.87
CA VAL A 22 8.66 1.25 4.78
C VAL A 22 9.21 -0.17 4.59
N SER A 23 8.61 -1.15 5.26
CA SER A 23 9.01 -2.55 5.20
C SER A 23 7.89 -3.45 4.66
N VAL A 24 8.25 -4.48 3.88
CA VAL A 24 7.33 -5.38 3.18
C VAL A 24 7.58 -6.83 3.61
N TYR A 25 6.47 -7.55 3.84
CA TYR A 25 6.41 -8.84 4.51
C TYR A 25 5.67 -9.90 3.67
N ARG A 26 5.92 -9.92 2.34
CA ARG A 26 5.25 -10.70 1.26
C ARG A 26 4.57 -12.01 1.73
N ILE A 27 3.26 -12.11 1.50
CA ILE A 27 2.34 -12.99 2.24
C ILE A 27 1.80 -14.17 1.38
N PRO A 28 1.53 -15.35 1.98
CA PRO A 28 0.88 -16.46 1.29
C PRO A 28 -0.64 -16.30 0.98
N PRO A 29 -1.52 -15.81 1.90
CA PRO A 29 -2.97 -15.79 1.68
C PRO A 29 -3.46 -14.61 0.83
N ARG A 30 -4.69 -14.74 0.29
CA ARG A 30 -5.52 -13.67 -0.32
C ARG A 30 -6.77 -13.30 0.49
N ALA A 31 -7.25 -14.23 1.31
CA ALA A 31 -8.46 -14.08 2.11
C ALA A 31 -8.50 -15.23 3.14
N SER A 32 -8.01 -14.97 4.36
CA SER A 32 -7.75 -16.03 5.34
C SER A 32 -9.03 -16.47 6.08
N ASN A 33 -9.81 -15.51 6.59
CA ASN A 33 -11.10 -15.73 7.26
C ASN A 33 -11.88 -14.41 7.41
N ARG A 34 -11.53 -13.58 8.40
CA ARG A 34 -12.10 -12.22 8.58
C ARG A 34 -11.37 -11.17 7.75
N GLY A 35 -10.08 -11.42 7.54
CA GLY A 35 -9.19 -10.61 6.71
C GLY A 35 -7.86 -11.33 6.47
N TYR A 36 -6.75 -10.66 6.82
CA TYR A 36 -5.39 -11.14 6.56
C TYR A 36 -4.57 -11.39 7.83
N ARG A 37 -4.74 -10.54 8.85
CA ARG A 37 -3.93 -10.36 10.07
C ARG A 37 -2.40 -10.35 9.86
N ALA A 38 -1.72 -9.23 10.12
CA ALA A 38 -0.24 -9.18 10.16
C ALA A 38 0.35 -10.24 11.11
N SER A 39 -0.40 -10.53 12.18
CA SER A 39 -0.18 -11.57 13.19
C SER A 39 -0.12 -13.02 12.66
N ASP A 40 -0.70 -13.32 11.49
CA ASP A 40 -0.74 -14.67 10.90
C ASP A 40 0.49 -14.99 10.02
N TRP A 41 1.10 -13.94 9.46
CA TRP A 41 2.34 -13.98 8.67
C TRP A 41 3.48 -13.28 9.45
N LYS A 42 4.54 -12.87 8.76
CA LYS A 42 5.68 -12.16 9.36
C LYS A 42 5.31 -10.74 9.75
N LEU A 43 5.33 -10.52 11.05
CA LEU A 43 5.02 -9.26 11.71
C LEU A 43 6.25 -8.39 11.98
N ASP A 44 7.42 -9.01 12.20
CA ASP A 44 8.68 -8.36 12.60
C ASP A 44 9.89 -8.80 11.75
N GLN A 45 9.67 -9.66 10.74
CA GLN A 45 10.68 -10.30 9.90
C GLN A 45 10.53 -9.84 8.42
N PRO A 46 11.01 -8.65 8.02
CA PRO A 46 10.80 -8.12 6.67
C PRO A 46 11.57 -8.89 5.60
N ASP A 47 10.99 -8.96 4.40
CA ASP A 47 11.60 -9.58 3.21
C ASP A 47 12.20 -8.54 2.25
N TRP A 48 11.71 -7.30 2.31
CA TRP A 48 12.24 -6.11 1.63
C TRP A 48 11.98 -4.85 2.48
N THR A 49 12.86 -3.86 2.45
CA THR A 49 12.58 -2.50 2.94
C THR A 49 13.11 -1.43 1.99
N GLY A 50 12.50 -0.26 2.06
CA GLY A 50 12.79 0.87 1.19
C GLY A 50 12.04 2.12 1.61
N ARG A 51 11.49 2.81 0.61
CA ARG A 51 10.88 4.14 0.65
C ARG A 51 9.49 4.09 0.02
N LEU A 52 8.55 4.88 0.53
CA LEU A 52 7.19 4.96 0.00
C LEU A 52 7.04 6.16 -0.93
N ARG A 53 6.37 5.97 -2.08
CA ARG A 53 5.73 7.02 -2.87
C ARG A 53 4.25 6.67 -3.07
N ILE A 54 3.38 7.68 -2.99
CA ILE A 54 1.97 7.58 -3.41
C ILE A 54 1.68 8.69 -4.40
N THR A 55 1.10 8.32 -5.54
CA THR A 55 0.72 9.19 -6.65
C THR A 55 -0.74 8.93 -7.07
N SER A 56 -1.32 9.74 -7.94
CA SER A 56 -2.66 9.54 -8.51
C SER A 56 -2.87 10.17 -9.88
N LYS A 57 -3.27 9.37 -10.85
CA LYS A 57 -3.81 9.78 -12.15
C LYS A 57 -5.34 9.80 -12.09
N GLY A 58 -5.90 10.88 -11.58
CA GLY A 58 -7.35 11.11 -11.40
C GLY A 58 -7.90 10.35 -10.20
N LYS A 59 -9.08 9.73 -10.35
CA LYS A 59 -9.73 8.86 -9.33
C LYS A 59 -9.09 7.46 -9.24
N THR A 60 -7.76 7.42 -9.30
CA THR A 60 -6.93 6.22 -9.22
C THR A 60 -5.59 6.62 -8.60
N ALA A 61 -5.32 6.14 -7.40
CA ALA A 61 -4.00 6.27 -6.79
C ALA A 61 -3.12 5.06 -7.16
N TYR A 62 -1.80 5.23 -7.03
CA TYR A 62 -0.80 4.23 -7.33
C TYR A 62 0.18 4.24 -6.16
N ILE A 63 0.18 3.17 -5.36
CA ILE A 63 1.23 2.96 -4.38
C ILE A 63 2.46 2.55 -5.18
N LYS A 64 3.53 3.35 -5.13
CA LYS A 64 4.83 3.09 -5.76
C LYS A 64 5.90 2.89 -4.68
N LEU A 65 6.40 1.66 -4.53
CA LEU A 65 7.44 1.33 -3.56
C LEU A 65 8.82 1.50 -4.19
N GLU A 66 9.69 2.26 -3.54
CA GLU A 66 10.99 2.72 -4.05
C GLU A 66 12.16 2.18 -3.22
N ASP A 67 13.36 2.01 -3.78
CA ASP A 67 14.53 1.60 -3.02
C ASP A 67 15.12 2.76 -2.20
N LYS A 68 15.77 2.45 -1.07
CA LYS A 68 16.23 3.43 -0.07
C LYS A 68 17.48 4.23 -0.48
N VAL A 69 18.07 3.93 -1.64
CA VAL A 69 19.36 4.45 -2.11
C VAL A 69 19.22 5.26 -3.40
N SER A 70 18.41 4.77 -4.37
CA SER A 70 18.31 5.37 -5.70
C SER A 70 16.87 5.73 -6.10
N GLY A 71 15.86 5.31 -5.33
CA GLY A 71 14.45 5.59 -5.62
C GLY A 71 13.85 4.74 -6.75
N GLU A 72 14.49 3.63 -7.14
CA GLU A 72 14.04 2.73 -8.20
C GLU A 72 12.89 1.82 -7.74
N LEU A 73 12.03 1.40 -8.67
CA LEU A 73 10.76 0.74 -8.35
C LEU A 73 10.94 -0.73 -7.92
N PHE A 74 10.44 -1.07 -6.73
CA PHE A 74 10.29 -2.44 -6.21
C PHE A 74 8.98 -3.08 -6.69
N ALA A 75 7.85 -2.40 -6.47
CA ALA A 75 6.51 -2.81 -6.88
C ALA A 75 5.58 -1.59 -7.00
N GLN A 76 4.46 -1.75 -7.71
CA GLN A 76 3.37 -0.76 -7.68
C GLN A 76 1.96 -1.38 -7.67
N ALA A 77 1.04 -0.73 -6.97
CA ALA A 77 -0.36 -1.16 -6.78
C ALA A 77 -1.36 -0.06 -7.21
N PRO A 78 -2.12 -0.23 -8.30
CA PRO A 78 -3.21 0.68 -8.67
C PRO A 78 -4.47 0.48 -7.81
N VAL A 79 -5.08 1.57 -7.32
CA VAL A 79 -6.33 1.55 -6.51
C VAL A 79 -7.41 2.47 -7.06
N GLU A 80 -8.64 1.97 -7.16
CA GLU A 80 -9.80 2.71 -7.68
C GLU A 80 -10.90 2.94 -6.62
N GLN A 81 -10.72 2.41 -5.41
CA GLN A 81 -11.64 2.52 -4.27
C GLN A 81 -10.91 2.25 -2.94
N TYR A 82 -11.27 2.97 -1.88
CA TYR A 82 -10.74 2.75 -0.53
C TYR A 82 -11.84 2.78 0.55
N PRO A 83 -11.98 1.75 1.42
CA PRO A 83 -11.30 0.44 1.39
C PRO A 83 -11.55 -0.38 0.12
N GLY A 84 -10.64 -1.31 -0.20
CA GLY A 84 -10.77 -2.22 -1.34
C GLY A 84 -9.75 -3.37 -1.33
N ILE A 85 -9.60 -4.06 -2.47
CA ILE A 85 -8.63 -5.16 -2.65
C ILE A 85 -7.21 -4.63 -2.85
N ALA A 86 -7.07 -3.40 -3.33
CA ALA A 86 -5.78 -2.79 -3.60
C ALA A 86 -5.11 -2.13 -2.40
N VAL A 87 -5.86 -1.93 -1.31
CA VAL A 87 -5.34 -1.54 0.00
C VAL A 87 -6.36 -1.90 1.09
N GLU A 88 -5.96 -2.79 1.98
CA GLU A 88 -6.76 -3.34 3.08
C GLU A 88 -6.02 -3.25 4.41
N THR A 89 -6.75 -3.15 5.52
CA THR A 89 -6.18 -3.10 6.88
C THR A 89 -6.37 -4.46 7.55
N VAL A 90 -5.38 -5.31 7.30
CA VAL A 90 -4.99 -6.53 8.04
C VAL A 90 -6.09 -7.21 8.88
N THR A 91 -6.42 -6.62 10.02
CA THR A 91 -7.74 -6.77 10.68
C THR A 91 -8.29 -5.44 11.16
N ASP A 92 -7.46 -4.63 11.84
CA ASP A 92 -7.92 -3.42 12.53
C ASP A 92 -6.84 -2.34 12.69
N SER A 93 -5.76 -2.62 13.44
CA SER A 93 -4.58 -1.75 13.46
C SER A 93 -4.08 -1.34 12.09
N SER A 94 -3.72 -0.07 11.99
CA SER A 94 -3.24 0.55 10.77
C SER A 94 -1.78 0.99 10.88
N ARG A 95 -0.97 0.23 11.65
CA ARG A 95 0.50 0.10 11.47
C ARG A 95 0.86 -0.72 10.23
N TYR A 96 -0.04 -1.62 9.83
CA TYR A 96 0.13 -2.58 8.74
C TYR A 96 -1.01 -2.47 7.71
N PHE A 97 -0.74 -2.94 6.49
CA PHE A 97 -1.71 -3.03 5.39
C PHE A 97 -1.44 -4.26 4.52
N VAL A 98 -2.35 -4.55 3.59
CA VAL A 98 -2.12 -5.44 2.45
C VAL A 98 -2.52 -4.71 1.17
N ILE A 99 -1.68 -4.75 0.13
CA ILE A 99 -1.98 -4.15 -1.18
C ILE A 99 -1.81 -5.17 -2.33
N ARG A 100 -2.57 -4.99 -3.41
CA ARG A 100 -2.42 -5.76 -4.66
C ARG A 100 -1.49 -5.04 -5.63
N ILE A 101 -0.31 -5.59 -5.87
CA ILE A 101 0.69 -5.06 -6.80
C ILE A 101 0.64 -5.76 -8.16
N GLN A 102 0.95 -5.05 -9.23
CA GLN A 102 1.18 -5.66 -10.56
C GLN A 102 2.56 -6.33 -10.62
N ASP A 103 2.67 -7.49 -11.28
CA ASP A 103 3.95 -8.12 -11.62
C ASP A 103 4.54 -7.61 -12.96
N GLY A 104 3.84 -6.70 -13.64
CA GLY A 104 4.26 -6.05 -14.89
C GLY A 104 4.08 -6.89 -16.17
N THR A 105 3.31 -7.99 -16.09
CA THR A 105 3.09 -8.93 -17.21
C THR A 105 1.61 -9.38 -17.35
N GLY A 106 0.68 -8.50 -16.96
CA GLY A 106 -0.77 -8.70 -17.05
C GLY A 106 -1.37 -9.44 -15.85
N ARG A 107 -0.64 -9.47 -14.73
CA ARG A 107 -0.95 -10.24 -13.51
C ARG A 107 -0.55 -9.52 -12.23
N SER A 108 -1.12 -9.94 -11.10
CA SER A 108 -0.93 -9.27 -9.80
C SER A 108 -0.60 -10.24 -8.64
N ALA A 109 -0.02 -9.69 -7.58
CA ALA A 109 0.33 -10.36 -6.33
C ALA A 109 -0.09 -9.53 -5.10
N PHE A 110 -0.36 -10.17 -3.97
CA PHE A 110 -0.66 -9.48 -2.71
C PHE A 110 0.58 -9.41 -1.81
N ILE A 111 0.90 -8.21 -1.31
CA ILE A 111 1.95 -7.99 -0.29
C ILE A 111 1.40 -7.37 0.98
N GLY A 112 1.85 -7.88 2.13
CA GLY A 112 1.67 -7.26 3.43
C GLY A 112 2.76 -6.21 3.68
N ILE A 113 2.38 -5.07 4.25
CA ILE A 113 3.27 -3.95 4.55
C ILE A 113 3.25 -3.68 6.07
N GLY A 114 4.37 -3.26 6.64
CA GLY A 114 4.47 -2.69 7.98
C GLY A 114 5.46 -1.53 8.03
N PHE A 115 5.09 -0.43 8.66
CA PHE A 115 5.95 0.75 8.82
C PHE A 115 6.72 0.74 10.14
N THR A 116 7.80 1.52 10.19
CA THR A 116 8.64 1.71 11.39
C THR A 116 7.95 2.56 12.46
N ASP A 117 6.98 3.39 12.05
CA ASP A 117 6.17 4.25 12.91
C ASP A 117 4.65 4.06 12.67
N ARG A 118 3.85 4.02 13.75
CA ARG A 118 2.39 3.93 13.71
C ARG A 118 1.75 5.11 12.95
N GLY A 119 2.34 6.30 13.07
CA GLY A 119 1.91 7.52 12.37
C GLY A 119 2.28 7.54 10.88
N ASP A 120 3.40 6.91 10.49
CA ASP A 120 3.79 6.83 9.07
C ASP A 120 2.84 5.91 8.28
N ALA A 121 2.38 4.83 8.91
CA ALA A 121 1.32 3.97 8.36
C ALA A 121 -0.08 4.63 8.44
N PHE A 122 -0.38 5.39 9.50
CA PHE A 122 -1.63 6.14 9.57
C PHE A 122 -1.71 7.23 8.48
N ASP A 123 -0.57 7.82 8.08
CA ASP A 123 -0.47 8.73 6.94
C ASP A 123 -0.64 7.98 5.60
N PHE A 124 -0.19 6.72 5.49
CA PHE A 124 -0.43 5.89 4.31
C PHE A 124 -1.94 5.67 4.09
N ASN A 125 -2.71 5.46 5.16
CA ASN A 125 -4.18 5.46 5.14
C ASN A 125 -4.75 6.84 4.76
N VAL A 126 -4.38 7.91 5.48
CA VAL A 126 -4.98 9.26 5.28
C VAL A 126 -4.69 9.81 3.87
N SER A 127 -3.55 9.48 3.28
CA SER A 127 -3.19 9.82 1.88
C SER A 127 -4.18 9.26 0.86
N LEU A 128 -4.85 8.15 1.18
CA LEU A 128 -5.89 7.55 0.33
C LEU A 128 -7.30 7.98 0.76
N GLN A 129 -7.56 8.15 2.05
CA GLN A 129 -8.85 8.71 2.54
C GLN A 129 -9.12 10.07 1.90
N ASP A 130 -8.16 10.99 1.98
CA ASP A 130 -8.25 12.35 1.41
C ASP A 130 -8.08 12.39 -0.12
N HIS A 131 -7.74 11.27 -0.74
CA HIS A 131 -7.76 11.11 -2.21
C HIS A 131 -9.15 10.72 -2.71
N PHE A 132 -9.88 9.85 -2.00
CA PHE A 132 -11.23 9.47 -2.38
C PHE A 132 -12.34 10.36 -1.76
N LYS A 133 -12.05 11.18 -0.73
CA LYS A 133 -13.07 12.01 -0.03
C LYS A 133 -13.80 13.02 -0.94
N TRP A 134 -13.14 13.51 -1.98
CA TRP A 134 -13.68 14.53 -2.92
C TRP A 134 -14.26 13.93 -4.22
N VAL A 135 -14.33 12.59 -4.29
CA VAL A 135 -14.81 11.77 -5.43
C VAL A 135 -15.68 10.61 -4.90
N LYS A 136 -15.92 9.57 -5.72
CA LYS A 136 -16.64 8.34 -5.37
C LYS A 136 -18.09 8.54 -4.89
N GLN A 137 -18.68 9.68 -5.26
CA GLN A 137 -20.00 10.17 -4.82
C GLN A 137 -20.18 10.21 -3.29
N GLU A 138 -19.08 10.41 -2.56
CA GLU A 138 -19.06 10.58 -1.10
C GLU A 138 -19.48 11.99 -0.63
N SER B 1 6.51 -6.13 27.38
CA SER B 1 7.36 -5.33 26.48
C SER B 1 6.58 -4.19 25.83
N GLN B 2 7.28 -3.12 25.45
CA GLN B 2 6.73 -2.00 24.64
C GLN B 2 6.74 -2.29 23.13
N ILE B 3 7.47 -3.33 22.69
CA ILE B 3 7.55 -3.75 21.27
C ILE B 3 6.26 -4.48 20.87
N THR B 4 5.76 -4.22 19.65
CA THR B 4 4.54 -4.83 19.10
C THR B 4 4.71 -6.32 18.81
N SER B 5 3.60 -7.05 18.83
CA SER B 5 3.53 -8.50 18.51
C SER B 5 2.21 -9.00 17.91
N GLN B 6 1.43 -8.05 17.42
CA GLN B 6 0.10 -8.23 16.81
C GLN B 6 -0.41 -7.01 16.00
N VAL B 7 -1.46 -7.21 15.20
CA VAL B 7 -2.45 -6.16 14.89
C VAL B 7 -3.19 -5.81 16.20
N GLY B 9 -6.44 -4.48 18.19
CA GLY B 9 -7.89 -4.70 18.15
C GLY B 9 -8.61 -4.31 19.45
N GLN B 10 -7.85 -4.10 20.53
CA GLN B 10 -8.29 -3.72 21.88
C GLN B 10 -8.80 -2.28 22.03
N ILE B 11 -8.50 -1.38 21.06
CA ILE B 11 -8.79 0.07 21.17
C ILE B 11 -9.27 0.72 19.86
N GLY B 12 -8.79 0.26 18.71
CA GLY B 12 -9.23 0.73 17.38
C GLY B 12 -8.70 2.12 16.98
N TRP B 13 -7.49 2.46 17.44
CA TRP B 13 -6.91 3.80 17.39
C TRP B 13 -5.95 4.03 16.21
N ARG B 14 -5.07 5.02 16.36
CA ARG B 14 -4.60 5.92 15.29
C ARG B 14 -3.09 6.17 15.39
N ARG B 15 -2.59 7.25 14.75
CA ARG B 15 -1.22 7.77 14.92
C ARG B 15 -0.86 8.07 16.38
N GLY A 1 20.34 8.79 -33.05
CA GLY A 1 19.49 7.63 -32.74
C GLY A 1 18.13 8.05 -32.18
N SER A 2 17.15 7.14 -32.22
CA SER A 2 15.78 7.37 -31.74
C SER A 2 15.69 7.56 -30.21
N PRO A 3 14.71 8.34 -29.71
CA PRO A 3 14.48 8.51 -28.26
C PRO A 3 13.94 7.23 -27.59
N ASN A 4 13.96 7.20 -26.25
CA ASN A 4 13.53 6.04 -25.46
C ASN A 4 12.01 5.76 -25.50
N SER A 5 11.20 6.75 -25.89
CA SER A 5 9.74 6.66 -26.04
C SER A 5 9.29 7.27 -27.38
N MET A 6 8.42 6.57 -28.11
CA MET A 6 8.00 6.91 -29.48
C MET A 6 6.55 7.43 -29.57
N ALA A 7 5.84 7.54 -28.45
CA ALA A 7 4.47 8.06 -28.37
C ALA A 7 4.34 9.09 -27.23
N THR A 8 3.95 10.32 -27.57
CA THR A 8 3.77 11.46 -26.65
C THR A 8 2.42 11.41 -25.92
N GLU A 9 2.14 10.29 -25.26
CA GLU A 9 0.88 10.04 -24.54
C GLU A 9 0.77 10.87 -23.25
N LEU A 10 -0.45 11.25 -22.90
CA LEU A 10 -0.83 11.98 -21.67
C LEU A 10 -0.89 11.08 -20.42
N GLU A 11 -0.05 10.04 -20.35
CA GLU A 11 0.07 9.13 -19.21
C GLU A 11 0.79 9.83 -18.04
N TYR A 12 0.23 9.78 -16.82
CA TYR A 12 0.81 10.42 -15.63
C TYR A 12 0.43 9.72 -14.32
N GLU A 13 0.96 10.25 -13.21
CA GLU A 13 0.50 10.04 -11.83
C GLU A 13 1.13 11.14 -10.95
N SER A 14 0.33 11.73 -10.07
CA SER A 14 0.69 12.88 -9.22
C SER A 14 0.94 12.48 -7.76
N VAL A 15 2.08 12.87 -7.17
CA VAL A 15 2.44 12.47 -5.80
C VAL A 15 1.46 13.00 -4.74
N LEU A 16 1.06 12.11 -3.81
CA LEU A 16 0.17 12.41 -2.69
C LEU A 16 0.88 12.29 -1.34
N CYS A 17 1.66 11.21 -1.15
CA CYS A 17 2.40 10.92 0.07
C CYS A 17 3.73 10.23 -0.23
N VAL A 18 4.79 10.66 0.45
CA VAL A 18 6.10 10.00 0.48
C VAL A 18 6.44 9.67 1.94
N LYS A 19 6.98 8.47 2.20
CA LYS A 19 7.55 8.10 3.51
C LYS A 19 8.97 7.51 3.42
N PRO A 20 9.90 7.94 4.30
CA PRO A 20 11.34 7.73 4.14
C PRO A 20 11.81 6.30 4.47
N ASP A 21 11.07 5.55 5.28
CA ASP A 21 11.40 4.19 5.70
C ASP A 21 10.14 3.33 5.84
N VAL A 22 10.09 2.22 5.10
CA VAL A 22 8.98 1.26 5.07
C VAL A 22 9.54 -0.15 4.77
N SER A 23 8.86 -1.19 5.26
CA SER A 23 9.23 -2.60 5.10
C SER A 23 8.08 -3.43 4.52
N VAL A 24 8.40 -4.51 3.81
CA VAL A 24 7.43 -5.34 3.08
C VAL A 24 7.58 -6.83 3.41
N TYR A 25 6.44 -7.50 3.53
CA TYR A 25 6.31 -8.95 3.67
C TYR A 25 5.39 -9.49 2.56
N ARG A 26 5.91 -10.19 1.56
CA ARG A 26 5.10 -11.01 0.62
C ARG A 26 4.29 -12.08 1.38
N ILE A 27 3.00 -12.25 1.05
CA ILE A 27 2.05 -13.09 1.83
C ILE A 27 1.37 -14.19 0.97
N PRO A 28 1.12 -15.40 1.51
CA PRO A 28 0.38 -16.44 0.82
C PRO A 28 -1.17 -16.28 0.73
N PRO A 29 -1.92 -15.79 1.75
CA PRO A 29 -3.39 -15.70 1.69
C PRO A 29 -3.89 -14.52 0.85
N ARG A 30 -5.18 -14.56 0.50
CA ARG A 30 -5.95 -13.48 -0.16
C ARG A 30 -7.21 -13.03 0.58
N ALA A 31 -7.81 -13.90 1.39
CA ALA A 31 -9.05 -13.61 2.10
C ALA A 31 -9.30 -14.60 3.26
N SER A 32 -9.05 -14.12 4.48
CA SER A 32 -9.71 -14.60 5.71
C SER A 32 -11.06 -13.87 5.88
N ASN A 33 -11.99 -14.43 6.67
CA ASN A 33 -13.20 -13.70 7.07
C ASN A 33 -12.88 -12.51 7.99
N ARG A 34 -11.69 -12.49 8.60
CA ARG A 34 -11.14 -11.37 9.39
C ARG A 34 -10.49 -10.29 8.52
N GLY A 35 -10.19 -10.63 7.26
CA GLY A 35 -9.42 -9.82 6.34
C GLY A 35 -8.14 -10.55 5.92
N TYR A 36 -7.00 -10.17 6.52
CA TYR A 36 -5.67 -10.78 6.26
C TYR A 36 -4.87 -11.16 7.49
N ARG A 37 -5.06 -10.45 8.62
CA ARG A 37 -4.34 -10.52 9.90
C ARG A 37 -2.82 -10.67 9.77
N ALA A 38 -2.06 -9.59 10.03
CA ALA A 38 -0.59 -9.61 10.01
C ALA A 38 0.02 -10.75 10.85
N SER A 39 -0.64 -11.05 11.98
CA SER A 39 -0.29 -12.14 12.92
C SER A 39 -0.36 -13.55 12.29
N ASP A 40 -1.01 -13.72 11.13
CA ASP A 40 -1.10 -14.99 10.40
C ASP A 40 0.11 -15.25 9.46
N TRP A 41 0.94 -14.23 9.18
CA TRP A 41 2.14 -14.29 8.35
C TRP A 41 3.33 -13.62 9.07
N LYS A 42 4.45 -13.40 8.38
CA LYS A 42 5.61 -12.66 8.92
C LYS A 42 5.24 -11.19 9.16
N LEU A 43 5.18 -10.77 10.43
CA LEU A 43 4.97 -9.36 10.84
C LEU A 43 6.19 -8.69 11.50
N ASP A 44 7.37 -9.35 11.47
CA ASP A 44 8.64 -8.83 12.01
C ASP A 44 9.89 -9.28 11.19
N GLN A 45 9.68 -9.90 10.02
CA GLN A 45 10.74 -10.48 9.17
C GLN A 45 10.56 -10.05 7.70
N PRO A 46 10.97 -8.82 7.34
CA PRO A 46 10.75 -8.26 6.00
C PRO A 46 11.60 -8.96 4.91
N ASP A 47 11.04 -9.05 3.70
CA ASP A 47 11.71 -9.55 2.50
C ASP A 47 12.33 -8.40 1.66
N TRP A 48 11.79 -7.18 1.82
CA TRP A 48 12.27 -5.95 1.22
C TRP A 48 12.08 -4.75 2.16
N THR A 49 12.97 -3.76 2.08
CA THR A 49 12.87 -2.46 2.77
C THR A 49 13.34 -1.32 1.86
N GLY A 50 12.77 -0.14 2.07
CA GLY A 50 13.02 1.03 1.23
C GLY A 50 12.13 2.22 1.58
N ARG A 51 11.55 2.81 0.53
CA ARG A 51 10.78 4.08 0.55
C ARG A 51 9.36 3.88 -0.01
N LEU A 52 8.39 4.58 0.55
CA LEU A 52 7.03 4.68 0.02
C LEU A 52 6.90 5.94 -0.85
N ARG A 53 6.26 5.84 -2.03
CA ARG A 53 5.72 7.01 -2.74
C ARG A 53 4.35 6.71 -3.36
N ILE A 54 3.29 7.16 -2.69
CA ILE A 54 1.92 7.12 -3.16
C ILE A 54 1.71 8.22 -4.19
N THR A 55 1.20 7.86 -5.37
CA THR A 55 0.88 8.76 -6.48
C THR A 55 -0.56 8.56 -6.96
N SER A 56 -1.08 9.42 -7.85
CA SER A 56 -2.45 9.31 -8.35
C SER A 56 -2.68 9.95 -9.73
N LYS A 57 -3.28 9.18 -10.64
CA LYS A 57 -3.79 9.61 -11.94
C LYS A 57 -5.32 9.72 -11.89
N GLY A 58 -5.80 10.90 -11.49
CA GLY A 58 -7.22 11.22 -11.30
C GLY A 58 -7.83 10.46 -10.11
N LYS A 59 -8.95 9.77 -10.33
CA LYS A 59 -9.59 8.85 -9.36
C LYS A 59 -8.71 7.66 -8.97
N THR A 60 -7.66 7.39 -9.71
CA THR A 60 -6.83 6.21 -9.47
C THR A 60 -5.58 6.55 -8.66
N ALA A 61 -5.46 6.01 -7.45
CA ALA A 61 -4.21 6.04 -6.69
C ALA A 61 -3.30 4.87 -7.08
N TYR A 62 -1.99 5.03 -6.87
CA TYR A 62 -0.96 4.03 -7.11
C TYR A 62 -0.03 4.00 -5.90
N ILE A 63 -0.06 2.90 -5.15
CA ILE A 63 0.89 2.67 -4.05
C ILE A 63 2.20 2.19 -4.67
N LYS A 64 3.19 3.08 -4.83
CA LYS A 64 4.51 2.70 -5.36
C LYS A 64 5.53 2.60 -4.24
N LEU A 65 6.43 1.63 -4.39
CA LEU A 65 7.50 1.31 -3.43
C LEU A 65 8.84 1.40 -4.16
N GLU A 66 9.80 2.11 -3.57
CA GLU A 66 11.00 2.61 -4.24
C GLU A 66 12.26 2.39 -3.41
N ASP A 67 13.44 2.34 -4.04
CA ASP A 67 14.71 2.23 -3.32
C ASP A 67 14.99 3.55 -2.54
N LYS A 68 15.54 3.42 -1.34
CA LYS A 68 15.72 4.53 -0.39
C LYS A 68 16.72 5.58 -0.88
N VAL A 69 17.58 5.22 -1.84
CA VAL A 69 18.68 6.04 -2.33
C VAL A 69 18.74 6.18 -3.85
N SER A 70 18.26 5.19 -4.60
CA SER A 70 18.27 5.21 -6.07
C SER A 70 16.89 5.45 -6.67
N GLY A 71 15.83 5.46 -5.84
CA GLY A 71 14.44 5.66 -6.27
C GLY A 71 13.87 4.58 -7.20
N GLU A 72 14.53 3.43 -7.31
CA GLU A 72 14.17 2.38 -8.28
C GLU A 72 12.89 1.63 -7.85
N LEU A 73 11.97 1.39 -8.80
CA LEU A 73 10.66 0.81 -8.53
C LEU A 73 10.78 -0.67 -8.12
N PHE A 74 10.32 -0.99 -6.91
CA PHE A 74 10.22 -2.35 -6.36
C PHE A 74 8.88 -3.00 -6.74
N ALA A 75 7.77 -2.32 -6.42
CA ALA A 75 6.41 -2.72 -6.79
C ALA A 75 5.47 -1.52 -6.89
N GLN A 76 4.34 -1.71 -7.59
CA GLN A 76 3.24 -0.74 -7.66
C GLN A 76 1.87 -1.45 -7.61
N ALA A 77 0.94 -0.95 -6.79
CA ALA A 77 -0.45 -1.42 -6.72
C ALA A 77 -1.44 -0.34 -7.16
N PRO A 78 -2.25 -0.54 -8.23
CA PRO A 78 -3.30 0.39 -8.63
C PRO A 78 -4.54 0.25 -7.72
N VAL A 79 -4.96 1.36 -7.11
CA VAL A 79 -6.13 1.48 -6.23
C VAL A 79 -7.18 2.36 -6.89
N GLU A 80 -8.41 1.85 -7.06
CA GLU A 80 -9.54 2.56 -7.68
C GLU A 80 -10.68 2.85 -6.68
N GLN A 81 -10.54 2.37 -5.44
CA GLN A 81 -11.48 2.54 -4.33
C GLN A 81 -10.75 2.37 -2.98
N TYR A 82 -11.11 3.17 -1.98
CA TYR A 82 -10.59 3.07 -0.62
C TYR A 82 -11.73 3.02 0.44
N PRO A 83 -11.70 2.06 1.38
CA PRO A 83 -10.89 0.83 1.37
C PRO A 83 -11.29 -0.10 0.21
N GLY A 84 -10.43 -1.08 -0.13
CA GLY A 84 -10.68 -2.06 -1.18
C GLY A 84 -9.77 -3.29 -1.12
N ILE A 85 -9.59 -3.98 -2.25
CA ILE A 85 -8.65 -5.11 -2.37
C ILE A 85 -7.22 -4.63 -2.59
N ALA A 86 -7.04 -3.48 -3.22
CA ALA A 86 -5.73 -2.97 -3.56
C ALA A 86 -4.98 -2.34 -2.40
N VAL A 87 -5.69 -1.89 -1.35
CA VAL A 87 -5.11 -1.46 -0.08
C VAL A 87 -6.10 -1.80 1.07
N GLU A 88 -5.62 -2.49 2.11
CA GLU A 88 -6.40 -2.96 3.26
C GLU A 88 -5.60 -2.89 4.57
N THR A 89 -6.29 -2.77 5.71
CA THR A 89 -5.70 -2.73 7.05
C THR A 89 -5.99 -4.03 7.80
N VAL A 90 -5.31 -5.07 7.33
CA VAL A 90 -5.03 -6.35 8.01
C VAL A 90 -6.17 -7.00 8.81
N THR A 91 -6.50 -6.44 9.97
CA THR A 91 -7.81 -6.60 10.63
C THR A 91 -8.32 -5.27 11.19
N ASP A 92 -7.45 -4.54 11.88
CA ASP A 92 -7.79 -3.24 12.48
C ASP A 92 -6.56 -2.31 12.65
N SER A 93 -5.57 -2.74 13.44
CA SER A 93 -4.32 -1.99 13.62
C SER A 93 -3.62 -1.64 12.32
N SER A 94 -3.28 -0.37 12.21
CA SER A 94 -2.47 0.15 11.11
C SER A 94 -0.97 0.22 11.40
N ARG A 95 -0.46 -0.57 12.36
CA ARG A 95 0.97 -0.96 12.37
C ARG A 95 1.38 -1.61 11.04
N TYR A 96 0.41 -2.21 10.33
CA TYR A 96 0.56 -2.87 9.04
C TYR A 96 -0.58 -2.53 8.06
N PHE A 97 -0.34 -2.87 6.79
CA PHE A 97 -1.34 -2.91 5.71
C PHE A 97 -1.13 -4.15 4.83
N VAL A 98 -2.01 -4.36 3.87
CA VAL A 98 -1.83 -5.24 2.71
C VAL A 98 -2.18 -4.47 1.44
N ILE A 99 -1.42 -4.65 0.37
CA ILE A 99 -1.72 -4.12 -0.96
C ILE A 99 -1.62 -5.20 -2.05
N ARG A 100 -2.36 -5.01 -3.14
CA ARG A 100 -2.39 -5.91 -4.32
C ARG A 100 -1.58 -5.29 -5.46
N ILE A 101 -0.30 -5.62 -5.52
CA ILE A 101 0.66 -5.11 -6.53
C ILE A 101 0.52 -5.81 -7.88
N GLN A 102 0.96 -5.16 -8.96
CA GLN A 102 1.26 -5.82 -10.24
C GLN A 102 2.76 -6.12 -10.38
N ASP A 103 3.08 -7.23 -11.04
CA ASP A 103 4.48 -7.57 -11.38
C ASP A 103 4.99 -6.87 -12.66
N GLY A 104 4.10 -6.14 -13.35
CA GLY A 104 4.40 -5.38 -14.57
C GLY A 104 4.36 -6.19 -15.88
N THR A 105 3.94 -7.47 -15.81
CA THR A 105 3.91 -8.43 -16.95
C THR A 105 2.49 -8.84 -17.36
N GLY A 106 1.46 -8.25 -16.74
CA GLY A 106 0.05 -8.62 -16.87
C GLY A 106 -0.49 -9.46 -15.69
N ARG A 107 0.35 -9.72 -14.67
CA ARG A 107 -0.01 -10.46 -13.44
C ARG A 107 -0.05 -9.57 -12.20
N SER A 108 -0.45 -10.15 -11.08
CA SER A 108 -0.46 -9.49 -9.76
C SER A 108 -0.05 -10.40 -8.59
N ALA A 109 0.25 -9.79 -7.44
CA ALA A 109 0.58 -10.45 -6.17
C ALA A 109 0.09 -9.64 -4.96
N PHE A 110 -0.13 -10.31 -3.82
CA PHE A 110 -0.40 -9.66 -2.54
C PHE A 110 0.88 -9.54 -1.69
N ILE A 111 1.10 -8.35 -1.13
CA ILE A 111 2.10 -8.10 -0.09
C ILE A 111 1.47 -7.42 1.13
N GLY A 112 1.88 -7.84 2.31
CA GLY A 112 1.76 -7.07 3.54
C GLY A 112 2.85 -5.99 3.63
N ILE A 113 2.58 -4.93 4.36
CA ILE A 113 3.51 -3.81 4.61
C ILE A 113 3.63 -3.60 6.12
N GLY A 114 4.84 -3.32 6.62
CA GLY A 114 5.10 -2.86 7.99
C GLY A 114 5.84 -1.53 8.01
N PHE A 115 5.35 -0.59 8.82
CA PHE A 115 5.88 0.79 8.89
C PHE A 115 6.87 1.04 10.04
N THR A 116 7.66 2.10 9.87
CA THR A 116 8.65 2.56 10.86
C THR A 116 8.00 3.32 12.03
N ASP A 117 6.82 3.91 11.81
CA ASP A 117 6.02 4.63 12.82
C ASP A 117 4.51 4.45 12.56
N ARG A 118 3.70 4.35 13.62
CA ARG A 118 2.23 4.25 13.52
C ARG A 118 1.59 5.50 12.93
N GLY A 119 2.16 6.69 13.16
CA GLY A 119 1.74 7.95 12.54
C GLY A 119 2.08 8.02 11.05
N ASP A 120 3.22 7.47 10.64
CA ASP A 120 3.60 7.36 9.22
C ASP A 120 2.65 6.39 8.47
N ALA A 121 2.23 5.32 9.14
CA ALA A 121 1.23 4.39 8.61
C ALA A 121 -0.20 4.96 8.60
N PHE A 122 -0.61 5.68 9.64
CA PHE A 122 -1.91 6.35 9.65
C PHE A 122 -2.02 7.40 8.53
N ASP A 123 -0.89 8.00 8.11
CA ASP A 123 -0.82 8.94 6.99
C ASP A 123 -0.77 8.24 5.63
N PHE A 124 -0.27 6.99 5.54
CA PHE A 124 -0.48 6.13 4.37
C PHE A 124 -1.99 5.93 4.13
N ASN A 125 -2.77 5.70 5.19
CA ASN A 125 -4.23 5.65 5.14
C ASN A 125 -4.87 7.02 4.81
N VAL A 126 -4.51 8.10 5.51
CA VAL A 126 -5.17 9.41 5.31
C VAL A 126 -4.89 10.01 3.92
N SER A 127 -3.72 9.74 3.34
CA SER A 127 -3.41 10.05 1.94
C SER A 127 -4.42 9.44 0.96
N LEU A 128 -5.01 8.30 1.30
CA LEU A 128 -6.02 7.60 0.51
C LEU A 128 -7.45 8.01 0.91
N GLN A 129 -7.72 8.27 2.19
CA GLN A 129 -9.00 8.83 2.63
C GLN A 129 -9.29 10.15 1.90
N ASP A 130 -8.41 11.15 1.99
CA ASP A 130 -8.57 12.47 1.35
C ASP A 130 -8.54 12.40 -0.18
N HIS A 131 -8.05 11.30 -0.76
CA HIS A 131 -8.03 11.08 -2.22
C HIS A 131 -9.33 10.45 -2.74
N PHE A 132 -10.03 9.66 -1.93
CA PHE A 132 -11.31 9.03 -2.32
C PHE A 132 -12.53 9.76 -1.75
N LYS A 133 -12.31 10.63 -0.76
CA LYS A 133 -13.25 11.57 -0.12
C LYS A 133 -14.11 12.40 -1.08
N TRP A 134 -13.55 12.80 -2.22
CA TRP A 134 -14.20 13.66 -3.24
C TRP A 134 -14.67 12.90 -4.50
N VAL A 135 -14.62 11.57 -4.48
CA VAL A 135 -15.01 10.66 -5.59
C VAL A 135 -15.97 9.56 -5.08
N LYS A 136 -16.16 8.48 -5.86
CA LYS A 136 -16.63 7.17 -5.36
C LYS A 136 -18.05 7.21 -4.76
N GLN A 137 -18.88 8.10 -5.31
CA GLN A 137 -20.29 8.30 -4.98
C GLN A 137 -20.61 8.61 -3.50
N GLU A 138 -19.64 9.17 -2.75
CA GLU A 138 -19.83 9.72 -1.39
C GLU A 138 -19.99 11.25 -1.38
N SER B 1 17.31 -6.39 20.42
CA SER B 1 16.40 -7.39 19.81
C SER B 1 15.01 -6.80 19.58
N GLN B 2 14.17 -7.49 18.80
CA GLN B 2 12.77 -7.14 18.49
C GLN B 2 11.85 -8.38 18.56
N ILE B 3 10.54 -8.15 18.61
CA ILE B 3 9.49 -9.20 18.68
C ILE B 3 8.27 -8.83 17.82
N THR B 4 7.47 -9.84 17.44
CA THR B 4 6.21 -9.67 16.70
C THR B 4 5.17 -8.87 17.51
N SER B 5 4.40 -8.03 16.81
CA SER B 5 3.46 -7.05 17.40
C SER B 5 2.08 -7.15 16.76
N GLN B 6 1.38 -8.24 17.05
CA GLN B 6 0.10 -8.65 16.45
C GLN B 6 -0.96 -7.54 16.39
N VAL B 7 -1.77 -7.55 15.32
CA VAL B 7 -2.75 -6.50 14.99
C VAL B 7 -3.71 -6.33 16.19
N GLY B 9 -7.09 -5.02 18.40
CA GLY B 9 -8.55 -5.18 18.34
C GLY B 9 -9.29 -4.68 19.58
N GLN B 10 -8.65 -4.68 20.76
CA GLN B 10 -9.29 -4.31 22.03
C GLN B 10 -9.59 -2.81 22.21
N ILE B 11 -8.79 -1.92 21.59
CA ILE B 11 -8.99 -0.45 21.61
C ILE B 11 -9.64 0.07 20.32
N GLY B 12 -9.31 -0.54 19.17
CA GLY B 12 -10.03 -0.37 17.89
C GLY B 12 -9.80 0.98 17.21
N TRP B 13 -8.62 1.57 17.39
CA TRP B 13 -8.28 2.97 17.13
C TRP B 13 -7.77 3.24 15.71
N ARG B 14 -6.47 3.47 15.60
CA ARG B 14 -5.75 3.88 14.40
C ARG B 14 -5.71 2.76 13.36
N ARG B 15 -6.14 3.09 12.13
CA ARG B 15 -6.59 2.17 11.08
C ARG B 15 -6.13 2.57 9.66
N GLY A 1 6.30 -6.77 -23.44
CA GLY A 1 5.66 -5.58 -24.05
C GLY A 1 5.90 -5.54 -25.56
N SER A 2 4.99 -4.90 -26.30
CA SER A 2 5.05 -4.78 -27.77
C SER A 2 6.21 -3.89 -28.25
N PRO A 3 6.80 -4.15 -29.43
CA PRO A 3 7.84 -3.30 -30.02
C PRO A 3 7.29 -1.93 -30.45
N ASN A 4 8.17 -0.92 -30.49
CA ASN A 4 7.85 0.47 -30.84
C ASN A 4 6.65 1.05 -30.04
N SER A 5 6.63 0.82 -28.72
CA SER A 5 5.55 1.24 -27.82
C SER A 5 5.44 2.78 -27.69
N MET A 6 4.25 3.27 -27.34
CA MET A 6 3.91 4.70 -27.27
C MET A 6 4.40 5.37 -25.98
N ALA A 7 5.71 5.40 -25.76
CA ALA A 7 6.37 6.08 -24.64
C ALA A 7 6.15 7.61 -24.63
N THR A 8 5.67 8.17 -25.73
CA THR A 8 5.31 9.60 -25.92
C THR A 8 3.94 9.99 -25.36
N GLU A 9 3.15 9.00 -24.91
CA GLU A 9 1.82 9.19 -24.32
C GLU A 9 1.87 10.08 -23.06
N LEU A 10 0.79 10.84 -22.84
CA LEU A 10 0.56 11.74 -21.70
C LEU A 10 0.14 10.97 -20.42
N GLU A 11 0.68 9.77 -20.22
CA GLU A 11 0.51 8.97 -19.00
C GLU A 11 1.23 9.63 -17.81
N TYR A 12 0.58 9.72 -16.65
CA TYR A 12 1.13 10.39 -15.47
C TYR A 12 0.59 9.86 -14.14
N GLU A 13 1.09 10.44 -13.06
CA GLU A 13 0.62 10.32 -11.69
C GLU A 13 1.26 11.44 -10.85
N SER A 14 0.44 12.12 -10.04
CA SER A 14 0.84 13.25 -9.19
C SER A 14 1.06 12.80 -7.75
N VAL A 15 2.14 13.21 -7.08
CA VAL A 15 2.45 12.75 -5.71
C VAL A 15 1.41 13.24 -4.68
N LEU A 16 0.97 12.32 -3.81
CA LEU A 16 0.04 12.58 -2.71
C LEU A 16 0.72 12.44 -1.34
N CYS A 17 1.50 11.37 -1.15
CA CYS A 17 2.25 11.10 0.07
C CYS A 17 3.57 10.39 -0.23
N VAL A 18 4.63 10.78 0.47
CA VAL A 18 5.96 10.16 0.39
C VAL A 18 6.47 9.89 1.81
N LYS A 19 6.93 8.66 2.08
CA LYS A 19 7.53 8.27 3.37
C LYS A 19 8.95 7.70 3.23
N PRO A 20 9.86 8.05 4.17
CA PRO A 20 11.30 7.82 4.06
C PRO A 20 11.73 6.36 4.24
N ASP A 21 10.94 5.56 4.98
CA ASP A 21 11.22 4.15 5.26
C ASP A 21 9.92 3.33 5.35
N VAL A 22 9.88 2.20 4.63
CA VAL A 22 8.75 1.26 4.60
C VAL A 22 9.26 -0.15 4.31
N SER A 23 8.65 -1.16 4.94
CA SER A 23 9.05 -2.57 4.84
C SER A 23 7.91 -3.46 4.32
N VAL A 24 8.24 -4.46 3.49
CA VAL A 24 7.28 -5.36 2.81
C VAL A 24 7.57 -6.81 3.15
N TYR A 25 6.50 -7.57 3.43
CA TYR A 25 6.57 -8.85 4.17
C TYR A 25 6.07 -10.10 3.41
N ARG A 26 5.71 -9.96 2.12
CA ARG A 26 5.27 -11.00 1.14
C ARG A 26 4.46 -12.16 1.72
N ILE A 27 3.13 -12.06 1.64
CA ILE A 27 2.17 -12.88 2.39
C ILE A 27 1.60 -14.06 1.58
N PRO A 28 1.31 -15.22 2.20
CA PRO A 28 0.66 -16.35 1.53
C PRO A 28 -0.87 -16.22 1.24
N PRO A 29 -1.74 -15.67 2.12
CA PRO A 29 -3.19 -15.67 1.89
C PRO A 29 -3.69 -14.51 1.01
N ARG A 30 -4.94 -14.64 0.54
CA ARG A 30 -5.76 -13.57 -0.07
C ARG A 30 -7.05 -13.24 0.67
N ALA A 31 -7.59 -14.20 1.43
CA ALA A 31 -8.85 -14.09 2.13
C ALA A 31 -8.95 -15.16 3.22
N SER A 32 -8.88 -14.69 4.45
CA SER A 32 -9.19 -15.47 5.66
C SER A 32 -10.34 -14.83 6.46
N ASN A 33 -10.84 -15.56 7.45
CA ASN A 33 -12.12 -15.30 8.15
C ASN A 33 -12.29 -13.89 8.76
N ARG A 34 -11.20 -13.16 9.10
CA ARG A 34 -11.23 -11.77 9.61
C ARG A 34 -10.65 -10.72 8.65
N GLY A 35 -10.24 -11.18 7.48
CA GLY A 35 -9.49 -10.42 6.48
C GLY A 35 -8.15 -11.06 6.17
N TYR A 36 -7.05 -10.45 6.63
CA TYR A 36 -5.70 -10.94 6.41
C TYR A 36 -4.92 -11.27 7.69
N ARG A 37 -5.14 -10.51 8.77
CA ARG A 37 -4.48 -10.52 10.07
C ARG A 37 -2.95 -10.70 10.00
N ALA A 38 -2.19 -9.63 10.23
CA ALA A 38 -0.70 -9.66 10.19
C ALA A 38 -0.09 -10.78 11.05
N SER A 39 -0.76 -11.13 12.16
CA SER A 39 -0.37 -12.22 13.07
C SER A 39 -0.39 -13.62 12.42
N ASP A 40 -1.12 -13.82 11.31
CA ASP A 40 -1.12 -15.07 10.53
C ASP A 40 0.15 -15.28 9.69
N TRP A 41 0.90 -14.21 9.38
CA TRP A 41 2.08 -14.25 8.50
C TRP A 41 3.27 -13.52 9.16
N LYS A 42 4.32 -13.23 8.38
CA LYS A 42 5.51 -12.51 8.86
C LYS A 42 5.15 -11.06 9.16
N LEU A 43 5.04 -10.67 10.43
CA LEU A 43 4.90 -9.25 10.82
C LEU A 43 6.20 -8.63 11.38
N ASP A 44 7.25 -9.44 11.55
CA ASP A 44 8.52 -9.06 12.16
C ASP A 44 9.73 -9.18 11.19
N GLN A 45 9.62 -10.00 10.14
CA GLN A 45 10.68 -10.29 9.18
C GLN A 45 10.31 -9.80 7.75
N PRO A 46 10.82 -8.65 7.28
CA PRO A 46 10.55 -8.19 5.92
C PRO A 46 11.41 -8.91 4.87
N ASP A 47 10.95 -8.91 3.63
CA ASP A 47 11.63 -9.42 2.44
C ASP A 47 12.33 -8.29 1.66
N TRP A 48 11.76 -7.09 1.74
CA TRP A 48 12.24 -5.87 1.08
C TRP A 48 11.97 -4.65 1.97
N THR A 49 12.85 -3.65 1.95
CA THR A 49 12.58 -2.32 2.49
C THR A 49 13.08 -1.23 1.57
N GLY A 50 12.44 -0.07 1.64
CA GLY A 50 12.69 1.05 0.74
C GLY A 50 11.90 2.29 1.14
N ARG A 51 11.36 2.95 0.11
CA ARG A 51 10.66 4.23 0.15
C ARG A 51 9.22 4.04 -0.33
N LEU A 52 8.27 4.74 0.30
CA LEU A 52 6.90 4.84 -0.18
C LEU A 52 6.73 6.12 -1.00
N ARG A 53 6.09 6.05 -2.16
CA ARG A 53 5.54 7.22 -2.86
C ARG A 53 4.16 6.92 -3.44
N ILE A 54 3.12 7.32 -2.70
CA ILE A 54 1.72 7.29 -3.13
C ILE A 54 1.48 8.45 -4.10
N THR A 55 0.85 8.14 -5.23
CA THR A 55 0.56 9.09 -6.31
C THR A 55 -0.90 8.96 -6.77
N SER A 56 -1.37 9.86 -7.66
CA SER A 56 -2.70 9.82 -8.27
C SER A 56 -2.74 10.52 -9.62
N LYS A 57 -3.31 9.86 -10.62
CA LYS A 57 -3.64 10.41 -11.95
C LYS A 57 -5.09 10.99 -12.00
N GLY A 58 -5.62 11.40 -10.84
CA GLY A 58 -7.00 11.88 -10.64
C GLY A 58 -8.00 10.74 -10.48
N LYS A 59 -8.72 10.70 -9.34
CA LYS A 59 -9.62 9.62 -8.87
C LYS A 59 -9.01 8.22 -8.71
N THR A 60 -7.91 7.93 -9.38
CA THR A 60 -7.16 6.69 -9.22
C THR A 60 -5.84 6.97 -8.53
N ALA A 61 -5.70 6.50 -7.29
CA ALA A 61 -4.42 6.51 -6.59
C ALA A 61 -3.56 5.33 -7.05
N TYR A 62 -2.26 5.44 -6.92
CA TYR A 62 -1.31 4.37 -7.19
C TYR A 62 -0.30 4.34 -6.04
N ILE A 63 -0.29 3.25 -5.29
CA ILE A 63 0.78 3.00 -4.31
C ILE A 63 2.00 2.60 -5.11
N LYS A 64 3.06 3.41 -5.12
CA LYS A 64 4.35 3.05 -5.74
C LYS A 64 5.45 2.93 -4.69
N LEU A 65 6.21 1.85 -4.76
CA LEU A 65 7.26 1.50 -3.80
C LEU A 65 8.61 1.56 -4.50
N GLU A 66 9.58 2.24 -3.89
CA GLU A 66 10.80 2.70 -4.55
C GLU A 66 12.07 2.37 -3.75
N ASP A 67 13.22 2.24 -4.41
CA ASP A 67 14.50 1.93 -3.78
C ASP A 67 14.99 3.11 -2.93
N LYS A 68 15.50 2.83 -1.73
CA LYS A 68 15.90 3.82 -0.72
C LYS A 68 17.11 4.69 -1.12
N VAL A 69 17.77 4.35 -2.23
CA VAL A 69 19.04 4.93 -2.70
C VAL A 69 18.87 5.63 -4.06
N SER A 70 18.09 5.03 -4.96
CA SER A 70 18.02 5.45 -6.38
C SER A 70 16.60 5.70 -6.90
N GLY A 71 15.56 5.45 -6.08
CA GLY A 71 14.16 5.67 -6.46
C GLY A 71 13.61 4.69 -7.50
N GLU A 72 14.31 3.58 -7.77
CA GLU A 72 13.91 2.56 -8.75
C GLU A 72 12.68 1.77 -8.27
N LEU A 73 11.75 1.43 -9.16
CA LEU A 73 10.46 0.83 -8.78
C LEU A 73 10.62 -0.64 -8.32
N PHE A 74 10.13 -0.93 -7.11
CA PHE A 74 9.97 -2.29 -6.57
C PHE A 74 8.62 -2.89 -6.99
N ALA A 75 7.53 -2.16 -6.75
CA ALA A 75 6.16 -2.58 -7.09
C ALA A 75 5.21 -1.37 -7.21
N GLN A 76 4.06 -1.58 -7.88
CA GLN A 76 2.97 -0.59 -7.94
C GLN A 76 1.57 -1.24 -7.84
N ALA A 77 0.66 -0.63 -7.08
CA ALA A 77 -0.73 -1.07 -6.91
C ALA A 77 -1.72 0.07 -7.26
N PRO A 78 -2.51 -0.04 -8.35
CA PRO A 78 -3.61 0.89 -8.66
C PRO A 78 -4.80 0.74 -7.70
N VAL A 79 -5.26 1.81 -7.06
CA VAL A 79 -6.41 1.84 -6.14
C VAL A 79 -7.52 2.75 -6.69
N GLU A 80 -8.73 2.21 -6.83
CA GLU A 80 -9.93 2.90 -7.34
C GLU A 80 -11.02 3.08 -6.26
N GLN A 81 -10.85 2.47 -5.09
CA GLN A 81 -11.77 2.52 -3.95
C GLN A 81 -11.05 2.19 -2.64
N TYR A 82 -11.49 2.81 -1.54
CA TYR A 82 -10.97 2.57 -0.18
C TYR A 82 -12.11 2.45 0.85
N PRO A 83 -12.23 1.34 1.61
CA PRO A 83 -11.49 0.07 1.49
C PRO A 83 -11.77 -0.68 0.17
N GLY A 84 -10.87 -1.60 -0.20
CA GLY A 84 -11.01 -2.44 -1.40
C GLY A 84 -10.04 -3.64 -1.39
N ILE A 85 -9.72 -4.16 -2.59
CA ILE A 85 -8.72 -5.24 -2.76
C ILE A 85 -7.29 -4.67 -2.97
N ALA A 86 -7.19 -3.43 -3.46
CA ALA A 86 -5.91 -2.81 -3.76
C ALA A 86 -5.25 -2.15 -2.54
N VAL A 87 -6.02 -1.82 -1.51
CA VAL A 87 -5.54 -1.49 -0.16
C VAL A 87 -6.51 -2.00 0.91
N GLU A 88 -5.99 -2.66 1.94
CA GLU A 88 -6.74 -3.18 3.09
C GLU A 88 -5.95 -3.04 4.40
N THR A 89 -6.65 -2.89 5.52
CA THR A 89 -6.06 -2.87 6.87
C THR A 89 -6.33 -4.22 7.52
N VAL A 90 -5.38 -5.12 7.27
CA VAL A 90 -5.08 -6.39 7.99
C VAL A 90 -6.21 -7.03 8.79
N THR A 91 -6.54 -6.44 9.94
CA THR A 91 -7.86 -6.55 10.61
C THR A 91 -8.32 -5.19 11.13
N ASP A 92 -7.48 -4.51 11.90
CA ASP A 92 -7.89 -3.34 12.69
C ASP A 92 -6.76 -2.33 12.96
N SER A 93 -5.67 -2.72 13.65
CA SER A 93 -4.47 -1.87 13.74
C SER A 93 -3.97 -1.43 12.36
N SER A 94 -3.62 -0.16 12.30
CA SER A 94 -3.24 0.54 11.08
C SER A 94 -1.73 0.73 10.96
N ARG A 95 -0.96 -0.02 11.76
CA ARG A 95 0.51 -0.22 11.68
C ARG A 95 0.92 -1.02 10.42
N TYR A 96 0.02 -1.85 9.91
CA TYR A 96 0.18 -2.64 8.69
C TYR A 96 -0.94 -2.40 7.67
N PHE A 97 -0.67 -2.79 6.43
CA PHE A 97 -1.65 -2.90 5.35
C PHE A 97 -1.40 -4.13 4.49
N VAL A 98 -2.34 -4.43 3.59
CA VAL A 98 -2.14 -5.31 2.44
C VAL A 98 -2.55 -4.57 1.18
N ILE A 99 -1.77 -4.69 0.10
CA ILE A 99 -2.11 -4.14 -1.23
C ILE A 99 -1.95 -5.23 -2.30
N ARG A 100 -2.80 -5.20 -3.33
CA ARG A 100 -2.58 -5.99 -4.56
C ARG A 100 -1.78 -5.15 -5.56
N ILE A 101 -0.58 -5.59 -5.90
CA ILE A 101 0.33 -4.96 -6.87
C ILE A 101 0.26 -5.66 -8.23
N GLN A 102 0.71 -4.98 -9.29
CA GLN A 102 1.23 -5.64 -10.49
C GLN A 102 2.70 -6.04 -10.21
N ASP A 103 3.06 -7.31 -10.44
CA ASP A 103 4.28 -7.92 -9.90
C ASP A 103 5.55 -7.67 -10.76
N GLY A 104 5.41 -6.93 -11.86
CA GLY A 104 6.48 -6.56 -12.79
C GLY A 104 6.87 -7.64 -13.81
N THR A 105 6.22 -8.80 -13.78
CA THR A 105 6.55 -9.99 -14.60
C THR A 105 5.42 -10.42 -15.56
N GLY A 106 4.37 -9.58 -15.68
CA GLY A 106 3.14 -9.87 -16.43
C GLY A 106 2.00 -10.46 -15.58
N ARG A 107 2.13 -10.39 -14.25
CA ARG A 107 1.14 -10.88 -13.26
C ARG A 107 0.77 -9.82 -12.22
N SER A 108 -0.16 -10.15 -11.33
CA SER A 108 -0.43 -9.41 -10.09
C SER A 108 -0.21 -10.28 -8.85
N ALA A 109 0.09 -9.65 -7.70
CA ALA A 109 0.40 -10.31 -6.44
C ALA A 109 -0.09 -9.52 -5.22
N PHE A 110 -0.37 -10.20 -4.10
CA PHE A 110 -0.69 -9.57 -2.82
C PHE A 110 0.56 -9.44 -1.95
N ILE A 111 0.82 -8.25 -1.42
CA ILE A 111 1.88 -7.99 -0.42
C ILE A 111 1.34 -7.33 0.85
N GLY A 112 1.80 -7.82 2.00
CA GLY A 112 1.64 -7.18 3.29
C GLY A 112 2.75 -6.16 3.53
N ILE A 113 2.40 -5.01 4.11
CA ILE A 113 3.31 -3.90 4.39
C ILE A 113 3.32 -3.63 5.90
N GLY A 114 4.48 -3.30 6.46
CA GLY A 114 4.64 -2.76 7.81
C GLY A 114 5.61 -1.58 7.83
N PHE A 115 5.25 -0.53 8.56
CA PHE A 115 6.06 0.69 8.70
C PHE A 115 6.92 0.69 9.95
N THR A 116 7.96 1.53 9.94
CA THR A 116 8.86 1.75 11.09
C THR A 116 8.19 2.55 12.22
N ASP A 117 7.15 3.33 11.87
CA ASP A 117 6.28 4.04 12.81
C ASP A 117 4.80 3.83 12.44
N ARG A 118 3.93 3.62 13.44
CA ARG A 118 2.47 3.46 13.23
C ARG A 118 1.83 4.75 12.71
N GLY A 119 2.41 5.92 13.00
CA GLY A 119 2.03 7.21 12.41
C GLY A 119 2.42 7.33 10.93
N ASP A 120 3.54 6.75 10.50
CA ASP A 120 3.91 6.72 9.08
C ASP A 120 2.93 5.85 8.27
N ALA A 121 2.42 4.77 8.87
CA ALA A 121 1.35 3.97 8.31
C ALA A 121 -0.03 4.68 8.37
N PHE A 122 -0.32 5.45 9.42
CA PHE A 122 -1.51 6.29 9.49
C PHE A 122 -1.54 7.32 8.33
N ASP A 123 -0.38 7.85 7.93
CA ASP A 123 -0.26 8.79 6.80
C ASP A 123 -0.40 8.09 5.44
N PHE A 124 -0.03 6.80 5.33
CA PHE A 124 -0.36 5.96 4.17
C PHE A 124 -1.89 5.86 3.99
N ASN A 125 -2.63 5.64 5.09
CA ASN A 125 -4.09 5.66 5.10
C ASN A 125 -4.65 7.04 4.73
N VAL A 126 -4.22 8.11 5.39
CA VAL A 126 -4.77 9.47 5.18
C VAL A 126 -4.58 9.96 3.75
N SER A 127 -3.46 9.59 3.09
CA SER A 127 -3.22 9.87 1.67
C SER A 127 -4.32 9.32 0.74
N LEU A 128 -4.99 8.23 1.14
CA LEU A 128 -6.08 7.61 0.39
C LEU A 128 -7.46 8.09 0.87
N GLN A 129 -7.62 8.37 2.17
CA GLN A 129 -8.85 8.98 2.71
C GLN A 129 -9.12 10.33 2.02
N ASP A 130 -8.15 11.26 2.07
CA ASP A 130 -8.21 12.60 1.45
C ASP A 130 -8.25 12.55 -0.08
N HIS A 131 -7.94 11.41 -0.70
CA HIS A 131 -8.03 11.18 -2.14
C HIS A 131 -9.44 10.73 -2.58
N PHE A 132 -10.17 9.98 -1.74
CA PHE A 132 -11.52 9.50 -2.07
C PHE A 132 -12.62 10.40 -1.48
N LYS A 133 -12.28 11.19 -0.46
CA LYS A 133 -13.06 12.24 0.20
C LYS A 133 -13.84 13.18 -0.72
N TRP A 134 -13.29 13.51 -1.90
CA TRP A 134 -13.86 14.45 -2.87
C TRP A 134 -14.42 13.79 -4.16
N VAL A 135 -14.47 12.46 -4.22
CA VAL A 135 -14.97 11.64 -5.35
C VAL A 135 -15.95 10.56 -4.83
N LYS A 136 -16.23 9.53 -5.63
CA LYS A 136 -17.08 8.37 -5.29
C LYS A 136 -18.55 8.70 -4.95
N GLN A 137 -18.99 9.90 -5.33
CA GLN A 137 -20.30 10.49 -5.03
C GLN A 137 -20.67 10.48 -3.53
N GLU A 138 -19.66 10.49 -2.64
CA GLU A 138 -19.85 10.57 -1.17
C GLU A 138 -19.98 12.01 -0.64
N SER B 1 16.73 -10.27 21.95
CA SER B 1 15.31 -10.70 21.86
C SER B 1 14.45 -9.59 21.25
N GLN B 2 13.25 -9.94 20.74
CA GLN B 2 12.27 -9.04 20.12
C GLN B 2 10.83 -9.38 20.55
N ILE B 3 9.93 -8.40 20.45
CA ILE B 3 8.50 -8.52 20.78
C ILE B 3 7.65 -8.26 19.52
N THR B 4 6.68 -9.12 19.24
CA THR B 4 5.77 -9.02 18.09
C THR B 4 4.75 -7.89 18.26
N SER B 5 4.61 -7.05 17.23
CA SER B 5 3.75 -5.84 17.24
C SER B 5 2.36 -6.09 16.62
N GLN B 6 1.78 -7.22 17.01
CA GLN B 6 0.54 -7.81 16.49
C GLN B 6 -0.60 -6.81 16.28
N VAL B 7 -1.33 -6.95 15.17
CA VAL B 7 -2.43 -6.05 14.81
C VAL B 7 -3.52 -6.11 15.90
N GLY B 9 -7.14 -5.39 17.74
CA GLY B 9 -8.53 -5.73 17.44
C GLY B 9 -9.51 -5.46 18.59
N GLN B 10 -9.00 -5.30 19.81
CA GLN B 10 -9.73 -4.99 21.04
C GLN B 10 -10.26 -3.54 21.14
N ILE B 11 -9.77 -2.63 20.29
CA ILE B 11 -10.18 -1.20 20.27
C ILE B 11 -10.18 -0.57 18.87
N GLY B 12 -9.25 -0.95 17.99
CA GLY B 12 -9.18 -0.49 16.60
C GLY B 12 -8.75 0.97 16.45
N TRP B 13 -7.78 1.41 17.27
CA TRP B 13 -7.38 2.80 17.45
C TRP B 13 -6.22 3.22 16.51
N ARG B 14 -5.36 4.12 16.99
CA ARG B 14 -4.74 5.19 16.18
C ARG B 14 -3.26 5.43 16.49
N ARG B 15 -2.64 6.37 15.75
CA ARG B 15 -1.26 6.84 15.90
C ARG B 15 -0.95 7.43 17.29
N GLY A 1 7.53 -0.65 -20.33
CA GLY A 1 6.78 0.41 -21.06
C GLY A 1 5.31 0.05 -21.23
N SER A 2 4.63 0.72 -22.16
CA SER A 2 3.22 0.46 -22.52
C SER A 2 3.04 -0.84 -23.33
N PRO A 3 1.84 -1.46 -23.30
CA PRO A 3 1.56 -2.69 -24.06
C PRO A 3 1.39 -2.44 -25.58
N ASN A 4 1.09 -1.20 -25.98
CA ASN A 4 0.96 -0.76 -27.36
C ASN A 4 1.38 0.71 -27.53
N SER A 5 2.09 1.04 -28.61
CA SER A 5 2.69 2.36 -28.87
C SER A 5 1.69 3.45 -29.28
N MET A 6 0.42 3.10 -29.54
CA MET A 6 -0.65 3.99 -30.01
C MET A 6 -1.75 4.22 -28.97
N ALA A 7 -1.44 4.05 -27.68
CA ALA A 7 -2.33 4.47 -26.60
C ALA A 7 -2.53 6.00 -26.60
N THR A 8 -3.79 6.38 -26.43
CA THR A 8 -4.31 7.74 -26.62
C THR A 8 -4.53 8.55 -25.33
N GLU A 9 -4.47 7.90 -24.17
CA GLU A 9 -4.76 8.52 -22.87
C GLU A 9 -3.67 9.51 -22.39
N LEU A 10 -4.04 10.35 -21.43
CA LEU A 10 -3.12 11.17 -20.64
C LEU A 10 -2.50 10.28 -19.56
N GLU A 11 -1.37 9.66 -19.88
CA GLU A 11 -0.75 8.61 -19.06
C GLU A 11 0.25 9.23 -18.06
N TYR A 12 -0.24 9.58 -16.86
CA TYR A 12 0.52 10.23 -15.80
C TYR A 12 0.13 9.73 -14.40
N GLU A 13 0.74 10.31 -13.37
CA GLU A 13 0.31 10.27 -11.97
C GLU A 13 1.03 11.39 -11.20
N SER A 14 0.29 12.10 -10.36
CA SER A 14 0.75 13.24 -9.56
C SER A 14 0.99 12.84 -8.10
N VAL A 15 2.13 13.20 -7.51
CA VAL A 15 2.48 12.80 -6.12
C VAL A 15 1.50 13.37 -5.10
N LEU A 16 1.08 12.52 -4.16
CA LEU A 16 0.21 12.83 -3.02
C LEU A 16 0.94 12.70 -1.67
N CYS A 17 1.75 11.64 -1.50
CA CYS A 17 2.50 11.36 -0.26
C CYS A 17 3.86 10.71 -0.54
N VAL A 18 4.78 10.89 0.41
CA VAL A 18 6.11 10.28 0.46
C VAL A 18 6.46 9.93 1.90
N LYS A 19 6.91 8.70 2.13
CA LYS A 19 7.46 8.23 3.42
C LYS A 19 8.89 7.67 3.22
N PRO A 20 9.87 8.05 4.06
CA PRO A 20 11.29 7.78 3.81
C PRO A 20 11.73 6.34 4.14
N ASP A 21 10.97 5.61 4.97
CA ASP A 21 11.29 4.25 5.41
C ASP A 21 10.01 3.39 5.52
N VAL A 22 10.02 2.23 4.86
CA VAL A 22 8.90 1.27 4.82
C VAL A 22 9.44 -0.15 4.59
N SER A 23 8.75 -1.16 5.13
CA SER A 23 9.11 -2.58 5.01
C SER A 23 7.96 -3.43 4.48
N VAL A 24 8.27 -4.45 3.68
CA VAL A 24 7.30 -5.28 2.94
C VAL A 24 7.41 -6.74 3.32
N TYR A 25 6.27 -7.40 3.42
CA TYR A 25 6.08 -8.77 3.88
C TYR A 25 5.12 -9.48 2.90
N ARG A 26 5.62 -10.12 1.84
CA ARG A 26 4.80 -10.88 0.88
C ARG A 26 4.04 -12.03 1.56
N ILE A 27 2.77 -12.25 1.16
CA ILE A 27 1.80 -13.09 1.90
C ILE A 27 1.17 -14.22 1.06
N PRO A 28 0.92 -15.41 1.64
CA PRO A 28 0.19 -16.49 0.95
C PRO A 28 -1.36 -16.35 0.84
N PRO A 29 -2.13 -15.87 1.86
CA PRO A 29 -3.60 -15.84 1.79
C PRO A 29 -4.15 -14.65 0.98
N ARG A 30 -5.45 -14.73 0.64
CA ARG A 30 -6.26 -13.65 0.03
C ARG A 30 -7.41 -13.18 0.92
N ALA A 31 -8.17 -14.10 1.50
CA ALA A 31 -9.42 -13.76 2.18
C ALA A 31 -9.73 -14.73 3.33
N SER A 32 -9.44 -14.27 4.54
CA SER A 32 -9.98 -14.81 5.80
C SER A 32 -11.23 -14.04 6.24
N ASN A 33 -12.01 -14.64 7.13
CA ASN A 33 -13.24 -14.10 7.72
C ASN A 33 -13.05 -12.75 8.46
N ARG A 34 -11.83 -12.40 8.88
CA ARG A 34 -11.47 -11.10 9.50
C ARG A 34 -10.72 -10.14 8.56
N GLY A 35 -10.34 -10.63 7.38
CA GLY A 35 -9.50 -9.91 6.41
C GLY A 35 -8.24 -10.72 6.05
N TYR A 36 -7.08 -10.27 6.53
CA TYR A 36 -5.78 -10.89 6.27
C TYR A 36 -4.98 -11.30 7.50
N ARG A 37 -5.12 -10.54 8.61
CA ARG A 37 -4.37 -10.59 9.87
C ARG A 37 -2.84 -10.73 9.70
N ALA A 38 -2.06 -9.69 10.04
CA ALA A 38 -0.58 -9.77 10.05
C ALA A 38 -0.04 -10.94 10.91
N SER A 39 -0.78 -11.31 11.96
CA SER A 39 -0.50 -12.45 12.84
C SER A 39 -0.58 -13.82 12.13
N ASP A 40 -1.22 -13.91 10.96
CA ASP A 40 -1.35 -15.13 10.15
C ASP A 40 -0.12 -15.41 9.26
N TRP A 41 0.73 -14.40 9.04
CA TRP A 41 1.94 -14.45 8.21
C TRP A 41 3.12 -13.80 8.95
N LYS A 42 4.21 -13.46 8.24
CA LYS A 42 5.39 -12.81 8.82
C LYS A 42 5.08 -11.34 9.13
N LEU A 43 4.99 -10.96 10.42
CA LEU A 43 4.88 -9.56 10.86
C LEU A 43 6.21 -8.95 11.36
N ASP A 44 7.27 -9.75 11.43
CA ASP A 44 8.57 -9.42 12.04
C ASP A 44 9.77 -9.55 11.07
N GLN A 45 9.61 -10.34 10.00
CA GLN A 45 10.67 -10.65 9.02
C GLN A 45 10.34 -10.07 7.63
N PRO A 46 10.86 -8.88 7.25
CA PRO A 46 10.59 -8.29 5.93
C PRO A 46 11.30 -9.04 4.80
N ASP A 47 10.67 -9.07 3.63
CA ASP A 47 11.21 -9.61 2.38
C ASP A 47 11.89 -8.51 1.53
N TRP A 48 11.48 -7.25 1.72
CA TRP A 48 12.06 -6.07 1.10
C TRP A 48 11.90 -4.84 2.01
N THR A 49 12.83 -3.89 1.91
CA THR A 49 12.78 -2.59 2.60
C THR A 49 13.25 -1.46 1.69
N GLY A 50 12.70 -0.27 1.90
CA GLY A 50 12.96 0.89 1.05
C GLY A 50 12.13 2.11 1.43
N ARG A 51 11.53 2.74 0.41
CA ARG A 51 10.87 4.05 0.44
C ARG A 51 9.49 3.99 -0.22
N LEU A 52 8.58 4.87 0.17
CA LEU A 52 7.21 4.95 -0.35
C LEU A 52 7.01 6.21 -1.21
N ARG A 53 6.28 6.06 -2.32
CA ARG A 53 5.51 7.14 -2.95
C ARG A 53 4.04 6.75 -3.03
N ILE A 54 3.16 7.72 -2.86
CA ILE A 54 1.75 7.62 -3.26
C ILE A 54 1.51 8.73 -4.27
N THR A 55 0.90 8.36 -5.39
CA THR A 55 0.66 9.23 -6.56
C THR A 55 -0.78 9.05 -7.05
N SER A 56 -1.32 9.91 -7.91
CA SER A 56 -2.63 9.68 -8.54
C SER A 56 -2.85 10.42 -9.85
N LYS A 57 -3.60 9.77 -10.75
CA LYS A 57 -4.08 10.30 -12.03
C LYS A 57 -5.57 10.72 -11.99
N GLY A 58 -6.07 11.03 -10.78
CA GLY A 58 -7.47 11.39 -10.48
C GLY A 58 -8.38 10.15 -10.34
N LYS A 59 -9.02 9.98 -9.17
CA LYS A 59 -9.72 8.79 -8.65
C LYS A 59 -8.90 7.50 -8.59
N THR A 60 -7.96 7.27 -9.48
CA THR A 60 -6.98 6.21 -9.35
C THR A 60 -5.69 6.75 -8.74
N ALA A 61 -5.44 6.38 -7.49
CA ALA A 61 -4.12 6.50 -6.90
C ALA A 61 -3.26 5.27 -7.24
N TYR A 62 -1.94 5.41 -7.18
CA TYR A 62 -0.98 4.36 -7.48
C TYR A 62 0.03 4.38 -6.34
N ILE A 63 0.02 3.34 -5.50
CA ILE A 63 1.08 3.13 -4.52
C ILE A 63 2.32 2.75 -5.31
N LYS A 64 3.41 3.51 -5.17
CA LYS A 64 4.75 3.17 -5.66
C LYS A 64 5.67 2.78 -4.51
N LEU A 65 6.44 1.72 -4.65
CA LEU A 65 7.48 1.33 -3.70
C LEU A 65 8.86 1.45 -4.35
N GLU A 66 9.76 2.19 -3.71
CA GLU A 66 11.00 2.72 -4.28
C GLU A 66 12.24 2.25 -3.52
N ASP A 67 13.37 2.05 -4.22
CA ASP A 67 14.67 1.83 -3.59
C ASP A 67 15.14 3.13 -2.91
N LYS A 68 15.60 3.03 -1.66
CA LYS A 68 15.96 4.18 -0.81
C LYS A 68 17.20 4.96 -1.31
N VAL A 69 17.95 4.39 -2.26
CA VAL A 69 19.23 4.90 -2.76
C VAL A 69 19.08 5.52 -4.15
N SER A 70 18.24 4.92 -5.00
CA SER A 70 18.15 5.28 -6.42
C SER A 70 16.73 5.57 -6.93
N GLY A 71 15.70 5.42 -6.09
CA GLY A 71 14.30 5.65 -6.44
C GLY A 71 13.69 4.61 -7.39
N GLU A 72 14.37 3.48 -7.62
CA GLU A 72 13.95 2.46 -8.59
C GLU A 72 12.73 1.66 -8.09
N LEU A 73 11.79 1.35 -8.98
CA LEU A 73 10.51 0.72 -8.62
C LEU A 73 10.67 -0.77 -8.24
N PHE A 74 10.31 -1.11 -7.01
CA PHE A 74 10.17 -2.48 -6.51
C PHE A 74 8.81 -3.09 -6.90
N ALA A 75 7.73 -2.36 -6.65
CA ALA A 75 6.36 -2.74 -6.97
C ALA A 75 5.45 -1.50 -7.09
N GLN A 76 4.28 -1.68 -7.69
CA GLN A 76 3.19 -0.70 -7.63
C GLN A 76 1.81 -1.35 -7.52
N ALA A 77 0.86 -0.68 -6.86
CA ALA A 77 -0.54 -1.11 -6.75
C ALA A 77 -1.50 0.04 -7.16
N PRO A 78 -2.29 -0.09 -8.25
CA PRO A 78 -3.33 0.87 -8.60
C PRO A 78 -4.60 0.68 -7.75
N VAL A 79 -5.19 1.76 -7.22
CA VAL A 79 -6.40 1.72 -6.39
C VAL A 79 -7.50 2.63 -6.94
N GLU A 80 -8.70 2.08 -7.11
CA GLU A 80 -9.90 2.81 -7.59
C GLU A 80 -10.96 3.02 -6.51
N GLN A 81 -10.80 2.38 -5.34
CA GLN A 81 -11.64 2.53 -4.16
C GLN A 81 -10.92 2.10 -2.87
N TYR A 82 -11.18 2.83 -1.78
CA TYR A 82 -10.62 2.61 -0.43
C TYR A 82 -11.73 2.62 0.64
N PRO A 83 -11.79 1.66 1.58
CA PRO A 83 -11.05 0.40 1.62
C PRO A 83 -11.38 -0.51 0.42
N GLY A 84 -10.45 -1.39 0.05
CA GLY A 84 -10.58 -2.29 -1.10
C GLY A 84 -9.55 -3.42 -1.13
N ILE A 85 -9.45 -4.11 -2.27
CA ILE A 85 -8.48 -5.21 -2.48
C ILE A 85 -7.08 -4.66 -2.79
N ALA A 86 -7.00 -3.42 -3.27
CA ALA A 86 -5.74 -2.75 -3.57
C ALA A 86 -5.09 -2.11 -2.35
N VAL A 87 -5.83 -1.88 -1.26
CA VAL A 87 -5.31 -1.42 0.04
C VAL A 87 -6.33 -1.69 1.16
N GLU A 88 -5.89 -2.45 2.16
CA GLU A 88 -6.69 -2.94 3.29
C GLU A 88 -5.88 -2.92 4.60
N THR A 89 -6.55 -2.81 5.74
CA THR A 89 -5.93 -2.91 7.08
C THR A 89 -6.23 -4.26 7.69
N VAL A 90 -5.32 -5.19 7.39
CA VAL A 90 -5.02 -6.47 8.07
C VAL A 90 -6.17 -7.11 8.87
N THR A 91 -6.48 -6.55 10.05
CA THR A 91 -7.79 -6.63 10.71
C THR A 91 -8.20 -5.28 11.31
N ASP A 92 -7.29 -4.62 12.03
CA ASP A 92 -7.54 -3.32 12.68
C ASP A 92 -6.26 -2.49 12.92
N SER A 93 -5.26 -3.03 13.63
CA SER A 93 -3.95 -2.35 13.81
C SER A 93 -3.37 -1.88 12.48
N SER A 94 -3.16 -0.58 12.39
CA SER A 94 -2.82 0.08 11.13
C SER A 94 -1.35 0.45 10.98
N ARG A 95 -0.47 -0.07 11.85
CA ARG A 95 0.98 -0.11 11.57
C ARG A 95 1.30 -0.99 10.34
N TYR A 96 0.36 -1.85 9.96
CA TYR A 96 0.40 -2.68 8.76
C TYR A 96 -0.76 -2.39 7.81
N PHE A 97 -0.55 -2.74 6.55
CA PHE A 97 -1.58 -2.81 5.51
C PHE A 97 -1.36 -4.04 4.63
N VAL A 98 -2.30 -4.31 3.72
CA VAL A 98 -2.13 -5.25 2.61
C VAL A 98 -2.54 -4.55 1.32
N ILE A 99 -1.71 -4.63 0.28
CA ILE A 99 -2.00 -4.10 -1.06
C ILE A 99 -1.82 -5.22 -2.11
N ARG A 100 -2.70 -5.27 -3.12
CA ARG A 100 -2.47 -6.08 -4.33
C ARG A 100 -1.66 -5.25 -5.33
N ILE A 101 -0.44 -5.68 -5.61
CA ILE A 101 0.48 -5.05 -6.56
C ILE A 101 0.40 -5.72 -7.95
N GLN A 102 0.94 -5.04 -8.97
CA GLN A 102 1.61 -5.73 -10.07
C GLN A 102 3.10 -5.92 -9.76
N ASP A 103 3.64 -7.09 -10.12
CA ASP A 103 5.08 -7.38 -9.94
C ASP A 103 5.96 -6.82 -11.08
N GLY A 104 5.32 -6.21 -12.10
CA GLY A 104 5.98 -5.57 -13.25
C GLY A 104 6.37 -6.51 -14.39
N THR A 105 5.94 -7.78 -14.34
CA THR A 105 6.31 -8.86 -15.28
C THR A 105 5.11 -9.46 -16.03
N GLY A 106 3.97 -8.74 -16.05
CA GLY A 106 2.70 -9.20 -16.62
C GLY A 106 1.80 -9.96 -15.64
N ARG A 107 2.08 -9.82 -14.33
CA ARG A 107 1.43 -10.53 -13.22
C ARG A 107 1.03 -9.61 -12.06
N SER A 108 0.28 -10.15 -11.10
CA SER A 108 -0.10 -9.50 -9.85
C SER A 108 0.21 -10.37 -8.62
N ALA A 109 0.34 -9.74 -7.44
CA ALA A 109 0.60 -10.41 -6.16
C ALA A 109 0.02 -9.61 -4.97
N PHE A 110 -0.34 -10.29 -3.89
CA PHE A 110 -0.64 -9.63 -2.61
C PHE A 110 0.63 -9.50 -1.76
N ILE A 111 0.87 -8.31 -1.20
CA ILE A 111 1.89 -8.08 -0.16
C ILE A 111 1.27 -7.42 1.06
N GLY A 112 1.71 -7.85 2.24
CA GLY A 112 1.61 -7.08 3.47
C GLY A 112 2.69 -5.99 3.48
N ILE A 113 2.39 -4.88 4.14
CA ILE A 113 3.33 -3.80 4.43
C ILE A 113 3.39 -3.61 5.94
N GLY A 114 4.55 -3.29 6.48
CA GLY A 114 4.75 -2.80 7.85
C GLY A 114 5.56 -1.52 7.88
N PHE A 115 5.10 -0.54 8.65
CA PHE A 115 5.77 0.75 8.81
C PHE A 115 6.72 0.80 9.99
N THR A 116 7.60 1.80 9.99
CA THR A 116 8.55 2.10 11.07
C THR A 116 7.90 2.82 12.26
N ASP A 117 6.79 3.52 12.01
CA ASP A 117 5.97 4.23 12.99
C ASP A 117 4.46 4.12 12.67
N ARG A 118 3.60 4.05 13.69
CA ARG A 118 2.13 4.07 13.52
C ARG A 118 1.65 5.38 12.86
N GLY A 119 2.31 6.51 13.13
CA GLY A 119 2.04 7.80 12.49
C GLY A 119 2.46 7.86 11.02
N ASP A 120 3.57 7.21 10.64
CA ASP A 120 3.96 7.07 9.23
C ASP A 120 2.98 6.16 8.47
N ALA A 121 2.43 5.14 9.11
CA ALA A 121 1.36 4.32 8.56
C ALA A 121 0.01 5.08 8.47
N PHE A 122 -0.29 5.93 9.45
CA PHE A 122 -1.49 6.78 9.44
C PHE A 122 -1.47 7.79 8.27
N ASP A 123 -0.29 8.22 7.81
CA ASP A 123 -0.14 9.05 6.61
C ASP A 123 -0.38 8.25 5.33
N PHE A 124 0.04 6.98 5.28
CA PHE A 124 -0.25 6.07 4.16
C PHE A 124 -1.76 5.90 3.98
N ASN A 125 -2.51 5.71 5.08
CA ASN A 125 -3.96 5.65 5.09
C ASN A 125 -4.63 6.99 4.72
N VAL A 126 -4.31 8.08 5.43
CA VAL A 126 -5.02 9.37 5.26
C VAL A 126 -4.77 10.00 3.89
N SER A 127 -3.61 9.77 3.28
CA SER A 127 -3.34 10.16 1.88
C SER A 127 -4.38 9.58 0.92
N LEU A 128 -4.85 8.36 1.17
CA LEU A 128 -5.90 7.69 0.39
C LEU A 128 -7.30 8.10 0.88
N GLN A 129 -7.54 8.26 2.18
CA GLN A 129 -8.84 8.72 2.69
C GLN A 129 -9.23 10.07 2.07
N ASP A 130 -8.35 11.06 2.09
CA ASP A 130 -8.61 12.38 1.48
C ASP A 130 -8.55 12.38 -0.05
N HIS A 131 -8.11 11.28 -0.67
CA HIS A 131 -8.20 11.07 -2.12
C HIS A 131 -9.55 10.47 -2.53
N PHE A 132 -10.12 9.61 -1.68
CA PHE A 132 -11.43 8.99 -1.91
C PHE A 132 -12.61 9.75 -1.28
N LYS A 133 -12.38 10.73 -0.38
CA LYS A 133 -13.45 11.50 0.28
C LYS A 133 -14.32 12.34 -0.65
N TRP A 134 -13.78 12.76 -1.80
CA TRP A 134 -14.44 13.62 -2.80
C TRP A 134 -14.99 12.88 -4.02
N VAL A 135 -14.90 11.54 -4.04
CA VAL A 135 -15.38 10.61 -5.09
C VAL A 135 -16.28 9.52 -4.47
N LYS A 136 -16.58 8.47 -5.23
CA LYS A 136 -16.95 7.14 -4.69
C LYS A 136 -18.29 7.09 -3.94
N GLN A 137 -19.19 8.03 -4.26
CA GLN A 137 -20.60 8.04 -3.86
C GLN A 137 -20.87 8.00 -2.34
N GLU A 138 -19.95 8.53 -1.52
CA GLU A 138 -20.14 8.78 -0.07
C GLU A 138 -20.36 10.27 0.26
N SER B 1 0.49 -2.00 18.87
CA SER B 1 0.56 -0.54 19.02
C SER B 1 1.50 0.12 18.01
N GLN B 2 2.80 0.19 18.31
CA GLN B 2 3.86 0.85 17.51
C GLN B 2 5.03 -0.09 17.22
N ILE B 3 5.44 -0.91 18.20
CA ILE B 3 6.34 -2.06 18.02
C ILE B 3 5.64 -3.18 17.21
N THR B 4 6.37 -4.22 16.78
CA THR B 4 5.77 -5.41 16.13
C THR B 4 4.70 -6.07 17.01
N SER B 5 3.56 -6.42 16.42
CA SER B 5 2.26 -6.47 17.07
C SER B 5 1.30 -7.37 16.30
N GLN B 6 1.02 -8.54 16.84
CA GLN B 6 -0.17 -9.31 16.47
C GLN B 6 -1.41 -8.38 16.50
N VAL B 7 -2.07 -8.21 15.35
CA VAL B 7 -2.94 -7.05 15.01
C VAL B 7 -3.97 -6.78 16.12
N GLY B 9 -7.08 -5.36 18.56
CA GLY B 9 -8.51 -5.59 18.78
C GLY B 9 -8.98 -5.16 20.18
N GLN B 10 -8.04 -4.88 21.10
CA GLN B 10 -8.25 -4.47 22.49
C GLN B 10 -8.80 -3.04 22.68
N ILE B 11 -8.65 -2.16 21.68
CA ILE B 11 -8.98 -0.72 21.80
C ILE B 11 -9.74 -0.14 20.60
N GLY B 12 -9.39 -0.52 19.37
CA GLY B 12 -10.09 -0.11 18.14
C GLY B 12 -9.92 1.37 17.79
N TRP B 13 -8.70 1.89 17.95
CA TRP B 13 -8.32 3.29 17.86
C TRP B 13 -7.95 3.74 16.44
N ARG B 14 -6.66 3.90 16.22
CA ARG B 14 -5.99 4.41 15.01
C ARG B 14 -6.27 3.49 13.81
N ARG B 15 -7.01 4.04 12.85
CA ARG B 15 -7.43 3.46 11.55
C ARG B 15 -6.30 3.40 10.51
N GLY A 1 -10.01 7.14 -27.56
CA GLY A 1 -8.79 7.96 -27.41
C GLY A 1 -8.86 9.23 -28.25
N SER A 2 -7.71 9.87 -28.51
CA SER A 2 -7.61 11.07 -29.35
C SER A 2 -7.91 10.79 -30.82
N PRO A 3 -8.63 11.68 -31.54
CA PRO A 3 -8.80 11.59 -33.00
C PRO A 3 -7.49 11.74 -33.80
N ASN A 4 -6.42 12.25 -33.17
CA ASN A 4 -5.16 12.59 -33.85
C ASN A 4 -4.23 11.38 -33.99
N SER A 5 -3.98 10.66 -32.90
CA SER A 5 -3.13 9.44 -32.84
C SER A 5 -3.43 8.62 -31.59
N MET A 6 -3.05 7.33 -31.60
CA MET A 6 -3.01 6.48 -30.40
C MET A 6 -1.90 6.94 -29.42
N ALA A 7 -0.85 7.61 -29.91
CA ALA A 7 0.28 8.10 -29.12
C ALA A 7 0.04 9.46 -28.45
N THR A 8 -0.93 10.25 -28.94
CA THR A 8 -1.30 11.56 -28.37
C THR A 8 -2.28 11.40 -27.20
N GLU A 9 -1.72 11.16 -26.01
CA GLU A 9 -2.46 11.00 -24.75
C GLU A 9 -1.88 11.88 -23.63
N LEU A 10 -2.73 12.29 -22.69
CA LEU A 10 -2.45 13.23 -21.59
C LEU A 10 -1.97 12.55 -20.28
N GLU A 11 -1.37 11.36 -20.40
CA GLU A 11 -0.93 10.51 -19.28
C GLU A 11 -0.15 11.27 -18.18
N TYR A 12 -0.60 11.13 -16.93
CA TYR A 12 -0.03 11.80 -15.75
C TYR A 12 -0.17 11.00 -14.45
N GLU A 13 0.31 11.56 -13.34
CA GLU A 13 -0.06 11.24 -11.95
C GLU A 13 0.43 12.37 -11.02
N SER A 14 -0.43 12.85 -10.14
CA SER A 14 -0.09 13.78 -9.06
C SER A 14 0.60 13.07 -7.89
N VAL A 15 1.20 13.78 -6.93
CA VAL A 15 1.85 13.17 -5.75
C VAL A 15 1.10 13.49 -4.44
N LEU A 16 0.99 12.50 -3.56
CA LEU A 16 0.18 12.55 -2.31
C LEU A 16 0.98 12.18 -1.06
N CYS A 17 1.89 11.20 -1.14
CA CYS A 17 2.76 10.79 -0.02
C CYS A 17 4.15 10.36 -0.50
N VAL A 18 5.18 10.60 0.33
CA VAL A 18 6.57 10.18 0.08
C VAL A 18 7.30 9.84 1.40
N LYS A 19 6.76 8.85 2.13
CA LYS A 19 7.35 8.38 3.40
C LYS A 19 8.73 7.74 3.15
N PRO A 20 9.81 8.17 3.84
CA PRO A 20 11.19 7.84 3.47
C PRO A 20 11.62 6.41 3.85
N ASP A 21 10.87 5.72 4.71
CA ASP A 21 11.09 4.32 5.08
C ASP A 21 9.78 3.53 5.08
N VAL A 22 9.80 2.36 4.44
CA VAL A 22 8.69 1.39 4.42
C VAL A 22 9.24 -0.02 4.20
N SER A 23 8.60 -1.04 4.79
CA SER A 23 8.89 -2.46 4.54
C SER A 23 7.68 -3.22 3.99
N VAL A 24 7.91 -4.28 3.21
CA VAL A 24 6.84 -5.16 2.72
C VAL A 24 6.95 -6.61 3.21
N TYR A 25 5.81 -7.29 3.19
CA TYR A 25 5.68 -8.72 3.48
C TYR A 25 4.95 -9.42 2.32
N ARG A 26 5.61 -10.27 1.55
CA ARG A 26 4.96 -11.24 0.66
C ARG A 26 4.19 -12.25 1.51
N ILE A 27 2.86 -12.28 1.37
CA ILE A 27 1.93 -13.06 2.22
C ILE A 27 1.38 -14.32 1.52
N PRO A 28 1.14 -15.43 2.25
CA PRO A 28 0.49 -16.62 1.70
C PRO A 28 -1.02 -16.48 1.36
N PRO A 29 -1.91 -15.92 2.21
CA PRO A 29 -3.35 -15.93 1.98
C PRO A 29 -3.86 -14.84 1.01
N ARG A 30 -5.05 -15.09 0.43
CA ARG A 30 -5.92 -14.13 -0.26
C ARG A 30 -7.00 -13.57 0.66
N ALA A 31 -7.59 -14.43 1.49
CA ALA A 31 -8.74 -14.07 2.31
C ALA A 31 -8.77 -14.94 3.57
N SER A 32 -8.38 -14.30 4.66
CA SER A 32 -8.45 -14.82 6.02
C SER A 32 -9.66 -14.26 6.77
N ASN A 33 -9.83 -14.71 8.01
CA ASN A 33 -10.93 -14.30 8.88
C ASN A 33 -10.77 -12.84 9.29
N ARG A 34 -11.80 -12.04 8.99
CA ARG A 34 -11.86 -10.58 9.15
C ARG A 34 -10.83 -9.79 8.34
N GLY A 35 -10.37 -10.40 7.24
CA GLY A 35 -9.52 -9.79 6.23
C GLY A 35 -8.31 -10.63 5.86
N TYR A 36 -7.20 -10.37 6.55
CA TYR A 36 -5.87 -10.95 6.29
C TYR A 36 -5.08 -11.25 7.56
N ARG A 37 -5.19 -10.37 8.57
CA ARG A 37 -4.45 -10.29 9.83
C ARG A 37 -2.93 -10.46 9.70
N ALA A 38 -2.16 -9.38 9.89
CA ALA A 38 -0.68 -9.42 9.92
C ALA A 38 -0.15 -10.50 10.88
N SER A 39 -0.86 -10.63 12.01
CA SER A 39 -0.77 -11.66 13.04
C SER A 39 -0.77 -13.13 12.55
N ASP A 40 -1.27 -13.43 11.35
CA ASP A 40 -1.29 -14.77 10.75
C ASP A 40 -0.02 -15.11 9.95
N TRP A 41 0.65 -14.09 9.40
CA TRP A 41 1.81 -14.21 8.51
C TRP A 41 3.04 -13.51 9.09
N LYS A 42 3.93 -12.97 8.25
CA LYS A 42 5.19 -12.32 8.61
C LYS A 42 5.00 -10.91 9.16
N LEU A 43 4.40 -10.89 10.33
CA LEU A 43 4.19 -9.76 11.23
C LEU A 43 5.50 -8.94 11.50
N ASP A 44 6.66 -9.60 11.49
CA ASP A 44 7.95 -9.06 11.95
C ASP A 44 9.14 -9.31 11.00
N GLN A 45 8.90 -9.83 9.80
CA GLN A 45 9.94 -10.38 8.90
C GLN A 45 9.82 -9.83 7.46
N PRO A 46 10.44 -8.69 7.12
CA PRO A 46 10.29 -8.06 5.80
C PRO A 46 11.02 -8.81 4.68
N ASP A 47 10.46 -8.76 3.48
CA ASP A 47 11.06 -9.34 2.25
C ASP A 47 11.82 -8.29 1.43
N TRP A 48 11.37 -7.04 1.48
CA TRP A 48 12.01 -5.88 0.87
C TRP A 48 11.76 -4.62 1.72
N THR A 49 12.70 -3.67 1.67
CA THR A 49 12.59 -2.35 2.29
C THR A 49 13.12 -1.24 1.37
N GLY A 50 12.57 -0.04 1.55
CA GLY A 50 12.91 1.12 0.75
C GLY A 50 12.06 2.35 1.10
N ARG A 51 11.58 3.03 0.07
CA ARG A 51 10.84 4.31 0.12
C ARG A 51 9.43 4.14 -0.45
N LEU A 52 8.46 4.79 0.18
CA LEU A 52 7.07 4.87 -0.30
C LEU A 52 6.92 6.02 -1.30
N ARG A 53 6.09 5.82 -2.33
CA ARG A 53 5.39 6.89 -3.06
C ARG A 53 3.90 6.57 -3.14
N ILE A 54 3.06 7.57 -2.90
CA ILE A 54 1.64 7.51 -3.23
C ILE A 54 1.37 8.65 -4.21
N THR A 55 0.84 8.29 -5.37
CA THR A 55 0.52 9.19 -6.48
C THR A 55 -0.93 9.01 -6.93
N SER A 56 -1.46 9.92 -7.76
CA SER A 56 -2.86 9.90 -8.18
C SER A 56 -3.11 10.53 -9.55
N LYS A 57 -3.50 9.71 -10.53
CA LYS A 57 -4.09 10.13 -11.79
C LYS A 57 -5.63 10.03 -11.71
N GLY A 58 -6.27 11.16 -11.45
CA GLY A 58 -7.72 11.33 -11.37
C GLY A 58 -8.32 10.69 -10.12
N LYS A 59 -9.43 9.96 -10.27
CA LYS A 59 -10.07 9.14 -9.21
C LYS A 59 -9.23 7.96 -8.75
N THR A 60 -8.14 7.69 -9.44
CA THR A 60 -7.27 6.55 -9.17
C THR A 60 -6.03 6.97 -8.39
N ALA A 61 -5.76 6.30 -7.27
CA ALA A 61 -4.49 6.39 -6.55
C ALA A 61 -3.55 5.24 -6.97
N TYR A 62 -2.24 5.39 -6.76
CA TYR A 62 -1.24 4.40 -7.12
C TYR A 62 -0.23 4.33 -5.97
N ILE A 63 -0.10 3.16 -5.34
CA ILE A 63 0.98 2.90 -4.38
C ILE A 63 2.19 2.44 -5.19
N LYS A 64 3.21 3.30 -5.32
CA LYS A 64 4.49 2.95 -5.94
C LYS A 64 5.56 2.79 -4.86
N LEU A 65 6.47 1.83 -5.03
CA LEU A 65 7.53 1.54 -4.05
C LEU A 65 8.90 1.67 -4.71
N GLU A 66 9.82 2.42 -4.10
CA GLU A 66 11.10 2.83 -4.68
C GLU A 66 12.31 2.38 -3.84
N ASP A 67 13.45 2.11 -4.47
CA ASP A 67 14.70 1.84 -3.79
C ASP A 67 15.24 3.14 -3.14
N LYS A 68 15.63 3.05 -1.87
CA LYS A 68 16.05 4.20 -1.04
C LYS A 68 17.34 4.88 -1.54
N VAL A 69 18.09 4.23 -2.43
CA VAL A 69 19.42 4.64 -2.90
C VAL A 69 19.37 5.17 -4.33
N SER A 70 18.54 4.57 -5.19
CA SER A 70 18.55 4.84 -6.64
C SER A 70 17.17 5.19 -7.23
N GLY A 71 16.10 5.14 -6.43
CA GLY A 71 14.73 5.45 -6.86
C GLY A 71 14.11 4.42 -7.81
N GLU A 72 14.72 3.23 -7.94
CA GLU A 72 14.27 2.17 -8.86
C GLU A 72 12.96 1.53 -8.36
N LEU A 73 12.02 1.25 -9.26
CA LEU A 73 10.70 0.71 -8.89
C LEU A 73 10.79 -0.75 -8.44
N PHE A 74 10.32 -1.04 -7.23
CA PHE A 74 10.13 -2.38 -6.68
C PHE A 74 8.78 -2.98 -7.12
N ALA A 75 7.69 -2.25 -6.91
CA ALA A 75 6.33 -2.65 -7.27
C ALA A 75 5.41 -1.43 -7.43
N GLN A 76 4.25 -1.63 -8.08
CA GLN A 76 3.15 -0.66 -8.11
C GLN A 76 1.77 -1.34 -7.95
N ALA A 77 0.88 -0.72 -7.17
CA ALA A 77 -0.51 -1.13 -6.96
C ALA A 77 -1.49 -0.01 -7.37
N PRO A 78 -2.34 -0.19 -8.39
CA PRO A 78 -3.42 0.76 -8.70
C PRO A 78 -4.59 0.57 -7.74
N VAL A 79 -5.07 1.66 -7.13
CA VAL A 79 -6.18 1.71 -6.15
C VAL A 79 -7.32 2.56 -6.70
N GLU A 80 -8.53 1.99 -6.70
CA GLU A 80 -9.75 2.58 -7.29
C GLU A 80 -10.83 2.87 -6.24
N GLN A 81 -10.62 2.41 -4.99
CA GLN A 81 -11.49 2.60 -3.83
C GLN A 81 -10.72 2.30 -2.53
N TYR A 82 -11.08 2.97 -1.43
CA TYR A 82 -10.56 2.71 -0.08
C TYR A 82 -11.68 2.73 0.99
N PRO A 83 -11.82 1.70 1.84
CA PRO A 83 -11.13 0.40 1.81
C PRO A 83 -11.45 -0.42 0.55
N GLY A 84 -10.54 -1.31 0.16
CA GLY A 84 -10.70 -2.18 -1.01
C GLY A 84 -9.65 -3.29 -1.09
N ILE A 85 -9.54 -3.94 -2.25
CA ILE A 85 -8.59 -5.05 -2.47
C ILE A 85 -7.17 -4.53 -2.74
N ALA A 86 -7.06 -3.28 -3.25
CA ALA A 86 -5.79 -2.68 -3.60
C ALA A 86 -5.12 -1.92 -2.46
N VAL A 87 -5.88 -1.56 -1.43
CA VAL A 87 -5.35 -1.22 -0.11
C VAL A 87 -6.37 -1.59 0.97
N GLU A 88 -5.97 -2.50 1.85
CA GLU A 88 -6.79 -3.05 2.95
C GLU A 88 -6.03 -2.96 4.28
N THR A 89 -6.76 -2.83 5.39
CA THR A 89 -6.19 -2.79 6.74
C THR A 89 -6.46 -4.13 7.43
N VAL A 90 -5.60 -5.08 7.09
CA VAL A 90 -5.27 -6.34 7.80
C VAL A 90 -6.39 -7.00 8.62
N THR A 91 -6.73 -6.42 9.77
CA THR A 91 -8.05 -6.57 10.42
C THR A 91 -8.60 -5.24 10.92
N ASP A 92 -7.77 -4.48 11.65
CA ASP A 92 -8.24 -3.31 12.39
C ASP A 92 -7.17 -2.23 12.55
N SER A 93 -6.14 -2.47 13.39
CA SER A 93 -4.93 -1.63 13.44
C SER A 93 -4.34 -1.31 12.09
N SER A 94 -3.97 -0.05 11.95
CA SER A 94 -3.32 0.52 10.79
C SER A 94 -1.83 0.79 11.01
N ARG A 95 -1.15 -0.07 11.79
CA ARG A 95 0.31 -0.29 11.74
C ARG A 95 0.73 -1.03 10.45
N TYR A 96 -0.15 -1.90 9.95
CA TYR A 96 0.03 -2.71 8.76
C TYR A 96 -1.09 -2.51 7.72
N PHE A 97 -0.83 -2.92 6.49
CA PHE A 97 -1.80 -2.97 5.38
C PHE A 97 -1.56 -4.18 4.49
N VAL A 98 -2.43 -4.40 3.50
CA VAL A 98 -2.23 -5.29 2.34
C VAL A 98 -2.61 -4.56 1.06
N ILE A 99 -1.81 -4.67 0.00
CA ILE A 99 -2.07 -4.07 -1.32
C ILE A 99 -1.93 -5.11 -2.45
N ARG A 100 -2.66 -4.89 -3.55
CA ARG A 100 -2.55 -5.69 -4.80
C ARG A 100 -1.64 -5.00 -5.81
N ILE A 101 -0.47 -5.57 -6.06
CA ILE A 101 0.54 -5.04 -6.99
C ILE A 101 0.56 -5.80 -8.32
N GLN A 102 1.20 -5.24 -9.34
CA GLN A 102 1.85 -6.05 -10.37
C GLN A 102 3.29 -6.36 -9.92
N ASP A 103 3.70 -7.63 -9.97
CA ASP A 103 4.93 -8.15 -9.35
C ASP A 103 6.21 -7.87 -10.18
N GLY A 104 6.04 -7.19 -11.32
CA GLY A 104 7.13 -6.71 -12.18
C GLY A 104 7.60 -7.72 -13.23
N THR A 105 6.84 -8.81 -13.46
CA THR A 105 7.17 -9.88 -14.42
C THR A 105 5.97 -10.34 -15.26
N GLY A 106 4.96 -9.48 -15.40
CA GLY A 106 3.73 -9.72 -16.17
C GLY A 106 2.65 -10.47 -15.38
N ARG A 107 2.72 -10.39 -14.04
CA ARG A 107 1.82 -11.09 -13.10
C ARG A 107 1.44 -10.20 -11.92
N SER A 108 0.23 -10.34 -11.39
CA SER A 108 -0.16 -9.60 -10.17
C SER A 108 0.10 -10.42 -8.89
N ALA A 109 0.30 -9.74 -7.76
CA ALA A 109 0.55 -10.34 -6.44
C ALA A 109 -0.04 -9.51 -5.30
N PHE A 110 -0.36 -10.14 -4.17
CA PHE A 110 -0.69 -9.45 -2.92
C PHE A 110 0.51 -9.43 -1.97
N ILE A 111 0.84 -8.25 -1.43
CA ILE A 111 1.80 -8.09 -0.32
C ILE A 111 1.16 -7.32 0.83
N GLY A 112 1.45 -7.78 2.04
CA GLY A 112 1.34 -6.98 3.24
C GLY A 112 2.39 -5.87 3.26
N ILE A 113 2.17 -4.85 4.09
CA ILE A 113 3.10 -3.75 4.32
C ILE A 113 3.27 -3.56 5.83
N GLY A 114 4.47 -3.20 6.29
CA GLY A 114 4.73 -2.71 7.64
C GLY A 114 5.59 -1.46 7.65
N PHE A 115 5.22 -0.47 8.45
CA PHE A 115 6.02 0.73 8.70
C PHE A 115 6.81 0.63 10.01
N THR A 116 7.82 1.48 10.12
CA THR A 116 8.71 1.58 11.28
C THR A 116 8.07 2.31 12.47
N ASP A 117 6.97 3.04 12.22
CA ASP A 117 6.13 3.70 13.22
C ASP A 117 4.62 3.53 12.93
N ARG A 118 3.80 3.42 13.99
CA ARG A 118 2.33 3.40 13.93
C ARG A 118 1.75 4.63 13.23
N GLY A 119 2.35 5.80 13.45
CA GLY A 119 1.98 7.06 12.81
C GLY A 119 2.41 7.17 11.35
N ASP A 120 3.50 6.50 10.96
CA ASP A 120 3.96 6.47 9.56
C ASP A 120 3.05 5.61 8.68
N ALA A 121 2.55 4.49 9.20
CA ALA A 121 1.50 3.71 8.56
C ALA A 121 0.14 4.44 8.55
N PHE A 122 -0.22 5.12 9.65
CA PHE A 122 -1.43 5.94 9.68
C PHE A 122 -1.43 7.08 8.64
N ASP A 123 -0.26 7.60 8.24
CA ASP A 123 -0.17 8.62 7.17
C ASP A 123 -0.39 8.00 5.77
N PHE A 124 0.03 6.74 5.58
CA PHE A 124 -0.31 5.95 4.39
C PHE A 124 -1.84 5.73 4.28
N ASN A 125 -2.53 5.61 5.42
CA ASN A 125 -3.99 5.62 5.47
C ASN A 125 -4.56 7.00 5.10
N VAL A 126 -4.19 8.09 5.79
CA VAL A 126 -4.83 9.41 5.60
C VAL A 126 -4.61 9.98 4.21
N SER A 127 -3.45 9.76 3.60
CA SER A 127 -3.18 10.15 2.20
C SER A 127 -4.05 9.43 1.16
N LEU A 128 -4.72 8.33 1.54
CA LEU A 128 -5.73 7.63 0.72
C LEU A 128 -7.17 7.97 1.16
N GLN A 129 -7.42 8.17 2.47
CA GLN A 129 -8.72 8.65 2.94
C GLN A 129 -9.07 10.00 2.30
N ASP A 130 -8.14 10.97 2.32
CA ASP A 130 -8.31 12.29 1.70
C ASP A 130 -8.27 12.25 0.17
N HIS A 131 -7.90 11.12 -0.44
CA HIS A 131 -8.01 10.90 -1.89
C HIS A 131 -9.41 10.45 -2.31
N PHE A 132 -10.09 9.60 -1.52
CA PHE A 132 -11.42 9.06 -1.89
C PHE A 132 -12.57 9.91 -1.35
N LYS A 133 -12.29 10.71 -0.32
CA LYS A 133 -13.12 11.75 0.33
C LYS A 133 -13.87 12.70 -0.61
N TRP A 134 -13.31 13.03 -1.78
CA TRP A 134 -13.91 13.94 -2.78
C TRP A 134 -14.45 13.26 -4.05
N VAL A 135 -14.45 11.92 -4.07
CA VAL A 135 -14.95 11.04 -5.14
C VAL A 135 -15.90 10.00 -4.53
N LYS A 136 -16.08 8.83 -5.17
CA LYS A 136 -16.86 7.68 -4.69
C LYS A 136 -18.35 7.98 -4.39
N GLN A 137 -18.87 9.05 -5.01
CA GLN A 137 -20.23 9.58 -4.82
C GLN A 137 -20.59 9.88 -3.35
N GLU A 138 -19.60 10.20 -2.51
CA GLU A 138 -19.79 10.58 -1.09
C GLU A 138 -20.04 12.08 -0.88
N SER B 1 7.93 -17.08 27.02
CA SER B 1 7.06 -16.76 25.85
C SER B 1 6.22 -15.50 26.12
N GLN B 2 5.83 -14.78 25.06
CA GLN B 2 4.97 -13.59 25.11
C GLN B 2 4.03 -13.47 23.89
N ILE B 3 3.09 -12.53 23.96
CA ILE B 3 2.29 -12.08 22.81
C ILE B 3 3.15 -11.15 21.93
N THR B 4 3.02 -11.27 20.60
CA THR B 4 3.72 -10.47 19.58
C THR B 4 3.01 -9.13 19.27
N SER B 5 3.62 -8.28 18.46
CA SER B 5 3.15 -6.92 18.08
C SER B 5 1.99 -6.88 17.07
N GLN B 6 1.02 -7.77 17.31
CA GLN B 6 -0.16 -8.11 16.51
C GLN B 6 -1.05 -6.90 16.14
N VAL B 7 -1.93 -7.07 15.14
CA VAL B 7 -2.97 -6.06 14.79
C VAL B 7 -3.83 -5.81 16.04
N GLY B 9 -7.21 -4.55 17.75
CA GLY B 9 -8.65 -4.63 17.48
C GLY B 9 -9.52 -4.33 18.71
N GLN B 10 -8.92 -4.47 19.90
CA GLN B 10 -9.47 -4.13 21.21
C GLN B 10 -9.57 -2.61 21.49
N ILE B 11 -8.95 -1.76 20.66
CA ILE B 11 -8.95 -0.30 20.76
C ILE B 11 -9.61 0.34 19.52
N GLY B 12 -9.04 0.07 18.33
CA GLY B 12 -9.57 0.51 17.02
C GLY B 12 -9.19 1.95 16.63
N TRP B 13 -7.97 2.38 17.02
CA TRP B 13 -7.49 3.76 16.96
C TRP B 13 -6.40 4.02 15.89
N ARG B 14 -5.60 5.07 16.10
CA ARG B 14 -5.13 6.02 15.09
C ARG B 14 -3.63 6.34 15.26
N ARG B 15 -3.19 7.52 14.80
CA ARG B 15 -1.84 8.10 15.02
C ARG B 15 -1.43 8.13 16.50
N GLY A 1 6.83 -5.08 -37.69
CA GLY A 1 7.83 -4.21 -37.04
C GLY A 1 7.39 -3.76 -35.65
N SER A 2 8.34 -3.39 -34.79
CA SER A 2 8.09 -2.95 -33.41
C SER A 2 7.34 -1.60 -33.33
N PRO A 3 6.51 -1.38 -32.29
CA PRO A 3 5.78 -0.12 -32.10
C PRO A 3 6.70 1.04 -31.69
N ASN A 4 6.22 2.27 -31.86
CA ASN A 4 6.88 3.50 -31.40
C ASN A 4 6.80 3.66 -29.87
N SER A 5 7.63 4.52 -29.29
CA SER A 5 7.61 4.87 -27.86
C SER A 5 6.29 5.52 -27.43
N MET A 6 5.84 5.22 -26.20
CA MET A 6 4.61 5.74 -25.60
C MET A 6 4.80 7.14 -24.96
N ALA A 7 6.01 7.71 -25.02
CA ALA A 7 6.35 9.02 -24.46
C ALA A 7 5.58 10.21 -25.06
N THR A 8 4.87 10.00 -26.18
CA THR A 8 4.00 10.99 -26.84
C THR A 8 2.66 11.20 -26.13
N GLU A 9 2.29 10.29 -25.23
CA GLU A 9 1.15 10.40 -24.30
C GLU A 9 1.61 10.89 -22.92
N LEU A 10 0.72 11.60 -22.19
CA LEU A 10 1.05 12.18 -20.88
C LEU A 10 1.44 11.14 -19.84
N GLU A 11 0.64 10.08 -19.77
CA GLU A 11 0.74 8.95 -18.82
C GLU A 11 1.09 9.37 -17.38
N TYR A 12 0.42 10.43 -16.90
CA TYR A 12 0.77 11.16 -15.68
C TYR A 12 0.37 10.45 -14.39
N GLU A 13 0.80 10.99 -13.26
CA GLU A 13 0.36 10.62 -11.90
C GLU A 13 0.83 11.72 -10.91
N SER A 14 -0.12 12.30 -10.21
CA SER A 14 0.07 13.44 -9.31
C SER A 14 0.46 12.99 -7.91
N VAL A 15 1.58 13.47 -7.35
CA VAL A 15 2.07 13.00 -6.04
C VAL A 15 1.12 13.37 -4.89
N LEU A 16 0.84 12.39 -4.02
CA LEU A 16 0.00 12.51 -2.84
C LEU A 16 0.80 12.35 -1.54
N CYS A 17 1.71 11.36 -1.49
CA CYS A 17 2.50 11.06 -0.30
C CYS A 17 3.89 10.49 -0.62
N VAL A 18 4.82 10.74 0.30
CA VAL A 18 6.16 10.16 0.34
C VAL A 18 6.51 9.88 1.81
N LYS A 19 6.98 8.66 2.11
CA LYS A 19 7.47 8.29 3.46
C LYS A 19 8.89 7.71 3.43
N PRO A 20 9.74 8.10 4.41
CA PRO A 20 11.19 7.88 4.38
C PRO A 20 11.62 6.42 4.58
N ASP A 21 10.80 5.62 5.27
CA ASP A 21 11.04 4.20 5.52
C ASP A 21 9.73 3.40 5.47
N VAL A 22 9.74 2.27 4.76
CA VAL A 22 8.62 1.32 4.66
C VAL A 22 9.17 -0.09 4.43
N SER A 23 8.57 -1.09 5.08
CA SER A 23 9.03 -2.49 5.05
C SER A 23 7.94 -3.43 4.54
N VAL A 24 8.32 -4.44 3.74
CA VAL A 24 7.41 -5.38 3.07
C VAL A 24 7.69 -6.82 3.48
N TYR A 25 6.62 -7.54 3.82
CA TYR A 25 6.67 -8.79 4.61
C TYR A 25 6.22 -10.07 3.87
N ARG A 26 5.82 -9.94 2.59
CA ARG A 26 5.49 -11.00 1.59
C ARG A 26 4.64 -12.17 2.13
N ILE A 27 3.34 -12.12 1.88
CA ILE A 27 2.33 -12.91 2.63
C ILE A 27 1.78 -14.13 1.85
N PRO A 28 1.48 -15.26 2.53
CA PRO A 28 0.83 -16.42 1.91
C PRO A 28 -0.71 -16.36 1.68
N PRO A 29 -1.56 -15.82 2.59
CA PRO A 29 -3.02 -15.88 2.43
C PRO A 29 -3.61 -14.76 1.54
N ARG A 30 -4.91 -14.88 1.23
CA ARG A 30 -5.73 -13.89 0.52
C ARG A 30 -6.97 -13.45 1.29
N ALA A 31 -7.76 -14.41 1.77
CA ALA A 31 -9.10 -14.12 2.29
C ALA A 31 -9.49 -15.06 3.43
N SER A 32 -9.50 -14.48 4.62
CA SER A 32 -10.20 -14.99 5.80
C SER A 32 -11.46 -14.15 6.12
N ASN A 33 -12.30 -14.64 7.02
CA ASN A 33 -13.51 -13.95 7.51
C ASN A 33 -13.23 -12.61 8.23
N ARG A 34 -11.98 -12.35 8.67
CA ARG A 34 -11.54 -11.08 9.26
C ARG A 34 -10.72 -10.21 8.31
N GLY A 35 -10.21 -10.78 7.23
CA GLY A 35 -9.35 -10.14 6.24
C GLY A 35 -8.06 -10.94 6.01
N TYR A 36 -6.93 -10.37 6.43
CA TYR A 36 -5.59 -10.95 6.24
C TYR A 36 -4.84 -11.29 7.52
N ARG A 37 -5.08 -10.52 8.60
CA ARG A 37 -4.38 -10.49 9.90
C ARG A 37 -2.85 -10.58 9.81
N ALA A 38 -2.13 -9.47 10.08
CA ALA A 38 -0.67 -9.46 10.15
C ALA A 38 -0.10 -10.54 11.10
N SER A 39 -0.84 -10.79 12.19
CA SER A 39 -0.61 -11.82 13.21
C SER A 39 -0.63 -13.26 12.66
N ASP A 40 -1.18 -13.50 11.46
CA ASP A 40 -1.20 -14.79 10.78
C ASP A 40 0.09 -15.08 9.97
N TRP A 41 0.86 -14.04 9.64
CA TRP A 41 2.09 -14.11 8.84
C TRP A 41 3.24 -13.37 9.56
N LYS A 42 4.30 -13.02 8.83
CA LYS A 42 5.47 -12.30 9.35
C LYS A 42 5.09 -10.84 9.63
N LEU A 43 4.94 -10.44 10.89
CA LEU A 43 4.78 -9.02 11.28
C LEU A 43 6.08 -8.37 11.83
N ASP A 44 7.14 -9.16 11.99
CA ASP A 44 8.41 -8.77 12.62
C ASP A 44 9.63 -8.87 11.66
N GLN A 45 9.53 -9.70 10.60
CA GLN A 45 10.63 -9.97 9.66
C GLN A 45 10.26 -9.56 8.22
N PRO A 46 10.72 -8.40 7.71
CA PRO A 46 10.52 -8.03 6.31
C PRO A 46 11.49 -8.75 5.37
N ASP A 47 11.13 -8.85 4.10
CA ASP A 47 11.97 -9.38 3.01
C ASP A 47 12.54 -8.27 2.12
N TRP A 48 11.94 -7.08 2.16
CA TRP A 48 12.39 -5.87 1.46
C TRP A 48 12.08 -4.63 2.31
N THR A 49 12.94 -3.62 2.29
CA THR A 49 12.64 -2.27 2.80
C THR A 49 13.15 -1.19 1.87
N GLY A 50 12.50 -0.02 1.93
CA GLY A 50 12.78 1.10 1.05
C GLY A 50 11.97 2.33 1.44
N ARG A 51 11.46 3.01 0.42
CA ARG A 51 10.78 4.31 0.47
C ARG A 51 9.39 4.20 -0.17
N LEU A 52 8.41 4.91 0.38
CA LEU A 52 7.04 4.96 -0.16
C LEU A 52 6.88 6.12 -1.14
N ARG A 53 6.12 5.92 -2.23
CA ARG A 53 5.64 7.00 -3.10
C ARG A 53 4.19 6.73 -3.53
N ILE A 54 3.25 7.52 -3.04
CA ILE A 54 1.84 7.46 -3.43
C ILE A 54 1.56 8.57 -4.43
N THR A 55 1.02 8.22 -5.59
CA THR A 55 0.68 9.14 -6.69
C THR A 55 -0.75 8.89 -7.19
N SER A 56 -1.31 9.74 -8.05
CA SER A 56 -2.69 9.60 -8.55
C SER A 56 -2.92 10.22 -9.93
N LYS A 57 -3.36 9.40 -10.88
CA LYS A 57 -3.82 9.81 -12.21
C LYS A 57 -5.35 9.95 -12.22
N GLY A 58 -5.83 10.89 -11.41
CA GLY A 58 -7.25 11.18 -11.16
C GLY A 58 -7.80 10.40 -9.96
N LYS A 59 -8.99 9.80 -10.12
CA LYS A 59 -9.66 8.95 -9.12
C LYS A 59 -8.98 7.61 -8.86
N THR A 60 -7.93 7.31 -9.62
CA THR A 60 -7.02 6.19 -9.38
C THR A 60 -5.73 6.67 -8.74
N ALA A 61 -5.46 6.21 -7.51
CA ALA A 61 -4.14 6.33 -6.90
C ALA A 61 -3.27 5.12 -7.25
N TYR A 62 -1.96 5.25 -7.05
CA TYR A 62 -0.95 4.24 -7.35
C TYR A 62 -0.01 4.18 -6.15
N ILE A 63 -0.07 3.09 -5.39
CA ILE A 63 0.86 2.81 -4.30
C ILE A 63 2.16 2.31 -4.92
N LYS A 64 3.21 3.12 -4.91
CA LYS A 64 4.54 2.73 -5.43
C LYS A 64 5.57 2.63 -4.31
N LEU A 65 6.52 1.73 -4.49
CA LEU A 65 7.58 1.42 -3.53
C LEU A 65 8.93 1.54 -4.23
N GLU A 66 9.86 2.26 -3.63
CA GLU A 66 11.12 2.72 -4.24
C GLU A 66 12.34 2.33 -3.40
N ASP A 67 13.51 2.14 -4.03
CA ASP A 67 14.75 1.82 -3.34
C ASP A 67 15.24 3.02 -2.51
N LYS A 68 15.66 2.75 -1.27
CA LYS A 68 16.04 3.79 -0.28
C LYS A 68 17.26 4.61 -0.69
N VAL A 69 18.01 4.17 -1.69
CA VAL A 69 19.32 4.72 -2.11
C VAL A 69 19.22 5.40 -3.46
N SER A 70 18.45 4.82 -4.40
CA SER A 70 18.46 5.22 -5.81
C SER A 70 17.06 5.53 -6.38
N GLY A 71 15.99 5.33 -5.61
CA GLY A 71 14.61 5.60 -6.02
C GLY A 71 14.05 4.61 -7.07
N GLU A 72 14.73 3.49 -7.30
CA GLU A 72 14.33 2.49 -8.32
C GLU A 72 13.08 1.71 -7.89
N LEU A 73 12.17 1.41 -8.82
CA LEU A 73 10.87 0.82 -8.51
C LEU A 73 11.00 -0.65 -8.05
N PHE A 74 10.49 -0.95 -6.85
CA PHE A 74 10.30 -2.31 -6.33
C PHE A 74 8.95 -2.90 -6.79
N ALA A 75 7.85 -2.17 -6.57
CA ALA A 75 6.50 -2.58 -6.95
C ALA A 75 5.55 -1.38 -7.09
N GLN A 76 4.42 -1.59 -7.78
CA GLN A 76 3.32 -0.64 -7.89
C GLN A 76 1.93 -1.30 -7.88
N ALA A 77 0.97 -0.73 -7.15
CA ALA A 77 -0.43 -1.19 -7.05
C ALA A 77 -1.42 -0.07 -7.41
N PRO A 78 -2.19 -0.14 -8.52
CA PRO A 78 -3.24 0.84 -8.85
C PRO A 78 -4.52 0.60 -8.03
N VAL A 79 -5.15 1.66 -7.50
CA VAL A 79 -6.35 1.59 -6.64
C VAL A 79 -7.46 2.51 -7.12
N GLU A 80 -8.68 1.97 -7.23
CA GLU A 80 -9.89 2.70 -7.65
C GLU A 80 -10.92 2.86 -6.52
N GLN A 81 -10.67 2.30 -5.33
CA GLN A 81 -11.54 2.34 -4.16
C GLN A 81 -10.75 2.08 -2.86
N TYR A 82 -11.07 2.80 -1.79
CA TYR A 82 -10.49 2.59 -0.45
C TYR A 82 -11.56 2.52 0.66
N PRO A 83 -11.57 1.48 1.53
CA PRO A 83 -10.80 0.23 1.42
C PRO A 83 -11.09 -0.59 0.16
N GLY A 84 -10.17 -1.46 -0.24
CA GLY A 84 -10.32 -2.35 -1.39
C GLY A 84 -9.25 -3.44 -1.46
N ILE A 85 -9.19 -4.16 -2.58
CA ILE A 85 -8.22 -5.26 -2.78
C ILE A 85 -6.82 -4.73 -3.09
N ALA A 86 -6.74 -3.49 -3.60
CA ALA A 86 -5.48 -2.83 -3.89
C ALA A 86 -4.84 -2.18 -2.67
N VAL A 87 -5.59 -1.95 -1.59
CA VAL A 87 -5.08 -1.49 -0.28
C VAL A 87 -6.12 -1.76 0.81
N GLU A 88 -5.74 -2.61 1.77
CA GLU A 88 -6.58 -3.13 2.85
C GLU A 88 -5.86 -3.06 4.21
N THR A 89 -6.59 -2.91 5.30
CA THR A 89 -6.07 -2.99 6.67
C THR A 89 -6.30 -4.40 7.18
N VAL A 90 -5.24 -5.19 7.04
CA VAL A 90 -4.91 -6.44 7.76
C VAL A 90 -6.05 -7.07 8.57
N THR A 91 -6.41 -6.47 9.70
CA THR A 91 -7.72 -6.56 10.35
C THR A 91 -8.15 -5.19 10.85
N ASP A 92 -7.31 -4.54 11.67
CA ASP A 92 -7.65 -3.28 12.36
C ASP A 92 -6.45 -2.37 12.67
N SER A 93 -5.46 -2.77 13.48
CA SER A 93 -4.27 -1.93 13.76
C SER A 93 -3.46 -1.54 12.51
N SER A 94 -3.65 -0.32 12.04
CA SER A 94 -3.00 0.24 10.87
C SER A 94 -1.56 0.76 11.12
N ARG A 95 -0.71 -0.07 11.74
CA ARG A 95 0.74 -0.11 11.46
C ARG A 95 1.02 -0.87 10.16
N TYR A 96 0.10 -1.76 9.78
CA TYR A 96 0.21 -2.65 8.62
C TYR A 96 -0.90 -2.43 7.60
N PHE A 97 -0.64 -2.88 6.37
CA PHE A 97 -1.61 -2.97 5.28
C PHE A 97 -1.33 -4.19 4.40
N VAL A 98 -2.22 -4.45 3.45
CA VAL A 98 -1.98 -5.36 2.31
C VAL A 98 -2.36 -4.64 1.02
N ILE A 99 -1.50 -4.68 0.00
CA ILE A 99 -1.78 -4.13 -1.33
C ILE A 99 -1.61 -5.22 -2.40
N ARG A 100 -2.43 -5.20 -3.47
CA ARG A 100 -2.22 -6.05 -4.67
C ARG A 100 -1.45 -5.26 -5.73
N ILE A 101 -0.23 -5.67 -6.01
CA ILE A 101 0.69 -5.04 -6.96
C ILE A 101 0.64 -5.73 -8.33
N GLN A 102 1.04 -5.02 -9.38
CA GLN A 102 1.36 -5.60 -10.69
C GLN A 102 2.82 -6.08 -10.72
N ASP A 103 3.09 -7.22 -11.36
CA ASP A 103 4.45 -7.63 -11.73
C ASP A 103 4.93 -7.02 -13.07
N GLY A 104 4.03 -6.31 -13.77
CA GLY A 104 4.30 -5.57 -15.01
C GLY A 104 4.23 -6.41 -16.30
N THR A 105 3.92 -7.71 -16.19
CA THR A 105 3.83 -8.65 -17.32
C THR A 105 2.38 -9.09 -17.63
N GLY A 106 1.38 -8.40 -17.04
CA GLY A 106 -0.04 -8.73 -17.11
C GLY A 106 -0.54 -9.58 -15.94
N ARG A 107 0.26 -9.68 -14.86
CA ARG A 107 -0.01 -10.50 -13.66
C ARG A 107 0.20 -9.75 -12.36
N SER A 108 -0.49 -10.14 -11.29
CA SER A 108 -0.50 -9.44 -10.00
C SER A 108 -0.11 -10.34 -8.82
N ALA A 109 0.36 -9.72 -7.73
CA ALA A 109 0.75 -10.37 -6.46
C ALA A 109 0.25 -9.57 -5.25
N PHE A 110 0.02 -10.24 -4.12
CA PHE A 110 -0.38 -9.61 -2.86
C PHE A 110 0.82 -9.50 -1.90
N ILE A 111 1.10 -8.30 -1.41
CA ILE A 111 2.12 -8.06 -0.38
C ILE A 111 1.55 -7.37 0.86
N GLY A 112 1.96 -7.87 2.03
CA GLY A 112 1.76 -7.22 3.32
C GLY A 112 2.85 -6.19 3.58
N ILE A 113 2.46 -5.02 4.09
CA ILE A 113 3.36 -3.92 4.44
C ILE A 113 3.31 -3.69 5.96
N GLY A 114 4.43 -3.28 6.56
CA GLY A 114 4.49 -2.69 7.90
C GLY A 114 5.46 -1.51 7.94
N PHE A 115 5.08 -0.44 8.63
CA PHE A 115 5.94 0.76 8.79
C PHE A 115 6.70 0.75 10.13
N THR A 116 7.86 1.41 10.13
CA THR A 116 8.72 1.54 11.33
C THR A 116 8.11 2.47 12.37
N ASP A 117 7.28 3.42 11.93
CA ASP A 117 6.46 4.29 12.78
C ASP A 117 4.96 4.05 12.53
N ARG A 118 4.17 3.93 13.61
CA ARG A 118 2.71 3.77 13.57
C ARG A 118 2.04 4.98 12.89
N GLY A 119 2.58 6.18 13.07
CA GLY A 119 2.12 7.40 12.41
C GLY A 119 2.40 7.44 10.90
N ASP A 120 3.48 6.81 10.44
CA ASP A 120 3.80 6.74 9.00
C ASP A 120 2.84 5.82 8.24
N ALA A 121 2.42 4.71 8.87
CA ALA A 121 1.33 3.87 8.34
C ALA A 121 -0.04 4.54 8.43
N PHE A 122 -0.35 5.22 9.54
CA PHE A 122 -1.59 5.99 9.65
C PHE A 122 -1.68 7.12 8.60
N ASP A 123 -0.56 7.71 8.19
CA ASP A 123 -0.48 8.67 7.09
C ASP A 123 -0.63 7.99 5.72
N PHE A 124 -0.13 6.76 5.54
CA PHE A 124 -0.40 5.96 4.34
C PHE A 124 -1.91 5.73 4.14
N ASN A 125 -2.64 5.48 5.24
CA ASN A 125 -4.11 5.44 5.25
C ASN A 125 -4.75 6.81 4.94
N VAL A 126 -4.40 7.88 5.67
CA VAL A 126 -5.06 9.18 5.51
C VAL A 126 -4.81 9.80 4.13
N SER A 127 -3.65 9.54 3.52
CA SER A 127 -3.33 9.94 2.14
C SER A 127 -4.28 9.33 1.09
N LEU A 128 -4.93 8.22 1.43
CA LEU A 128 -5.96 7.57 0.60
C LEU A 128 -7.38 7.92 1.04
N GLN A 129 -7.64 8.09 2.34
CA GLN A 129 -8.93 8.62 2.81
C GLN A 129 -9.25 9.97 2.17
N ASP A 130 -8.30 10.92 2.21
CA ASP A 130 -8.47 12.25 1.60
C ASP A 130 -8.29 12.26 0.07
N HIS A 131 -7.94 11.11 -0.54
CA HIS A 131 -7.98 10.92 -1.99
C HIS A 131 -9.35 10.43 -2.46
N PHE A 132 -10.01 9.57 -1.68
CA PHE A 132 -11.34 9.05 -2.01
C PHE A 132 -12.51 9.86 -1.42
N LYS A 133 -12.28 10.74 -0.42
CA LYS A 133 -13.36 11.50 0.27
C LYS A 133 -14.15 12.47 -0.61
N TRP A 134 -13.56 12.94 -1.71
CA TRP A 134 -14.16 13.90 -2.66
C TRP A 134 -14.66 13.25 -3.97
N VAL A 135 -14.58 11.91 -4.06
CA VAL A 135 -15.04 11.04 -5.16
C VAL A 135 -15.92 9.92 -4.55
N LYS A 136 -16.07 8.79 -5.25
CA LYS A 136 -16.59 7.51 -4.76
C LYS A 136 -18.06 7.46 -4.31
N GLN A 137 -18.79 8.56 -4.46
CA GLN A 137 -20.22 8.73 -4.15
C GLN A 137 -20.60 8.35 -2.69
N GLU A 138 -19.68 8.50 -1.75
CA GLU A 138 -19.83 8.13 -0.32
C GLU A 138 -19.37 9.25 0.64
N SER B 1 8.25 -17.71 25.78
CA SER B 1 8.38 -17.23 24.39
C SER B 1 8.06 -15.74 24.27
N GLN B 2 8.63 -15.05 23.29
CA GLN B 2 8.41 -13.61 23.04
C GLN B 2 6.98 -13.35 22.48
N ILE B 3 6.35 -12.27 22.94
CA ILE B 3 5.02 -11.82 22.48
C ILE B 3 5.18 -10.94 21.22
N THR B 4 4.35 -11.18 20.21
CA THR B 4 4.36 -10.46 18.92
C THR B 4 3.60 -9.12 18.97
N SER B 5 3.99 -8.18 18.11
CA SER B 5 3.34 -6.86 17.92
C SER B 5 2.05 -6.94 17.07
N GLN B 6 1.19 -7.87 17.46
CA GLN B 6 -0.06 -8.27 16.80
C GLN B 6 -0.97 -7.11 16.36
N VAL B 7 -1.65 -7.28 15.22
CA VAL B 7 -2.75 -6.41 14.80
C VAL B 7 -3.98 -6.71 15.67
N GLY B 9 -8.15 -6.76 16.84
CA GLY B 9 -9.29 -7.56 16.38
C GLY B 9 -10.66 -6.98 16.74
N GLN B 10 -10.68 -5.77 17.30
CA GLN B 10 -11.86 -5.19 17.93
C GLN B 10 -11.93 -3.65 17.87
N ILE B 11 -10.82 -2.94 18.06
CA ILE B 11 -10.89 -1.49 18.39
C ILE B 11 -10.86 -0.57 17.15
N GLY B 12 -10.13 -0.95 16.11
CA GLY B 12 -10.10 -0.23 14.82
C GLY B 12 -9.44 1.15 14.91
N TRP B 13 -8.38 1.25 15.70
CA TRP B 13 -7.77 2.49 16.19
C TRP B 13 -6.59 3.00 15.34
N ARG B 14 -5.78 3.89 15.93
CA ARG B 14 -5.29 5.11 15.26
C ARG B 14 -3.81 5.43 15.53
N ARG B 15 -3.36 6.59 15.00
CA ARG B 15 -2.00 7.17 15.05
C ARG B 15 -1.23 6.89 16.37
N GLY A 1 3.70 16.42 -41.14
CA GLY A 1 3.00 16.37 -39.84
C GLY A 1 3.85 16.91 -38.71
N SER A 2 3.23 17.17 -37.55
CA SER A 2 3.90 17.65 -36.33
C SER A 2 4.72 16.55 -35.62
N PRO A 3 5.78 16.89 -34.86
CA PRO A 3 6.61 15.92 -34.14
C PRO A 3 5.87 15.31 -32.92
N ASN A 4 6.26 14.09 -32.54
CA ASN A 4 5.72 13.38 -31.38
C ASN A 4 6.34 13.89 -30.05
N SER A 5 5.61 13.75 -28.94
CA SER A 5 6.05 14.12 -27.59
C SER A 5 5.32 13.29 -26.52
N MET A 6 6.00 12.99 -25.41
CA MET A 6 5.42 12.30 -24.24
C MET A 6 4.27 13.09 -23.58
N ALA A 7 4.17 14.40 -23.85
CA ALA A 7 3.10 15.28 -23.40
C ALA A 7 1.78 15.14 -24.21
N THR A 8 1.74 14.28 -25.25
CA THR A 8 0.57 14.12 -26.15
C THR A 8 -0.62 13.38 -25.52
N GLU A 9 -0.44 12.78 -24.34
CA GLU A 9 -1.49 12.09 -23.57
C GLU A 9 -1.34 12.29 -22.05
N LEU A 10 -2.38 11.93 -21.29
CA LEU A 10 -2.43 12.04 -19.82
C LEU A 10 -1.74 10.85 -19.13
N GLU A 11 -0.49 10.56 -19.50
CA GLU A 11 0.31 9.45 -18.95
C GLU A 11 0.92 9.73 -17.56
N TYR A 12 0.23 10.51 -16.72
CA TYR A 12 0.79 11.13 -15.51
C TYR A 12 0.45 10.42 -14.20
N GLU A 13 0.96 10.96 -13.10
CA GLU A 13 0.55 10.72 -11.71
C GLU A 13 1.13 11.82 -10.82
N SER A 14 0.30 12.40 -9.95
CA SER A 14 0.67 13.49 -9.04
C SER A 14 0.84 12.98 -7.61
N VAL A 15 1.96 13.31 -6.95
CA VAL A 15 2.26 12.79 -5.59
C VAL A 15 1.23 13.29 -4.56
N LEU A 16 0.78 12.37 -3.70
CA LEU A 16 -0.12 12.60 -2.57
C LEU A 16 0.60 12.40 -1.23
N CYS A 17 1.40 11.33 -1.12
CA CYS A 17 2.20 10.99 0.05
C CYS A 17 3.55 10.39 -0.35
N VAL A 18 4.56 10.59 0.51
CA VAL A 18 5.91 10.06 0.37
C VAL A 18 6.47 9.80 1.76
N LYS A 19 6.94 8.58 2.03
CA LYS A 19 7.54 8.21 3.33
C LYS A 19 8.96 7.63 3.22
N PRO A 20 9.86 8.02 4.16
CA PRO A 20 11.31 7.80 4.05
C PRO A 20 11.76 6.35 4.25
N ASP A 21 11.00 5.57 5.03
CA ASP A 21 11.35 4.18 5.40
C ASP A 21 10.06 3.34 5.56
N VAL A 22 9.97 2.25 4.80
CA VAL A 22 8.82 1.33 4.74
C VAL A 22 9.33 -0.09 4.44
N SER A 23 8.68 -1.11 5.00
CA SER A 23 9.11 -2.51 4.89
C SER A 23 7.98 -3.41 4.37
N VAL A 24 8.32 -4.37 3.51
CA VAL A 24 7.38 -5.33 2.90
C VAL A 24 7.74 -6.75 3.31
N TYR A 25 6.72 -7.49 3.75
CA TYR A 25 6.87 -8.78 4.45
C TYR A 25 6.49 -10.01 3.61
N ARG A 26 5.73 -9.77 2.53
CA ARG A 26 5.03 -10.74 1.65
C ARG A 26 4.06 -11.69 2.38
N ILE A 27 2.96 -12.05 1.71
CA ILE A 27 1.89 -12.88 2.33
C ILE A 27 1.41 -14.04 1.43
N PRO A 28 1.16 -15.24 1.97
CA PRO A 28 0.55 -16.34 1.22
C PRO A 28 -0.98 -16.23 0.95
N PRO A 29 -1.86 -15.75 1.85
CA PRO A 29 -3.30 -15.73 1.62
C PRO A 29 -3.76 -14.56 0.73
N ARG A 30 -4.92 -14.75 0.07
CA ARG A 30 -5.68 -13.70 -0.63
C ARG A 30 -6.86 -13.14 0.15
N ALA A 31 -7.40 -13.95 1.07
CA ALA A 31 -8.58 -13.62 1.87
C ALA A 31 -8.69 -14.59 3.05
N SER A 32 -8.30 -14.09 4.23
CA SER A 32 -8.51 -14.75 5.51
C SER A 32 -9.85 -14.37 6.15
N ASN A 33 -10.29 -15.17 7.10
CA ASN A 33 -11.58 -15.11 7.80
C ASN A 33 -11.91 -13.76 8.48
N ARG A 34 -10.90 -12.91 8.79
CA ARG A 34 -11.07 -11.54 9.34
C ARG A 34 -10.56 -10.42 8.42
N GLY A 35 -10.05 -10.79 7.25
CA GLY A 35 -9.35 -9.91 6.30
C GLY A 35 -8.04 -10.54 5.85
N TYR A 36 -6.94 -10.20 6.53
CA TYR A 36 -5.63 -10.83 6.33
C TYR A 36 -4.88 -11.18 7.61
N ARG A 37 -5.04 -10.36 8.67
CA ARG A 37 -4.35 -10.37 9.98
C ARG A 37 -2.83 -10.54 9.89
N ALA A 38 -2.08 -9.47 10.15
CA ALA A 38 -0.60 -9.49 10.13
C ALA A 38 0.03 -10.56 11.03
N SER A 39 -0.67 -10.97 12.09
CA SER A 39 -0.26 -12.03 13.01
C SER A 39 -0.37 -13.46 12.42
N ASP A 40 -1.05 -13.66 11.28
CA ASP A 40 -1.11 -14.96 10.57
C ASP A 40 0.18 -15.26 9.79
N TRP A 41 0.75 -14.23 9.16
CA TRP A 41 1.97 -14.26 8.36
C TRP A 41 3.14 -13.61 9.12
N LYS A 42 4.21 -13.20 8.42
CA LYS A 42 5.36 -12.47 9.00
C LYS A 42 4.96 -11.07 9.44
N LEU A 43 4.79 -10.99 10.75
CA LEU A 43 4.51 -9.80 11.54
C LEU A 43 5.79 -8.94 11.78
N ASP A 44 6.94 -9.59 11.93
CA ASP A 44 8.19 -8.98 12.43
C ASP A 44 9.45 -9.32 11.59
N GLN A 45 9.26 -9.99 10.43
CA GLN A 45 10.34 -10.44 9.53
C GLN A 45 10.13 -9.91 8.09
N PRO A 46 10.62 -8.72 7.74
CA PRO A 46 10.49 -8.18 6.39
C PRO A 46 11.41 -8.89 5.38
N ASP A 47 11.02 -8.89 4.10
CA ASP A 47 11.80 -9.42 2.98
C ASP A 47 12.45 -8.31 2.14
N TRP A 48 11.81 -7.13 2.08
CA TRP A 48 12.28 -5.93 1.38
C TRP A 48 12.06 -4.69 2.24
N THR A 49 12.93 -3.69 2.16
CA THR A 49 12.68 -2.34 2.67
C THR A 49 13.16 -1.27 1.70
N GLY A 50 12.53 -0.10 1.78
CA GLY A 50 12.77 1.02 0.87
C GLY A 50 11.98 2.25 1.27
N ARG A 51 11.43 2.91 0.25
CA ARG A 51 10.77 4.22 0.30
C ARG A 51 9.37 4.11 -0.31
N LEU A 52 8.40 4.84 0.28
CA LEU A 52 7.02 4.87 -0.19
C LEU A 52 6.79 6.06 -1.13
N ARG A 53 6.03 5.85 -2.20
CA ARG A 53 5.26 6.89 -2.91
C ARG A 53 3.79 6.49 -2.99
N ILE A 54 2.91 7.45 -2.75
CA ILE A 54 1.49 7.36 -3.12
C ILE A 54 1.23 8.53 -4.05
N THR A 55 0.79 8.22 -5.26
CA THR A 55 0.55 9.19 -6.34
C THR A 55 -0.90 9.05 -6.84
N SER A 56 -1.37 9.97 -7.68
CA SER A 56 -2.72 9.98 -8.24
C SER A 56 -2.77 10.67 -9.59
N LYS A 57 -3.31 9.97 -10.59
CA LYS A 57 -3.70 10.50 -11.90
C LYS A 57 -5.18 10.98 -11.94
N GLY A 58 -5.71 11.36 -10.77
CA GLY A 58 -7.09 11.80 -10.54
C GLY A 58 -8.06 10.62 -10.45
N LYS A 59 -8.74 10.48 -9.30
CA LYS A 59 -9.68 9.38 -8.94
C LYS A 59 -9.12 7.95 -8.99
N THR A 60 -7.88 7.79 -9.42
CA THR A 60 -7.07 6.57 -9.29
C THR A 60 -5.77 6.91 -8.58
N ALA A 61 -5.57 6.38 -7.38
CA ALA A 61 -4.30 6.43 -6.66
C ALA A 61 -3.41 5.25 -7.07
N TYR A 62 -2.10 5.38 -6.92
CA TYR A 62 -1.14 4.32 -7.19
C TYR A 62 -0.17 4.26 -6.01
N ILE A 63 -0.15 3.11 -5.31
CA ILE A 63 0.85 2.83 -4.27
C ILE A 63 2.09 2.32 -4.98
N LYS A 64 3.15 3.13 -5.04
CA LYS A 64 4.43 2.76 -5.67
C LYS A 64 5.55 2.68 -4.64
N LEU A 65 6.40 1.66 -4.74
CA LEU A 65 7.47 1.39 -3.77
C LEU A 65 8.83 1.52 -4.46
N GLU A 66 9.76 2.24 -3.84
CA GLU A 66 11.03 2.67 -4.42
C GLU A 66 12.25 2.21 -3.58
N ASP A 67 13.40 1.98 -4.22
CA ASP A 67 14.64 1.66 -3.53
C ASP A 67 15.15 2.86 -2.74
N LYS A 68 15.58 2.62 -1.49
CA LYS A 68 15.99 3.67 -0.53
C LYS A 68 17.21 4.48 -0.98
N VAL A 69 17.97 3.99 -1.97
CA VAL A 69 19.28 4.50 -2.40
C VAL A 69 19.20 5.13 -3.78
N SER A 70 18.42 4.53 -4.69
CA SER A 70 18.42 4.90 -6.11
C SER A 70 17.04 5.22 -6.69
N GLY A 71 15.96 5.08 -5.90
CA GLY A 71 14.59 5.39 -6.32
C GLY A 71 13.99 4.39 -7.32
N GLU A 72 14.62 3.24 -7.53
CA GLU A 72 14.20 2.23 -8.52
C GLU A 72 12.91 1.51 -8.08
N LEU A 73 11.98 1.25 -9.00
CA LEU A 73 10.67 0.68 -8.67
C LEU A 73 10.78 -0.79 -8.22
N PHE A 74 10.32 -1.08 -7.01
CA PHE A 74 10.14 -2.43 -6.45
C PHE A 74 8.80 -3.04 -6.89
N ALA A 75 7.69 -2.31 -6.67
CA ALA A 75 6.34 -2.72 -7.02
C ALA A 75 5.38 -1.52 -7.17
N GLN A 76 4.24 -1.74 -7.81
CA GLN A 76 3.15 -0.77 -7.92
C GLN A 76 1.76 -1.43 -7.84
N ALA A 77 0.84 -0.83 -7.08
CA ALA A 77 -0.57 -1.26 -6.91
C ALA A 77 -1.55 -0.13 -7.31
N PRO A 78 -2.41 -0.31 -8.33
CA PRO A 78 -3.43 0.68 -8.70
C PRO A 78 -4.68 0.58 -7.82
N VAL A 79 -5.08 1.69 -7.19
CA VAL A 79 -6.23 1.80 -6.27
C VAL A 79 -7.30 2.71 -6.87
N GLU A 80 -8.52 2.19 -7.03
CA GLU A 80 -9.68 2.89 -7.58
C GLU A 80 -10.87 2.93 -6.61
N GLN A 81 -10.70 2.40 -5.40
CA GLN A 81 -11.64 2.49 -4.27
C GLN A 81 -10.88 2.32 -2.95
N TYR A 82 -11.30 3.02 -1.90
CA TYR A 82 -10.71 2.90 -0.56
C TYR A 82 -11.78 2.76 0.56
N PRO A 83 -11.63 1.77 1.48
CA PRO A 83 -10.75 0.60 1.38
C PRO A 83 -11.18 -0.33 0.22
N GLY A 84 -10.30 -1.23 -0.20
CA GLY A 84 -10.59 -2.19 -1.29
C GLY A 84 -9.63 -3.38 -1.33
N ILE A 85 -9.49 -4.01 -2.51
CA ILE A 85 -8.55 -5.12 -2.71
C ILE A 85 -7.14 -4.60 -2.99
N ALA A 86 -7.02 -3.39 -3.54
CA ALA A 86 -5.71 -2.81 -3.84
C ALA A 86 -5.01 -2.21 -2.62
N VAL A 87 -5.75 -1.79 -1.58
CA VAL A 87 -5.20 -1.38 -0.28
C VAL A 87 -6.20 -1.72 0.84
N GLU A 88 -5.73 -2.40 1.89
CA GLU A 88 -6.53 -2.90 3.01
C GLU A 88 -5.77 -2.85 4.34
N THR A 89 -6.49 -2.77 5.46
CA THR A 89 -5.92 -2.75 6.82
C THR A 89 -6.23 -4.06 7.51
N VAL A 90 -5.42 -5.06 7.17
CA VAL A 90 -5.10 -6.30 7.90
C VAL A 90 -6.22 -6.93 8.74
N THR A 91 -6.54 -6.33 9.88
CA THR A 91 -7.84 -6.47 10.56
C THR A 91 -8.34 -5.14 11.12
N ASP A 92 -7.47 -4.40 11.82
CA ASP A 92 -7.84 -3.11 12.44
C ASP A 92 -6.67 -2.12 12.57
N SER A 93 -5.59 -2.53 13.28
CA SER A 93 -4.38 -1.71 13.40
C SER A 93 -3.79 -1.34 12.06
N SER A 94 -3.45 -0.08 11.95
CA SER A 94 -2.91 0.55 10.75
C SER A 94 -1.40 0.66 10.77
N ARG A 95 -0.75 0.03 11.76
CA ARG A 95 0.70 -0.27 11.79
C ARG A 95 1.14 -1.15 10.60
N TYR A 96 0.21 -1.92 10.04
CA TYR A 96 0.37 -2.72 8.82
C TYR A 96 -0.75 -2.46 7.80
N PHE A 97 -0.51 -2.86 6.55
CA PHE A 97 -1.48 -2.89 5.46
C PHE A 97 -1.25 -4.11 4.57
N VAL A 98 -2.18 -4.35 3.65
CA VAL A 98 -1.99 -5.24 2.49
C VAL A 98 -2.34 -4.47 1.23
N ILE A 99 -1.54 -4.63 0.16
CA ILE A 99 -1.84 -4.07 -1.17
C ILE A 99 -1.76 -5.16 -2.24
N ARG A 100 -2.56 -5.02 -3.32
CA ARG A 100 -2.51 -5.86 -4.52
C ARG A 100 -1.68 -5.13 -5.59
N ILE A 101 -0.44 -5.58 -5.77
CA ILE A 101 0.47 -5.07 -6.81
C ILE A 101 0.32 -5.85 -8.11
N GLN A 102 0.87 -5.31 -9.20
CA GLN A 102 1.32 -6.13 -10.33
C GLN A 102 2.79 -6.54 -10.17
N ASP A 103 3.14 -7.74 -10.65
CA ASP A 103 4.53 -8.23 -10.66
C ASP A 103 5.32 -7.76 -11.89
N GLY A 104 4.66 -7.04 -12.80
CA GLY A 104 5.27 -6.41 -14.00
C GLY A 104 5.44 -7.33 -15.20
N THR A 105 4.95 -8.58 -15.12
CA THR A 105 5.07 -9.62 -16.17
C THR A 105 3.72 -10.01 -16.81
N GLY A 106 2.68 -9.19 -16.58
CA GLY A 106 1.29 -9.46 -16.98
C GLY A 106 0.44 -10.14 -15.90
N ARG A 107 0.93 -10.15 -14.64
CA ARG A 107 0.31 -10.81 -13.48
C ARG A 107 0.24 -9.93 -12.24
N SER A 108 -0.45 -10.42 -11.20
CA SER A 108 -0.68 -9.74 -9.91
C SER A 108 -0.13 -10.53 -8.71
N ALA A 109 0.10 -9.83 -7.60
CA ALA A 109 0.48 -10.41 -6.31
C ALA A 109 -0.06 -9.58 -5.12
N PHE A 110 -0.36 -10.24 -4.00
CA PHE A 110 -0.66 -9.57 -2.74
C PHE A 110 0.60 -9.50 -1.86
N ILE A 111 0.86 -8.32 -1.29
CA ILE A 111 1.93 -8.11 -0.29
C ILE A 111 1.42 -7.41 0.97
N GLY A 112 1.91 -7.86 2.12
CA GLY A 112 1.75 -7.20 3.41
C GLY A 112 2.87 -6.21 3.66
N ILE A 113 2.51 -5.02 4.16
CA ILE A 113 3.42 -3.93 4.47
C ILE A 113 3.45 -3.70 5.99
N GLY A 114 4.62 -3.36 6.55
CA GLY A 114 4.78 -2.82 7.90
C GLY A 114 5.70 -1.60 7.91
N PHE A 115 5.33 -0.59 8.69
CA PHE A 115 5.98 0.73 8.69
C PHE A 115 7.05 0.95 9.76
N THR A 116 7.87 1.98 9.55
CA THR A 116 8.88 2.45 10.49
C THR A 116 8.27 3.11 11.75
N ASP A 117 7.09 3.71 11.60
CA ASP A 117 6.29 4.30 12.67
C ASP A 117 4.78 4.15 12.37
N ARG A 118 3.97 3.86 13.38
CA ARG A 118 2.51 3.74 13.22
C ARG A 118 1.85 5.07 12.83
N GLY A 119 2.44 6.21 13.19
CA GLY A 119 2.04 7.55 12.73
C GLY A 119 2.42 7.82 11.26
N ASP A 120 3.52 7.23 10.76
CA ASP A 120 3.85 7.27 9.32
C ASP A 120 2.91 6.36 8.51
N ALA A 121 2.48 5.25 9.10
CA ALA A 121 1.47 4.35 8.52
C ALA A 121 0.05 4.95 8.52
N PHE A 122 -0.32 5.71 9.57
CA PHE A 122 -1.58 6.45 9.59
C PHE A 122 -1.66 7.47 8.43
N ASP A 123 -0.52 8.00 7.99
CA ASP A 123 -0.42 8.93 6.86
C ASP A 123 -0.42 8.21 5.49
N PHE A 124 -0.09 6.91 5.45
CA PHE A 124 -0.33 6.04 4.29
C PHE A 124 -1.84 5.86 4.06
N ASN A 125 -2.63 5.69 5.12
CA ASN A 125 -4.08 5.49 4.99
C ASN A 125 -4.88 6.79 4.85
N VAL A 126 -4.52 7.87 5.56
CA VAL A 126 -5.31 9.11 5.52
C VAL A 126 -5.12 9.87 4.20
N SER A 127 -3.96 9.75 3.55
CA SER A 127 -3.77 10.24 2.17
C SER A 127 -4.68 9.53 1.15
N LEU A 128 -5.13 8.30 1.43
CA LEU A 128 -6.11 7.58 0.62
C LEU A 128 -7.56 7.90 1.04
N GLN A 129 -7.85 8.00 2.35
CA GLN A 129 -9.17 8.43 2.84
C GLN A 129 -9.55 9.80 2.24
N ASP A 130 -8.67 10.79 2.32
CA ASP A 130 -8.88 12.14 1.78
C ASP A 130 -8.72 12.23 0.25
N HIS A 131 -8.27 11.15 -0.41
CA HIS A 131 -8.27 11.04 -1.87
C HIS A 131 -9.63 10.56 -2.41
N PHE A 132 -10.27 9.61 -1.71
CA PHE A 132 -11.59 9.11 -2.09
C PHE A 132 -12.76 9.89 -1.49
N LYS A 133 -12.55 10.72 -0.46
CA LYS A 133 -13.64 11.48 0.22
C LYS A 133 -14.42 12.43 -0.70
N TRP A 134 -13.80 12.93 -1.77
CA TRP A 134 -14.38 13.89 -2.73
C TRP A 134 -14.81 13.27 -4.07
N VAL A 135 -14.72 11.94 -4.22
CA VAL A 135 -15.04 11.15 -5.42
C VAL A 135 -15.87 9.91 -5.05
N LYS A 136 -16.02 8.94 -5.98
CA LYS A 136 -16.87 7.74 -5.88
C LYS A 136 -18.38 8.01 -5.72
N GLN A 137 -18.77 9.26 -6.00
CA GLN A 137 -20.15 9.76 -5.99
C GLN A 137 -20.92 9.53 -4.68
N GLU A 138 -20.19 9.40 -3.56
CA GLU A 138 -20.76 9.31 -2.21
C GLU A 138 -21.13 10.69 -1.61
N SER B 1 11.01 -10.78 25.40
CA SER B 1 9.96 -10.50 24.37
C SER B 1 8.56 -10.80 24.90
N GLN B 2 8.17 -12.08 25.01
CA GLN B 2 6.86 -12.62 25.45
C GLN B 2 5.63 -12.25 24.61
N ILE B 3 5.50 -10.98 24.18
CA ILE B 3 4.37 -10.44 23.39
C ILE B 3 4.92 -9.69 22.17
N THR B 4 4.33 -9.92 21.00
CA THR B 4 4.68 -9.30 19.71
C THR B 4 3.74 -8.14 19.35
N SER B 5 4.12 -7.32 18.36
CA SER B 5 3.41 -6.08 17.95
C SER B 5 2.19 -6.31 17.04
N GLN B 6 1.38 -7.28 17.43
CA GLN B 6 0.19 -7.76 16.71
C GLN B 6 -0.77 -6.62 16.32
N VAL B 7 -1.43 -6.74 15.17
CA VAL B 7 -2.53 -5.85 14.77
C VAL B 7 -3.67 -5.94 15.81
N GLY B 9 -7.48 -5.19 17.58
CA GLY B 9 -8.86 -5.63 17.31
C GLY B 9 -9.86 -5.27 18.40
N GLN B 10 -9.41 -5.22 19.67
CA GLN B 10 -10.23 -4.88 20.84
C GLN B 10 -10.56 -3.37 20.97
N ILE B 11 -9.79 -2.49 20.31
CA ILE B 11 -9.86 -1.02 20.49
C ILE B 11 -10.86 -0.41 19.50
N GLY B 12 -10.71 -0.72 18.22
CA GLY B 12 -11.63 -0.35 17.13
C GLY B 12 -11.52 1.13 16.76
N TRP B 13 -10.31 1.59 16.44
CA TRP B 13 -9.96 3.00 16.23
C TRP B 13 -9.20 3.19 14.90
N ARG B 14 -8.48 4.31 14.80
CA ARG B 14 -7.49 4.60 13.78
C ARG B 14 -8.00 4.42 12.34
N ARG B 15 -9.03 5.21 12.02
CA ARG B 15 -9.65 5.41 10.69
C ARG B 15 -8.65 5.59 9.54
N GLY A 1 5.27 -9.75 -30.42
CA GLY A 1 4.36 -9.84 -29.27
C GLY A 1 4.13 -8.48 -28.61
N SER A 2 3.03 -8.34 -27.87
CA SER A 2 2.65 -7.09 -27.18
C SER A 2 3.62 -6.73 -26.03
N PRO A 3 3.82 -5.43 -25.71
CA PRO A 3 4.67 -5.00 -24.61
C PRO A 3 4.06 -5.32 -23.22
N ASN A 4 4.92 -5.41 -22.20
CA ASN A 4 4.51 -5.70 -20.81
C ASN A 4 3.95 -4.47 -20.05
N SER A 5 4.09 -3.27 -20.62
CA SER A 5 3.65 -1.99 -20.04
C SER A 5 3.09 -1.03 -21.11
N MET A 6 2.33 -0.01 -20.66
CA MET A 6 1.66 0.98 -21.51
C MET A 6 2.59 2.16 -21.91
N ALA A 7 3.85 1.86 -22.26
CA ALA A 7 4.90 2.85 -22.52
C ALA A 7 4.62 3.79 -23.73
N THR A 8 3.69 3.41 -24.61
CA THR A 8 3.26 4.19 -25.79
C THR A 8 2.13 5.18 -25.52
N GLU A 9 1.50 5.09 -24.34
CA GLU A 9 0.36 5.90 -23.91
C GLU A 9 0.77 7.12 -23.07
N LEU A 10 -0.11 8.13 -23.02
CA LEU A 10 -0.04 9.33 -22.18
C LEU A 10 -0.36 9.03 -20.69
N GLU A 11 0.09 7.88 -20.20
CA GLU A 11 -0.07 7.41 -18.83
C GLU A 11 0.76 8.26 -17.84
N TYR A 12 0.16 8.63 -16.70
CA TYR A 12 0.83 9.39 -15.63
C TYR A 12 0.24 9.13 -14.25
N GLU A 13 0.83 9.76 -13.24
CA GLU A 13 0.35 9.86 -11.86
C GLU A 13 1.09 11.01 -11.16
N SER A 14 0.33 11.85 -10.46
CA SER A 14 0.81 13.01 -9.71
C SER A 14 1.02 12.67 -8.23
N VAL A 15 2.17 13.02 -7.64
CA VAL A 15 2.50 12.63 -6.26
C VAL A 15 1.52 13.27 -5.24
N LEU A 16 1.06 12.45 -4.29
CA LEU A 16 0.21 12.82 -3.16
C LEU A 16 0.98 12.76 -1.83
N CYS A 17 1.77 11.70 -1.62
CA CYS A 17 2.54 11.45 -0.39
C CYS A 17 3.87 10.74 -0.66
N VAL A 18 4.82 10.95 0.26
CA VAL A 18 6.12 10.29 0.33
C VAL A 18 6.42 9.95 1.79
N LYS A 19 6.84 8.70 2.05
CA LYS A 19 7.40 8.27 3.36
C LYS A 19 8.79 7.65 3.25
N PRO A 20 9.70 7.98 4.18
CA PRO A 20 11.15 7.76 4.04
C PRO A 20 11.59 6.30 4.20
N ASP A 21 10.87 5.50 4.98
CA ASP A 21 11.17 4.10 5.28
C ASP A 21 9.89 3.26 5.37
N VAL A 22 9.88 2.10 4.70
CA VAL A 22 8.75 1.15 4.66
C VAL A 22 9.26 -0.26 4.44
N SER A 23 8.67 -1.25 5.13
CA SER A 23 9.04 -2.67 5.06
C SER A 23 7.90 -3.53 4.51
N VAL A 24 8.23 -4.58 3.74
CA VAL A 24 7.28 -5.46 3.05
C VAL A 24 7.50 -6.93 3.43
N TYR A 25 6.38 -7.62 3.70
CA TYR A 25 6.36 -8.96 4.33
C TYR A 25 6.04 -10.15 3.42
N ARG A 26 5.62 -9.90 2.17
CA ARG A 26 5.32 -10.90 1.10
C ARG A 26 4.53 -12.12 1.60
N ILE A 27 3.22 -11.93 1.75
CA ILE A 27 2.29 -12.80 2.50
C ILE A 27 1.80 -14.03 1.70
N PRO A 28 1.50 -15.16 2.35
CA PRO A 28 0.90 -16.33 1.70
C PRO A 28 -0.59 -16.18 1.26
N PRO A 29 -1.54 -15.67 2.10
CA PRO A 29 -2.97 -15.66 1.76
C PRO A 29 -3.39 -14.46 0.88
N ARG A 30 -4.53 -14.62 0.18
CA ARG A 30 -5.29 -13.53 -0.46
C ARG A 30 -6.53 -13.07 0.29
N ALA A 31 -7.08 -13.94 1.14
CA ALA A 31 -8.33 -13.72 1.85
C ALA A 31 -8.46 -14.70 3.02
N SER A 32 -8.27 -14.18 4.21
CA SER A 32 -8.53 -14.86 5.48
C SER A 32 -9.97 -14.59 5.96
N ASN A 33 -10.41 -15.44 6.89
CA ASN A 33 -11.69 -15.36 7.60
C ASN A 33 -12.03 -13.99 8.21
N ARG A 34 -11.01 -13.22 8.63
CA ARG A 34 -11.10 -11.81 8.98
C ARG A 34 -10.01 -11.05 8.21
N GLY A 35 -10.34 -10.68 6.97
CA GLY A 35 -9.50 -9.91 6.07
C GLY A 35 -8.20 -10.60 5.68
N TYR A 36 -7.14 -10.31 6.43
CA TYR A 36 -5.80 -10.90 6.26
C TYR A 36 -5.10 -11.27 7.56
N ARG A 37 -5.32 -10.50 8.64
CA ARG A 37 -4.57 -10.43 9.90
C ARG A 37 -3.04 -10.50 9.75
N ALA A 38 -2.33 -9.41 10.03
CA ALA A 38 -0.85 -9.43 10.09
C ALA A 38 -0.32 -10.51 11.04
N SER A 39 -1.07 -10.78 12.12
CA SER A 39 -0.87 -11.83 13.11
C SER A 39 -0.89 -13.27 12.54
N ASP A 40 -1.44 -13.48 11.34
CA ASP A 40 -1.48 -14.76 10.65
C ASP A 40 -0.20 -15.07 9.85
N TRP A 41 0.59 -14.05 9.53
CA TRP A 41 1.83 -14.12 8.72
C TRP A 41 2.98 -13.37 9.42
N LYS A 42 4.02 -12.98 8.68
CA LYS A 42 5.17 -12.21 9.17
C LYS A 42 4.77 -10.76 9.47
N LEU A 43 4.58 -10.38 10.74
CA LEU A 43 4.40 -8.97 11.15
C LEU A 43 5.69 -8.31 11.71
N ASP A 44 6.78 -9.07 11.82
CA ASP A 44 8.06 -8.65 12.42
C ASP A 44 9.30 -8.91 11.52
N GLN A 45 9.12 -9.54 10.35
CA GLN A 45 10.19 -10.17 9.56
C GLN A 45 10.15 -9.73 8.07
N PRO A 46 10.73 -8.59 7.70
CA PRO A 46 10.71 -8.10 6.31
C PRO A 46 11.42 -9.02 5.30
N ASP A 47 10.91 -9.09 4.08
CA ASP A 47 11.60 -9.67 2.91
C ASP A 47 12.24 -8.58 2.02
N TRP A 48 11.69 -7.36 2.06
CA TRP A 48 12.22 -6.15 1.41
C TRP A 48 11.96 -4.92 2.27
N THR A 49 12.84 -3.91 2.23
CA THR A 49 12.55 -2.56 2.72
C THR A 49 13.08 -1.50 1.77
N GLY A 50 12.44 -0.33 1.79
CA GLY A 50 12.72 0.78 0.90
C GLY A 50 11.96 2.03 1.30
N ARG A 51 11.40 2.70 0.30
CA ARG A 51 10.76 4.03 0.37
C ARG A 51 9.37 3.98 -0.27
N LEU A 52 8.45 4.81 0.23
CA LEU A 52 7.06 4.91 -0.27
C LEU A 52 6.86 6.15 -1.12
N ARG A 53 6.19 6.00 -2.27
CA ARG A 53 5.42 7.05 -2.95
C ARG A 53 3.94 6.65 -3.03
N ILE A 54 3.06 7.61 -2.82
CA ILE A 54 1.64 7.54 -3.16
C ILE A 54 1.37 8.66 -4.15
N THR A 55 0.64 8.33 -5.21
CA THR A 55 0.43 9.19 -6.39
C THR A 55 -1.02 9.03 -6.87
N SER A 56 -1.51 9.88 -7.78
CA SER A 56 -2.84 9.79 -8.38
C SER A 56 -2.91 10.44 -9.76
N LYS A 57 -3.59 9.78 -10.69
CA LYS A 57 -3.97 10.27 -12.03
C LYS A 57 -5.42 10.82 -12.08
N GLY A 58 -6.20 10.72 -11.00
CA GLY A 58 -7.61 11.13 -10.94
C GLY A 58 -8.37 10.50 -9.76
N LYS A 59 -9.42 9.72 -10.03
CA LYS A 59 -10.03 8.79 -9.07
C LYS A 59 -9.15 7.57 -8.76
N THR A 60 -8.00 7.46 -9.40
CA THR A 60 -7.11 6.31 -9.27
C THR A 60 -5.79 6.75 -8.67
N ALA A 61 -5.50 6.26 -7.47
CA ALA A 61 -4.20 6.39 -6.83
C ALA A 61 -3.33 5.18 -7.17
N TYR A 62 -2.00 5.36 -7.13
CA TYR A 62 -1.03 4.31 -7.37
C TYR A 62 -0.04 4.32 -6.22
N ILE A 63 0.02 3.21 -5.47
CA ILE A 63 1.02 2.99 -4.44
C ILE A 63 2.29 2.54 -5.16
N LYS A 64 3.32 3.40 -5.22
CA LYS A 64 4.61 3.11 -5.85
C LYS A 64 5.65 2.83 -4.75
N LEU A 65 6.25 1.64 -4.73
CA LEU A 65 7.31 1.30 -3.77
C LEU A 65 8.68 1.39 -4.44
N GLU A 66 9.63 2.05 -3.79
CA GLU A 66 10.88 2.53 -4.38
C GLU A 66 12.13 2.12 -3.57
N ASP A 67 13.28 1.93 -4.21
CA ASP A 67 14.52 1.54 -3.57
C ASP A 67 15.09 2.70 -2.75
N LYS A 68 15.58 2.39 -1.54
CA LYS A 68 16.04 3.39 -0.55
C LYS A 68 17.29 4.18 -1.00
N VAL A 69 17.98 3.72 -2.04
CA VAL A 69 19.28 4.23 -2.50
C VAL A 69 19.16 4.95 -3.84
N SER A 70 18.32 4.43 -4.75
CA SER A 70 18.26 4.88 -6.15
C SER A 70 16.85 5.22 -6.65
N GLY A 71 15.81 5.01 -5.84
CA GLY A 71 14.42 5.30 -6.20
C GLY A 71 13.81 4.35 -7.25
N GLU A 72 14.48 3.23 -7.55
CA GLU A 72 14.04 2.26 -8.55
C GLU A 72 12.80 1.47 -8.08
N LEU A 73 11.86 1.16 -8.98
CA LEU A 73 10.56 0.58 -8.62
C LEU A 73 10.70 -0.88 -8.14
N PHE A 74 10.29 -1.15 -6.91
CA PHE A 74 10.13 -2.50 -6.34
C PHE A 74 8.80 -3.12 -6.78
N ALA A 75 7.70 -2.39 -6.60
CA ALA A 75 6.34 -2.79 -6.98
C ALA A 75 5.43 -1.56 -7.15
N GLN A 76 4.29 -1.75 -7.81
CA GLN A 76 3.21 -0.75 -7.86
C GLN A 76 1.82 -1.39 -7.75
N ALA A 77 0.92 -0.78 -6.98
CA ALA A 77 -0.49 -1.20 -6.87
C ALA A 77 -1.46 -0.09 -7.33
N PRO A 78 -2.28 -0.31 -8.38
CA PRO A 78 -3.33 0.63 -8.77
C PRO A 78 -4.58 0.47 -7.87
N VAL A 79 -5.09 1.58 -7.32
CA VAL A 79 -6.26 1.62 -6.44
C VAL A 79 -7.32 2.61 -6.96
N GLU A 80 -8.59 2.18 -7.05
CA GLU A 80 -9.71 3.05 -7.50
C GLU A 80 -10.84 3.18 -6.46
N GLN A 81 -10.62 2.64 -5.25
CA GLN A 81 -11.50 2.70 -4.10
C GLN A 81 -10.69 2.51 -2.81
N TYR A 82 -11.11 3.13 -1.71
CA TYR A 82 -10.51 2.98 -0.39
C TYR A 82 -11.55 2.84 0.75
N PRO A 83 -11.41 1.84 1.64
CA PRO A 83 -10.60 0.62 1.48
C PRO A 83 -11.05 -0.23 0.28
N GLY A 84 -10.24 -1.19 -0.15
CA GLY A 84 -10.55 -2.09 -1.27
C GLY A 84 -9.70 -3.36 -1.31
N ILE A 85 -9.57 -3.97 -2.51
CA ILE A 85 -8.68 -5.12 -2.73
C ILE A 85 -7.24 -4.64 -2.94
N ALA A 86 -7.07 -3.43 -3.49
CA ALA A 86 -5.78 -2.88 -3.81
C ALA A 86 -5.06 -2.28 -2.59
N VAL A 87 -5.78 -1.89 -1.54
CA VAL A 87 -5.22 -1.47 -0.26
C VAL A 87 -6.23 -1.77 0.87
N GLU A 88 -5.78 -2.48 1.90
CA GLU A 88 -6.60 -2.97 3.02
C GLU A 88 -5.83 -2.88 4.35
N THR A 89 -6.54 -2.67 5.46
CA THR A 89 -5.98 -2.73 6.81
C THR A 89 -6.30 -4.10 7.43
N VAL A 90 -5.46 -5.06 7.07
CA VAL A 90 -5.13 -6.31 7.80
C VAL A 90 -6.25 -6.95 8.62
N THR A 91 -6.55 -6.39 9.80
CA THR A 91 -7.88 -6.42 10.44
C THR A 91 -8.27 -5.06 10.98
N ASP A 92 -7.36 -4.40 11.71
CA ASP A 92 -7.66 -3.11 12.37
C ASP A 92 -6.43 -2.22 12.65
N SER A 93 -5.46 -2.69 13.45
CA SER A 93 -4.29 -1.88 13.85
C SER A 93 -3.45 -1.40 12.66
N SER A 94 -3.54 -0.11 12.37
CA SER A 94 -3.01 0.49 11.15
C SER A 94 -1.55 0.93 11.26
N ARG A 95 -0.69 0.07 11.83
CA ARG A 95 0.75 0.02 11.51
C ARG A 95 1.02 -0.80 10.25
N TYR A 96 0.11 -1.72 9.91
CA TYR A 96 0.21 -2.61 8.76
C TYR A 96 -0.89 -2.38 7.73
N PHE A 97 -0.63 -2.82 6.51
CA PHE A 97 -1.60 -2.89 5.41
C PHE A 97 -1.35 -4.14 4.56
N VAL A 98 -2.24 -4.40 3.61
CA VAL A 98 -2.00 -5.27 2.46
C VAL A 98 -2.36 -4.50 1.20
N ILE A 99 -1.53 -4.59 0.15
CA ILE A 99 -1.84 -4.04 -1.18
C ILE A 99 -1.72 -5.12 -2.27
N ARG A 100 -2.51 -4.96 -3.34
CA ARG A 100 -2.49 -5.81 -4.53
C ARG A 100 -1.66 -5.12 -5.62
N ILE A 101 -0.44 -5.60 -5.85
CA ILE A 101 0.52 -5.05 -6.80
C ILE A 101 0.46 -5.74 -8.17
N GLN A 102 0.92 -5.04 -9.21
CA GLN A 102 1.50 -5.65 -10.41
C GLN A 102 2.93 -6.12 -10.12
N ASP A 103 3.32 -7.27 -10.67
CA ASP A 103 4.72 -7.74 -10.71
C ASP A 103 5.52 -7.07 -11.86
N GLY A 104 4.84 -6.23 -12.66
CA GLY A 104 5.40 -5.43 -13.75
C GLY A 104 5.51 -6.14 -15.10
N THR A 105 5.06 -7.41 -15.19
CA THR A 105 4.98 -8.18 -16.45
C THR A 105 3.59 -8.14 -17.09
N GLY A 106 2.59 -7.71 -16.33
CA GLY A 106 1.15 -7.94 -16.57
C GLY A 106 0.49 -8.79 -15.48
N ARG A 107 1.26 -9.57 -14.69
CA ARG A 107 0.75 -10.40 -13.58
C ARG A 107 0.64 -9.62 -12.26
N SER A 108 -0.18 -10.09 -11.33
CA SER A 108 -0.41 -9.42 -10.04
C SER A 108 -0.18 -10.34 -8.82
N ALA A 109 0.12 -9.72 -7.67
CA ALA A 109 0.40 -10.38 -6.39
C ALA A 109 -0.08 -9.54 -5.19
N PHE A 110 -0.29 -10.19 -4.03
CA PHE A 110 -0.59 -9.52 -2.77
C PHE A 110 0.66 -9.40 -1.89
N ILE A 111 0.94 -8.21 -1.37
CA ILE A 111 1.98 -7.96 -0.36
C ILE A 111 1.43 -7.29 0.90
N GLY A 112 1.83 -7.80 2.06
CA GLY A 112 1.64 -7.15 3.36
C GLY A 112 2.74 -6.13 3.61
N ILE A 113 2.41 -5.01 4.24
CA ILE A 113 3.32 -3.90 4.53
C ILE A 113 3.36 -3.66 6.05
N GLY A 114 4.51 -3.26 6.59
CA GLY A 114 4.65 -2.63 7.91
C GLY A 114 5.59 -1.43 7.89
N PHE A 115 5.21 -0.37 8.60
CA PHE A 115 6.01 0.85 8.72
C PHE A 115 6.91 0.87 9.95
N THR A 116 7.90 1.76 9.93
CA THR A 116 8.82 2.02 11.06
C THR A 116 8.14 2.75 12.22
N ASP A 117 7.04 3.46 11.93
CA ASP A 117 6.19 4.16 12.90
C ASP A 117 4.70 3.94 12.62
N ARG A 118 3.87 3.84 13.67
CA ARG A 118 2.39 3.86 13.58
C ARG A 118 1.91 5.12 12.86
N GLY A 119 2.50 6.28 13.13
CA GLY A 119 2.14 7.55 12.50
C GLY A 119 2.46 7.61 11.00
N ASP A 120 3.49 6.90 10.55
CA ASP A 120 3.83 6.82 9.11
C ASP A 120 2.82 5.95 8.34
N ALA A 121 2.36 4.85 8.95
CA ALA A 121 1.30 4.02 8.41
C ALA A 121 -0.09 4.68 8.50
N PHE A 122 -0.39 5.37 9.60
CA PHE A 122 -1.64 6.12 9.74
C PHE A 122 -1.78 7.19 8.64
N ASP A 123 -0.67 7.76 8.17
CA ASP A 123 -0.61 8.73 7.08
C ASP A 123 -0.65 8.08 5.69
N PHE A 124 -0.17 6.84 5.54
CA PHE A 124 -0.43 6.01 4.34
C PHE A 124 -1.94 5.84 4.14
N ASN A 125 -2.68 5.56 5.23
CA ASN A 125 -4.14 5.52 5.23
C ASN A 125 -4.78 6.90 4.96
N VAL A 126 -4.40 7.96 5.69
CA VAL A 126 -5.08 9.27 5.56
C VAL A 126 -4.83 9.94 4.20
N SER A 127 -3.67 9.72 3.58
CA SER A 127 -3.40 10.13 2.19
C SER A 127 -4.42 9.52 1.21
N LEU A 128 -4.89 8.30 1.48
CA LEU A 128 -5.93 7.62 0.69
C LEU A 128 -7.35 8.03 1.13
N GLN A 129 -7.61 8.24 2.43
CA GLN A 129 -8.91 8.75 2.89
C GLN A 129 -9.23 10.11 2.25
N ASP A 130 -8.29 11.07 2.26
CA ASP A 130 -8.48 12.39 1.64
C ASP A 130 -8.36 12.38 0.10
N HIS A 131 -7.93 11.26 -0.50
CA HIS A 131 -7.98 11.03 -1.94
C HIS A 131 -9.36 10.49 -2.37
N PHE A 132 -10.00 9.68 -1.53
CA PHE A 132 -11.33 9.12 -1.80
C PHE A 132 -12.51 9.90 -1.20
N LYS A 133 -12.28 10.84 -0.27
CA LYS A 133 -13.36 11.61 0.40
C LYS A 133 -14.18 12.52 -0.53
N TRP A 134 -13.63 12.89 -1.69
CA TRP A 134 -14.26 13.77 -2.69
C TRP A 134 -14.77 13.03 -3.95
N VAL A 135 -14.71 11.70 -3.96
CA VAL A 135 -15.17 10.78 -5.03
C VAL A 135 -16.07 9.69 -4.41
N LYS A 136 -16.32 8.59 -5.15
CA LYS A 136 -16.85 7.31 -4.62
C LYS A 136 -18.31 7.32 -4.16
N GLN A 137 -19.00 8.42 -4.44
CA GLN A 137 -20.43 8.65 -4.22
C GLN A 137 -20.90 8.41 -2.75
N GLU A 138 -20.01 8.55 -1.78
CA GLU A 138 -20.26 8.41 -0.33
C GLU A 138 -19.97 9.70 0.46
N SER B 1 11.71 -10.40 17.40
CA SER B 1 11.16 -10.51 18.77
C SER B 1 10.59 -11.90 19.04
N GLN B 2 10.55 -12.31 20.32
CA GLN B 2 9.93 -13.58 20.77
C GLN B 2 8.40 -13.48 20.92
N ILE B 3 7.84 -12.26 20.99
CA ILE B 3 6.40 -11.99 21.11
C ILE B 3 5.97 -11.00 20.01
N THR B 4 4.87 -11.30 19.33
CA THR B 4 4.37 -10.53 18.18
C THR B 4 3.49 -9.33 18.58
N SER B 5 3.67 -8.20 17.90
CA SER B 5 2.89 -6.95 18.04
C SER B 5 1.57 -7.01 17.25
N GLN B 6 0.77 -8.01 17.58
CA GLN B 6 -0.43 -8.47 16.86
C GLN B 6 -1.44 -7.35 16.54
N VAL B 7 -2.04 -7.43 15.34
CA VAL B 7 -3.12 -6.54 14.89
C VAL B 7 -4.42 -6.89 15.63
N GLY B 9 -8.62 -6.76 16.98
CA GLY B 9 -10.00 -7.08 16.59
C GLY B 9 -11.09 -6.56 17.55
N GLN B 10 -10.75 -6.02 18.73
CA GLN B 10 -11.75 -5.64 19.75
C GLN B 10 -11.69 -4.19 20.27
N ILE B 11 -10.54 -3.50 20.25
CA ILE B 11 -10.47 -2.10 20.74
C ILE B 11 -11.04 -1.09 19.73
N GLY B 12 -10.86 -1.34 18.43
CA GLY B 12 -11.43 -0.54 17.35
C GLY B 12 -10.92 0.92 17.36
N TRP B 13 -9.61 1.08 17.47
CA TRP B 13 -8.90 2.32 17.77
C TRP B 13 -8.46 3.05 16.49
N ARG B 14 -7.32 3.73 16.60
CA ARG B 14 -6.63 4.51 15.58
C ARG B 14 -7.42 5.73 15.08
N ARG B 15 -8.55 5.54 14.37
CA ARG B 15 -9.30 6.60 13.65
C ARG B 15 -10.51 7.14 14.42
N GLY A 1 9.41 9.10 -36.23
CA GLY A 1 8.45 8.06 -36.66
C GLY A 1 8.98 6.66 -36.40
N SER A 2 8.92 6.21 -35.14
CA SER A 2 9.34 4.87 -34.67
C SER A 2 8.52 4.45 -33.45
N PRO A 3 8.73 3.25 -32.86
CA PRO A 3 8.12 2.89 -31.58
C PRO A 3 8.46 3.85 -30.42
N ASN A 4 9.58 4.60 -30.52
CA ASN A 4 9.97 5.63 -29.56
C ASN A 4 9.06 6.88 -29.64
N SER A 5 8.47 7.14 -30.82
CA SER A 5 7.58 8.28 -31.08
C SER A 5 6.19 8.14 -30.41
N MET A 6 5.86 6.97 -29.86
CA MET A 6 4.60 6.71 -29.15
C MET A 6 4.57 7.30 -27.72
N ALA A 7 5.70 7.80 -27.20
CA ALA A 7 5.84 8.29 -25.83
C ALA A 7 5.19 9.68 -25.57
N THR A 8 4.82 10.42 -26.61
CA THR A 8 4.22 11.77 -26.52
C THR A 8 2.72 11.70 -26.21
N GLU A 9 2.40 11.40 -24.95
CA GLU A 9 1.05 11.30 -24.40
C GLU A 9 0.87 12.17 -23.15
N LEU A 10 -0.38 12.58 -22.86
CA LEU A 10 -0.81 13.32 -21.67
C LEU A 10 -0.89 12.43 -20.40
N GLU A 11 0.03 11.46 -20.29
CA GLU A 11 0.16 10.57 -19.14
C GLU A 11 0.69 11.34 -17.91
N TYR A 12 0.01 11.22 -16.76
CA TYR A 12 0.39 11.89 -15.51
C TYR A 12 0.08 11.09 -14.25
N GLU A 13 0.45 11.62 -13.09
CA GLU A 13 0.04 11.21 -11.75
C GLU A 13 0.47 12.28 -10.74
N SER A 14 -0.48 12.75 -9.91
CA SER A 14 -0.26 13.80 -8.92
C SER A 14 0.22 13.22 -7.58
N VAL A 15 1.26 13.78 -6.94
CA VAL A 15 1.78 13.22 -5.68
C VAL A 15 0.84 13.44 -4.49
N LEU A 16 0.63 12.40 -3.68
CA LEU A 16 -0.21 12.40 -2.47
C LEU A 16 0.59 12.14 -1.19
N CYS A 17 1.54 11.19 -1.22
CA CYS A 17 2.37 10.84 -0.06
C CYS A 17 3.77 10.39 -0.45
N VAL A 18 4.72 10.62 0.46
CA VAL A 18 6.06 10.03 0.47
C VAL A 18 6.40 9.60 1.90
N LYS A 19 6.99 8.41 2.07
CA LYS A 19 7.56 7.98 3.37
C LYS A 19 9.00 7.44 3.26
N PRO A 20 9.88 7.77 4.26
CA PRO A 20 11.33 7.63 4.15
C PRO A 20 11.89 6.23 4.50
N ASP A 21 11.10 5.39 5.15
CA ASP A 21 11.45 4.00 5.49
C ASP A 21 10.19 3.13 5.62
N VAL A 22 10.11 2.05 4.85
CA VAL A 22 8.97 1.10 4.82
C VAL A 22 9.48 -0.32 4.54
N SER A 23 8.77 -1.33 5.06
CA SER A 23 9.10 -2.75 4.92
C SER A 23 7.93 -3.55 4.35
N VAL A 24 8.23 -4.57 3.55
CA VAL A 24 7.23 -5.37 2.81
C VAL A 24 7.36 -6.86 3.15
N TYR A 25 6.20 -7.50 3.26
CA TYR A 25 6.01 -8.88 3.71
C TYR A 25 5.02 -9.57 2.76
N ARG A 26 5.47 -10.11 1.62
CA ARG A 26 4.60 -10.80 0.64
C ARG A 26 3.89 -12.02 1.23
N ILE A 27 2.62 -12.24 0.87
CA ILE A 27 1.67 -13.10 1.61
C ILE A 27 1.05 -14.24 0.77
N PRO A 28 0.83 -15.45 1.34
CA PRO A 28 0.09 -16.52 0.67
C PRO A 28 -1.46 -16.39 0.60
N PRO A 29 -2.21 -15.93 1.63
CA PRO A 29 -3.67 -15.90 1.60
C PRO A 29 -4.25 -14.71 0.82
N ARG A 30 -5.55 -14.82 0.46
CA ARG A 30 -6.36 -13.73 -0.13
C ARG A 30 -7.54 -13.26 0.73
N ALA A 31 -8.08 -14.13 1.58
CA ALA A 31 -9.28 -13.85 2.37
C ALA A 31 -9.42 -14.82 3.56
N SER A 32 -9.12 -14.30 4.75
CA SER A 32 -9.56 -14.87 6.03
C SER A 32 -10.83 -14.15 6.54
N ASN A 33 -11.51 -14.79 7.49
CA ASN A 33 -12.73 -14.31 8.15
C ASN A 33 -12.61 -12.93 8.83
N ARG A 34 -11.38 -12.50 9.18
CA ARG A 34 -11.08 -11.15 9.75
C ARG A 34 -10.44 -10.18 8.76
N GLY A 35 -10.12 -10.66 7.55
CA GLY A 35 -9.37 -9.93 6.52
C GLY A 35 -8.10 -10.69 6.11
N TYR A 36 -6.94 -10.23 6.55
CA TYR A 36 -5.63 -10.82 6.25
C TYR A 36 -4.78 -11.17 7.47
N ARG A 37 -4.90 -10.37 8.55
CA ARG A 37 -4.11 -10.40 9.78
C ARG A 37 -2.58 -10.41 9.55
N ALA A 38 -1.90 -9.28 9.76
CA ALA A 38 -0.46 -9.26 10.03
C ALA A 38 -0.20 -9.89 11.41
N SER A 39 -0.28 -11.22 11.41
CA SER A 39 -0.25 -12.14 12.55
C SER A 39 -0.25 -13.58 12.00
N ASP A 40 -1.01 -13.83 10.93
CA ASP A 40 -1.07 -15.11 10.21
C ASP A 40 0.16 -15.36 9.31
N TRP A 41 0.78 -14.28 8.83
CA TRP A 41 2.01 -14.24 8.04
C TRP A 41 3.09 -13.43 8.78
N LYS A 42 4.33 -13.47 8.30
CA LYS A 42 5.47 -12.69 8.81
C LYS A 42 5.09 -11.21 8.97
N LEU A 43 4.99 -10.74 10.22
CA LEU A 43 4.76 -9.34 10.59
C LEU A 43 6.03 -8.63 11.11
N ASP A 44 7.13 -9.38 11.15
CA ASP A 44 8.36 -9.13 11.91
C ASP A 44 9.65 -9.36 11.08
N GLN A 45 9.56 -10.11 9.97
CA GLN A 45 10.66 -10.52 9.09
C GLN A 45 10.38 -10.10 7.63
N PRO A 46 10.90 -8.94 7.16
CA PRO A 46 10.63 -8.44 5.81
C PRO A 46 11.22 -9.32 4.69
N ASP A 47 10.60 -9.22 3.51
CA ASP A 47 11.13 -9.74 2.24
C ASP A 47 11.79 -8.63 1.38
N TRP A 48 11.37 -7.38 1.55
CA TRP A 48 11.94 -6.19 0.92
C TRP A 48 11.82 -4.96 1.85
N THR A 49 12.74 -4.01 1.72
CA THR A 49 12.73 -2.71 2.41
C THR A 49 13.17 -1.58 1.50
N GLY A 50 12.64 -0.38 1.74
CA GLY A 50 12.89 0.80 0.91
C GLY A 50 12.05 2.00 1.32
N ARG A 51 11.42 2.63 0.33
CA ARG A 51 10.63 3.88 0.43
C ARG A 51 9.28 3.78 -0.28
N LEU A 52 8.38 4.68 0.09
CA LEU A 52 7.01 4.80 -0.43
C LEU A 52 6.86 6.06 -1.28
N ARG A 53 6.16 5.95 -2.42
CA ARG A 53 5.50 7.07 -3.11
C ARG A 53 4.04 6.71 -3.40
N ILE A 54 3.10 7.54 -2.94
CA ILE A 54 1.69 7.45 -3.33
C ILE A 54 1.41 8.61 -4.28
N THR A 55 0.85 8.28 -5.45
CA THR A 55 0.46 9.23 -6.48
C THR A 55 -0.99 8.97 -6.93
N SER A 56 -1.60 9.87 -7.70
CA SER A 56 -2.94 9.70 -8.24
C SER A 56 -3.15 10.41 -9.58
N LYS A 57 -3.47 9.65 -10.62
CA LYS A 57 -3.94 10.17 -11.91
C LYS A 57 -5.48 10.26 -11.90
N GLY A 58 -5.97 11.30 -11.24
CA GLY A 58 -7.41 11.60 -11.06
C GLY A 58 -8.04 10.77 -9.95
N LYS A 59 -9.20 10.15 -10.23
CA LYS A 59 -9.97 9.26 -9.32
C LYS A 59 -9.33 7.87 -9.09
N THR A 60 -8.02 7.78 -9.32
CA THR A 60 -7.24 6.55 -9.20
C THR A 60 -5.93 6.84 -8.48
N ALA A 61 -5.68 6.19 -7.35
CA ALA A 61 -4.41 6.23 -6.63
C ALA A 61 -3.49 5.07 -7.06
N TYR A 62 -2.18 5.27 -6.89
CA TYR A 62 -1.14 4.30 -7.25
C TYR A 62 -0.16 4.23 -6.08
N ILE A 63 -0.13 3.09 -5.39
CA ILE A 63 0.85 2.83 -4.32
C ILE A 63 2.13 2.33 -4.99
N LYS A 64 3.14 3.18 -5.10
CA LYS A 64 4.47 2.83 -5.62
C LYS A 64 5.46 2.61 -4.49
N LEU A 65 6.32 1.60 -4.64
CA LEU A 65 7.37 1.24 -3.69
C LEU A 65 8.71 1.31 -4.39
N GLU A 66 9.68 2.00 -3.79
CA GLU A 66 10.90 2.49 -4.45
C GLU A 66 12.16 2.23 -3.63
N ASP A 67 13.32 2.11 -4.28
CA ASP A 67 14.61 1.88 -3.64
C ASP A 67 15.07 3.13 -2.88
N LYS A 68 15.58 2.93 -1.65
CA LYS A 68 15.99 4.01 -0.72
C LYS A 68 17.16 4.86 -1.23
N VAL A 69 17.89 4.39 -2.24
CA VAL A 69 19.15 4.98 -2.74
C VAL A 69 18.95 5.64 -4.10
N SER A 70 18.14 5.04 -4.97
CA SER A 70 18.03 5.44 -6.38
C SER A 70 16.61 5.67 -6.89
N GLY A 71 15.58 5.44 -6.05
CA GLY A 71 14.17 5.63 -6.41
C GLY A 71 13.63 4.61 -7.43
N GLU A 72 14.35 3.51 -7.67
CA GLU A 72 13.98 2.48 -8.66
C GLU A 72 12.77 1.66 -8.18
N LEU A 73 11.83 1.35 -9.07
CA LEU A 73 10.55 0.73 -8.69
C LEU A 73 10.71 -0.75 -8.31
N PHE A 74 10.20 -1.11 -7.13
CA PHE A 74 10.03 -2.49 -6.65
C PHE A 74 8.66 -3.06 -7.05
N ALA A 75 7.58 -2.32 -6.77
CA ALA A 75 6.20 -2.71 -7.08
C ALA A 75 5.29 -1.48 -7.23
N GLN A 76 4.17 -1.65 -7.93
CA GLN A 76 3.07 -0.68 -7.96
C GLN A 76 1.69 -1.36 -7.81
N ALA A 77 0.78 -0.76 -7.04
CA ALA A 77 -0.61 -1.20 -6.88
C ALA A 77 -1.60 -0.11 -7.35
N PRO A 78 -2.46 -0.38 -8.36
CA PRO A 78 -3.53 0.55 -8.75
C PRO A 78 -4.76 0.40 -7.84
N VAL A 79 -5.21 1.51 -7.24
CA VAL A 79 -6.33 1.62 -6.29
C VAL A 79 -7.40 2.57 -6.86
N GLU A 80 -8.66 2.17 -6.90
CA GLU A 80 -9.79 3.02 -7.37
C GLU A 80 -10.91 3.17 -6.31
N GLN A 81 -10.69 2.66 -5.10
CA GLN A 81 -11.58 2.78 -3.94
C GLN A 81 -10.79 2.57 -2.64
N TYR A 82 -11.15 3.30 -1.58
CA TYR A 82 -10.54 3.17 -0.25
C TYR A 82 -11.56 3.03 0.90
N PRO A 83 -11.41 2.01 1.78
CA PRO A 83 -10.61 0.80 1.60
C PRO A 83 -11.10 -0.07 0.42
N GLY A 84 -10.30 -1.03 -0.02
CA GLY A 84 -10.66 -2.00 -1.07
C GLY A 84 -9.78 -3.25 -1.09
N ILE A 85 -9.74 -3.95 -2.23
CA ILE A 85 -8.83 -5.07 -2.46
C ILE A 85 -7.41 -4.59 -2.70
N ALA A 86 -7.26 -3.38 -3.25
CA ALA A 86 -5.96 -2.83 -3.61
C ALA A 86 -5.26 -2.13 -2.46
N VAL A 87 -5.96 -1.71 -1.41
CA VAL A 87 -5.36 -1.33 -0.14
C VAL A 87 -6.33 -1.64 1.01
N GLU A 88 -5.85 -2.41 1.99
CA GLU A 88 -6.63 -2.88 3.15
C GLU A 88 -5.80 -2.82 4.44
N THR A 89 -6.45 -2.64 5.59
CA THR A 89 -5.79 -2.65 6.91
C THR A 89 -6.07 -3.97 7.60
N VAL A 90 -5.30 -4.97 7.18
CA VAL A 90 -4.95 -6.23 7.87
C VAL A 90 -6.05 -6.91 8.69
N THR A 91 -6.38 -6.37 9.86
CA THR A 91 -7.68 -6.53 10.54
C THR A 91 -8.21 -5.21 11.07
N ASP A 92 -7.36 -4.44 11.73
CA ASP A 92 -7.73 -3.16 12.36
C ASP A 92 -6.58 -2.16 12.47
N SER A 93 -5.50 -2.53 13.16
CA SER A 93 -4.35 -1.63 13.38
C SER A 93 -3.50 -1.35 12.15
N SER A 94 -3.06 -0.10 12.03
CA SER A 94 -2.08 0.32 11.02
C SER A 94 -0.75 0.78 11.62
N ARG A 95 0.07 -0.19 12.04
CA ARG A 95 1.45 -0.28 11.51
C ARG A 95 1.46 -0.87 10.09
N TYR A 96 0.47 -1.73 9.78
CA TYR A 96 0.45 -2.58 8.61
C TYR A 96 -0.69 -2.30 7.64
N PHE A 97 -0.51 -2.77 6.40
CA PHE A 97 -1.53 -2.83 5.35
C PHE A 97 -1.35 -4.10 4.50
N VAL A 98 -2.27 -4.34 3.57
CA VAL A 98 -2.14 -5.25 2.44
C VAL A 98 -2.53 -4.52 1.16
N ILE A 99 -1.76 -4.66 0.08
CA ILE A 99 -2.06 -4.07 -1.23
C ILE A 99 -1.94 -5.10 -2.36
N ARG A 100 -2.70 -4.91 -3.45
CA ARG A 100 -2.61 -5.74 -4.69
C ARG A 100 -1.71 -5.06 -5.73
N ILE A 101 -0.55 -5.63 -5.98
CA ILE A 101 0.49 -5.09 -6.88
C ILE A 101 0.56 -5.83 -8.22
N GLN A 102 1.18 -5.20 -9.22
CA GLN A 102 1.96 -5.95 -10.22
C GLN A 102 3.29 -6.43 -9.60
N ASP A 103 3.65 -7.70 -9.83
CA ASP A 103 4.83 -8.32 -9.20
C ASP A 103 6.13 -8.17 -10.03
N GLY A 104 6.07 -7.38 -11.11
CA GLY A 104 7.21 -7.02 -11.96
C GLY A 104 7.66 -8.08 -12.97
N THR A 105 6.97 -9.22 -13.03
CA THR A 105 7.33 -10.40 -13.87
C THR A 105 6.27 -10.75 -14.91
N GLY A 106 5.33 -9.83 -15.19
CA GLY A 106 4.18 -10.03 -16.08
C GLY A 106 2.93 -10.55 -15.36
N ARG A 107 2.89 -10.46 -14.03
CA ARG A 107 1.83 -10.96 -13.14
C ARG A 107 1.43 -9.96 -12.04
N SER A 108 0.40 -10.29 -11.27
CA SER A 108 0.02 -9.60 -10.03
C SER A 108 0.22 -10.46 -8.78
N ALA A 109 0.33 -9.80 -7.62
CA ALA A 109 0.48 -10.42 -6.30
C ALA A 109 -0.15 -9.57 -5.20
N PHE A 110 -0.55 -10.19 -4.09
CA PHE A 110 -0.84 -9.48 -2.84
C PHE A 110 0.43 -9.42 -1.97
N ILE A 111 0.71 -8.24 -1.41
CA ILE A 111 1.75 -8.07 -0.38
C ILE A 111 1.20 -7.41 0.87
N GLY A 112 1.67 -7.86 2.03
CA GLY A 112 1.59 -7.11 3.28
C GLY A 112 2.66 -6.03 3.32
N ILE A 113 2.37 -4.93 4.00
CA ILE A 113 3.31 -3.83 4.28
C ILE A 113 3.35 -3.62 5.80
N GLY A 114 4.50 -3.23 6.34
CA GLY A 114 4.67 -2.72 7.70
C GLY A 114 5.59 -1.51 7.72
N PHE A 115 5.18 -0.46 8.43
CA PHE A 115 5.95 0.80 8.51
C PHE A 115 6.95 0.84 9.68
N THR A 116 7.84 1.83 9.62
CA THR A 116 8.80 2.13 10.69
C THR A 116 8.15 2.85 11.88
N ASP A 117 7.00 3.51 11.65
CA ASP A 117 6.22 4.25 12.65
C ASP A 117 4.71 4.11 12.44
N ARG A 118 3.94 4.11 13.54
CA ARG A 118 2.46 4.07 13.54
C ARG A 118 1.83 5.32 12.89
N GLY A 119 2.45 6.48 13.03
CA GLY A 119 2.03 7.71 12.35
C GLY A 119 2.34 7.69 10.85
N ASP A 120 3.44 7.05 10.44
CA ASP A 120 3.80 6.90 9.02
C ASP A 120 2.79 5.99 8.29
N ALA A 121 2.35 4.91 8.93
CA ALA A 121 1.28 4.06 8.42
C ALA A 121 -0.11 4.71 8.51
N PHE A 122 -0.48 5.35 9.63
CA PHE A 122 -1.77 6.07 9.69
C PHE A 122 -1.89 7.17 8.62
N ASP A 123 -0.77 7.76 8.17
CA ASP A 123 -0.74 8.74 7.08
C ASP A 123 -0.78 8.09 5.69
N PHE A 124 -0.28 6.85 5.54
CA PHE A 124 -0.54 6.03 4.35
C PHE A 124 -2.06 5.76 4.18
N ASN A 125 -2.78 5.61 5.29
CA ASN A 125 -4.25 5.58 5.30
C ASN A 125 -4.88 6.95 4.97
N VAL A 126 -4.51 8.03 5.68
CA VAL A 126 -5.20 9.33 5.53
C VAL A 126 -4.95 9.98 4.16
N SER A 127 -3.77 9.81 3.57
CA SER A 127 -3.49 10.24 2.18
C SER A 127 -4.38 9.56 1.13
N LEU A 128 -4.95 8.39 1.45
CA LEU A 128 -5.96 7.70 0.63
C LEU A 128 -7.39 8.05 1.05
N GLN A 129 -7.68 8.21 2.35
CA GLN A 129 -8.99 8.71 2.80
C GLN A 129 -9.33 10.06 2.14
N ASP A 130 -8.44 11.05 2.23
CA ASP A 130 -8.64 12.39 1.66
C ASP A 130 -8.55 12.42 0.13
N HIS A 131 -8.14 11.32 -0.50
CA HIS A 131 -8.15 11.16 -1.96
C HIS A 131 -9.50 10.65 -2.49
N PHE A 132 -10.21 9.81 -1.73
CA PHE A 132 -11.52 9.26 -2.13
C PHE A 132 -12.71 10.02 -1.53
N LYS A 133 -12.46 10.80 -0.46
CA LYS A 133 -13.34 11.78 0.21
C LYS A 133 -14.19 12.65 -0.73
N TRP A 134 -13.61 13.13 -1.82
CA TRP A 134 -14.23 14.08 -2.78
C TRP A 134 -14.75 13.42 -4.07
N VAL A 135 -14.70 12.09 -4.15
CA VAL A 135 -15.16 11.23 -5.26
C VAL A 135 -16.01 10.07 -4.69
N LYS A 136 -16.14 8.95 -5.41
CA LYS A 136 -16.85 7.72 -5.00
C LYS A 136 -18.37 7.81 -4.77
N GLN A 137 -18.95 8.96 -5.08
CA GLN A 137 -20.39 9.29 -4.97
C GLN A 137 -21.00 9.02 -3.57
N GLU A 138 -20.18 9.06 -2.52
CA GLU A 138 -20.58 8.76 -1.11
C GLU A 138 -20.18 9.84 -0.10
N SER B 1 11.62 -16.07 19.09
CA SER B 1 12.94 -15.42 19.19
C SER B 1 12.85 -13.90 19.05
N GLN B 2 12.54 -13.37 17.85
CA GLN B 2 12.32 -11.93 17.64
C GLN B 2 10.94 -11.47 18.15
N ILE B 3 10.80 -10.18 18.44
CA ILE B 3 9.55 -9.57 18.93
C ILE B 3 8.47 -9.47 17.83
N THR B 4 7.20 -9.44 18.23
CA THR B 4 6.03 -9.35 17.34
C THR B 4 5.01 -8.32 17.85
N SER B 5 4.26 -7.71 16.92
CA SER B 5 3.30 -6.63 17.18
C SER B 5 1.93 -6.89 16.52
N GLN B 6 1.40 -8.08 16.80
CA GLN B 6 0.18 -8.64 16.20
C GLN B 6 -0.99 -7.65 16.24
N VAL B 7 -1.74 -7.54 15.12
CA VAL B 7 -2.68 -6.44 14.86
C VAL B 7 -3.68 -6.26 16.01
N GLY B 9 -5.96 -5.04 19.46
CA GLY B 9 -7.15 -5.39 20.27
C GLY B 9 -7.20 -4.63 21.60
N GLN B 10 -6.55 -3.47 21.69
CA GLN B 10 -6.26 -2.77 22.96
C GLN B 10 -6.32 -1.24 22.89
N ILE B 11 -5.86 -0.61 21.80
CA ILE B 11 -5.78 0.87 21.69
C ILE B 11 -7.15 1.52 21.36
N GLY B 12 -7.97 0.84 20.54
CA GLY B 12 -9.34 1.25 20.20
C GLY B 12 -9.41 2.54 19.38
N TRP B 13 -8.61 2.62 18.31
CA TRP B 13 -8.29 3.85 17.58
C TRP B 13 -8.95 3.91 16.19
N ARG B 14 -8.16 4.37 15.21
CA ARG B 14 -8.46 4.68 13.82
C ARG B 14 -9.50 5.80 13.63
N ARG B 15 -9.65 6.29 12.39
CA ARG B 15 -10.64 7.31 11.97
C ARG B 15 -11.34 6.88 10.67
N GLY A 1 4.63 11.55 -35.28
CA GLY A 1 4.92 10.45 -34.33
C GLY A 1 4.84 10.90 -32.88
N SER A 2 5.54 10.21 -31.99
CA SER A 2 5.58 10.48 -30.53
C SER A 2 6.96 10.15 -29.92
N PRO A 3 7.34 10.78 -28.79
CA PRO A 3 8.62 10.50 -28.12
C PRO A 3 8.65 9.17 -27.35
N ASN A 4 7.47 8.66 -26.95
CA ASN A 4 7.27 7.38 -26.26
C ASN A 4 5.86 6.83 -26.59
N SER A 5 5.68 5.51 -26.56
CA SER A 5 4.43 4.83 -26.95
C SER A 5 3.21 5.19 -26.09
N MET A 6 3.44 5.71 -24.87
CA MET A 6 2.40 6.16 -23.92
C MET A 6 2.13 7.67 -24.00
N ALA A 7 2.93 8.45 -24.73
CA ALA A 7 2.84 9.92 -24.76
C ALA A 7 1.59 10.47 -25.48
N THR A 8 0.89 9.62 -26.24
CA THR A 8 -0.39 9.93 -26.91
C THR A 8 -1.62 9.78 -25.99
N GLU A 9 -1.42 9.21 -24.81
CA GLU A 9 -2.44 8.98 -23.77
C GLU A 9 -2.25 9.93 -22.57
N LEU A 10 -3.30 10.14 -21.77
CA LEU A 10 -3.28 10.84 -20.49
C LEU A 10 -2.66 9.98 -19.37
N GLU A 11 -1.48 9.40 -19.62
CA GLU A 11 -0.73 8.49 -18.74
C GLU A 11 0.02 9.25 -17.62
N TYR A 12 -0.63 10.22 -16.98
CA TYR A 12 -0.08 11.00 -15.85
C TYR A 12 -0.29 10.31 -14.50
N GLU A 13 0.21 10.93 -13.44
CA GLU A 13 -0.13 10.69 -12.03
C GLU A 13 0.42 11.84 -11.18
N SER A 14 -0.42 12.41 -10.31
CA SER A 14 -0.09 13.52 -9.40
C SER A 14 0.42 13.01 -8.05
N VAL A 15 1.44 13.62 -7.44
CA VAL A 15 1.99 13.13 -6.15
C VAL A 15 1.05 13.43 -4.98
N LEU A 16 0.88 12.44 -4.07
CA LEU A 16 0.05 12.55 -2.86
C LEU A 16 0.85 12.38 -1.56
N CYS A 17 1.71 11.36 -1.48
CA CYS A 17 2.47 11.04 -0.26
C CYS A 17 3.87 10.47 -0.56
N VAL A 18 4.81 10.72 0.35
CA VAL A 18 6.16 10.15 0.39
C VAL A 18 6.53 9.91 1.86
N LYS A 19 6.97 8.69 2.19
CA LYS A 19 7.41 8.30 3.55
C LYS A 19 8.84 7.73 3.51
N PRO A 20 9.73 8.11 4.45
CA PRO A 20 11.18 7.91 4.33
C PRO A 20 11.64 6.46 4.53
N ASP A 21 10.84 5.62 5.19
CA ASP A 21 11.13 4.20 5.43
C ASP A 21 9.84 3.36 5.45
N VAL A 22 9.83 2.25 4.72
CA VAL A 22 8.71 1.31 4.62
C VAL A 22 9.23 -0.11 4.35
N SER A 23 8.58 -1.12 4.92
CA SER A 23 9.01 -2.52 4.85
C SER A 23 7.88 -3.42 4.33
N VAL A 24 8.23 -4.45 3.56
CA VAL A 24 7.29 -5.36 2.88
C VAL A 24 7.55 -6.80 3.27
N TYR A 25 6.47 -7.53 3.55
CA TYR A 25 6.45 -8.79 4.30
C TYR A 25 5.98 -10.03 3.50
N ARG A 26 5.63 -9.85 2.21
CA ARG A 26 5.34 -10.88 1.17
C ARG A 26 4.53 -12.10 1.66
N ILE A 27 3.21 -12.02 1.49
CA ILE A 27 2.23 -12.87 2.20
C ILE A 27 1.68 -14.04 1.36
N PRO A 28 1.38 -15.21 1.97
CA PRO A 28 0.75 -16.32 1.27
C PRO A 28 -0.76 -16.19 0.92
N PRO A 29 -1.66 -15.66 1.77
CA PRO A 29 -3.11 -15.65 1.50
C PRO A 29 -3.57 -14.47 0.61
N ARG A 30 -4.79 -14.61 0.05
CA ARG A 30 -5.58 -13.54 -0.59
C ARG A 30 -6.82 -13.11 0.19
N ALA A 31 -7.35 -14.00 1.03
CA ALA A 31 -8.58 -13.78 1.78
C ALA A 31 -8.69 -14.78 2.93
N SER A 32 -8.46 -14.27 4.14
CA SER A 32 -8.71 -14.95 5.41
C SER A 32 -10.02 -14.48 6.06
N ASN A 33 -10.48 -15.25 7.04
CA ASN A 33 -11.75 -15.15 7.75
C ASN A 33 -12.13 -13.75 8.29
N ARG A 34 -11.16 -12.88 8.63
CA ARG A 34 -11.37 -11.47 9.04
C ARG A 34 -10.56 -10.44 8.24
N GLY A 35 -10.20 -10.82 7.03
CA GLY A 35 -9.38 -10.03 6.09
C GLY A 35 -8.08 -10.72 5.71
N TYR A 36 -6.98 -10.37 6.36
CA TYR A 36 -5.64 -10.93 6.11
C TYR A 36 -4.86 -11.31 7.36
N ARG A 37 -5.01 -10.54 8.45
CA ARG A 37 -4.26 -10.54 9.71
C ARG A 37 -2.74 -10.64 9.56
N ALA A 38 -2.00 -9.56 9.81
CA ALA A 38 -0.52 -9.56 9.86
C ALA A 38 0.05 -10.64 10.80
N SER A 39 -0.68 -10.90 11.88
CA SER A 39 -0.44 -11.95 12.88
C SER A 39 -0.50 -13.39 12.34
N ASP A 40 -1.12 -13.63 11.17
CA ASP A 40 -1.21 -14.93 10.52
C ASP A 40 0.06 -15.30 9.72
N TRP A 41 0.71 -14.28 9.15
CA TRP A 41 1.95 -14.34 8.38
C TRP A 41 3.11 -13.67 9.14
N LYS A 42 4.12 -13.15 8.43
CA LYS A 42 5.24 -12.39 9.00
C LYS A 42 4.80 -11.01 9.45
N LEU A 43 4.43 -10.98 10.73
CA LEU A 43 4.04 -9.81 11.49
C LEU A 43 5.20 -8.79 11.64
N ASP A 44 6.43 -9.26 11.90
CA ASP A 44 7.60 -8.39 12.15
C ASP A 44 8.91 -8.91 11.53
N GLN A 45 8.81 -9.71 10.46
CA GLN A 45 9.96 -10.23 9.68
C GLN A 45 9.88 -9.80 8.20
N PRO A 46 10.47 -8.65 7.80
CA PRO A 46 10.37 -8.14 6.42
C PRO A 46 11.27 -8.92 5.44
N ASP A 47 10.90 -8.89 4.16
CA ASP A 47 11.66 -9.45 3.04
C ASP A 47 12.30 -8.37 2.14
N TRP A 48 11.73 -7.16 2.12
CA TRP A 48 12.24 -5.97 1.43
C TRP A 48 11.99 -4.71 2.27
N THR A 49 12.87 -3.71 2.18
CA THR A 49 12.61 -2.36 2.68
C THR A 49 13.09 -1.29 1.71
N GLY A 50 12.46 -0.12 1.76
CA GLY A 50 12.70 1.00 0.87
C GLY A 50 11.98 2.26 1.33
N ARG A 51 11.37 2.94 0.38
CA ARG A 51 10.71 4.26 0.51
C ARG A 51 9.34 4.25 -0.17
N LEU A 52 8.34 4.90 0.42
CA LEU A 52 6.98 4.97 -0.13
C LEU A 52 6.85 6.13 -1.12
N ARG A 53 6.08 5.95 -2.21
CA ARG A 53 5.62 7.02 -3.10
C ARG A 53 4.18 6.78 -3.55
N ILE A 54 3.21 7.49 -2.95
CA ILE A 54 1.80 7.43 -3.36
C ILE A 54 1.52 8.57 -4.35
N THR A 55 0.90 8.22 -5.47
CA THR A 55 0.47 9.15 -6.53
C THR A 55 -0.99 8.91 -6.91
N SER A 56 -1.59 9.74 -7.76
CA SER A 56 -2.95 9.58 -8.26
C SER A 56 -3.17 10.25 -9.62
N LYS A 57 -3.63 9.47 -10.60
CA LYS A 57 -4.15 9.96 -11.88
C LYS A 57 -5.65 10.20 -11.76
N GLY A 58 -6.00 11.33 -11.12
CA GLY A 58 -7.36 11.79 -10.91
C GLY A 58 -8.12 10.91 -9.90
N LYS A 59 -9.18 10.23 -10.36
CA LYS A 59 -10.04 9.31 -9.57
C LYS A 59 -9.40 7.97 -9.23
N THR A 60 -8.09 7.84 -9.42
CA THR A 60 -7.33 6.61 -9.23
C THR A 60 -6.01 6.88 -8.51
N ALA A 61 -5.77 6.26 -7.36
CA ALA A 61 -4.50 6.30 -6.64
C ALA A 61 -3.58 5.15 -7.09
N TYR A 62 -2.27 5.31 -6.88
CA TYR A 62 -1.24 4.32 -7.18
C TYR A 62 -0.28 4.27 -6.00
N ILE A 63 -0.22 3.13 -5.31
CA ILE A 63 0.78 2.89 -4.27
C ILE A 63 2.04 2.40 -4.96
N LYS A 64 3.08 3.23 -5.03
CA LYS A 64 4.39 2.85 -5.59
C LYS A 64 5.45 2.77 -4.49
N LEU A 65 6.41 1.88 -4.68
CA LEU A 65 7.47 1.58 -3.72
C LEU A 65 8.84 1.72 -4.40
N GLU A 66 9.73 2.51 -3.81
CA GLU A 66 11.05 2.85 -4.33
C GLU A 66 12.17 2.26 -3.46
N ASP A 67 13.31 1.90 -4.07
CA ASP A 67 14.50 1.47 -3.37
C ASP A 67 15.17 2.69 -2.67
N LYS A 68 15.54 2.52 -1.40
CA LYS A 68 16.10 3.59 -0.54
C LYS A 68 17.54 4.03 -0.88
N VAL A 69 18.15 3.40 -1.89
CA VAL A 69 19.52 3.66 -2.36
C VAL A 69 19.52 4.29 -3.75
N SER A 70 18.61 3.86 -4.64
CA SER A 70 18.63 4.22 -6.06
C SER A 70 17.35 4.89 -6.58
N GLY A 71 16.26 4.89 -5.80
CA GLY A 71 14.94 5.37 -6.24
C GLY A 71 14.25 4.45 -7.27
N GLU A 72 14.74 3.23 -7.45
CA GLU A 72 14.24 2.26 -8.44
C GLU A 72 12.93 1.62 -8.00
N LEU A 73 12.05 1.30 -8.95
CA LEU A 73 10.72 0.77 -8.67
C LEU A 73 10.78 -0.70 -8.19
N PHE A 74 10.30 -0.96 -6.97
CA PHE A 74 10.11 -2.30 -6.41
C PHE A 74 8.76 -2.90 -6.84
N ALA A 75 7.67 -2.15 -6.63
CA ALA A 75 6.31 -2.55 -7.00
C ALA A 75 5.38 -1.34 -7.16
N GLN A 76 4.24 -1.54 -7.84
CA GLN A 76 3.16 -0.56 -7.97
C GLN A 76 1.77 -1.23 -7.92
N ALA A 77 0.82 -0.64 -7.18
CA ALA A 77 -0.56 -1.10 -7.00
C ALA A 77 -1.59 -0.03 -7.42
N PRO A 78 -2.48 -0.28 -8.40
CA PRO A 78 -3.56 0.64 -8.76
C PRO A 78 -4.77 0.48 -7.82
N VAL A 79 -5.21 1.58 -7.21
CA VAL A 79 -6.34 1.68 -6.25
C VAL A 79 -7.42 2.62 -6.82
N GLU A 80 -8.67 2.18 -6.87
CA GLU A 80 -9.83 3.01 -7.31
C GLU A 80 -10.93 3.12 -6.24
N GLN A 81 -10.70 2.57 -5.05
CA GLN A 81 -11.58 2.65 -3.88
C GLN A 81 -10.80 2.36 -2.58
N TYR A 82 -11.15 3.05 -1.49
CA TYR A 82 -10.58 2.81 -0.16
C TYR A 82 -11.66 2.85 0.96
N PRO A 83 -11.79 1.81 1.81
CA PRO A 83 -11.15 0.49 1.76
C PRO A 83 -11.43 -0.30 0.46
N GLY A 84 -10.54 -1.22 0.11
CA GLY A 84 -10.67 -2.08 -1.07
C GLY A 84 -9.69 -3.25 -1.09
N ILE A 85 -9.57 -3.91 -2.25
CA ILE A 85 -8.62 -5.03 -2.46
C ILE A 85 -7.20 -4.51 -2.72
N ALA A 86 -7.08 -3.27 -3.22
CA ALA A 86 -5.80 -2.68 -3.58
C ALA A 86 -5.13 -1.90 -2.45
N VAL A 87 -5.87 -1.52 -1.42
CA VAL A 87 -5.33 -1.14 -0.11
C VAL A 87 -6.32 -1.53 1.00
N GLU A 88 -5.86 -2.38 1.92
CA GLU A 88 -6.62 -2.93 3.04
C GLU A 88 -5.83 -2.87 4.35
N THR A 89 -6.51 -2.77 5.49
CA THR A 89 -5.90 -2.82 6.82
C THR A 89 -6.20 -4.17 7.47
N VAL A 90 -5.39 -5.14 7.05
CA VAL A 90 -5.04 -6.41 7.73
C VAL A 90 -6.14 -7.09 8.57
N THR A 91 -6.45 -6.54 9.75
CA THR A 91 -7.75 -6.66 10.43
C THR A 91 -8.21 -5.33 11.00
N ASP A 92 -7.32 -4.62 11.72
CA ASP A 92 -7.66 -3.40 12.46
C ASP A 92 -6.48 -2.45 12.69
N SER A 93 -5.43 -2.92 13.39
CA SER A 93 -4.26 -2.10 13.76
C SER A 93 -3.41 -1.67 12.55
N SER A 94 -3.24 -0.37 12.40
CA SER A 94 -2.82 0.21 11.11
C SER A 94 -1.32 0.47 10.95
N ARG A 95 -0.45 -0.13 11.78
CA ARG A 95 0.99 -0.28 11.44
C ARG A 95 1.17 -1.02 10.11
N TYR A 96 0.26 -1.96 9.83
CA TYR A 96 0.29 -2.82 8.66
C TYR A 96 -0.84 -2.53 7.67
N PHE A 97 -0.60 -2.91 6.42
CA PHE A 97 -1.59 -2.89 5.34
C PHE A 97 -1.37 -4.07 4.39
N VAL A 98 -2.28 -4.29 3.45
CA VAL A 98 -2.09 -5.18 2.29
C VAL A 98 -2.50 -4.45 1.03
N ILE A 99 -1.69 -4.56 -0.04
CA ILE A 99 -1.98 -3.96 -1.34
C ILE A 99 -1.83 -4.98 -2.47
N ARG A 100 -2.61 -4.82 -3.55
CA ARG A 100 -2.51 -5.63 -4.78
C ARG A 100 -1.64 -4.95 -5.84
N ILE A 101 -0.46 -5.50 -6.11
CA ILE A 101 0.53 -4.96 -7.05
C ILE A 101 0.52 -5.68 -8.39
N GLN A 102 1.10 -5.05 -9.41
CA GLN A 102 1.63 -5.78 -10.57
C GLN A 102 2.95 -6.47 -10.16
N ASP A 103 3.18 -7.73 -10.54
CA ASP A 103 4.42 -8.45 -10.20
C ASP A 103 5.55 -8.25 -11.25
N GLY A 104 5.30 -7.44 -12.28
CA GLY A 104 6.26 -7.05 -13.31
C GLY A 104 6.48 -8.08 -14.44
N THR A 105 5.80 -9.23 -14.40
CA THR A 105 5.94 -10.35 -15.35
C THR A 105 4.69 -10.58 -16.21
N GLY A 106 3.76 -9.61 -16.23
CA GLY A 106 2.45 -9.69 -16.89
C GLY A 106 1.32 -10.21 -15.98
N ARG A 107 1.55 -10.22 -14.66
CA ARG A 107 0.64 -10.75 -13.62
C ARG A 107 0.50 -9.82 -12.41
N SER A 108 -0.38 -10.16 -11.48
CA SER A 108 -0.56 -9.44 -10.21
C SER A 108 -0.23 -10.30 -8.98
N ALA A 109 0.17 -9.64 -7.90
CA ALA A 109 0.46 -10.25 -6.58
C ALA A 109 -0.08 -9.42 -5.41
N PHE A 110 -0.38 -10.06 -4.29
CA PHE A 110 -0.69 -9.37 -3.02
C PHE A 110 0.56 -9.29 -2.13
N ILE A 111 0.87 -8.10 -1.61
CA ILE A 111 1.92 -7.88 -0.60
C ILE A 111 1.37 -7.25 0.68
N GLY A 112 1.79 -7.79 1.82
CA GLY A 112 1.62 -7.17 3.13
C GLY A 112 2.73 -6.16 3.40
N ILE A 113 2.38 -5.02 3.95
CA ILE A 113 3.28 -3.92 4.31
C ILE A 113 3.29 -3.75 5.83
N GLY A 114 4.41 -3.32 6.40
CA GLY A 114 4.53 -2.82 7.77
C GLY A 114 5.45 -1.60 7.85
N PHE A 115 5.03 -0.60 8.62
CA PHE A 115 5.74 0.67 8.79
C PHE A 115 6.62 0.71 10.05
N THR A 116 7.59 1.62 10.05
CA THR A 116 8.53 1.84 11.16
C THR A 116 7.93 2.72 12.27
N ASP A 117 6.96 3.58 11.92
CA ASP A 117 6.26 4.50 12.82
C ASP A 117 4.74 4.47 12.61
N ARG A 118 3.97 4.57 13.70
CA ARG A 118 2.49 4.65 13.63
C ARG A 118 2.00 5.88 12.88
N GLY A 119 2.68 7.03 13.00
CA GLY A 119 2.35 8.23 12.25
C GLY A 119 2.65 8.10 10.75
N ASP A 120 3.72 7.38 10.39
CA ASP A 120 4.04 7.10 8.97
C ASP A 120 3.01 6.15 8.34
N ALA A 121 2.49 5.17 9.10
CA ALA A 121 1.42 4.29 8.64
C ALA A 121 0.04 4.98 8.61
N PHE A 122 -0.27 5.79 9.62
CA PHE A 122 -1.49 6.61 9.64
C PHE A 122 -1.51 7.65 8.50
N ASP A 123 -0.35 8.11 8.04
CA ASP A 123 -0.21 8.96 6.84
C ASP A 123 -0.42 8.15 5.55
N PHE A 124 0.06 6.90 5.48
CA PHE A 124 -0.24 5.99 4.37
C PHE A 124 -1.77 5.79 4.20
N ASN A 125 -2.49 5.68 5.33
CA ASN A 125 -3.95 5.65 5.33
C ASN A 125 -4.56 7.02 4.94
N VAL A 126 -4.27 8.10 5.67
CA VAL A 126 -5.01 9.37 5.54
C VAL A 126 -4.76 10.07 4.20
N SER A 127 -3.58 9.88 3.58
CA SER A 127 -3.33 10.34 2.20
C SER A 127 -4.27 9.69 1.16
N LEU A 128 -4.75 8.47 1.43
CA LEU A 128 -5.79 7.80 0.63
C LEU A 128 -7.21 8.14 1.11
N GLN A 129 -7.44 8.29 2.41
CA GLN A 129 -8.75 8.74 2.95
C GLN A 129 -9.16 10.08 2.31
N ASP A 130 -8.28 11.09 2.33
CA ASP A 130 -8.53 12.41 1.74
C ASP A 130 -8.46 12.42 0.20
N HIS A 131 -8.00 11.33 -0.42
CA HIS A 131 -8.10 11.13 -1.88
C HIS A 131 -9.47 10.58 -2.28
N PHE A 132 -10.05 9.68 -1.48
CA PHE A 132 -11.37 9.10 -1.73
C PHE A 132 -12.53 9.86 -1.06
N LYS A 133 -12.29 10.79 -0.13
CA LYS A 133 -13.36 11.56 0.56
C LYS A 133 -14.21 12.43 -0.37
N TRP A 134 -13.65 12.86 -1.50
CA TRP A 134 -14.32 13.67 -2.53
C TRP A 134 -14.73 12.86 -3.78
N VAL A 135 -14.47 11.55 -3.76
CA VAL A 135 -14.77 10.54 -4.81
C VAL A 135 -15.98 9.70 -4.36
N LYS A 136 -16.41 8.75 -5.20
CA LYS A 136 -17.34 7.65 -4.87
C LYS A 136 -18.79 8.05 -4.54
N GLN A 137 -19.09 9.33 -4.72
CA GLN A 137 -20.38 9.99 -4.49
C GLN A 137 -20.98 9.74 -3.09
N GLU A 138 -20.11 9.55 -2.09
CA GLU A 138 -20.47 9.38 -0.68
C GLU A 138 -20.80 10.70 0.05
N SER B 1 -3.03 -12.19 29.01
CA SER B 1 -2.48 -11.91 27.66
C SER B 1 -1.16 -11.15 27.73
N GLN B 2 -0.33 -11.27 26.70
CA GLN B 2 0.96 -10.57 26.55
C GLN B 2 1.10 -9.94 25.15
N ILE B 3 1.88 -8.86 25.03
CA ILE B 3 2.07 -8.12 23.77
C ILE B 3 3.03 -8.87 22.83
N THR B 4 2.60 -9.06 21.59
CA THR B 4 3.32 -9.74 20.48
C THR B 4 3.69 -8.83 19.30
N SER B 5 3.24 -7.60 19.45
CA SER B 5 3.13 -6.51 18.46
C SER B 5 2.19 -6.81 17.28
N GLN B 6 1.20 -7.63 17.59
CA GLN B 6 0.13 -8.15 16.74
C GLN B 6 -0.74 -7.06 16.10
N VAL B 7 -1.46 -7.40 15.02
CA VAL B 7 -2.66 -6.64 14.62
C VAL B 7 -3.84 -7.03 15.53
N GLY B 9 -7.84 -6.86 17.49
CA GLY B 9 -9.27 -7.16 17.41
C GLY B 9 -10.10 -6.67 18.60
N GLN B 10 -9.51 -6.22 19.72
CA GLN B 10 -10.25 -5.83 20.94
C GLN B 10 -10.32 -4.33 21.25
N ILE B 11 -9.32 -3.51 20.88
CA ILE B 11 -9.38 -2.05 21.13
C ILE B 11 -10.21 -1.31 20.06
N GLY B 12 -10.15 -1.78 18.81
CA GLY B 12 -11.01 -1.32 17.71
C GLY B 12 -10.81 0.15 17.37
N TRP B 13 -9.54 0.56 17.21
CA TRP B 13 -9.08 1.94 17.10
C TRP B 13 -8.64 2.25 15.66
N ARG B 14 -7.86 3.32 15.52
CA ARG B 14 -7.12 3.69 14.32
C ARG B 14 -8.02 3.90 13.08
N ARG B 15 -7.43 3.94 11.88
CA ARG B 15 -8.10 4.12 10.58
C ARG B 15 -7.53 3.16 9.53
N GLY A 1 -9.85 23.84 -34.06
CA GLY A 1 -10.69 22.64 -33.84
C GLY A 1 -9.90 21.49 -33.24
N SER A 2 -10.58 20.59 -32.52
CA SER A 2 -9.97 19.43 -31.84
C SER A 2 -9.42 18.37 -32.82
N PRO A 3 -8.36 17.63 -32.46
CA PRO A 3 -7.83 16.53 -33.27
C PRO A 3 -8.76 15.31 -33.26
N ASN A 4 -8.51 14.35 -34.17
CA ASN A 4 -9.25 13.08 -34.23
C ASN A 4 -9.11 12.24 -32.94
N SER A 5 -7.98 12.37 -32.24
CA SER A 5 -7.74 11.79 -30.91
C SER A 5 -8.45 12.59 -29.81
N MET A 6 -9.78 12.44 -29.72
CA MET A 6 -10.63 13.18 -28.77
C MET A 6 -10.32 12.88 -27.28
N ALA A 7 -9.67 11.74 -27.01
CA ALA A 7 -8.77 11.60 -25.87
C ALA A 7 -7.37 11.18 -26.36
N THR A 8 -6.35 11.79 -25.78
CA THR A 8 -4.93 11.58 -26.12
C THR A 8 -4.17 10.64 -25.19
N GLU A 9 -4.57 10.59 -23.92
CA GLU A 9 -3.81 10.10 -22.76
C GLU A 9 -2.47 10.86 -22.54
N LEU A 10 -2.18 11.17 -21.26
CA LEU A 10 -0.99 11.90 -20.81
C LEU A 10 -0.01 11.02 -20.01
N GLU A 11 -0.42 9.79 -19.69
CA GLU A 11 0.39 8.72 -19.07
C GLU A 11 1.17 9.19 -17.81
N TYR A 12 0.44 9.74 -16.82
CA TYR A 12 1.01 10.39 -15.64
C TYR A 12 0.54 9.78 -14.33
N GLU A 13 1.00 10.35 -13.22
CA GLU A 13 0.47 10.20 -11.87
C GLU A 13 1.10 11.29 -10.98
N SER A 14 0.29 11.95 -10.16
CA SER A 14 0.66 13.09 -9.33
C SER A 14 0.88 12.70 -7.87
N VAL A 15 2.02 13.04 -7.27
CA VAL A 15 2.38 12.64 -5.90
C VAL A 15 1.37 13.15 -4.86
N LEU A 16 0.93 12.25 -3.97
CA LEU A 16 0.03 12.52 -2.85
C LEU A 16 0.73 12.38 -1.48
N CYS A 17 1.61 11.38 -1.33
CA CYS A 17 2.31 11.08 -0.08
C CYS A 17 3.71 10.50 -0.31
N VAL A 18 4.63 10.79 0.60
CA VAL A 18 5.99 10.24 0.64
C VAL A 18 6.35 9.94 2.10
N LYS A 19 6.84 8.73 2.38
CA LYS A 19 7.36 8.34 3.70
C LYS A 19 8.80 7.78 3.65
N PRO A 20 9.65 8.14 4.63
CA PRO A 20 11.10 7.98 4.56
C PRO A 20 11.60 6.54 4.72
N ASP A 21 10.85 5.69 5.43
CA ASP A 21 11.17 4.29 5.67
C ASP A 21 9.90 3.42 5.69
N VAL A 22 9.91 2.32 4.95
CA VAL A 22 8.79 1.38 4.83
C VAL A 22 9.33 -0.03 4.56
N SER A 23 8.72 -1.03 5.17
CA SER A 23 9.12 -2.43 5.06
C SER A 23 8.01 -3.30 4.49
N VAL A 24 8.35 -4.27 3.65
CA VAL A 24 7.42 -5.13 2.92
C VAL A 24 7.58 -6.59 3.34
N TYR A 25 6.44 -7.26 3.46
CA TYR A 25 6.28 -8.61 3.99
C TYR A 25 5.36 -9.41 3.06
N ARG A 26 5.91 -10.09 2.05
CA ARG A 26 5.19 -11.02 1.16
C ARG A 26 4.38 -12.07 1.96
N ILE A 27 3.14 -12.32 1.55
CA ILE A 27 2.15 -13.13 2.30
C ILE A 27 1.63 -14.35 1.52
N PRO A 28 1.36 -15.50 2.18
CA PRO A 28 0.70 -16.65 1.56
C PRO A 28 -0.82 -16.53 1.29
N PRO A 29 -1.69 -16.01 2.19
CA PRO A 29 -3.15 -16.01 2.00
C PRO A 29 -3.67 -14.88 1.09
N ARG A 30 -4.89 -15.05 0.60
CA ARG A 30 -5.69 -14.02 -0.11
C ARG A 30 -6.90 -13.52 0.65
N ALA A 31 -7.48 -14.35 1.53
CA ALA A 31 -8.68 -14.01 2.28
C ALA A 31 -8.89 -14.95 3.48
N SER A 32 -8.61 -14.42 4.67
CA SER A 32 -9.17 -14.91 5.93
C SER A 32 -10.50 -14.20 6.22
N ASN A 33 -11.39 -14.79 7.02
CA ASN A 33 -12.69 -14.18 7.34
C ASN A 33 -12.55 -12.87 8.15
N ARG A 34 -11.41 -12.66 8.82
CA ARG A 34 -11.06 -11.41 9.56
C ARG A 34 -10.37 -10.37 8.68
N GLY A 35 -9.97 -10.80 7.49
CA GLY A 35 -9.26 -10.02 6.48
C GLY A 35 -7.98 -10.74 6.03
N TYR A 36 -6.84 -10.34 6.59
CA TYR A 36 -5.53 -10.97 6.35
C TYR A 36 -4.76 -11.31 7.62
N ARG A 37 -4.89 -10.49 8.67
CA ARG A 37 -4.13 -10.45 9.93
C ARG A 37 -2.62 -10.54 9.75
N ALA A 38 -1.88 -9.44 9.95
CA ALA A 38 -0.40 -9.46 9.98
C ALA A 38 0.14 -10.53 10.94
N SER A 39 -0.57 -10.72 12.05
CA SER A 39 -0.37 -11.71 13.09
C SER A 39 -0.48 -13.18 12.64
N ASP A 40 -0.96 -13.46 11.41
CA ASP A 40 -0.99 -14.80 10.79
C ASP A 40 0.25 -15.12 9.95
N TRP A 41 0.95 -14.09 9.43
CA TRP A 41 2.13 -14.22 8.57
C TRP A 41 3.34 -13.52 9.20
N LYS A 42 4.39 -13.23 8.41
CA LYS A 42 5.58 -12.54 8.87
C LYS A 42 5.26 -11.07 9.15
N LEU A 43 5.13 -10.68 10.42
CA LEU A 43 5.03 -9.26 10.82
C LEU A 43 6.36 -8.68 11.35
N ASP A 44 7.39 -9.53 11.49
CA ASP A 44 8.69 -9.19 12.09
C ASP A 44 9.88 -9.32 11.11
N GLN A 45 9.73 -10.13 10.04
CA GLN A 45 10.77 -10.45 9.07
C GLN A 45 10.43 -9.86 7.67
N PRO A 46 10.97 -8.70 7.28
CA PRO A 46 10.70 -8.13 5.96
C PRO A 46 11.47 -8.85 4.84
N ASP A 47 10.89 -8.83 3.63
CA ASP A 47 11.49 -9.34 2.39
C ASP A 47 12.16 -8.24 1.57
N TRP A 48 11.72 -6.99 1.76
CA TRP A 48 12.29 -5.77 1.17
C TRP A 48 12.03 -4.57 2.09
N THR A 49 12.91 -3.57 2.11
CA THR A 49 12.63 -2.26 2.69
C THR A 49 13.14 -1.13 1.80
N GLY A 50 12.49 0.03 1.91
CA GLY A 50 12.76 1.18 1.07
C GLY A 50 12.01 2.43 1.54
N ARG A 51 11.40 3.12 0.59
CA ARG A 51 10.74 4.42 0.69
C ARG A 51 9.37 4.37 0.02
N LEU A 52 8.37 5.03 0.59
CA LEU A 52 7.01 5.09 0.04
C LEU A 52 6.85 6.29 -0.90
N ARG A 53 6.14 6.12 -2.02
CA ARG A 53 5.71 7.24 -2.90
C ARG A 53 4.30 6.97 -3.46
N ILE A 54 3.27 7.48 -2.79
CA ILE A 54 1.88 7.41 -3.25
C ILE A 54 1.63 8.52 -4.28
N THR A 55 0.97 8.18 -5.38
CA THR A 55 0.68 9.07 -6.51
C THR A 55 -0.78 8.89 -6.99
N SER A 56 -1.30 9.73 -7.89
CA SER A 56 -2.63 9.55 -8.51
C SER A 56 -2.79 10.20 -9.89
N LYS A 57 -3.38 9.47 -10.83
CA LYS A 57 -3.78 9.93 -12.17
C LYS A 57 -5.29 10.19 -12.23
N GLY A 58 -5.77 10.99 -11.28
CA GLY A 58 -7.19 11.29 -11.04
C GLY A 58 -7.77 10.42 -9.93
N LYS A 59 -8.95 9.82 -10.17
CA LYS A 59 -9.66 8.93 -9.21
C LYS A 59 -8.95 7.61 -8.93
N THR A 60 -7.92 7.31 -9.69
CA THR A 60 -7.00 6.19 -9.43
C THR A 60 -5.73 6.69 -8.77
N ALA A 61 -5.48 6.25 -7.54
CA ALA A 61 -4.15 6.36 -6.92
C ALA A 61 -3.29 5.14 -7.28
N TYR A 62 -1.97 5.29 -7.12
CA TYR A 62 -0.98 4.26 -7.35
C TYR A 62 0.02 4.32 -6.20
N ILE A 63 0.09 3.26 -5.39
CA ILE A 63 1.15 3.10 -4.40
C ILE A 63 2.41 2.73 -5.18
N LYS A 64 3.41 3.61 -5.28
CA LYS A 64 4.75 3.25 -5.75
C LYS A 64 5.64 2.98 -4.54
N LEU A 65 6.56 2.02 -4.66
CA LEU A 65 7.57 1.72 -3.64
C LEU A 65 8.96 1.90 -4.26
N GLU A 66 9.80 2.69 -3.60
CA GLU A 66 11.11 3.15 -4.10
C GLU A 66 12.26 2.61 -3.25
N ASP A 67 13.41 2.33 -3.86
CA ASP A 67 14.62 1.87 -3.16
C ASP A 67 15.24 3.05 -2.38
N LYS A 68 15.61 2.83 -1.11
CA LYS A 68 16.13 3.85 -0.20
C LYS A 68 17.57 4.33 -0.49
N VAL A 69 18.21 3.79 -1.54
CA VAL A 69 19.57 4.12 -1.99
C VAL A 69 19.55 4.86 -3.32
N SER A 70 18.65 4.47 -4.25
CA SER A 70 18.67 4.97 -5.63
C SER A 70 17.32 5.52 -6.14
N GLY A 71 16.25 5.41 -5.36
CA GLY A 71 14.89 5.83 -5.76
C GLY A 71 14.23 4.94 -6.82
N GLU A 72 14.80 3.77 -7.11
CA GLU A 72 14.34 2.85 -8.17
C GLU A 72 13.07 2.10 -7.76
N LEU A 73 12.23 1.78 -8.75
CA LEU A 73 10.92 1.15 -8.49
C LEU A 73 11.07 -0.33 -8.08
N PHE A 74 10.60 -0.66 -6.88
CA PHE A 74 10.45 -2.03 -6.38
C PHE A 74 9.13 -2.66 -6.86
N ALA A 75 8.01 -1.98 -6.64
CA ALA A 75 6.67 -2.43 -7.02
C ALA A 75 5.69 -1.25 -7.15
N GLN A 76 4.55 -1.48 -7.80
CA GLN A 76 3.45 -0.53 -7.89
C GLN A 76 2.06 -1.20 -7.82
N ALA A 77 1.13 -0.60 -7.06
CA ALA A 77 -0.24 -1.08 -6.86
C ALA A 77 -1.29 -0.01 -7.26
N PRO A 78 -2.05 -0.18 -8.36
CA PRO A 78 -3.17 0.70 -8.73
C PRO A 78 -4.41 0.50 -7.84
N VAL A 79 -5.06 1.59 -7.41
CA VAL A 79 -6.28 1.59 -6.58
C VAL A 79 -7.35 2.53 -7.11
N GLU A 80 -8.59 2.05 -7.20
CA GLU A 80 -9.76 2.84 -7.62
C GLU A 80 -10.86 2.96 -6.54
N GLN A 81 -10.64 2.37 -5.36
CA GLN A 81 -11.52 2.43 -4.20
C GLN A 81 -10.75 2.15 -2.90
N TYR A 82 -11.05 2.88 -1.83
CA TYR A 82 -10.45 2.70 -0.50
C TYR A 82 -11.51 2.60 0.62
N PRO A 83 -11.50 1.55 1.47
CA PRO A 83 -10.70 0.31 1.34
C PRO A 83 -11.10 -0.54 0.12
N GLY A 84 -10.22 -1.46 -0.29
CA GLY A 84 -10.45 -2.40 -1.39
C GLY A 84 -9.44 -3.54 -1.44
N ILE A 85 -9.35 -4.23 -2.59
CA ILE A 85 -8.38 -5.31 -2.82
C ILE A 85 -6.96 -4.76 -3.03
N ALA A 86 -6.86 -3.51 -3.51
CA ALA A 86 -5.57 -2.88 -3.77
C ALA A 86 -4.90 -2.31 -2.53
N VAL A 87 -5.65 -2.12 -1.43
CA VAL A 87 -5.14 -1.65 -0.14
C VAL A 87 -6.16 -1.96 0.96
N GLU A 88 -5.76 -2.80 1.92
CA GLU A 88 -6.56 -3.28 3.05
C GLU A 88 -5.78 -3.15 4.37
N THR A 89 -6.49 -2.98 5.49
CA THR A 89 -5.89 -2.89 6.82
C THR A 89 -6.12 -4.21 7.54
N VAL A 90 -5.27 -5.17 7.18
CA VAL A 90 -4.91 -6.41 7.90
C VAL A 90 -6.01 -7.07 8.73
N THR A 91 -6.31 -6.50 9.89
CA THR A 91 -7.60 -6.69 10.58
C THR A 91 -8.19 -5.37 11.06
N ASP A 92 -7.38 -4.61 11.79
CA ASP A 92 -7.87 -3.45 12.54
C ASP A 92 -6.84 -2.31 12.60
N SER A 93 -5.75 -2.50 13.36
CA SER A 93 -4.67 -1.51 13.43
C SER A 93 -4.09 -1.09 12.09
N SER A 94 -3.95 0.22 11.98
CA SER A 94 -3.15 0.90 10.98
C SER A 94 -1.68 0.93 11.38
N ARG A 95 -1.15 -0.28 11.61
CA ARG A 95 0.26 -0.64 11.84
C ARG A 95 0.88 -1.27 10.59
N TYR A 96 0.05 -2.06 9.91
CA TYR A 96 0.33 -2.74 8.65
C TYR A 96 -0.78 -2.50 7.64
N PHE A 97 -0.52 -2.86 6.38
CA PHE A 97 -1.50 -2.95 5.31
C PHE A 97 -1.23 -4.18 4.44
N VAL A 98 -2.13 -4.48 3.51
CA VAL A 98 -1.92 -5.42 2.41
C VAL A 98 -2.33 -4.72 1.12
N ILE A 99 -1.48 -4.75 0.09
CA ILE A 99 -1.75 -4.15 -1.23
C ILE A 99 -1.59 -5.18 -2.35
N ARG A 100 -2.35 -5.01 -3.44
CA ARG A 100 -2.17 -5.78 -4.69
C ARG A 100 -1.25 -5.01 -5.63
N ILE A 101 -0.02 -5.48 -5.82
CA ILE A 101 0.94 -4.91 -6.78
C ILE A 101 0.84 -5.63 -8.11
N GLN A 102 1.01 -4.93 -9.23
CA GLN A 102 1.05 -5.56 -10.55
C GLN A 102 2.41 -6.26 -10.77
N ASP A 103 2.44 -7.49 -11.30
CA ASP A 103 3.68 -8.23 -11.56
C ASP A 103 4.37 -7.82 -12.87
N GLY A 104 3.64 -7.17 -13.78
CA GLY A 104 4.12 -6.74 -15.10
C GLY A 104 4.00 -7.80 -16.22
N THR A 105 3.48 -8.99 -15.90
CA THR A 105 3.26 -10.11 -16.87
C THR A 105 1.77 -10.32 -17.20
N GLY A 106 0.91 -9.36 -16.88
CA GLY A 106 -0.55 -9.43 -17.01
C GLY A 106 -1.25 -9.97 -15.76
N ARG A 107 -0.56 -9.97 -14.61
CA ARG A 107 -1.02 -10.49 -13.32
C ARG A 107 -0.68 -9.57 -12.15
N SER A 108 -1.15 -9.89 -10.94
CA SER A 108 -0.82 -9.17 -9.70
C SER A 108 -0.39 -10.12 -8.57
N ALA A 109 0.40 -9.60 -7.63
CA ALA A 109 0.81 -10.24 -6.38
C ALA A 109 0.31 -9.46 -5.16
N PHE A 110 0.01 -10.17 -4.06
CA PHE A 110 -0.34 -9.55 -2.78
C PHE A 110 0.88 -9.52 -1.84
N ILE A 111 1.18 -8.35 -1.29
CA ILE A 111 2.17 -8.17 -0.22
C ILE A 111 1.55 -7.47 0.99
N GLY A 112 1.98 -7.87 2.17
CA GLY A 112 1.83 -7.08 3.38
C GLY A 112 2.87 -5.95 3.42
N ILE A 113 2.55 -4.88 4.13
CA ILE A 113 3.46 -3.76 4.41
C ILE A 113 3.44 -3.50 5.92
N GLY A 114 4.59 -3.15 6.51
CA GLY A 114 4.71 -2.64 7.87
C GLY A 114 5.56 -1.37 7.93
N PHE A 115 5.08 -0.37 8.65
CA PHE A 115 5.78 0.91 8.84
C PHE A 115 6.62 0.96 10.12
N THR A 116 7.58 1.88 10.15
CA THR A 116 8.48 2.11 11.30
C THR A 116 7.79 2.86 12.45
N ASP A 117 6.70 3.57 12.15
CA ASP A 117 5.85 4.29 13.11
C ASP A 117 4.35 4.11 12.82
N ARG A 118 3.52 4.06 13.87
CA ARG A 118 2.04 3.99 13.74
C ARG A 118 1.45 5.21 13.05
N GLY A 119 2.02 6.39 13.26
CA GLY A 119 1.65 7.61 12.53
C GLY A 119 2.05 7.58 11.05
N ASP A 120 3.17 6.93 10.71
CA ASP A 120 3.60 6.79 9.31
C ASP A 120 2.67 5.85 8.52
N ALA A 121 2.21 4.77 9.13
CA ALA A 121 1.14 3.93 8.56
C ALA A 121 -0.22 4.67 8.54
N PHE A 122 -0.60 5.37 9.61
CA PHE A 122 -1.83 6.17 9.61
C PHE A 122 -1.84 7.28 8.54
N ASP A 123 -0.68 7.80 8.12
CA ASP A 123 -0.55 8.73 7.00
C ASP A 123 -0.68 8.03 5.64
N PHE A 124 -0.21 6.78 5.51
CA PHE A 124 -0.50 5.94 4.35
C PHE A 124 -2.01 5.70 4.19
N ASN A 125 -2.75 5.59 5.29
CA ASN A 125 -4.21 5.57 5.29
C ASN A 125 -4.82 6.94 4.94
N VAL A 126 -4.50 8.02 5.65
CA VAL A 126 -5.15 9.34 5.49
C VAL A 126 -4.91 9.94 4.10
N SER A 127 -3.73 9.73 3.50
CA SER A 127 -3.46 10.16 2.11
C SER A 127 -4.34 9.45 1.07
N LEU A 128 -4.93 8.30 1.39
CA LEU A 128 -5.95 7.64 0.58
C LEU A 128 -7.38 8.01 1.01
N GLN A 129 -7.66 8.19 2.31
CA GLN A 129 -8.96 8.69 2.78
C GLN A 129 -9.30 10.03 2.12
N ASP A 130 -8.39 11.00 2.16
CA ASP A 130 -8.55 12.33 1.56
C ASP A 130 -8.39 12.33 0.03
N HIS A 131 -7.97 11.22 -0.57
CA HIS A 131 -7.97 11.03 -2.02
C HIS A 131 -9.34 10.53 -2.52
N PHE A 132 -10.00 9.65 -1.77
CA PHE A 132 -11.32 9.14 -2.12
C PHE A 132 -12.49 9.97 -1.55
N LYS A 133 -12.26 10.89 -0.59
CA LYS A 133 -13.33 11.69 0.04
C LYS A 133 -14.10 12.61 -0.91
N TRP A 134 -13.46 13.07 -1.98
CA TRP A 134 -14.03 14.02 -2.97
C TRP A 134 -14.52 13.36 -4.27
N VAL A 135 -14.47 12.03 -4.32
CA VAL A 135 -14.92 11.14 -5.42
C VAL A 135 -15.81 10.03 -4.84
N LYS A 136 -16.00 8.93 -5.57
CA LYS A 136 -16.32 7.60 -5.04
C LYS A 136 -17.68 7.44 -4.31
N GLN A 137 -18.53 8.45 -4.42
CA GLN A 137 -19.87 8.56 -3.84
C GLN A 137 -19.91 8.29 -2.32
N GLU A 138 -18.88 8.75 -1.60
CA GLU A 138 -18.75 8.65 -0.14
C GLU A 138 -19.56 9.73 0.61
N SER B 1 13.22 -7.69 25.41
CA SER B 1 11.96 -8.43 25.23
C SER B 1 11.76 -8.89 23.79
N GLN B 2 11.02 -9.98 23.57
CA GLN B 2 10.79 -10.61 22.25
C GLN B 2 9.29 -10.73 21.88
N ILE B 3 8.43 -9.89 22.48
CA ILE B 3 6.97 -9.86 22.22
C ILE B 3 6.71 -9.34 20.80
N THR B 4 5.83 -10.01 20.05
CA THR B 4 5.48 -9.67 18.66
C THR B 4 4.50 -8.51 18.58
N SER B 5 4.69 -7.63 17.59
CA SER B 5 3.95 -6.35 17.43
C SER B 5 2.59 -6.50 16.72
N GLN B 6 1.84 -7.51 17.14
CA GLN B 6 0.55 -7.95 16.61
C GLN B 6 -0.42 -6.77 16.35
N VAL B 7 -1.12 -6.79 15.19
CA VAL B 7 -2.08 -5.74 14.79
C VAL B 7 -3.13 -5.55 15.90
N GLY B 9 -6.43 -4.41 17.97
CA GLY B 9 -7.88 -4.65 17.86
C GLY B 9 -8.64 -4.43 19.17
N GLN B 10 -7.93 -4.36 20.29
CA GLN B 10 -8.44 -4.06 21.64
C GLN B 10 -8.97 -2.62 21.83
N ILE B 11 -8.65 -1.70 20.91
CA ILE B 11 -9.06 -0.28 20.95
C ILE B 11 -9.42 0.29 19.56
N GLY B 12 -8.75 -0.16 18.50
CA GLY B 12 -9.06 0.21 17.10
C GLY B 12 -8.65 1.65 16.73
N TRP B 13 -7.60 2.15 17.37
CA TRP B 13 -7.15 3.55 17.32
C TRP B 13 -6.06 3.81 16.24
N ARG B 14 -5.38 4.95 16.36
CA ARG B 14 -5.07 5.80 15.20
C ARG B 14 -3.58 6.11 15.06
N ARG B 15 -2.99 6.93 15.94
CA ARG B 15 -1.58 7.36 15.93
C ARG B 15 -0.90 7.13 17.28
N GLY A 1 7.58 15.05 -37.23
CA GLY A 1 6.39 14.80 -36.40
C GLY A 1 6.46 13.44 -35.71
N SER A 2 5.84 13.32 -34.53
CA SER A 2 5.84 12.08 -33.73
C SER A 2 5.04 10.93 -34.39
N PRO A 3 5.44 9.66 -34.19
CA PRO A 3 4.72 8.49 -34.72
C PRO A 3 3.38 8.25 -34.00
N ASN A 4 2.48 7.51 -34.64
CA ASN A 4 1.20 7.06 -34.06
C ASN A 4 1.39 5.95 -33.01
N SER A 5 0.48 5.88 -32.04
CA SER A 5 0.49 4.87 -30.95
C SER A 5 -0.92 4.62 -30.40
N MET A 6 -1.13 3.45 -29.79
CA MET A 6 -2.34 3.10 -29.03
C MET A 6 -2.36 3.72 -27.62
N ALA A 7 -1.23 4.28 -27.15
CA ALA A 7 -1.10 4.96 -25.86
C ALA A 7 -1.70 6.39 -25.89
N THR A 8 -3.00 6.48 -26.17
CA THR A 8 -3.73 7.73 -26.45
C THR A 8 -4.32 8.42 -25.19
N GLU A 9 -4.20 7.80 -24.02
CA GLU A 9 -4.68 8.35 -22.74
C GLU A 9 -3.83 9.52 -22.21
N LEU A 10 -4.40 10.26 -21.25
CA LEU A 10 -3.66 11.23 -20.42
C LEU A 10 -2.86 10.46 -19.35
N GLU A 11 -1.67 10.00 -19.72
CA GLU A 11 -0.91 8.96 -19.01
C GLU A 11 -0.09 9.50 -17.80
N TYR A 12 -0.65 10.44 -17.05
CA TYR A 12 -0.03 11.10 -15.89
C TYR A 12 -0.21 10.32 -14.57
N GLU A 13 0.34 10.87 -13.49
CA GLU A 13 0.04 10.56 -12.08
C GLU A 13 0.68 11.67 -11.20
N SER A 14 -0.10 12.25 -10.30
CA SER A 14 0.31 13.39 -9.46
C SER A 14 0.69 12.94 -8.05
N VAL A 15 1.82 13.38 -7.50
CA VAL A 15 2.27 12.96 -6.16
C VAL A 15 1.37 13.50 -5.04
N LEU A 16 1.04 12.61 -4.08
CA LEU A 16 0.23 12.90 -2.89
C LEU A 16 1.02 12.77 -1.59
N CYS A 17 1.82 11.70 -1.46
CA CYS A 17 2.57 11.38 -0.24
C CYS A 17 3.91 10.71 -0.54
N VAL A 18 4.88 10.88 0.35
CA VAL A 18 6.18 10.19 0.36
C VAL A 18 6.57 9.88 1.81
N LYS A 19 6.99 8.64 2.08
CA LYS A 19 7.52 8.20 3.40
C LYS A 19 8.91 7.55 3.30
N PRO A 20 9.80 7.84 4.29
CA PRO A 20 11.25 7.64 4.17
C PRO A 20 11.72 6.19 4.34
N ASP A 21 11.00 5.38 5.14
CA ASP A 21 11.39 4.01 5.50
C ASP A 21 10.14 3.14 5.69
N VAL A 22 10.05 2.04 4.93
CA VAL A 22 8.89 1.14 4.86
C VAL A 22 9.36 -0.27 4.56
N SER A 23 8.67 -1.27 5.12
CA SER A 23 9.02 -2.69 5.01
C SER A 23 7.87 -3.49 4.42
N VAL A 24 8.17 -4.52 3.63
CA VAL A 24 7.21 -5.32 2.86
C VAL A 24 7.33 -6.80 3.21
N TYR A 25 6.18 -7.46 3.26
CA TYR A 25 6.04 -8.90 3.44
C TYR A 25 5.24 -9.48 2.27
N ARG A 26 5.84 -10.26 1.36
CA ARG A 26 5.11 -11.23 0.53
C ARG A 26 4.36 -12.23 1.44
N ILE A 27 3.03 -12.31 1.31
CA ILE A 27 2.15 -13.08 2.22
C ILE A 27 1.55 -14.36 1.58
N PRO A 28 1.34 -15.45 2.34
CA PRO A 28 0.67 -16.65 1.85
C PRO A 28 -0.85 -16.55 1.59
N PRO A 29 -1.70 -15.99 2.48
CA PRO A 29 -3.16 -15.98 2.30
C PRO A 29 -3.67 -14.88 1.35
N ARG A 30 -4.91 -15.07 0.87
CA ARG A 30 -5.70 -14.08 0.11
C ARG A 30 -6.97 -13.59 0.80
N ALA A 31 -7.59 -14.43 1.64
CA ALA A 31 -8.85 -14.13 2.29
C ALA A 31 -9.11 -15.08 3.49
N SER A 32 -8.90 -14.54 4.69
CA SER A 32 -9.42 -15.09 5.95
C SER A 32 -10.74 -14.39 6.33
N ASN A 33 -11.48 -15.02 7.24
CA ASN A 33 -12.76 -14.57 7.79
C ASN A 33 -12.72 -13.19 8.47
N ARG A 34 -11.53 -12.73 8.92
CA ARG A 34 -11.29 -11.38 9.48
C ARG A 34 -10.59 -10.40 8.53
N GLY A 35 -10.14 -10.91 7.38
CA GLY A 35 -9.34 -10.18 6.39
C GLY A 35 -8.03 -10.90 6.08
N TYR A 36 -6.91 -10.37 6.57
CA TYR A 36 -5.56 -10.92 6.35
C TYR A 36 -4.77 -11.20 7.63
N ARG A 37 -4.95 -10.39 8.67
CA ARG A 37 -4.21 -10.33 9.94
C ARG A 37 -2.67 -10.41 9.80
N ALA A 38 -1.95 -9.28 9.98
CA ALA A 38 -0.48 -9.27 10.00
C ALA A 38 0.13 -10.27 11.00
N SER A 39 -0.58 -10.46 12.11
CA SER A 39 -0.30 -11.43 13.18
C SER A 39 -0.36 -12.91 12.73
N ASP A 40 -0.92 -13.22 11.55
CA ASP A 40 -0.98 -14.57 10.96
C ASP A 40 0.27 -14.95 10.15
N TRP A 41 0.89 -13.95 9.51
CA TRP A 41 2.10 -14.07 8.68
C TRP A 41 3.30 -13.35 9.34
N LYS A 42 4.27 -12.87 8.55
CA LYS A 42 5.41 -12.07 9.04
C LYS A 42 4.96 -10.71 9.54
N LEU A 43 4.79 -10.67 10.85
CA LEU A 43 4.50 -9.48 11.65
C LEU A 43 5.74 -8.58 11.81
N ASP A 44 6.95 -9.16 11.83
CA ASP A 44 8.21 -8.51 12.22
C ASP A 44 9.43 -8.87 11.32
N GLN A 45 9.20 -9.58 10.21
CA GLN A 45 10.27 -10.22 9.39
C GLN A 45 10.13 -9.90 7.89
N PRO A 46 10.63 -8.74 7.41
CA PRO A 46 10.46 -8.29 6.02
C PRO A 46 11.15 -9.17 4.97
N ASP A 47 10.58 -9.14 3.76
CA ASP A 47 11.16 -9.71 2.54
C ASP A 47 11.85 -8.64 1.67
N TRP A 48 11.45 -7.37 1.82
CA TRP A 48 12.06 -6.18 1.22
C TRP A 48 11.85 -4.97 2.14
N THR A 49 12.77 -4.00 2.14
CA THR A 49 12.53 -2.66 2.68
C THR A 49 13.08 -1.57 1.78
N GLY A 50 12.49 -0.37 1.88
CA GLY A 50 12.79 0.75 1.01
C GLY A 50 12.02 2.00 1.41
N ARG A 51 11.49 2.68 0.40
CA ARG A 51 10.83 4.00 0.44
C ARG A 51 9.41 3.88 -0.14
N LEU A 52 8.48 4.66 0.39
CA LEU A 52 7.11 4.77 -0.13
C LEU A 52 6.97 6.08 -0.94
N ARG A 53 6.29 6.02 -2.08
CA ARG A 53 5.62 7.18 -2.68
C ARG A 53 4.20 6.83 -3.11
N ILE A 54 3.27 7.76 -2.96
CA ILE A 54 1.86 7.61 -3.35
C ILE A 54 1.55 8.71 -4.36
N THR A 55 1.03 8.31 -5.52
CA THR A 55 0.64 9.18 -6.64
C THR A 55 -0.83 8.96 -6.99
N SER A 56 -1.43 9.82 -7.83
CA SER A 56 -2.81 9.66 -8.32
C SER A 56 -3.05 10.28 -9.69
N LYS A 57 -3.61 9.49 -10.59
CA LYS A 57 -4.21 9.93 -11.86
C LYS A 57 -5.74 9.89 -11.75
N GLY A 58 -6.33 11.02 -11.35
CA GLY A 58 -7.77 11.20 -11.15
C GLY A 58 -8.30 10.42 -9.94
N LYS A 59 -9.42 9.70 -10.11
CA LYS A 59 -10.06 8.82 -9.12
C LYS A 59 -9.31 7.49 -8.86
N THR A 60 -8.02 7.48 -9.17
CA THR A 60 -7.13 6.33 -9.06
C THR A 60 -5.83 6.76 -8.42
N ALA A 61 -5.53 6.23 -7.24
CA ALA A 61 -4.22 6.36 -6.60
C ALA A 61 -3.33 5.16 -6.98
N TYR A 62 -2.02 5.32 -6.88
CA TYR A 62 -1.03 4.30 -7.21
C TYR A 62 -0.02 4.28 -6.06
N ILE A 63 0.07 3.14 -5.37
CA ILE A 63 1.09 2.94 -4.35
C ILE A 63 2.37 2.55 -5.07
N LYS A 64 3.41 3.39 -4.99
CA LYS A 64 4.74 3.15 -5.55
C LYS A 64 5.70 2.76 -4.42
N LEU A 65 6.45 1.67 -4.58
CA LEU A 65 7.48 1.24 -3.64
C LEU A 65 8.85 1.32 -4.29
N GLU A 66 9.79 1.99 -3.64
CA GLU A 66 11.01 2.53 -4.25
C GLU A 66 12.27 2.19 -3.45
N ASP A 67 13.44 2.12 -4.08
CA ASP A 67 14.70 1.80 -3.42
C ASP A 67 15.15 2.96 -2.50
N LYS A 68 15.64 2.62 -1.30
CA LYS A 68 16.01 3.58 -0.24
C LYS A 68 17.20 4.48 -0.58
N VAL A 69 17.89 4.21 -1.68
CA VAL A 69 19.15 4.85 -2.10
C VAL A 69 18.99 5.60 -3.42
N SER A 70 18.23 5.04 -4.37
CA SER A 70 18.17 5.54 -5.75
C SER A 70 16.75 5.77 -6.28
N GLY A 71 15.71 5.46 -5.49
CA GLY A 71 14.30 5.66 -5.88
C GLY A 71 13.79 4.71 -6.97
N GLU A 72 14.53 3.65 -7.30
CA GLU A 72 14.18 2.69 -8.35
C GLU A 72 12.97 1.82 -7.94
N LEU A 73 12.05 1.53 -8.86
CA LEU A 73 10.77 0.89 -8.52
C LEU A 73 10.94 -0.62 -8.19
N PHE A 74 10.49 -1.00 -7.00
CA PHE A 74 10.36 -2.38 -6.53
C PHE A 74 9.02 -2.99 -6.97
N ALA A 75 7.91 -2.28 -6.69
CA ALA A 75 6.56 -2.67 -7.06
C ALA A 75 5.64 -1.43 -7.17
N GLN A 76 4.49 -1.60 -7.82
CA GLN A 76 3.40 -0.62 -7.77
C GLN A 76 2.01 -1.29 -7.74
N ALA A 77 1.08 -0.70 -7.01
CA ALA A 77 -0.31 -1.14 -6.87
C ALA A 77 -1.31 -0.05 -7.30
N PRO A 78 -2.05 -0.20 -8.42
CA PRO A 78 -3.16 0.69 -8.77
C PRO A 78 -4.37 0.46 -7.85
N VAL A 79 -4.90 1.53 -7.24
CA VAL A 79 -6.10 1.51 -6.38
C VAL A 79 -7.16 2.48 -6.90
N GLU A 80 -8.42 2.02 -7.02
CA GLU A 80 -9.54 2.80 -7.57
C GLU A 80 -10.70 2.97 -6.57
N GLN A 81 -10.50 2.51 -5.34
CA GLN A 81 -11.39 2.64 -4.20
C GLN A 81 -10.59 2.47 -2.89
N TYR A 82 -11.00 3.16 -1.83
CA TYR A 82 -10.44 3.00 -0.49
C TYR A 82 -11.54 2.92 0.59
N PRO A 83 -11.53 1.90 1.48
CA PRO A 83 -10.75 0.65 1.38
C PRO A 83 -11.17 -0.24 0.19
N GLY A 84 -10.33 -1.21 -0.19
CA GLY A 84 -10.62 -2.16 -1.28
C GLY A 84 -9.74 -3.41 -1.28
N ILE A 85 -9.61 -4.07 -2.44
CA ILE A 85 -8.71 -5.22 -2.63
C ILE A 85 -7.27 -4.75 -2.81
N ALA A 86 -7.09 -3.56 -3.39
CA ALA A 86 -5.78 -3.04 -3.74
C ALA A 86 -5.10 -2.32 -2.58
N VAL A 87 -5.82 -2.02 -1.50
CA VAL A 87 -5.29 -1.54 -0.23
C VAL A 87 -6.30 -1.86 0.88
N GLU A 88 -5.86 -2.65 1.86
CA GLU A 88 -6.66 -3.14 3.00
C GLU A 88 -5.88 -3.00 4.31
N THR A 89 -6.56 -2.83 5.44
CA THR A 89 -5.95 -2.77 6.77
C THR A 89 -6.22 -4.08 7.49
N VAL A 90 -5.42 -5.07 7.11
CA VAL A 90 -5.07 -6.31 7.82
C VAL A 90 -6.18 -6.99 8.65
N THR A 91 -6.52 -6.42 9.79
CA THR A 91 -7.81 -6.59 10.47
C THR A 91 -8.39 -5.27 10.95
N ASP A 92 -7.55 -4.45 11.61
CA ASP A 92 -7.98 -3.17 12.16
C ASP A 92 -6.85 -2.15 12.36
N SER A 93 -5.86 -2.47 13.20
CA SER A 93 -4.72 -1.58 13.48
C SER A 93 -3.99 -1.11 12.23
N SER A 94 -3.94 0.20 12.08
CA SER A 94 -3.32 0.90 10.96
C SER A 94 -1.82 1.11 11.19
N ARG A 95 -1.15 0.02 11.60
CA ARG A 95 0.31 -0.19 11.68
C ARG A 95 0.84 -0.93 10.43
N TYR A 96 -0.04 -1.72 9.81
CA TYR A 96 0.21 -2.53 8.62
C TYR A 96 -0.91 -2.37 7.59
N PHE A 97 -0.63 -2.79 6.36
CA PHE A 97 -1.61 -2.90 5.27
C PHE A 97 -1.37 -4.16 4.45
N VAL A 98 -2.27 -4.45 3.51
CA VAL A 98 -2.07 -5.36 2.38
C VAL A 98 -2.48 -4.65 1.10
N ILE A 99 -1.64 -4.72 0.05
CA ILE A 99 -1.93 -4.13 -1.27
C ILE A 99 -1.76 -5.17 -2.38
N ARG A 100 -2.51 -4.99 -3.48
CA ARG A 100 -2.36 -5.79 -4.72
C ARG A 100 -1.43 -5.07 -5.71
N ILE A 101 -0.23 -5.58 -5.91
CA ILE A 101 0.77 -5.02 -6.84
C ILE A 101 0.74 -5.72 -8.20
N GLN A 102 1.22 -5.05 -9.24
CA GLN A 102 1.67 -5.72 -10.47
C GLN A 102 3.10 -6.26 -10.33
N ASP A 103 3.39 -7.39 -10.97
CA ASP A 103 4.76 -7.97 -11.02
C ASP A 103 5.53 -7.60 -12.31
N GLY A 104 4.93 -6.76 -13.18
CA GLY A 104 5.57 -6.20 -14.38
C GLY A 104 5.72 -7.15 -15.58
N THR A 105 5.14 -8.36 -15.51
CA THR A 105 5.20 -9.41 -16.55
C THR A 105 3.80 -9.93 -16.97
N GLY A 106 2.79 -9.05 -16.88
CA GLY A 106 1.39 -9.30 -17.24
C GLY A 106 0.56 -9.94 -16.12
N ARG A 107 1.03 -9.81 -14.86
CA ARG A 107 0.47 -10.47 -13.67
C ARG A 107 0.53 -9.62 -12.41
N SER A 108 -0.13 -10.07 -11.34
CA SER A 108 -0.23 -9.39 -10.04
C SER A 108 0.05 -10.31 -8.85
N ALA A 109 0.35 -9.70 -7.69
CA ALA A 109 0.63 -10.36 -6.41
C ALA A 109 0.11 -9.54 -5.22
N PHE A 110 -0.22 -10.21 -4.11
CA PHE A 110 -0.55 -9.53 -2.84
C PHE A 110 0.67 -9.49 -1.91
N ILE A 111 0.97 -8.31 -1.37
CA ILE A 111 1.97 -8.11 -0.30
C ILE A 111 1.33 -7.39 0.90
N GLY A 112 1.70 -7.82 2.09
CA GLY A 112 1.58 -7.05 3.31
C GLY A 112 2.66 -5.96 3.38
N ILE A 113 2.39 -4.91 4.14
CA ILE A 113 3.32 -3.80 4.40
C ILE A 113 3.36 -3.53 5.91
N GLY A 114 4.53 -3.21 6.47
CA GLY A 114 4.70 -2.67 7.82
C GLY A 114 5.62 -1.45 7.81
N PHE A 115 5.21 -0.39 8.50
CA PHE A 115 5.96 0.88 8.56
C PHE A 115 6.96 0.94 9.73
N THR A 116 7.89 1.89 9.61
CA THR A 116 8.88 2.21 10.65
C THR A 116 8.24 2.88 11.88
N ASP A 117 7.07 3.52 11.70
CA ASP A 117 6.26 4.13 12.74
C ASP A 117 4.75 3.90 12.51
N ARG A 118 3.98 3.71 13.59
CA ARG A 118 2.51 3.59 13.57
C ARG A 118 1.85 4.85 12.98
N GLY A 119 2.43 6.02 13.22
CA GLY A 119 2.01 7.30 12.65
C GLY A 119 2.34 7.46 11.16
N ASP A 120 3.35 6.74 10.63
CA ASP A 120 3.69 6.73 9.21
C ASP A 120 2.75 5.81 8.41
N ALA A 121 2.34 4.68 8.97
CA ALA A 121 1.27 3.86 8.40
C ALA A 121 -0.09 4.58 8.45
N PHE A 122 -0.40 5.28 9.55
CA PHE A 122 -1.58 6.13 9.64
C PHE A 122 -1.59 7.26 8.59
N ASP A 123 -0.43 7.78 8.18
CA ASP A 123 -0.32 8.73 7.06
C ASP A 123 -0.53 8.05 5.71
N PHE A 124 -0.09 6.80 5.52
CA PHE A 124 -0.41 6.01 4.31
C PHE A 124 -1.94 5.85 4.15
N ASN A 125 -2.65 5.58 5.25
CA ASN A 125 -4.11 5.54 5.27
C ASN A 125 -4.75 6.91 4.96
N VAL A 126 -4.38 7.97 5.69
CA VAL A 126 -5.02 9.28 5.55
C VAL A 126 -4.72 9.95 4.19
N SER A 127 -3.57 9.67 3.58
CA SER A 127 -3.25 10.09 2.21
C SER A 127 -4.21 9.50 1.17
N LEU A 128 -4.80 8.34 1.45
CA LEU A 128 -5.83 7.69 0.63
C LEU A 128 -7.24 8.08 1.07
N GLN A 129 -7.50 8.31 2.36
CA GLN A 129 -8.77 8.90 2.84
C GLN A 129 -9.04 10.23 2.12
N ASP A 130 -8.13 11.21 2.21
CA ASP A 130 -8.27 12.52 1.57
C ASP A 130 -8.18 12.46 0.04
N HIS A 131 -7.86 11.30 -0.55
CA HIS A 131 -7.94 11.07 -1.99
C HIS A 131 -9.30 10.51 -2.45
N PHE A 132 -9.99 9.75 -1.60
CA PHE A 132 -11.27 9.10 -1.91
C PHE A 132 -12.49 9.79 -1.28
N LYS A 133 -12.24 10.65 -0.28
CA LYS A 133 -13.16 11.53 0.45
C LYS A 133 -14.08 12.40 -0.43
N TRP A 134 -13.58 12.88 -1.56
CA TRP A 134 -14.26 13.81 -2.48
C TRP A 134 -14.76 13.15 -3.78
N VAL A 135 -14.63 11.83 -3.88
CA VAL A 135 -15.08 10.96 -4.99
C VAL A 135 -15.96 9.83 -4.43
N LYS A 136 -16.09 8.69 -5.14
CA LYS A 136 -16.90 7.51 -4.75
C LYS A 136 -18.39 7.80 -4.51
N GLN A 137 -18.87 8.91 -5.07
CA GLN A 137 -20.21 9.47 -4.89
C GLN A 137 -20.59 9.70 -3.41
N GLU A 138 -19.59 9.97 -2.55
CA GLU A 138 -19.77 10.25 -1.12
C GLU A 138 -20.13 11.72 -0.81
N SER B 1 12.65 -10.53 15.38
CA SER B 1 13.47 -9.35 15.05
C SER B 1 12.87 -8.07 15.62
N GLN B 2 13.71 -7.14 16.11
CA GLN B 2 13.32 -5.89 16.78
C GLN B 2 12.30 -6.09 17.91
N ILE B 3 11.00 -5.90 17.64
CA ILE B 3 9.88 -6.22 18.55
C ILE B 3 8.64 -6.62 17.74
N THR B 4 7.74 -7.39 18.35
CA THR B 4 6.44 -7.80 17.77
C THR B 4 5.30 -6.90 18.27
N SER B 5 4.46 -6.44 17.34
CA SER B 5 3.39 -5.45 17.59
C SER B 5 2.10 -5.82 16.86
N GLN B 6 1.50 -6.92 17.29
CA GLN B 6 0.29 -7.54 16.71
C GLN B 6 -0.80 -6.51 16.36
N VAL B 7 -1.46 -6.68 15.21
CA VAL B 7 -2.58 -5.80 14.82
C VAL B 7 -3.73 -5.95 15.85
N GLY B 9 -7.62 -5.05 17.42
CA GLY B 9 -8.96 -5.40 16.92
C GLY B 9 -10.12 -4.98 17.83
N GLN B 10 -9.94 -5.06 19.16
CA GLN B 10 -10.99 -4.71 20.14
C GLN B 10 -11.17 -3.20 20.37
N ILE B 11 -10.21 -2.37 19.94
CA ILE B 11 -10.13 -0.93 20.30
C ILE B 11 -10.73 -0.04 19.20
N GLY B 12 -10.18 -0.10 17.99
CA GLY B 12 -10.66 0.62 16.79
C GLY B 12 -10.05 2.01 16.58
N TRP B 13 -8.89 2.28 17.18
CA TRP B 13 -8.28 3.59 17.31
C TRP B 13 -7.12 3.85 16.32
N ARG B 14 -6.17 4.70 16.74
CA ARG B 14 -5.42 5.64 15.89
C ARG B 14 -3.96 5.81 16.37
N ARG B 15 -3.17 6.64 15.69
CA ARG B 15 -1.82 7.06 16.13
C ARG B 15 -1.83 7.89 17.42
N GLY A 1 6.91 3.80 -33.94
CA GLY A 1 7.02 5.10 -33.27
C GLY A 1 6.50 6.24 -34.14
N SER A 2 6.79 7.49 -33.74
CA SER A 2 6.40 8.72 -34.46
C SER A 2 7.41 9.85 -34.23
N PRO A 3 7.73 10.68 -35.24
CA PRO A 3 8.52 11.91 -35.07
C PRO A 3 7.82 13.01 -34.26
N ASN A 4 6.51 12.90 -34.06
CA ASN A 4 5.67 13.93 -33.44
C ASN A 4 5.74 13.90 -31.89
N SER A 5 5.47 15.04 -31.26
CA SER A 5 5.55 15.22 -29.79
C SER A 5 4.51 14.37 -29.05
N MET A 6 4.96 13.57 -28.07
CA MET A 6 4.12 12.63 -27.31
C MET A 6 3.50 13.22 -26.02
N ALA A 7 3.85 14.47 -25.68
CA ALA A 7 3.36 15.18 -24.49
C ALA A 7 1.85 15.50 -24.51
N THR A 8 1.16 15.23 -25.62
CA THR A 8 -0.31 15.33 -25.76
C THR A 8 -1.06 14.19 -25.04
N GLU A 9 -0.36 13.12 -24.66
CA GLU A 9 -0.91 11.99 -23.89
C GLU A 9 -1.23 12.39 -22.44
N LEU A 10 -2.29 11.80 -21.89
CA LEU A 10 -2.75 11.96 -20.50
C LEU A 10 -2.10 10.93 -19.54
N GLU A 11 -0.83 10.57 -19.78
CA GLU A 11 -0.07 9.62 -18.97
C GLU A 11 0.74 10.37 -17.89
N TYR A 12 0.30 10.31 -16.62
CA TYR A 12 0.91 10.99 -15.48
C TYR A 12 0.59 10.31 -14.15
N GLU A 13 1.01 10.91 -13.05
CA GLU A 13 0.50 10.70 -11.70
C GLU A 13 0.93 11.87 -10.81
N SER A 14 0.01 12.41 -10.01
CA SER A 14 0.25 13.53 -9.11
C SER A 14 0.64 13.03 -7.72
N VAL A 15 1.68 13.59 -7.10
CA VAL A 15 2.13 13.12 -5.76
C VAL A 15 1.12 13.49 -4.65
N LEU A 16 0.89 12.54 -3.73
CA LEU A 16 -0.02 12.70 -2.58
C LEU A 16 0.70 12.50 -1.24
N CYS A 17 1.52 11.45 -1.13
CA CYS A 17 2.33 11.18 0.06
C CYS A 17 3.69 10.55 -0.28
N VAL A 18 4.66 10.77 0.60
CA VAL A 18 5.99 10.15 0.58
C VAL A 18 6.41 9.83 2.01
N LYS A 19 6.81 8.57 2.27
CA LYS A 19 7.34 8.14 3.58
C LYS A 19 8.77 7.58 3.41
N PRO A 20 9.75 7.99 4.25
CA PRO A 20 11.17 7.75 4.02
C PRO A 20 11.62 6.30 4.32
N ASP A 21 10.84 5.55 5.10
CA ASP A 21 11.06 4.13 5.35
C ASP A 21 9.74 3.35 5.34
N VAL A 22 9.73 2.22 4.62
CA VAL A 22 8.63 1.25 4.57
C VAL A 22 9.20 -0.15 4.34
N SER A 23 8.58 -1.17 4.93
CA SER A 23 8.96 -2.58 4.81
C SER A 23 7.82 -3.44 4.27
N VAL A 24 8.15 -4.42 3.43
CA VAL A 24 7.20 -5.33 2.76
C VAL A 24 7.49 -6.78 3.16
N TYR A 25 6.40 -7.52 3.40
CA TYR A 25 6.37 -8.83 4.04
C TYR A 25 5.55 -9.84 3.21
N ARG A 26 5.82 -9.96 1.89
CA ARG A 26 5.12 -10.78 0.87
C ARG A 26 4.37 -12.02 1.43
N ILE A 27 3.07 -12.12 1.16
CA ILE A 27 2.12 -12.97 1.93
C ILE A 27 1.57 -14.16 1.13
N PRO A 28 1.34 -15.33 1.76
CA PRO A 28 0.67 -16.47 1.11
C PRO A 28 -0.86 -16.34 0.89
N PRO A 29 -1.70 -15.85 1.84
CA PRO A 29 -3.16 -15.83 1.67
C PRO A 29 -3.69 -14.66 0.83
N ARG A 30 -4.92 -14.82 0.32
CA ARG A 30 -5.73 -13.76 -0.31
C ARG A 30 -6.97 -13.34 0.49
N ALA A 31 -7.49 -14.23 1.33
CA ALA A 31 -8.71 -14.01 2.09
C ALA A 31 -8.82 -14.99 3.26
N SER A 32 -8.60 -14.46 4.46
CA SER A 32 -8.87 -15.09 5.75
C SER A 32 -10.16 -14.54 6.38
N ASN A 33 -10.65 -15.27 7.38
CA ASN A 33 -11.92 -15.07 8.09
C ASN A 33 -12.17 -13.67 8.70
N ARG A 34 -11.13 -12.86 8.99
CA ARG A 34 -11.24 -11.43 9.38
C ARG A 34 -10.44 -10.45 8.51
N GLY A 35 -10.11 -10.90 7.31
CA GLY A 35 -9.32 -10.15 6.31
C GLY A 35 -8.02 -10.87 5.93
N TYR A 36 -6.91 -10.45 6.51
CA TYR A 36 -5.56 -10.99 6.22
C TYR A 36 -4.71 -11.31 7.46
N ARG A 37 -4.87 -10.54 8.54
CA ARG A 37 -4.10 -10.52 9.79
C ARG A 37 -2.57 -10.58 9.61
N ALA A 38 -1.86 -9.48 9.88
CA ALA A 38 -0.39 -9.43 9.84
C ALA A 38 0.29 -10.49 10.73
N SER A 39 -0.40 -10.90 11.80
CA SER A 39 0.04 -11.93 12.76
C SER A 39 -0.08 -13.37 12.23
N ASP A 40 -0.77 -13.59 11.09
CA ASP A 40 -0.88 -14.90 10.43
C ASP A 40 0.36 -15.25 9.58
N TRP A 41 0.94 -14.24 8.92
CA TRP A 41 2.16 -14.28 8.12
C TRP A 41 3.35 -13.67 8.88
N LYS A 42 4.44 -13.34 8.18
CA LYS A 42 5.61 -12.62 8.72
C LYS A 42 5.23 -11.22 9.16
N LEU A 43 5.08 -11.14 10.48
CA LEU A 43 4.79 -9.96 11.26
C LEU A 43 6.06 -9.09 11.48
N ASP A 44 7.23 -9.72 11.61
CA ASP A 44 8.49 -9.09 12.04
C ASP A 44 9.74 -9.56 11.24
N GLN A 45 9.53 -10.16 10.06
CA GLN A 45 10.59 -10.66 9.16
C GLN A 45 10.44 -10.07 7.74
N PRO A 46 11.11 -8.94 7.43
CA PRO A 46 11.03 -8.28 6.11
C PRO A 46 11.47 -9.16 4.94
N ASP A 47 10.86 -8.93 3.77
CA ASP A 47 11.33 -9.45 2.48
C ASP A 47 11.96 -8.35 1.60
N TRP A 48 11.49 -7.10 1.71
CA TRP A 48 12.04 -5.92 1.03
C TRP A 48 11.85 -4.68 1.90
N THR A 49 12.78 -3.72 1.83
CA THR A 49 12.69 -2.42 2.49
C THR A 49 13.14 -1.30 1.56
N GLY A 50 12.52 -0.13 1.72
CA GLY A 50 12.75 1.02 0.86
C GLY A 50 11.93 2.25 1.26
N ARG A 51 11.36 2.91 0.26
CA ARG A 51 10.64 4.19 0.33
C ARG A 51 9.24 4.06 -0.26
N LEU A 52 8.27 4.73 0.35
CA LEU A 52 6.89 4.82 -0.15
C LEU A 52 6.71 6.08 -1.02
N ARG A 53 6.01 5.93 -2.15
CA ARG A 53 5.25 7.01 -2.79
C ARG A 53 3.78 6.62 -2.88
N ILE A 54 2.90 7.56 -2.63
CA ILE A 54 1.48 7.49 -3.00
C ILE A 54 1.21 8.63 -3.97
N THR A 55 0.60 8.30 -5.09
CA THR A 55 0.32 9.22 -6.20
C THR A 55 -1.10 9.02 -6.72
N SER A 56 -1.58 9.89 -7.63
CA SER A 56 -2.88 9.75 -8.27
C SER A 56 -2.93 10.38 -9.66
N LYS A 57 -3.26 9.58 -10.68
CA LYS A 57 -3.62 10.04 -12.02
C LYS A 57 -5.13 10.33 -12.10
N GLY A 58 -5.54 11.35 -11.34
CA GLY A 58 -6.93 11.80 -11.22
C GLY A 58 -7.73 10.94 -10.22
N LYS A 59 -8.87 10.39 -10.66
CA LYS A 59 -9.80 9.54 -9.89
C LYS A 59 -9.29 8.10 -9.66
N THR A 60 -7.98 7.97 -9.47
CA THR A 60 -7.28 6.70 -9.24
C THR A 60 -5.99 6.99 -8.48
N ALA A 61 -5.79 6.38 -7.30
CA ALA A 61 -4.52 6.41 -6.57
C ALA A 61 -3.61 5.27 -7.02
N TYR A 62 -2.31 5.40 -6.80
CA TYR A 62 -1.31 4.36 -7.07
C TYR A 62 -0.33 4.34 -5.91
N ILE A 63 -0.23 3.21 -5.22
CA ILE A 63 0.84 2.96 -4.25
C ILE A 63 2.05 2.55 -5.08
N LYS A 64 3.10 3.36 -5.12
CA LYS A 64 4.35 3.08 -5.86
C LYS A 64 5.54 2.98 -4.90
N LEU A 65 6.18 1.82 -4.84
CA LEU A 65 7.26 1.52 -3.88
C LEU A 65 8.63 1.67 -4.56
N GLU A 66 9.54 2.41 -3.94
CA GLU A 66 10.85 2.78 -4.52
C GLU A 66 12.02 2.23 -3.70
N ASP A 67 13.10 1.80 -4.36
CA ASP A 67 14.35 1.45 -3.68
C ASP A 67 14.99 2.74 -3.14
N LYS A 68 15.39 2.74 -1.86
CA LYS A 68 15.79 3.94 -1.11
C LYS A 68 17.05 4.61 -1.67
N VAL A 69 17.82 3.86 -2.45
CA VAL A 69 19.16 4.17 -2.93
C VAL A 69 19.21 4.61 -4.39
N SER A 70 18.29 4.10 -5.22
CA SER A 70 18.31 4.34 -6.67
C SER A 70 17.01 4.97 -7.19
N GLY A 71 15.98 5.03 -6.34
CA GLY A 71 14.63 5.49 -6.72
C GLY A 71 13.92 4.56 -7.72
N GLU A 72 14.39 3.32 -7.88
CA GLU A 72 13.84 2.35 -8.85
C GLU A 72 12.58 1.67 -8.32
N LEU A 73 11.62 1.35 -9.19
CA LEU A 73 10.33 0.78 -8.79
C LEU A 73 10.47 -0.69 -8.34
N PHE A 74 10.10 -0.98 -7.10
CA PHE A 74 9.95 -2.33 -6.55
C PHE A 74 8.61 -2.95 -6.99
N ALA A 75 7.49 -2.23 -6.77
CA ALA A 75 6.15 -2.63 -7.14
C ALA A 75 5.20 -1.42 -7.26
N GLN A 76 4.06 -1.60 -7.93
CA GLN A 76 2.96 -0.62 -7.95
C GLN A 76 1.58 -1.28 -7.84
N ALA A 77 0.68 -0.67 -7.05
CA ALA A 77 -0.71 -1.10 -6.85
C ALA A 77 -1.69 0.03 -7.23
N PRO A 78 -2.45 -0.07 -8.34
CA PRO A 78 -3.54 0.85 -8.66
C PRO A 78 -4.74 0.66 -7.71
N VAL A 79 -5.25 1.76 -7.14
CA VAL A 79 -6.39 1.81 -6.20
C VAL A 79 -7.49 2.72 -6.77
N GLU A 80 -8.73 2.22 -6.86
CA GLU A 80 -9.89 2.95 -7.40
C GLU A 80 -11.03 3.11 -6.36
N GLN A 81 -10.83 2.61 -5.14
CA GLN A 81 -11.72 2.73 -3.98
C GLN A 81 -10.92 2.51 -2.69
N TYR A 82 -11.27 3.22 -1.62
CA TYR A 82 -10.62 3.10 -0.31
C TYR A 82 -11.62 2.92 0.86
N PRO A 83 -11.46 1.88 1.70
CA PRO A 83 -10.63 0.69 1.49
C PRO A 83 -11.16 -0.19 0.34
N GLY A 84 -10.36 -1.14 -0.13
CA GLY A 84 -10.75 -2.11 -1.17
C GLY A 84 -9.85 -3.34 -1.23
N ILE A 85 -9.75 -3.99 -2.41
CA ILE A 85 -8.82 -5.11 -2.63
C ILE A 85 -7.41 -4.61 -2.90
N ALA A 86 -7.27 -3.40 -3.45
CA ALA A 86 -5.97 -2.83 -3.77
C ALA A 86 -5.25 -2.26 -2.55
N VAL A 87 -5.96 -1.84 -1.49
CA VAL A 87 -5.39 -1.46 -0.20
C VAL A 87 -6.36 -1.81 0.93
N GLU A 88 -5.87 -2.51 1.96
CA GLU A 88 -6.65 -3.03 3.09
C GLU A 88 -5.87 -2.95 4.41
N THR A 89 -6.58 -2.84 5.54
CA THR A 89 -5.98 -2.82 6.88
C THR A 89 -6.23 -4.16 7.56
N VAL A 90 -5.42 -5.14 7.15
CA VAL A 90 -5.06 -6.39 7.82
C VAL A 90 -6.13 -7.12 8.64
N THR A 91 -6.49 -6.57 9.81
CA THR A 91 -7.77 -6.80 10.49
C THR A 91 -8.37 -5.51 11.04
N ASP A 92 -7.53 -4.72 11.74
CA ASP A 92 -7.98 -3.49 12.41
C ASP A 92 -6.86 -2.46 12.58
N SER A 93 -5.83 -2.78 13.37
CA SER A 93 -4.66 -1.92 13.53
C SER A 93 -3.99 -1.52 12.23
N SER A 94 -3.61 -0.24 12.21
CA SER A 94 -3.04 0.45 11.08
C SER A 94 -1.51 0.37 11.01
N ARG A 95 -0.85 -0.30 11.97
CA ARG A 95 0.62 -0.56 11.96
C ARG A 95 1.07 -1.30 10.69
N TYR A 96 0.16 -2.09 10.10
CA TYR A 96 0.32 -2.85 8.86
C TYR A 96 -0.82 -2.60 7.87
N PHE A 97 -0.58 -3.00 6.61
CA PHE A 97 -1.55 -3.01 5.51
C PHE A 97 -1.36 -4.24 4.62
N VAL A 98 -2.27 -4.45 3.68
CA VAL A 98 -2.08 -5.30 2.50
C VAL A 98 -2.45 -4.52 1.25
N ILE A 99 -1.69 -4.65 0.16
CA ILE A 99 -2.03 -4.08 -1.15
C ILE A 99 -1.95 -5.15 -2.25
N ARG A 100 -2.75 -4.98 -3.32
CA ARG A 100 -2.67 -5.77 -4.55
C ARG A 100 -1.83 -5.03 -5.58
N ILE A 101 -0.62 -5.51 -5.83
CA ILE A 101 0.32 -4.95 -6.81
C ILE A 101 0.23 -5.69 -8.15
N GLN A 102 0.70 -5.04 -9.22
CA GLN A 102 1.26 -5.74 -10.38
C GLN A 102 2.70 -6.13 -10.03
N ASP A 103 3.07 -7.41 -10.16
CA ASP A 103 4.26 -7.99 -9.52
C ASP A 103 5.56 -7.88 -10.34
N GLY A 104 5.51 -7.12 -11.45
CA GLY A 104 6.65 -6.78 -12.30
C GLY A 104 7.12 -7.88 -13.26
N THR A 105 6.41 -9.01 -13.33
CA THR A 105 6.74 -10.17 -14.18
C THR A 105 5.56 -10.68 -15.03
N GLY A 106 4.63 -9.77 -15.36
CA GLY A 106 3.46 -10.04 -16.21
C GLY A 106 2.25 -10.59 -15.44
N ARG A 107 2.22 -10.37 -14.12
CA ARG A 107 1.23 -10.90 -13.16
C ARG A 107 0.86 -9.89 -12.08
N SER A 108 -0.10 -10.24 -11.23
CA SER A 108 -0.38 -9.55 -9.96
C SER A 108 0.03 -10.38 -8.74
N ALA A 109 0.20 -9.70 -7.59
CA ALA A 109 0.42 -10.33 -6.28
C ALA A 109 -0.20 -9.49 -5.15
N PHE A 110 -0.57 -10.13 -4.04
CA PHE A 110 -0.84 -9.47 -2.77
C PHE A 110 0.44 -9.37 -1.94
N ILE A 111 0.73 -8.19 -1.38
CA ILE A 111 1.81 -7.99 -0.41
C ILE A 111 1.31 -7.34 0.88
N GLY A 112 1.78 -7.88 2.01
CA GLY A 112 1.65 -7.24 3.31
C GLY A 112 2.72 -6.17 3.48
N ILE A 113 2.36 -5.06 4.14
CA ILE A 113 3.27 -3.94 4.43
C ILE A 113 3.33 -3.71 5.94
N GLY A 114 4.50 -3.37 6.47
CA GLY A 114 4.68 -2.87 7.83
C GLY A 114 5.50 -1.58 7.86
N PHE A 115 5.07 -0.63 8.69
CA PHE A 115 5.69 0.70 8.82
C PHE A 115 6.59 0.83 10.05
N THR A 116 7.50 1.80 10.00
CA THR A 116 8.47 2.10 11.06
C THR A 116 7.86 2.88 12.24
N ASP A 117 6.78 3.60 11.97
CA ASP A 117 6.03 4.40 12.96
C ASP A 117 4.51 4.30 12.75
N ARG A 118 3.73 4.38 13.83
CA ARG A 118 2.26 4.46 13.79
C ARG A 118 1.78 5.62 12.92
N GLY A 119 2.39 6.80 13.07
CA GLY A 119 2.05 8.01 12.31
C GLY A 119 2.41 7.90 10.83
N ASP A 120 3.51 7.22 10.49
CA ASP A 120 3.88 6.96 9.10
C ASP A 120 2.90 6.00 8.39
N ALA A 121 2.30 5.07 9.14
CA ALA A 121 1.23 4.20 8.63
C ALA A 121 -0.15 4.88 8.60
N PHE A 122 -0.46 5.71 9.60
CA PHE A 122 -1.68 6.52 9.61
C PHE A 122 -1.67 7.56 8.45
N ASP A 123 -0.50 8.02 8.02
CA ASP A 123 -0.32 8.86 6.82
C ASP A 123 -0.57 8.06 5.54
N PHE A 124 -0.17 6.77 5.49
CA PHE A 124 -0.48 5.89 4.36
C PHE A 124 -1.99 5.75 4.18
N ASN A 125 -2.75 5.56 5.26
CA ASN A 125 -4.21 5.57 5.27
C ASN A 125 -4.81 6.93 4.89
N VAL A 126 -4.41 8.02 5.55
CA VAL A 126 -5.02 9.34 5.36
C VAL A 126 -4.76 9.94 3.97
N SER A 127 -3.62 9.62 3.35
CA SER A 127 -3.34 9.97 1.94
C SER A 127 -4.39 9.41 0.99
N LEU A 128 -5.01 8.27 1.34
CA LEU A 128 -6.07 7.62 0.55
C LEU A 128 -7.47 8.08 0.99
N GLN A 129 -7.69 8.31 2.30
CA GLN A 129 -8.92 8.92 2.81
C GLN A 129 -9.18 10.27 2.12
N ASP A 130 -8.21 11.19 2.13
CA ASP A 130 -8.35 12.53 1.53
C ASP A 130 -8.25 12.52 0.00
N HIS A 131 -7.88 11.39 -0.61
CA HIS A 131 -7.97 11.20 -2.07
C HIS A 131 -9.39 10.79 -2.48
N PHE A 132 -10.05 9.91 -1.71
CA PHE A 132 -11.41 9.48 -2.01
C PHE A 132 -12.52 10.32 -1.34
N LYS A 133 -12.20 11.23 -0.41
CA LYS A 133 -13.20 12.10 0.26
C LYS A 133 -13.96 13.03 -0.70
N TRP A 134 -13.35 13.38 -1.83
CA TRP A 134 -13.92 14.23 -2.89
C TRP A 134 -14.37 13.42 -4.14
N VAL A 135 -14.31 12.08 -4.06
CA VAL A 135 -14.62 11.09 -5.10
C VAL A 135 -15.85 10.26 -4.67
N LYS A 136 -16.34 9.37 -5.54
CA LYS A 136 -17.32 8.30 -5.25
C LYS A 136 -18.75 8.73 -4.88
N GLN A 137 -18.99 10.03 -4.93
CA GLN A 137 -20.25 10.73 -4.65
C GLN A 137 -20.89 10.36 -3.28
N GLU A 138 -20.08 10.00 -2.30
CA GLU A 138 -20.50 9.74 -0.91
C GLU A 138 -20.66 11.02 -0.06
N SER B 1 12.14 -11.27 24.04
CA SER B 1 10.73 -10.98 23.69
C SER B 1 9.77 -11.54 24.75
N GLN B 2 8.51 -11.09 24.74
CA GLN B 2 7.44 -11.54 25.65
C GLN B 2 6.05 -11.56 24.98
N ILE B 3 5.72 -10.50 24.23
CA ILE B 3 4.46 -10.35 23.48
C ILE B 3 4.78 -9.83 22.06
N THR B 4 4.15 -10.40 21.03
CA THR B 4 4.32 -10.00 19.62
C THR B 4 3.58 -8.70 19.29
N SER B 5 4.12 -7.92 18.35
CA SER B 5 3.57 -6.64 17.89
C SER B 5 2.47 -6.80 16.83
N GLN B 6 1.52 -7.69 17.13
CA GLN B 6 0.38 -8.11 16.30
C GLN B 6 -0.52 -6.94 15.84
N VAL B 7 -1.44 -7.21 14.91
CA VAL B 7 -2.58 -6.30 14.69
C VAL B 7 -3.43 -6.28 15.96
N GLY B 9 -6.83 -5.57 18.24
CA GLY B 9 -8.25 -5.94 18.25
C GLY B 9 -8.94 -5.68 19.59
N GLN B 10 -8.16 -5.46 20.66
CA GLN B 10 -8.59 -5.16 22.03
C GLN B 10 -9.23 -3.78 22.22
N ILE B 11 -9.04 -2.85 21.27
CA ILE B 11 -9.66 -1.50 21.29
C ILE B 11 -10.49 -1.20 20.03
N GLY B 12 -10.04 -1.64 18.84
CA GLY B 12 -10.81 -1.62 17.60
C GLY B 12 -10.92 -0.21 17.00
N TRP B 13 -9.79 0.34 16.54
CA TRP B 13 -9.57 1.80 16.52
C TRP B 13 -8.73 2.36 15.36
N ARG B 14 -8.67 3.71 15.36
CA ARG B 14 -7.69 4.56 14.65
C ARG B 14 -7.64 5.96 15.27
N ARG B 15 -8.81 6.53 15.60
CA ARG B 15 -9.00 7.71 16.48
C ARG B 15 -10.20 7.50 17.42
N GLY A 1 14.82 -1.99 -25.21
CA GLY A 1 13.96 -0.80 -24.99
C GLY A 1 14.19 0.25 -26.07
N SER A 2 13.21 1.13 -26.28
CA SER A 2 13.23 2.20 -27.29
C SER A 2 14.28 3.30 -26.96
N PRO A 3 14.88 3.96 -27.97
CA PRO A 3 15.84 5.05 -27.76
C PRO A 3 15.19 6.37 -27.31
N ASN A 4 13.90 6.57 -27.63
CA ASN A 4 13.10 7.71 -27.18
C ASN A 4 12.32 7.38 -25.88
N SER A 5 12.01 8.39 -25.07
CA SER A 5 11.26 8.26 -23.80
C SER A 5 9.73 8.18 -24.01
N MET A 6 9.00 7.88 -22.93
CA MET A 6 7.52 7.80 -22.92
C MET A 6 6.83 9.19 -22.92
N ALA A 7 7.58 10.29 -23.01
CA ALA A 7 7.06 11.67 -22.97
C ALA A 7 6.06 12.01 -24.11
N THR A 8 5.98 11.19 -25.15
CA THR A 8 5.02 11.31 -26.27
C THR A 8 3.60 10.82 -25.92
N GLU A 9 3.44 10.09 -24.82
CA GLU A 9 2.17 9.60 -24.29
C GLU A 9 1.55 10.57 -23.26
N LEU A 10 0.22 10.57 -23.15
CA LEU A 10 -0.56 11.35 -22.17
C LEU A 10 -0.64 10.69 -20.78
N GLU A 11 0.13 9.64 -20.54
CA GLU A 11 0.17 8.87 -19.29
C GLU A 11 0.83 9.68 -18.15
N TYR A 12 0.20 9.71 -16.97
CA TYR A 12 0.72 10.41 -15.79
C TYR A 12 0.29 9.80 -14.46
N GLU A 13 0.79 10.38 -13.36
CA GLU A 13 0.30 10.24 -11.99
C GLU A 13 0.89 11.39 -11.15
N SER A 14 0.08 12.02 -10.32
CA SER A 14 0.44 13.18 -9.49
C SER A 14 0.80 12.74 -8.06
N VAL A 15 1.91 13.20 -7.49
CA VAL A 15 2.33 12.77 -6.13
C VAL A 15 1.38 13.28 -5.04
N LEU A 16 1.02 12.38 -4.12
CA LEU A 16 0.16 12.64 -2.97
C LEU A 16 0.91 12.52 -1.63
N CYS A 17 1.74 11.46 -1.48
CA CYS A 17 2.50 11.20 -0.26
C CYS A 17 3.84 10.53 -0.54
N VAL A 18 4.82 10.79 0.33
CA VAL A 18 6.13 10.13 0.35
C VAL A 18 6.54 9.88 1.82
N LYS A 19 6.91 8.65 2.15
CA LYS A 19 7.43 8.29 3.50
C LYS A 19 8.87 7.77 3.49
N PRO A 20 9.68 8.12 4.51
CA PRO A 20 11.15 8.00 4.50
C PRO A 20 11.69 6.57 4.74
N ASP A 21 10.89 5.68 5.32
CA ASP A 21 11.22 4.26 5.54
C ASP A 21 9.93 3.41 5.55
N VAL A 22 9.95 2.25 4.88
CA VAL A 22 8.84 1.29 4.86
C VAL A 22 9.38 -0.12 4.61
N SER A 23 8.79 -1.13 5.26
CA SER A 23 9.16 -2.55 5.11
C SER A 23 8.02 -3.38 4.51
N VAL A 24 8.36 -4.38 3.70
CA VAL A 24 7.41 -5.22 2.95
C VAL A 24 7.55 -6.70 3.30
N TYR A 25 6.40 -7.35 3.39
CA TYR A 25 6.18 -8.69 3.90
C TYR A 25 5.23 -9.45 2.96
N ARG A 26 5.73 -10.05 1.87
CA ARG A 26 4.92 -10.85 0.91
C ARG A 26 4.11 -11.95 1.61
N ILE A 27 2.86 -12.17 1.19
CA ILE A 27 1.87 -13.01 1.92
C ILE A 27 1.30 -14.18 1.09
N PRO A 28 1.09 -15.37 1.68
CA PRO A 28 0.39 -16.48 1.03
C PRO A 28 -1.16 -16.43 1.01
N PRO A 29 -1.91 -15.95 2.03
CA PRO A 29 -3.39 -15.99 2.03
C PRO A 29 -4.02 -14.87 1.20
N ARG A 30 -5.34 -15.00 0.96
CA ARG A 30 -6.22 -13.99 0.32
C ARG A 30 -7.36 -13.52 1.20
N ALA A 31 -8.10 -14.43 1.83
CA ALA A 31 -9.35 -14.11 2.50
C ALA A 31 -9.63 -15.01 3.71
N SER A 32 -9.42 -14.42 4.89
CA SER A 32 -9.94 -14.89 6.18
C SER A 32 -11.22 -14.12 6.57
N ASN A 33 -11.50 -13.96 7.87
CA ASN A 33 -12.82 -13.57 8.38
C ASN A 33 -12.84 -12.08 8.76
N ARG A 34 -11.78 -11.61 9.42
CA ARG A 34 -11.47 -10.19 9.64
C ARG A 34 -10.70 -9.57 8.47
N GLY A 35 -10.01 -10.42 7.69
CA GLY A 35 -9.33 -10.06 6.44
C GLY A 35 -8.07 -10.88 6.19
N TYR A 36 -6.89 -10.31 6.45
CA TYR A 36 -5.58 -10.94 6.20
C TYR A 36 -4.78 -11.30 7.43
N ARG A 37 -4.95 -10.54 8.53
CA ARG A 37 -4.20 -10.52 9.79
C ARG A 37 -2.68 -10.66 9.67
N ALA A 38 -1.93 -9.58 9.95
CA ALA A 38 -0.46 -9.59 10.00
C ALA A 38 0.11 -10.75 10.83
N SER A 39 -0.55 -11.05 11.96
CA SER A 39 -0.26 -12.15 12.88
C SER A 39 -0.26 -13.55 12.26
N ASP A 40 -0.91 -13.75 11.10
CA ASP A 40 -0.96 -15.04 10.38
C ASP A 40 0.24 -15.27 9.44
N TRP A 41 1.00 -14.21 9.13
CA TRP A 41 2.22 -14.24 8.31
C TRP A 41 3.39 -13.59 9.06
N LYS A 42 4.52 -13.34 8.38
CA LYS A 42 5.66 -12.60 8.95
C LYS A 42 5.30 -11.12 9.13
N LEU A 43 5.18 -10.65 10.38
CA LEU A 43 4.95 -9.23 10.73
C LEU A 43 6.18 -8.50 11.29
N ASP A 44 7.29 -9.21 11.49
CA ASP A 44 8.56 -8.67 12.04
C ASP A 44 9.81 -9.05 11.19
N GLN A 45 9.61 -9.89 10.17
CA GLN A 45 10.65 -10.51 9.34
C GLN A 45 10.49 -10.10 7.84
N PRO A 46 10.89 -8.89 7.43
CA PRO A 46 10.63 -8.38 6.08
C PRO A 46 11.47 -9.05 4.99
N ASP A 47 10.98 -8.98 3.74
CA ASP A 47 11.67 -9.46 2.53
C ASP A 47 12.36 -8.32 1.77
N TRP A 48 11.79 -7.11 1.85
CA TRP A 48 12.30 -5.88 1.23
C TRP A 48 12.03 -4.68 2.13
N THR A 49 12.92 -3.68 2.15
CA THR A 49 12.65 -2.35 2.70
C THR A 49 13.17 -1.25 1.79
N GLY A 50 12.53 -0.09 1.89
CA GLY A 50 12.80 1.06 1.03
C GLY A 50 11.98 2.27 1.46
N ARG A 51 11.37 2.92 0.47
CA ARG A 51 10.56 4.13 0.62
C ARG A 51 9.21 4.01 -0.07
N LEU A 52 8.23 4.78 0.40
CA LEU A 52 6.88 4.85 -0.14
C LEU A 52 6.73 6.07 -1.06
N ARG A 53 6.02 5.92 -2.18
CA ARG A 53 5.52 7.03 -3.00
C ARG A 53 4.07 6.75 -3.42
N ILE A 54 3.11 7.43 -2.80
CA ILE A 54 1.70 7.38 -3.21
C ILE A 54 1.46 8.49 -4.22
N THR A 55 0.86 8.12 -5.35
CA THR A 55 0.54 9.03 -6.47
C THR A 55 -0.91 8.83 -6.93
N SER A 56 -1.42 9.66 -7.83
CA SER A 56 -2.76 9.51 -8.41
C SER A 56 -2.90 10.14 -9.79
N LYS A 57 -3.40 9.36 -10.76
CA LYS A 57 -3.86 9.81 -12.07
C LYS A 57 -5.39 10.04 -12.02
N GLY A 58 -5.78 11.14 -11.40
CA GLY A 58 -7.17 11.53 -11.15
C GLY A 58 -7.80 10.75 -10.01
N LYS A 59 -8.98 10.15 -10.24
CA LYS A 59 -9.70 9.26 -9.29
C LYS A 59 -8.98 7.96 -8.97
N THR A 60 -7.92 7.65 -9.70
CA THR A 60 -7.11 6.47 -9.47
C THR A 60 -5.83 6.80 -8.71
N ALA A 61 -5.66 6.28 -7.50
CA ALA A 61 -4.39 6.29 -6.76
C ALA A 61 -3.49 5.13 -7.21
N TYR A 62 -2.19 5.26 -6.97
CA TYR A 62 -1.19 4.21 -7.20
C TYR A 62 -0.25 4.18 -6.00
N ILE A 63 -0.22 3.07 -5.28
CA ILE A 63 0.81 2.84 -4.26
C ILE A 63 2.06 2.40 -4.98
N LYS A 64 3.10 3.22 -5.01
CA LYS A 64 4.42 2.86 -5.57
C LYS A 64 5.45 2.76 -4.46
N LEU A 65 6.43 1.87 -4.65
CA LEU A 65 7.48 1.58 -3.67
C LEU A 65 8.85 1.74 -4.32
N GLU A 66 9.78 2.42 -3.64
CA GLU A 66 11.05 2.91 -4.19
C GLU A 66 12.26 2.46 -3.38
N ASP A 67 13.42 2.31 -4.02
CA ASP A 67 14.69 1.98 -3.37
C ASP A 67 15.16 3.17 -2.50
N LYS A 68 15.66 2.85 -1.28
CA LYS A 68 16.03 3.82 -0.24
C LYS A 68 17.20 4.75 -0.63
N VAL A 69 17.90 4.45 -1.72
CA VAL A 69 19.17 5.06 -2.16
C VAL A 69 19.02 5.76 -3.50
N SER A 70 18.27 5.17 -4.43
CA SER A 70 18.23 5.61 -5.84
C SER A 70 16.83 5.89 -6.38
N GLY A 71 15.78 5.67 -5.59
CA GLY A 71 14.39 5.93 -5.99
C GLY A 71 13.81 4.95 -7.02
N GLU A 72 14.50 3.83 -7.29
CA GLU A 72 14.12 2.86 -8.34
C GLU A 72 12.90 2.03 -7.92
N LEU A 73 12.00 1.73 -8.87
CA LEU A 73 10.71 1.07 -8.57
C LEU A 73 10.89 -0.41 -8.15
N PHE A 74 10.36 -0.76 -6.98
CA PHE A 74 10.24 -2.13 -6.47
C PHE A 74 8.92 -2.77 -6.92
N ALA A 75 7.79 -2.11 -6.66
CA ALA A 75 6.45 -2.55 -7.05
C ALA A 75 5.47 -1.37 -7.16
N GLN A 76 4.34 -1.59 -7.84
CA GLN A 76 3.21 -0.66 -7.89
C GLN A 76 1.84 -1.37 -7.84
N ALA A 77 0.90 -0.80 -7.09
CA ALA A 77 -0.48 -1.27 -6.92
C ALA A 77 -1.48 -0.16 -7.32
N PRO A 78 -2.23 -0.28 -8.43
CA PRO A 78 -3.31 0.64 -8.79
C PRO A 78 -4.52 0.48 -7.84
N VAL A 79 -4.99 1.58 -7.26
CA VAL A 79 -6.15 1.67 -6.34
C VAL A 79 -7.21 2.60 -6.95
N GLU A 80 -8.43 2.11 -7.18
CA GLU A 80 -9.55 2.91 -7.70
C GLU A 80 -10.70 3.06 -6.69
N GLN A 81 -10.53 2.51 -5.48
CA GLN A 81 -11.45 2.62 -4.36
C GLN A 81 -10.73 2.41 -3.02
N TYR A 82 -11.07 3.21 -2.01
CA TYR A 82 -10.54 3.07 -0.64
C TYR A 82 -11.66 2.92 0.41
N PRO A 83 -11.59 1.93 1.31
CA PRO A 83 -10.75 0.72 1.22
C PRO A 83 -11.17 -0.18 0.04
N GLY A 84 -10.32 -1.12 -0.36
CA GLY A 84 -10.60 -2.09 -1.42
C GLY A 84 -9.70 -3.32 -1.42
N ILE A 85 -9.57 -3.98 -2.57
CA ILE A 85 -8.64 -5.11 -2.74
C ILE A 85 -7.21 -4.62 -2.96
N ALA A 86 -7.05 -3.42 -3.51
CA ALA A 86 -5.73 -2.86 -3.80
C ALA A 86 -5.05 -2.24 -2.58
N VAL A 87 -5.79 -1.82 -1.56
CA VAL A 87 -5.25 -1.44 -0.25
C VAL A 87 -6.25 -1.79 0.87
N GLU A 88 -5.78 -2.50 1.89
CA GLU A 88 -6.57 -2.98 3.05
C GLU A 88 -5.78 -2.93 4.35
N THR A 89 -6.46 -2.78 5.50
CA THR A 89 -5.87 -2.92 6.83
C THR A 89 -6.12 -4.34 7.31
N VAL A 90 -5.09 -5.16 7.14
CA VAL A 90 -4.78 -6.43 7.84
C VAL A 90 -5.94 -7.04 8.65
N THR A 91 -6.25 -6.45 9.80
CA THR A 91 -7.53 -6.56 10.51
C THR A 91 -7.89 -5.24 11.20
N ASP A 92 -7.03 -4.79 12.13
CA ASP A 92 -7.37 -3.75 13.12
C ASP A 92 -6.22 -2.83 13.58
N SER A 93 -5.01 -3.34 13.87
CA SER A 93 -3.82 -2.46 13.97
C SER A 93 -3.48 -1.88 12.61
N SER A 94 -3.32 -0.57 12.58
CA SER A 94 -3.05 0.19 11.36
C SER A 94 -1.59 0.63 11.23
N ARG A 95 -0.67 -0.09 11.91
CA ARG A 95 0.78 -0.10 11.60
C ARG A 95 1.09 -0.80 10.26
N TYR A 96 0.18 -1.69 9.84
CA TYR A 96 0.32 -2.54 8.65
C TYR A 96 -0.81 -2.32 7.64
N PHE A 97 -0.54 -2.74 6.40
CA PHE A 97 -1.53 -2.87 5.33
C PHE A 97 -1.29 -4.12 4.51
N VAL A 98 -2.21 -4.40 3.59
CA VAL A 98 -2.02 -5.32 2.45
C VAL A 98 -2.38 -4.57 1.17
N ILE A 99 -1.55 -4.70 0.13
CA ILE A 99 -1.83 -4.12 -1.19
C ILE A 99 -1.70 -5.18 -2.30
N ARG A 100 -2.49 -5.01 -3.37
CA ARG A 100 -2.44 -5.84 -4.59
C ARG A 100 -1.60 -5.13 -5.65
N ILE A 101 -0.33 -5.51 -5.75
CA ILE A 101 0.61 -5.03 -6.77
C ILE A 101 0.47 -5.82 -8.09
N GLN A 102 1.08 -5.30 -9.16
CA GLN A 102 1.51 -6.13 -10.29
C GLN A 102 3.01 -6.47 -10.22
N ASP A 103 3.38 -7.66 -10.70
CA ASP A 103 4.80 -8.05 -10.85
C ASP A 103 5.44 -7.50 -12.14
N GLY A 104 4.63 -6.88 -13.01
CA GLY A 104 5.07 -6.20 -14.25
C GLY A 104 5.25 -7.13 -15.46
N THR A 105 4.92 -8.41 -15.34
CA THR A 105 5.05 -9.44 -16.38
C THR A 105 3.71 -9.88 -16.99
N GLY A 106 2.62 -9.17 -16.64
CA GLY A 106 1.24 -9.52 -16.98
C GLY A 106 0.46 -10.19 -15.85
N ARG A 107 1.04 -10.25 -14.64
CA ARG A 107 0.45 -10.86 -13.43
C ARG A 107 0.27 -9.90 -12.26
N SER A 108 -0.45 -10.35 -11.24
CA SER A 108 -0.64 -9.67 -9.95
C SER A 108 -0.01 -10.43 -8.79
N ALA A 109 0.22 -9.76 -7.65
CA ALA A 109 0.64 -10.35 -6.38
C ALA A 109 0.12 -9.53 -5.19
N PHE A 110 -0.17 -10.20 -4.07
CA PHE A 110 -0.46 -9.54 -2.79
C PHE A 110 0.79 -9.46 -1.90
N ILE A 111 1.04 -8.28 -1.34
CA ILE A 111 2.06 -8.07 -0.30
C ILE A 111 1.44 -7.41 0.94
N GLY A 112 1.89 -7.84 2.11
CA GLY A 112 1.75 -7.09 3.35
C GLY A 112 2.79 -5.98 3.42
N ILE A 113 2.45 -4.89 4.11
CA ILE A 113 3.36 -3.77 4.40
C ILE A 113 3.38 -3.56 5.92
N GLY A 114 4.53 -3.21 6.49
CA GLY A 114 4.66 -2.75 7.88
C GLY A 114 5.62 -1.57 7.99
N PHE A 115 5.17 -0.50 8.64
CA PHE A 115 5.95 0.73 8.80
C PHE A 115 6.81 0.72 10.07
N THR A 116 7.76 1.65 10.13
CA THR A 116 8.61 1.89 11.31
C THR A 116 7.85 2.56 12.47
N ASP A 117 6.72 3.20 12.16
CA ASP A 117 5.83 3.87 13.13
C ASP A 117 4.34 3.68 12.80
N ARG A 118 3.49 3.57 13.83
CA ARG A 118 2.01 3.63 13.72
C ARG A 118 1.55 4.88 12.97
N GLY A 119 2.17 6.03 13.22
CA GLY A 119 1.86 7.31 12.58
C GLY A 119 2.23 7.36 11.10
N ASP A 120 3.36 6.76 10.70
CA ASP A 120 3.76 6.72 9.28
C ASP A 120 2.81 5.86 8.44
N ALA A 121 2.28 4.78 9.02
CA ALA A 121 1.23 3.97 8.42
C ALA A 121 -0.16 4.65 8.46
N PHE A 122 -0.49 5.35 9.55
CA PHE A 122 -1.72 6.16 9.63
C PHE A 122 -1.77 7.21 8.50
N ASP A 123 -0.63 7.79 8.13
CA ASP A 123 -0.55 8.76 7.03
C ASP A 123 -0.64 8.09 5.65
N PHE A 124 -0.15 6.85 5.50
CA PHE A 124 -0.39 6.04 4.29
C PHE A 124 -1.91 5.89 4.05
N ASN A 125 -2.67 5.62 5.11
CA ASN A 125 -4.13 5.54 5.07
C ASN A 125 -4.78 6.90 4.81
N VAL A 126 -4.36 7.96 5.49
CA VAL A 126 -5.02 9.27 5.37
C VAL A 126 -4.82 9.91 4.00
N SER A 127 -3.68 9.62 3.35
CA SER A 127 -3.38 10.05 1.98
C SER A 127 -4.30 9.39 0.94
N LEU A 128 -4.96 8.28 1.30
CA LEU A 128 -5.96 7.58 0.49
C LEU A 128 -7.38 7.98 0.91
N GLN A 129 -7.65 8.14 2.21
CA GLN A 129 -8.93 8.68 2.69
C GLN A 129 -9.23 10.04 2.07
N ASP A 130 -8.34 11.03 2.23
CA ASP A 130 -8.47 12.38 1.65
C ASP A 130 -8.42 12.39 0.11
N HIS A 131 -7.99 11.31 -0.53
CA HIS A 131 -8.02 11.16 -1.99
C HIS A 131 -9.35 10.61 -2.51
N PHE A 132 -10.06 9.78 -1.73
CA PHE A 132 -11.36 9.20 -2.12
C PHE A 132 -12.56 9.94 -1.50
N LYS A 133 -12.31 10.74 -0.47
CA LYS A 133 -13.22 11.63 0.27
C LYS A 133 -14.08 12.54 -0.62
N TRP A 134 -13.53 13.02 -1.74
CA TRP A 134 -14.19 13.94 -2.69
C TRP A 134 -14.67 13.26 -4.00
N VAL A 135 -14.62 11.93 -4.04
CA VAL A 135 -14.96 11.06 -5.20
C VAL A 135 -15.90 9.92 -4.75
N LYS A 136 -15.94 8.80 -5.48
CA LYS A 136 -16.51 7.52 -5.03
C LYS A 136 -18.02 7.54 -4.72
N GLN A 137 -18.72 8.55 -5.26
CA GLN A 137 -20.16 8.78 -5.13
C GLN A 137 -20.66 8.83 -3.66
N GLU A 138 -19.80 9.30 -2.74
CA GLU A 138 -20.10 9.49 -1.30
C GLU A 138 -20.37 10.95 -0.92
N SER B 1 12.85 2.16 23.14
CA SER B 1 12.74 0.93 22.29
C SER B 1 11.28 0.48 22.22
N GLN B 2 10.77 0.29 21.00
CA GLN B 2 9.35 -0.02 20.73
C GLN B 2 9.20 -1.42 20.12
N ILE B 3 8.13 -2.13 20.47
CA ILE B 3 7.90 -3.55 20.15
C ILE B 3 6.46 -3.78 19.66
N THR B 4 6.29 -4.63 18.65
CA THR B 4 5.01 -5.24 18.25
C THR B 4 5.22 -6.72 17.89
N SER B 5 4.15 -7.51 18.04
CA SER B 5 4.08 -8.94 17.66
C SER B 5 2.65 -9.43 17.42
N GLN B 6 1.80 -8.52 16.97
CA GLN B 6 0.44 -8.76 16.48
C GLN B 6 -0.08 -7.60 15.59
N VAL B 7 -1.13 -7.86 14.80
CA VAL B 7 -2.17 -6.85 14.52
C VAL B 7 -3.24 -6.93 15.64
N GLY B 9 -6.62 -6.37 18.35
CA GLY B 9 -7.90 -7.08 18.54
C GLY B 9 -8.70 -6.60 19.76
N GLN B 10 -8.04 -5.99 20.74
CA GLN B 10 -8.69 -5.40 21.92
C GLN B 10 -9.45 -4.09 21.62
N ILE B 11 -9.13 -3.38 20.52
CA ILE B 11 -9.76 -2.07 20.23
C ILE B 11 -9.94 -1.67 18.76
N GLY B 12 -8.91 -1.82 17.92
CA GLY B 12 -8.92 -1.36 16.52
C GLY B 12 -8.82 0.16 16.35
N TRP B 13 -7.79 0.75 16.95
CA TRP B 13 -7.53 2.19 17.10
C TRP B 13 -6.53 2.77 16.07
N ARG B 14 -5.65 3.66 16.53
CA ARG B 14 -5.09 4.79 15.77
C ARG B 14 -3.59 4.99 16.04
N ARG B 15 -3.02 6.10 15.54
CA ARG B 15 -1.67 6.58 15.89
C ARG B 15 -1.58 7.17 17.31
N GLY A 1 19.19 -1.92 -24.39
CA GLY A 1 17.92 -1.25 -24.75
C GLY A 1 16.99 -2.18 -25.50
N SER A 2 16.01 -1.60 -26.20
CA SER A 2 15.00 -2.32 -27.02
C SER A 2 14.55 -1.48 -28.23
N PRO A 3 14.26 -2.10 -29.41
CA PRO A 3 13.69 -1.40 -30.55
C PRO A 3 12.20 -1.05 -30.39
N ASN A 4 11.53 -1.54 -29.33
CA ASN A 4 10.10 -1.33 -29.07
C ASN A 4 9.83 -0.76 -27.66
N SER A 5 8.78 0.06 -27.51
CA SER A 5 8.28 0.58 -26.23
C SER A 5 6.76 0.79 -26.27
N MET A 6 6.12 0.67 -25.10
CA MET A 6 4.70 0.99 -24.87
C MET A 6 4.50 2.15 -23.89
N ALA A 7 5.58 2.78 -23.41
CA ALA A 7 5.56 3.89 -22.45
C ALA A 7 5.39 5.28 -23.09
N THR A 8 5.13 5.34 -24.40
CA THR A 8 5.21 6.55 -25.24
C THR A 8 3.94 7.40 -25.27
N GLU A 9 2.85 6.89 -24.72
CA GLU A 9 1.56 7.59 -24.61
C GLU A 9 1.51 8.60 -23.45
N LEU A 10 0.38 9.30 -23.30
CA LEU A 10 0.09 10.31 -22.26
C LEU A 10 -0.20 9.69 -20.87
N GLU A 11 0.50 8.61 -20.52
CA GLU A 11 0.44 7.96 -19.21
C GLU A 11 1.14 8.82 -18.13
N TYR A 12 0.51 9.04 -16.98
CA TYR A 12 1.07 9.85 -15.88
C TYR A 12 0.60 9.45 -14.48
N GLU A 13 1.11 10.16 -13.48
CA GLU A 13 0.63 10.18 -12.10
C GLU A 13 1.24 11.41 -11.39
N SER A 14 0.39 12.12 -10.63
CA SER A 14 0.77 13.25 -9.79
C SER A 14 1.11 12.78 -8.36
N VAL A 15 2.13 13.33 -7.71
CA VAL A 15 2.53 12.90 -6.36
C VAL A 15 1.54 13.39 -5.28
N LEU A 16 1.20 12.50 -4.33
CA LEU A 16 0.33 12.78 -3.17
C LEU A 16 1.10 12.69 -1.84
N CYS A 17 1.90 11.63 -1.65
CA CYS A 17 2.62 11.37 -0.39
C CYS A 17 3.98 10.70 -0.61
N VAL A 18 4.87 10.90 0.37
CA VAL A 18 6.17 10.23 0.51
C VAL A 18 6.40 9.91 1.98
N LYS A 19 6.86 8.69 2.28
CA LYS A 19 7.36 8.31 3.61
C LYS A 19 8.80 7.76 3.57
N PRO A 20 9.66 8.16 4.53
CA PRO A 20 11.11 7.99 4.48
C PRO A 20 11.58 6.53 4.68
N ASP A 21 10.79 5.71 5.37
CA ASP A 21 11.05 4.28 5.57
C ASP A 21 9.75 3.46 5.49
N VAL A 22 9.81 2.34 4.79
CA VAL A 22 8.74 1.35 4.71
C VAL A 22 9.33 -0.05 4.47
N SER A 23 8.72 -1.08 5.05
CA SER A 23 9.05 -2.49 4.84
C SER A 23 7.87 -3.27 4.24
N VAL A 24 8.14 -4.32 3.46
CA VAL A 24 7.10 -5.25 2.98
C VAL A 24 7.28 -6.69 3.46
N TYR A 25 6.17 -7.41 3.45
CA TYR A 25 6.09 -8.86 3.64
C TYR A 25 5.33 -9.49 2.47
N ARG A 26 5.96 -10.30 1.61
CA ARG A 26 5.21 -11.22 0.72
C ARG A 26 4.39 -12.23 1.55
N ILE A 27 3.10 -12.37 1.23
CA ILE A 27 2.14 -13.19 2.00
C ILE A 27 1.42 -14.25 1.13
N PRO A 28 1.11 -15.45 1.68
CA PRO A 28 0.37 -16.48 0.94
C PRO A 28 -1.19 -16.36 0.86
N PRO A 29 -1.94 -15.82 1.85
CA PRO A 29 -3.41 -15.77 1.80
C PRO A 29 -3.96 -14.60 0.96
N ARG A 30 -5.28 -14.62 0.73
CA ARG A 30 -6.07 -13.51 0.13
C ARG A 30 -7.27 -13.08 0.98
N ALA A 31 -8.05 -14.03 1.49
CA ALA A 31 -9.33 -13.72 2.12
C ALA A 31 -9.69 -14.73 3.22
N SER A 32 -9.37 -14.34 4.46
CA SER A 32 -9.93 -14.91 5.69
C SER A 32 -11.18 -14.14 6.12
N ASN A 33 -11.99 -14.75 6.99
CA ASN A 33 -13.21 -14.19 7.60
C ASN A 33 -13.01 -12.86 8.36
N ARG A 34 -11.77 -12.55 8.80
CA ARG A 34 -11.39 -11.27 9.44
C ARG A 34 -10.63 -10.29 8.53
N GLY A 35 -10.23 -10.76 7.34
CA GLY A 35 -9.36 -10.05 6.40
C GLY A 35 -8.11 -10.86 6.07
N TYR A 36 -6.95 -10.39 6.55
CA TYR A 36 -5.64 -11.00 6.31
C TYR A 36 -4.87 -11.39 7.57
N ARG A 37 -5.05 -10.63 8.67
CA ARG A 37 -4.30 -10.64 9.94
C ARG A 37 -2.78 -10.72 9.78
N ALA A 38 -2.05 -9.63 10.02
CA ALA A 38 -0.57 -9.63 10.04
C ALA A 38 -0.01 -10.75 10.94
N SER A 39 -0.66 -10.95 12.08
CA SER A 39 -0.46 -12.00 13.07
C SER A 39 -0.53 -13.45 12.53
N ASP A 40 -1.06 -13.67 11.33
CA ASP A 40 -1.11 -14.99 10.66
C ASP A 40 0.16 -15.30 9.83
N TRP A 41 0.89 -14.27 9.40
CA TRP A 41 2.12 -14.32 8.59
C TRP A 41 3.30 -13.62 9.30
N LYS A 42 4.41 -13.35 8.60
CA LYS A 42 5.55 -12.58 9.10
C LYS A 42 5.17 -11.10 9.26
N LEU A 43 5.01 -10.64 10.50
CA LEU A 43 4.67 -9.24 10.86
C LEU A 43 5.83 -8.40 11.41
N ASP A 44 7.05 -8.94 11.48
CA ASP A 44 8.25 -8.17 11.85
C ASP A 44 9.55 -8.70 11.18
N GLN A 45 9.43 -9.52 10.13
CA GLN A 45 10.53 -10.17 9.39
C GLN A 45 10.42 -9.83 7.88
N PRO A 46 10.89 -8.63 7.45
CA PRO A 46 10.61 -8.09 6.11
C PRO A 46 11.38 -8.80 4.99
N ASP A 47 10.79 -8.77 3.79
CA ASP A 47 11.34 -9.36 2.56
C ASP A 47 12.07 -8.32 1.69
N TRP A 48 11.61 -7.06 1.76
CA TRP A 48 12.25 -5.88 1.16
C TRP A 48 11.99 -4.63 2.03
N THR A 49 12.90 -3.66 1.99
CA THR A 49 12.76 -2.35 2.63
C THR A 49 13.27 -1.22 1.73
N GLY A 50 12.69 -0.03 1.92
CA GLY A 50 13.00 1.16 1.14
C GLY A 50 12.15 2.36 1.52
N ARG A 51 11.59 3.01 0.50
CA ARG A 51 10.84 4.28 0.57
C ARG A 51 9.44 4.14 -0.03
N LEU A 52 8.45 4.80 0.57
CA LEU A 52 7.07 4.85 0.06
C LEU A 52 6.89 6.06 -0.86
N ARG A 53 6.18 5.88 -1.98
CA ARG A 53 5.58 6.96 -2.76
C ARG A 53 4.11 6.66 -3.04
N ILE A 54 3.23 7.63 -2.83
CA ILE A 54 1.81 7.53 -3.20
C ILE A 54 1.53 8.60 -4.25
N THR A 55 0.92 8.19 -5.35
CA THR A 55 0.68 9.02 -6.54
C THR A 55 -0.75 8.82 -7.06
N SER A 56 -1.23 9.70 -7.95
CA SER A 56 -2.58 9.65 -8.52
C SER A 56 -2.63 10.29 -9.91
N LYS A 57 -3.18 9.55 -10.88
CA LYS A 57 -3.54 10.02 -12.23
C LYS A 57 -5.00 10.57 -12.28
N GLY A 58 -5.56 10.93 -11.12
CA GLY A 58 -6.95 11.37 -10.93
C GLY A 58 -7.90 10.17 -10.78
N LYS A 59 -8.62 10.08 -9.66
CA LYS A 59 -9.49 8.97 -9.21
C LYS A 59 -8.84 7.59 -9.07
N THR A 60 -7.63 7.40 -9.60
CA THR A 60 -6.84 6.19 -9.44
C THR A 60 -5.54 6.54 -8.74
N ALA A 61 -5.38 6.05 -7.51
CA ALA A 61 -4.12 6.14 -6.78
C ALA A 61 -3.21 4.97 -7.15
N TYR A 62 -1.90 5.15 -7.03
CA TYR A 62 -0.90 4.11 -7.23
C TYR A 62 0.03 4.13 -6.03
N ILE A 63 0.00 3.04 -5.24
CA ILE A 63 1.01 2.82 -4.20
C ILE A 63 2.28 2.38 -4.92
N LYS A 64 3.29 3.23 -4.95
CA LYS A 64 4.62 2.97 -5.51
C LYS A 64 5.63 2.72 -4.38
N LEU A 65 6.54 1.78 -4.57
CA LEU A 65 7.60 1.46 -3.61
C LEU A 65 8.96 1.64 -4.26
N GLU A 66 9.84 2.39 -3.63
CA GLU A 66 11.07 2.93 -4.23
C GLU A 66 12.33 2.57 -3.42
N ASP A 67 13.48 2.46 -4.08
CA ASP A 67 14.76 2.27 -3.42
C ASP A 67 15.16 3.58 -2.71
N LYS A 68 15.59 3.46 -1.45
CA LYS A 68 15.91 4.59 -0.56
C LYS A 68 17.10 5.44 -1.04
N VAL A 69 17.89 4.94 -1.99
CA VAL A 69 19.15 5.52 -2.47
C VAL A 69 19.01 6.11 -3.87
N SER A 70 18.25 5.43 -4.75
CA SER A 70 18.20 5.77 -6.19
C SER A 70 16.78 5.96 -6.74
N GLY A 71 15.74 5.76 -5.92
CA GLY A 71 14.34 5.94 -6.31
C GLY A 71 13.79 4.86 -7.27
N GLU A 72 14.52 3.77 -7.48
CA GLU A 72 14.15 2.71 -8.44
C GLU A 72 12.95 1.90 -7.95
N LEU A 73 12.01 1.56 -8.84
CA LEU A 73 10.74 0.95 -8.46
C LEU A 73 10.90 -0.54 -8.07
N PHE A 74 10.48 -0.89 -6.86
CA PHE A 74 10.37 -2.26 -6.35
C PHE A 74 9.06 -2.91 -6.83
N ALA A 75 7.92 -2.23 -6.59
CA ALA A 75 6.59 -2.66 -7.00
C ALA A 75 5.64 -1.44 -7.10
N GLN A 76 4.47 -1.64 -7.73
CA GLN A 76 3.33 -0.76 -7.52
C GLN A 76 1.98 -1.48 -7.52
N ALA A 77 1.00 -0.91 -6.80
CA ALA A 77 -0.38 -1.38 -6.68
C ALA A 77 -1.39 -0.30 -7.12
N PRO A 78 -2.23 -0.54 -8.14
CA PRO A 78 -3.26 0.41 -8.58
C PRO A 78 -4.53 0.31 -7.70
N VAL A 79 -4.94 1.43 -7.10
CA VAL A 79 -6.10 1.54 -6.18
C VAL A 79 -7.20 2.39 -6.81
N GLU A 80 -8.42 1.85 -6.91
CA GLU A 80 -9.61 2.49 -7.48
C GLU A 80 -10.74 2.72 -6.45
N GLN A 81 -10.53 2.30 -5.21
CA GLN A 81 -11.43 2.44 -4.06
C GLN A 81 -10.66 2.25 -2.75
N TYR A 82 -11.06 2.95 -1.69
CA TYR A 82 -10.43 2.85 -0.37
C TYR A 82 -11.46 2.66 0.78
N PRO A 83 -11.30 1.62 1.64
CA PRO A 83 -10.44 0.45 1.44
C PRO A 83 -10.94 -0.45 0.28
N GLY A 84 -10.11 -1.39 -0.16
CA GLY A 84 -10.46 -2.37 -1.20
C GLY A 84 -9.53 -3.59 -1.25
N ILE A 85 -9.41 -4.24 -2.40
CA ILE A 85 -8.45 -5.34 -2.61
C ILE A 85 -7.03 -4.82 -2.85
N ALA A 86 -6.91 -3.61 -3.41
CA ALA A 86 -5.62 -3.01 -3.70
C ALA A 86 -4.92 -2.41 -2.49
N VAL A 87 -5.68 -2.00 -1.45
CA VAL A 87 -5.13 -1.59 -0.15
C VAL A 87 -6.14 -1.92 0.96
N GLU A 88 -5.68 -2.59 2.02
CA GLU A 88 -6.51 -3.10 3.14
C GLU A 88 -5.76 -3.04 4.49
N THR A 89 -6.48 -2.93 5.60
CA THR A 89 -5.92 -2.97 6.96
C THR A 89 -6.17 -4.35 7.55
N VAL A 90 -5.21 -5.23 7.27
CA VAL A 90 -4.85 -6.48 7.98
C VAL A 90 -5.99 -7.16 8.76
N THR A 91 -6.32 -6.64 9.93
CA THR A 91 -7.63 -6.79 10.56
C THR A 91 -8.18 -5.45 11.06
N ASP A 92 -7.37 -4.72 11.82
CA ASP A 92 -7.83 -3.49 12.49
C ASP A 92 -6.72 -2.48 12.78
N SER A 93 -5.77 -2.78 13.67
CA SER A 93 -4.62 -1.90 13.91
C SER A 93 -3.83 -1.46 12.68
N SER A 94 -3.22 -0.29 12.81
CA SER A 94 -2.72 0.52 11.70
C SER A 94 -1.21 0.81 11.80
N ARG A 95 -0.41 -0.19 12.22
CA ARG A 95 1.01 -0.29 11.82
C ARG A 95 1.15 -0.89 10.42
N TYR A 96 0.23 -1.77 10.05
CA TYR A 96 0.30 -2.60 8.86
C TYR A 96 -0.81 -2.33 7.85
N PHE A 97 -0.55 -2.75 6.62
CA PHE A 97 -1.55 -2.87 5.54
C PHE A 97 -1.28 -4.14 4.73
N VAL A 98 -2.15 -4.42 3.77
CA VAL A 98 -1.91 -5.32 2.64
C VAL A 98 -2.26 -4.59 1.36
N ILE A 99 -1.43 -4.72 0.31
CA ILE A 99 -1.72 -4.20 -1.02
C ILE A 99 -1.58 -5.29 -2.10
N ARG A 100 -2.38 -5.17 -3.16
CA ARG A 100 -2.31 -6.00 -4.37
C ARG A 100 -1.44 -5.28 -5.40
N ILE A 101 -0.16 -5.65 -5.48
CA ILE A 101 0.76 -5.14 -6.51
C ILE A 101 0.58 -5.90 -7.84
N GLN A 102 1.08 -5.31 -8.93
CA GLN A 102 1.31 -6.03 -10.18
C GLN A 102 2.80 -6.15 -10.51
N ASP A 103 3.18 -7.25 -11.16
CA ASP A 103 4.55 -7.44 -11.63
C ASP A 103 4.82 -6.72 -12.98
N GLY A 104 3.76 -6.17 -13.59
CA GLY A 104 3.81 -5.38 -14.84
C GLY A 104 3.78 -6.21 -16.13
N THR A 105 3.57 -7.53 -16.04
CA THR A 105 3.59 -8.49 -17.15
C THR A 105 2.22 -9.15 -17.43
N GLY A 106 1.14 -8.59 -16.88
CA GLY A 106 -0.22 -9.14 -16.92
C GLY A 106 -0.57 -10.03 -15.71
N ARG A 107 0.24 -9.96 -14.64
CA ARG A 107 0.12 -10.76 -13.40
C ARG A 107 0.13 -9.88 -12.14
N SER A 108 -0.26 -10.48 -11.01
CA SER A 108 -0.43 -9.80 -9.71
C SER A 108 0.21 -10.57 -8.55
N ALA A 109 0.56 -9.87 -7.47
CA ALA A 109 0.92 -10.45 -6.17
C ALA A 109 0.35 -9.65 -4.98
N PHE A 110 0.05 -10.33 -3.87
CA PHE A 110 -0.32 -9.69 -2.61
C PHE A 110 0.90 -9.59 -1.68
N ILE A 111 1.14 -8.39 -1.12
CA ILE A 111 2.12 -8.17 -0.05
C ILE A 111 1.48 -7.43 1.12
N GLY A 112 1.80 -7.88 2.33
CA GLY A 112 1.68 -7.07 3.53
C GLY A 112 2.69 -5.94 3.52
N ILE A 113 2.40 -4.86 4.24
CA ILE A 113 3.31 -3.75 4.48
C ILE A 113 3.46 -3.57 5.99
N GLY A 114 4.66 -3.25 6.48
CA GLY A 114 4.91 -2.78 7.84
C GLY A 114 5.67 -1.46 7.89
N PHE A 115 5.21 -0.53 8.71
CA PHE A 115 5.89 0.74 8.95
C PHE A 115 6.69 0.72 10.26
N THR A 116 7.66 1.61 10.33
CA THR A 116 8.55 1.81 11.50
C THR A 116 7.87 2.63 12.61
N ASP A 117 6.82 3.37 12.26
CA ASP A 117 5.99 4.15 13.19
C ASP A 117 4.48 3.98 12.92
N ARG A 118 3.67 3.93 13.99
CA ARG A 118 2.20 3.88 13.95
C ARG A 118 1.59 5.08 13.20
N GLY A 119 2.17 6.28 13.36
CA GLY A 119 1.77 7.49 12.67
C GLY A 119 2.15 7.50 11.18
N ASP A 120 3.28 6.90 10.80
CA ASP A 120 3.70 6.82 9.40
C ASP A 120 2.79 5.90 8.58
N ALA A 121 2.31 4.80 9.17
CA ALA A 121 1.25 3.97 8.59
C ALA A 121 -0.13 4.66 8.62
N PHE A 122 -0.48 5.37 9.69
CA PHE A 122 -1.77 6.09 9.71
C PHE A 122 -1.83 7.19 8.64
N ASP A 123 -0.69 7.79 8.26
CA ASP A 123 -0.59 8.75 7.15
C ASP A 123 -0.69 8.05 5.78
N PHE A 124 -0.25 6.79 5.65
CA PHE A 124 -0.50 5.97 4.46
C PHE A 124 -2.02 5.79 4.24
N ASN A 125 -2.76 5.51 5.32
CA ASN A 125 -4.24 5.50 5.30
C ASN A 125 -4.82 6.87 4.96
N VAL A 126 -4.42 7.96 5.64
CA VAL A 126 -5.01 9.30 5.41
C VAL A 126 -4.75 9.82 4.00
N SER A 127 -3.60 9.48 3.40
CA SER A 127 -3.28 9.79 1.99
C SER A 127 -4.26 9.17 0.99
N LEU A 128 -5.02 8.14 1.40
CA LEU A 128 -6.04 7.45 0.60
C LEU A 128 -7.47 7.83 1.05
N GLN A 129 -7.69 8.06 2.35
CA GLN A 129 -8.95 8.65 2.86
C GLN A 129 -9.25 9.98 2.16
N ASP A 130 -8.28 10.89 2.11
CA ASP A 130 -8.42 12.20 1.44
C ASP A 130 -8.33 12.12 -0.10
N HIS A 131 -7.98 10.95 -0.66
CA HIS A 131 -8.03 10.71 -2.11
C HIS A 131 -9.44 10.29 -2.56
N PHE A 132 -10.13 9.45 -1.79
CA PHE A 132 -11.50 9.02 -2.07
C PHE A 132 -12.57 9.77 -1.24
N LYS A 133 -12.23 10.93 -0.64
CA LYS A 133 -13.22 11.86 -0.03
C LYS A 133 -13.94 12.73 -1.05
N TRP A 134 -13.29 13.02 -2.19
CA TRP A 134 -13.80 13.90 -3.26
C TRP A 134 -14.23 13.14 -4.54
N VAL A 135 -14.12 11.81 -4.53
CA VAL A 135 -14.54 10.86 -5.58
C VAL A 135 -15.25 9.65 -4.93
N LYS A 136 -15.73 8.70 -5.73
CA LYS A 136 -16.54 7.51 -5.35
C LYS A 136 -17.94 7.78 -4.77
N GLN A 137 -18.22 9.04 -4.51
CA GLN A 137 -19.50 9.60 -4.04
C GLN A 137 -20.07 8.90 -2.78
N GLU A 138 -19.18 8.42 -1.89
CA GLU A 138 -19.51 7.83 -0.58
C GLU A 138 -19.12 8.74 0.60
N SER B 1 12.28 -15.02 25.17
CA SER B 1 12.07 -14.20 23.97
C SER B 1 10.85 -13.29 24.12
N GLN B 2 10.82 -12.15 23.41
CA GLN B 2 9.69 -11.20 23.39
C GLN B 2 8.51 -11.73 22.55
N ILE B 3 7.31 -11.24 22.83
CA ILE B 3 6.09 -11.54 22.06
C ILE B 3 6.10 -10.82 20.69
N THR B 4 5.32 -11.33 19.73
CA THR B 4 5.13 -10.74 18.40
C THR B 4 4.23 -9.49 18.44
N SER B 5 4.46 -8.56 17.52
CA SER B 5 3.82 -7.22 17.46
C SER B 5 2.42 -7.21 16.82
N GLN B 6 1.62 -8.19 17.23
CA GLN B 6 0.30 -8.57 16.68
C GLN B 6 -0.63 -7.38 16.43
N VAL B 7 -1.33 -7.37 15.29
CA VAL B 7 -2.33 -6.34 14.95
C VAL B 7 -3.42 -6.33 16.03
N GLY B 9 -6.88 -5.38 18.03
CA GLY B 9 -8.30 -5.62 17.73
C GLY B 9 -9.23 -5.53 18.94
N GLN B 10 -8.75 -5.90 20.14
CA GLN B 10 -9.49 -5.72 21.41
C GLN B 10 -9.71 -4.23 21.77
N ILE B 11 -8.82 -3.33 21.31
CA ILE B 11 -8.95 -1.87 21.39
C ILE B 11 -9.48 -1.33 20.05
N GLY B 12 -8.83 -1.73 18.95
CA GLY B 12 -9.26 -1.49 17.57
C GLY B 12 -9.09 -0.03 17.15
N TRP B 13 -7.83 0.44 17.11
CA TRP B 13 -7.50 1.87 17.02
C TRP B 13 -6.32 2.23 16.06
N ARG B 14 -5.76 3.42 16.26
CA ARG B 14 -5.33 4.37 15.22
C ARG B 14 -3.96 5.01 15.58
N ARG B 15 -3.66 6.18 15.04
CA ARG B 15 -2.54 7.05 15.50
C ARG B 15 -2.63 7.43 16.98
N GLY A 1 7.21 9.62 -34.46
CA GLY A 1 6.44 10.71 -33.84
C GLY A 1 5.05 10.85 -34.46
N SER A 2 4.17 11.59 -33.78
CA SER A 2 2.79 11.88 -34.25
C SER A 2 2.75 12.96 -35.34
N PRO A 3 1.62 13.13 -36.07
CA PRO A 3 1.41 14.27 -36.99
C PRO A 3 1.46 15.64 -36.29
N ASN A 4 1.23 15.68 -34.98
CA ASN A 4 1.34 16.85 -34.10
C ASN A 4 2.80 17.15 -33.67
N SER A 5 3.75 16.25 -33.96
CA SER A 5 5.15 16.23 -33.45
C SER A 5 5.28 16.22 -31.91
N MET A 6 4.20 15.83 -31.22
CA MET A 6 4.10 15.66 -29.77
C MET A 6 2.91 14.74 -29.46
N ALA A 7 3.16 13.66 -28.70
CA ALA A 7 2.12 12.75 -28.21
C ALA A 7 1.53 13.26 -26.89
N THR A 8 0.51 14.10 -26.99
CA THR A 8 -0.16 14.79 -25.85
C THR A 8 -1.14 13.87 -25.11
N GLU A 9 -0.66 12.70 -24.68
CA GLU A 9 -1.43 11.69 -23.93
C GLU A 9 -1.63 12.09 -22.46
N LEU A 10 -2.75 11.65 -21.87
CA LEU A 10 -3.09 11.81 -20.46
C LEU A 10 -2.52 10.68 -19.58
N GLU A 11 -1.33 10.16 -19.92
CA GLU A 11 -0.63 9.09 -19.20
C GLU A 11 0.39 9.69 -18.20
N TYR A 12 0.04 9.75 -16.91
CA TYR A 12 0.86 10.36 -15.85
C TYR A 12 0.55 9.78 -14.47
N GLU A 13 1.14 10.35 -13.43
CA GLU A 13 0.70 10.25 -12.04
C GLU A 13 1.35 11.37 -11.22
N SER A 14 0.56 12.01 -10.36
CA SER A 14 0.97 13.13 -9.51
C SER A 14 1.20 12.68 -8.05
N VAL A 15 2.26 13.12 -7.38
CA VAL A 15 2.55 12.68 -6.00
C VAL A 15 1.51 13.15 -4.98
N LEU A 16 1.09 12.23 -4.10
CA LEU A 16 0.17 12.47 -2.99
C LEU A 16 0.87 12.38 -1.62
N CYS A 17 1.69 11.33 -1.42
CA CYS A 17 2.36 11.07 -0.15
C CYS A 17 3.73 10.40 -0.33
N VAL A 18 4.67 10.77 0.54
CA VAL A 18 6.00 10.18 0.68
C VAL A 18 6.26 9.92 2.17
N LYS A 19 6.72 8.71 2.50
CA LYS A 19 7.14 8.32 3.86
C LYS A 19 8.58 7.80 3.82
N PRO A 20 9.45 8.22 4.76
CA PRO A 20 10.91 8.22 4.55
C PRO A 20 11.53 6.83 4.48
N ASP A 21 11.02 5.86 5.24
CA ASP A 21 11.31 4.43 5.04
C ASP A 21 10.12 3.52 5.40
N VAL A 22 10.05 2.35 4.76
CA VAL A 22 8.92 1.40 4.83
C VAL A 22 9.41 -0.02 4.55
N SER A 23 8.79 -1.01 5.17
CA SER A 23 9.15 -2.42 5.04
C SER A 23 8.00 -3.27 4.49
N VAL A 24 8.32 -4.23 3.62
CA VAL A 24 7.37 -5.08 2.91
C VAL A 24 7.54 -6.55 3.30
N TYR A 25 6.41 -7.24 3.39
CA TYR A 25 6.26 -8.59 3.90
C TYR A 25 5.34 -9.40 2.96
N ARG A 26 5.90 -10.11 1.98
CA ARG A 26 5.17 -11.10 1.13
C ARG A 26 4.38 -12.09 1.98
N ILE A 27 3.11 -12.33 1.62
CA ILE A 27 2.14 -13.11 2.41
C ILE A 27 1.61 -14.37 1.68
N PRO A 28 1.39 -15.50 2.40
CA PRO A 28 0.71 -16.67 1.84
C PRO A 28 -0.83 -16.59 1.67
N PRO A 29 -1.64 -16.05 2.60
CA PRO A 29 -3.10 -16.09 2.51
C PRO A 29 -3.72 -15.00 1.61
N ARG A 30 -5.00 -15.17 1.30
CA ARG A 30 -5.86 -14.23 0.53
C ARG A 30 -7.07 -13.73 1.32
N ALA A 31 -7.79 -14.63 1.99
CA ALA A 31 -9.09 -14.31 2.60
C ALA A 31 -9.41 -15.25 3.77
N SER A 32 -9.13 -14.75 4.97
CA SER A 32 -9.67 -15.26 6.23
C SER A 32 -10.92 -14.47 6.65
N ASN A 33 -11.67 -15.03 7.60
CA ASN A 33 -12.92 -14.50 8.16
C ASN A 33 -12.79 -13.10 8.82
N ARG A 34 -11.57 -12.71 9.24
CA ARG A 34 -11.25 -11.36 9.77
C ARG A 34 -10.49 -10.46 8.78
N GLY A 35 -10.05 -11.02 7.66
CA GLY A 35 -9.27 -10.34 6.63
C GLY A 35 -7.99 -11.11 6.29
N TYR A 36 -6.84 -10.55 6.65
CA TYR A 36 -5.51 -11.14 6.40
C TYR A 36 -4.71 -11.48 7.66
N ARG A 37 -4.92 -10.72 8.75
CA ARG A 37 -4.18 -10.72 10.02
C ARG A 37 -2.64 -10.79 9.87
N ALA A 38 -1.93 -9.68 10.11
CA ALA A 38 -0.46 -9.65 10.10
C ALA A 38 0.16 -10.73 11.00
N SER A 39 -0.50 -10.97 12.13
CA SER A 39 -0.23 -12.01 13.13
C SER A 39 -0.19 -13.44 12.57
N ASP A 40 -0.83 -13.69 11.42
CA ASP A 40 -0.85 -14.99 10.75
C ASP A 40 0.39 -15.24 9.86
N TRP A 41 1.10 -14.17 9.46
CA TRP A 41 2.26 -14.20 8.57
C TRP A 41 3.47 -13.43 9.15
N LYS A 42 4.37 -12.94 8.30
CA LYS A 42 5.75 -12.57 8.63
C LYS A 42 5.93 -11.18 9.24
N LEU A 43 5.08 -10.75 10.16
CA LEU A 43 5.03 -9.37 10.67
C LEU A 43 6.31 -8.82 11.37
N ASP A 44 7.37 -9.63 11.49
CA ASP A 44 8.70 -9.24 12.00
C ASP A 44 9.88 -9.67 11.08
N GLN A 45 9.62 -10.19 9.86
CA GLN A 45 10.64 -10.66 8.91
C GLN A 45 10.44 -10.07 7.50
N PRO A 46 10.99 -8.87 7.19
CA PRO A 46 10.77 -8.21 5.90
C PRO A 46 11.49 -8.90 4.74
N ASP A 47 10.87 -8.83 3.55
CA ASP A 47 11.44 -9.32 2.29
C ASP A 47 12.17 -8.21 1.51
N TRP A 48 11.68 -6.98 1.68
CA TRP A 48 12.24 -5.77 1.06
C TRP A 48 11.99 -4.57 1.98
N THR A 49 12.90 -3.59 2.00
CA THR A 49 12.64 -2.27 2.56
C THR A 49 13.19 -1.18 1.66
N GLY A 50 12.57 0.00 1.74
CA GLY A 50 12.84 1.15 0.89
C GLY A 50 12.08 2.35 1.38
N ARG A 51 11.44 3.07 0.46
CA ARG A 51 10.71 4.34 0.64
C ARG A 51 9.30 4.22 0.01
N LEU A 52 8.30 4.84 0.63
CA LEU A 52 6.94 4.91 0.09
C LEU A 52 6.78 6.11 -0.86
N ARG A 53 6.07 5.94 -1.99
CA ARG A 53 5.67 7.04 -2.89
C ARG A 53 4.27 6.78 -3.44
N ILE A 54 3.24 7.29 -2.75
CA ILE A 54 1.85 7.25 -3.22
C ILE A 54 1.64 8.37 -4.24
N THR A 55 1.08 8.03 -5.40
CA THR A 55 0.81 8.95 -6.51
C THR A 55 -0.64 8.78 -7.00
N SER A 56 -1.14 9.65 -7.90
CA SER A 56 -2.45 9.54 -8.54
C SER A 56 -2.54 10.28 -9.86
N LYS A 57 -3.15 9.63 -10.85
CA LYS A 57 -3.57 10.17 -12.15
C LYS A 57 -5.03 10.70 -12.15
N GLY A 58 -5.57 11.00 -10.97
CA GLY A 58 -6.96 11.39 -10.72
C GLY A 58 -7.92 10.18 -10.68
N LYS A 59 -8.70 10.05 -9.59
CA LYS A 59 -9.62 8.93 -9.25
C LYS A 59 -8.99 7.52 -9.18
N THR A 60 -7.73 7.39 -9.57
CA THR A 60 -6.91 6.19 -9.41
C THR A 60 -5.60 6.62 -8.75
N ALA A 61 -5.40 6.21 -7.50
CA ALA A 61 -4.10 6.32 -6.85
C ALA A 61 -3.26 5.08 -7.19
N TYR A 62 -1.95 5.23 -7.08
CA TYR A 62 -0.96 4.20 -7.32
C TYR A 62 -0.01 4.18 -6.12
N ILE A 63 -0.06 3.12 -5.31
CA ILE A 63 0.91 2.89 -4.24
C ILE A 63 2.20 2.43 -4.91
N LYS A 64 3.22 3.30 -5.00
CA LYS A 64 4.53 2.92 -5.56
C LYS A 64 5.57 2.83 -4.44
N LEU A 65 6.51 1.91 -4.62
CA LEU A 65 7.54 1.58 -3.64
C LEU A 65 8.91 1.74 -4.28
N GLU A 66 9.77 2.54 -3.65
CA GLU A 66 11.03 3.03 -4.22
C GLU A 66 12.23 2.59 -3.38
N ASP A 67 13.40 2.37 -3.99
CA ASP A 67 14.64 2.12 -3.27
C ASP A 67 15.08 3.42 -2.55
N LYS A 68 15.41 3.32 -1.26
CA LYS A 68 15.74 4.47 -0.40
C LYS A 68 17.07 5.17 -0.75
N VAL A 69 17.82 4.63 -1.72
CA VAL A 69 19.15 5.09 -2.17
C VAL A 69 19.07 5.63 -3.59
N SER A 70 18.35 4.95 -4.49
CA SER A 70 18.33 5.26 -5.93
C SER A 70 16.99 5.75 -6.46
N GLY A 71 15.90 5.61 -5.69
CA GLY A 71 14.54 5.85 -6.14
C GLY A 71 13.99 4.79 -7.12
N GLU A 72 14.69 3.67 -7.31
CA GLU A 72 14.30 2.63 -8.28
C GLU A 72 13.02 1.90 -7.87
N LEU A 73 12.18 1.58 -8.84
CA LEU A 73 10.85 0.99 -8.60
C LEU A 73 10.96 -0.49 -8.18
N PHE A 74 10.43 -0.82 -7.00
CA PHE A 74 10.28 -2.18 -6.49
C PHE A 74 8.93 -2.79 -6.94
N ALA A 75 7.83 -2.10 -6.67
CA ALA A 75 6.48 -2.52 -7.02
C ALA A 75 5.49 -1.34 -7.12
N GLN A 76 4.34 -1.56 -7.76
CA GLN A 76 3.23 -0.61 -7.82
C GLN A 76 1.86 -1.31 -7.74
N ALA A 77 0.94 -0.75 -6.96
CA ALA A 77 -0.44 -1.22 -6.79
C ALA A 77 -1.47 -0.11 -7.17
N PRO A 78 -2.26 -0.26 -8.25
CA PRO A 78 -3.31 0.70 -8.61
C PRO A 78 -4.59 0.51 -7.77
N VAL A 79 -5.23 1.61 -7.35
CA VAL A 79 -6.46 1.61 -6.54
C VAL A 79 -7.55 2.52 -7.10
N GLU A 80 -8.78 2.03 -7.22
CA GLU A 80 -9.93 2.78 -7.72
C GLU A 80 -11.01 3.02 -6.62
N GLN A 81 -10.83 2.44 -5.43
CA GLN A 81 -11.72 2.56 -4.27
C GLN A 81 -10.94 2.26 -2.98
N TYR A 82 -11.14 3.07 -1.94
CA TYR A 82 -10.62 2.83 -0.58
C TYR A 82 -11.73 2.83 0.48
N PRO A 83 -11.89 1.77 1.29
CA PRO A 83 -11.22 0.46 1.22
C PRO A 83 -11.48 -0.32 -0.09
N GLY A 84 -10.60 -1.27 -0.40
CA GLY A 84 -10.72 -2.16 -1.56
C GLY A 84 -9.75 -3.35 -1.51
N ILE A 85 -9.54 -4.02 -2.66
CA ILE A 85 -8.58 -5.13 -2.79
C ILE A 85 -7.15 -4.61 -2.97
N ALA A 86 -6.99 -3.38 -3.48
CA ALA A 86 -5.67 -2.79 -3.72
C ALA A 86 -4.97 -2.34 -2.44
N VAL A 87 -5.70 -2.15 -1.35
CA VAL A 87 -5.18 -1.69 -0.05
C VAL A 87 -6.20 -2.04 1.05
N GLU A 88 -5.77 -2.80 2.06
CA GLU A 88 -6.59 -3.34 3.15
C GLU A 88 -5.85 -3.27 4.50
N THR A 89 -6.58 -3.20 5.61
CA THR A 89 -6.02 -3.17 6.97
C THR A 89 -6.26 -4.52 7.64
N VAL A 90 -5.34 -5.42 7.35
CA VAL A 90 -4.97 -6.64 8.09
C VAL A 90 -6.09 -7.32 8.90
N THR A 91 -6.44 -6.75 10.05
CA THR A 91 -7.73 -6.98 10.72
C THR A 91 -8.33 -5.69 11.26
N ASP A 92 -7.55 -4.94 12.02
CA ASP A 92 -8.05 -3.79 12.78
C ASP A 92 -7.00 -2.69 12.95
N SER A 93 -5.99 -2.89 13.79
CA SER A 93 -4.81 -2.01 13.84
C SER A 93 -4.20 -1.70 12.47
N SER A 94 -3.81 -0.44 12.30
CA SER A 94 -3.27 0.09 11.05
C SER A 94 -1.76 0.32 11.05
N ARG A 95 -1.03 -0.30 11.98
CA ARG A 95 0.45 -0.43 11.94
C ARG A 95 0.92 -1.16 10.66
N TYR A 96 0.09 -2.08 10.17
CA TYR A 96 0.28 -2.85 8.93
C TYR A 96 -0.87 -2.63 7.94
N PHE A 97 -0.60 -2.98 6.68
CA PHE A 97 -1.58 -3.06 5.59
C PHE A 97 -1.29 -4.27 4.70
N VAL A 98 -2.17 -4.54 3.74
CA VAL A 98 -1.94 -5.44 2.60
C VAL A 98 -2.32 -4.70 1.32
N ILE A 99 -1.50 -4.76 0.27
CA ILE A 99 -1.79 -4.19 -1.04
C ILE A 99 -1.66 -5.24 -2.17
N ARG A 100 -2.44 -5.06 -3.24
CA ARG A 100 -2.38 -5.85 -4.48
C ARG A 100 -1.53 -5.12 -5.50
N ILE A 101 -0.26 -5.50 -5.62
CA ILE A 101 0.66 -4.99 -6.64
C ILE A 101 0.50 -5.77 -7.96
N GLN A 102 1.00 -5.20 -9.07
CA GLN A 102 1.25 -5.95 -10.30
C GLN A 102 2.75 -6.18 -10.53
N ASP A 103 3.08 -7.30 -11.16
CA ASP A 103 4.47 -7.61 -11.56
C ASP A 103 4.86 -6.96 -12.92
N GLY A 104 3.88 -6.33 -13.59
CA GLY A 104 4.08 -5.58 -14.84
C GLY A 104 4.07 -6.41 -16.12
N THR A 105 3.79 -7.71 -16.02
CA THR A 105 3.77 -8.69 -17.15
C THR A 105 2.37 -9.21 -17.50
N GLY A 106 1.32 -8.57 -16.94
CA GLY A 106 -0.08 -9.00 -17.03
C GLY A 106 -0.55 -9.83 -15.82
N ARG A 107 0.24 -9.84 -14.73
CA ARG A 107 0.00 -10.61 -13.50
C ARG A 107 0.09 -9.77 -12.22
N SER A 108 -0.37 -10.35 -11.10
CA SER A 108 -0.54 -9.67 -9.80
C SER A 108 0.08 -10.45 -8.63
N ALA A 109 0.38 -9.75 -7.54
CA ALA A 109 0.78 -10.33 -6.25
C ALA A 109 0.23 -9.53 -5.06
N PHE A 110 -0.06 -10.21 -3.94
CA PHE A 110 -0.39 -9.57 -2.67
C PHE A 110 0.83 -9.53 -1.74
N ILE A 111 1.10 -8.35 -1.16
CA ILE A 111 2.11 -8.16 -0.11
C ILE A 111 1.49 -7.45 1.10
N GLY A 112 1.93 -7.85 2.28
CA GLY A 112 1.78 -7.06 3.50
C GLY A 112 2.81 -5.93 3.55
N ILE A 113 2.50 -4.89 4.30
CA ILE A 113 3.38 -3.76 4.58
C ILE A 113 3.42 -3.53 6.09
N GLY A 114 4.58 -3.13 6.63
CA GLY A 114 4.73 -2.62 7.99
C GLY A 114 5.68 -1.42 8.04
N PHE A 115 5.28 -0.38 8.74
CA PHE A 115 6.03 0.88 8.85
C PHE A 115 6.96 0.95 10.07
N THR A 116 7.93 1.86 10.00
CA THR A 116 8.86 2.18 11.10
C THR A 116 8.17 2.92 12.26
N ASP A 117 7.09 3.64 11.95
CA ASP A 117 6.21 4.32 12.91
C ASP A 117 4.74 4.07 12.56
N ARG A 118 3.88 3.83 13.56
CA ARG A 118 2.43 3.65 13.33
C ARG A 118 1.74 4.95 12.88
N GLY A 119 2.32 6.11 13.17
CA GLY A 119 1.90 7.40 12.60
C GLY A 119 2.25 7.54 11.11
N ASP A 120 3.37 6.95 10.66
CA ASP A 120 3.70 6.87 9.23
C ASP A 120 2.74 5.92 8.48
N ALA A 121 2.29 4.85 9.14
CA ALA A 121 1.22 3.98 8.63
C ALA A 121 -0.16 4.67 8.64
N PHE A 122 -0.46 5.48 9.66
CA PHE A 122 -1.70 6.25 9.73
C PHE A 122 -1.78 7.31 8.60
N ASP A 123 -0.65 7.86 8.18
CA ASP A 123 -0.55 8.76 7.02
C ASP A 123 -0.73 8.00 5.69
N PHE A 124 -0.29 6.74 5.60
CA PHE A 124 -0.58 5.87 4.45
C PHE A 124 -2.08 5.64 4.27
N ASN A 125 -2.85 5.53 5.36
CA ASN A 125 -4.31 5.51 5.33
C ASN A 125 -4.89 6.89 4.97
N VAL A 126 -4.56 7.96 5.71
CA VAL A 126 -5.20 9.27 5.53
C VAL A 126 -4.92 9.91 4.16
N SER A 127 -3.75 9.68 3.57
CA SER A 127 -3.45 10.12 2.19
C SER A 127 -4.32 9.44 1.13
N LEU A 128 -4.93 8.28 1.42
CA LEU A 128 -5.93 7.62 0.57
C LEU A 128 -7.37 7.99 0.98
N GLN A 129 -7.65 8.18 2.27
CA GLN A 129 -8.97 8.67 2.72
C GLN A 129 -9.28 10.03 2.07
N ASP A 130 -8.33 10.98 2.14
CA ASP A 130 -8.43 12.31 1.53
C ASP A 130 -8.30 12.30 -0.01
N HIS A 131 -7.95 11.14 -0.60
CA HIS A 131 -7.93 10.97 -2.07
C HIS A 131 -9.30 10.60 -2.64
N PHE A 132 -10.08 9.76 -1.96
CA PHE A 132 -11.40 9.34 -2.44
C PHE A 132 -12.54 10.25 -1.93
N LYS A 133 -12.28 11.00 -0.86
CA LYS A 133 -13.06 12.10 -0.28
C LYS A 133 -13.76 13.03 -1.28
N TRP A 134 -13.07 13.43 -2.35
CA TRP A 134 -13.54 14.42 -3.34
C TRP A 134 -14.04 13.82 -4.68
N VAL A 135 -14.12 12.48 -4.77
CA VAL A 135 -14.48 11.73 -6.00
C VAL A 135 -15.52 10.63 -5.72
N LYS A 136 -15.87 9.85 -6.75
CA LYS A 136 -16.65 8.61 -6.69
C LYS A 136 -18.11 8.73 -6.21
N GLN A 137 -18.60 9.96 -6.13
CA GLN A 137 -20.01 10.32 -5.92
C GLN A 137 -20.64 9.66 -4.67
N GLU A 138 -19.84 9.46 -3.61
CA GLU A 138 -20.23 8.81 -2.34
C GLU A 138 -19.85 9.66 -1.11
N SER B 1 13.07 -18.47 20.97
CA SER B 1 11.80 -17.98 20.38
C SER B 1 11.53 -16.53 20.78
N GLN B 2 10.64 -15.85 20.04
CA GLN B 2 10.27 -14.44 20.23
C GLN B 2 8.75 -14.25 20.10
N ILE B 3 8.19 -13.22 20.76
CA ILE B 3 6.77 -12.84 20.68
C ILE B 3 6.45 -12.10 19.38
N THR B 4 5.19 -12.16 18.94
CA THR B 4 4.67 -11.50 17.72
C THR B 4 4.05 -10.13 18.02
N SER B 5 4.36 -9.12 17.19
CA SER B 5 3.86 -7.74 17.31
C SER B 5 2.47 -7.54 16.69
N GLN B 6 1.58 -8.48 17.00
CA GLN B 6 0.27 -8.74 16.39
C GLN B 6 -0.64 -7.50 16.28
N VAL B 7 -1.53 -7.51 15.27
CA VAL B 7 -2.54 -6.47 15.03
C VAL B 7 -3.36 -6.30 16.31
N GLY B 9 -6.61 -5.30 18.64
CA GLY B 9 -8.04 -5.62 18.63
C GLY B 9 -8.70 -5.46 20.01
N GLN B 10 -7.90 -5.44 21.09
CA GLN B 10 -8.35 -5.26 22.49
C GLN B 10 -9.01 -3.89 22.78
N ILE B 11 -8.66 -2.85 22.01
CA ILE B 11 -9.23 -1.49 22.13
C ILE B 11 -10.13 -1.11 20.94
N GLY B 12 -9.75 -1.52 19.72
CA GLY B 12 -10.52 -1.30 18.49
C GLY B 12 -10.51 0.17 18.06
N TRP B 13 -9.34 0.67 17.66
CA TRP B 13 -9.07 2.08 17.37
C TRP B 13 -8.30 2.23 16.06
N ARG B 14 -7.78 3.43 15.82
CA ARG B 14 -6.81 3.72 14.76
C ARG B 14 -7.27 3.42 13.33
N ARG B 15 -8.57 3.71 13.08
CA ARG B 15 -9.29 3.63 11.79
C ARG B 15 -9.18 2.27 11.09
N GLY A 1 -1.20 28.31 -26.79
CA GLY A 1 -0.38 27.54 -25.85
C GLY A 1 0.99 27.18 -26.44
N SER A 2 1.77 26.39 -25.69
CA SER A 2 3.12 25.91 -26.08
C SER A 2 3.27 24.39 -25.86
N PRO A 3 4.10 23.69 -26.66
CA PRO A 3 4.34 22.25 -26.51
C PRO A 3 5.14 21.91 -25.24
N ASN A 4 4.93 20.70 -24.71
CA ASN A 4 5.63 20.16 -23.54
C ASN A 4 5.73 18.62 -23.62
N SER A 5 6.85 18.06 -23.17
CA SER A 5 7.18 16.62 -23.28
C SER A 5 6.24 15.67 -22.51
N MET A 6 5.50 16.18 -21.52
CA MET A 6 4.54 15.42 -20.71
C MET A 6 3.07 15.66 -21.12
N ALA A 7 2.81 16.60 -22.04
CA ALA A 7 1.47 16.97 -22.51
C ALA A 7 0.95 16.13 -23.69
N THR A 8 1.78 15.24 -24.24
CA THR A 8 1.48 14.46 -25.48
C THR A 8 0.53 13.28 -25.27
N GLU A 9 0.29 12.90 -24.02
CA GLU A 9 -0.65 11.85 -23.59
C GLU A 9 -1.26 12.20 -22.22
N LEU A 10 -2.44 11.65 -21.92
CA LEU A 10 -3.10 11.73 -20.61
C LEU A 10 -2.55 10.71 -19.58
N GLU A 11 -1.35 10.16 -19.84
CA GLU A 11 -0.69 9.15 -19.00
C GLU A 11 0.28 9.82 -18.01
N TYR A 12 -0.12 9.96 -16.75
CA TYR A 12 0.65 10.60 -15.68
C TYR A 12 0.33 10.04 -14.30
N GLU A 13 0.90 10.64 -13.26
CA GLU A 13 0.46 10.53 -11.86
C GLU A 13 1.11 11.67 -11.05
N SER A 14 0.31 12.35 -10.24
CA SER A 14 0.77 13.44 -9.36
C SER A 14 1.08 12.93 -7.95
N VAL A 15 2.07 13.48 -7.25
CA VAL A 15 2.43 13.00 -5.90
C VAL A 15 1.42 13.47 -4.84
N LEU A 16 0.96 12.53 -4.01
CA LEU A 16 0.08 12.77 -2.86
C LEU A 16 0.83 12.65 -1.52
N CYS A 17 1.62 11.58 -1.36
CA CYS A 17 2.39 11.28 -0.16
C CYS A 17 3.75 10.66 -0.47
N VAL A 18 4.70 10.88 0.43
CA VAL A 18 6.03 10.27 0.46
C VAL A 18 6.37 9.91 1.90
N LYS A 19 6.85 8.68 2.13
CA LYS A 19 7.43 8.26 3.43
C LYS A 19 8.87 7.72 3.31
N PRO A 20 9.76 8.08 4.25
CA PRO A 20 11.21 7.86 4.15
C PRO A 20 11.64 6.39 4.34
N ASP A 21 10.86 5.60 5.08
CA ASP A 21 11.14 4.20 5.39
C ASP A 21 9.84 3.38 5.41
N VAL A 22 9.83 2.22 4.75
CA VAL A 22 8.70 1.29 4.68
C VAL A 22 9.22 -0.13 4.48
N SER A 23 8.62 -1.10 5.17
CA SER A 23 9.01 -2.52 5.11
C SER A 23 7.88 -3.40 4.55
N VAL A 24 8.24 -4.38 3.73
CA VAL A 24 7.30 -5.24 2.99
C VAL A 24 7.47 -6.70 3.38
N TYR A 25 6.32 -7.36 3.52
CA TYR A 25 6.13 -8.70 4.05
C TYR A 25 5.16 -9.46 3.12
N ARG A 26 5.65 -9.97 1.98
CA ARG A 26 4.83 -10.76 1.03
C ARG A 26 4.15 -11.97 1.70
N ILE A 27 2.89 -12.22 1.35
CA ILE A 27 1.96 -13.09 2.11
C ILE A 27 1.46 -14.32 1.31
N PRO A 28 1.30 -15.49 1.94
CA PRO A 28 0.67 -16.65 1.32
C PRO A 28 -0.86 -16.57 1.09
N PRO A 29 -1.72 -16.10 2.04
CA PRO A 29 -3.18 -16.09 1.86
C PRO A 29 -3.69 -14.95 0.96
N ARG A 30 -4.88 -15.16 0.37
CA ARG A 30 -5.68 -14.14 -0.35
C ARG A 30 -6.87 -13.60 0.44
N ALA A 31 -7.39 -14.38 1.38
CA ALA A 31 -8.57 -14.06 2.18
C ALA A 31 -8.66 -14.98 3.39
N SER A 32 -8.27 -14.44 4.55
CA SER A 32 -8.48 -15.06 5.85
C SER A 32 -9.82 -14.63 6.47
N ASN A 33 -10.27 -15.40 7.46
CA ASN A 33 -11.55 -15.28 8.18
C ASN A 33 -11.84 -13.90 8.82
N ARG A 34 -10.81 -13.08 9.08
CA ARG A 34 -10.93 -11.69 9.60
C ARG A 34 -10.44 -10.61 8.62
N GLY A 35 -9.96 -11.02 7.46
CA GLY A 35 -9.28 -10.18 6.47
C GLY A 35 -7.96 -10.81 6.02
N TYR A 36 -6.86 -10.40 6.64
CA TYR A 36 -5.53 -11.01 6.43
C TYR A 36 -4.74 -11.30 7.72
N ARG A 37 -4.91 -10.45 8.74
CA ARG A 37 -4.18 -10.38 10.02
C ARG A 37 -2.65 -10.49 9.89
N ALA A 38 -1.91 -9.41 10.18
CA ALA A 38 -0.43 -9.41 10.19
C ALA A 38 0.16 -10.56 11.04
N SER A 39 -0.55 -10.92 12.11
CA SER A 39 -0.21 -12.01 13.04
C SER A 39 -0.24 -13.43 12.42
N ASP A 40 -0.86 -13.61 11.25
CA ASP A 40 -0.90 -14.89 10.53
C ASP A 40 0.34 -15.13 9.63
N TRP A 41 1.10 -14.07 9.33
CA TRP A 41 2.31 -14.09 8.50
C TRP A 41 3.48 -13.43 9.26
N LYS A 42 4.63 -13.22 8.61
CA LYS A 42 5.75 -12.45 9.16
C LYS A 42 5.34 -10.98 9.33
N LEU A 43 5.28 -10.48 10.57
CA LEU A 43 5.10 -9.05 10.88
C LEU A 43 6.39 -8.35 11.39
N ASP A 44 7.46 -9.12 11.62
CA ASP A 44 8.74 -8.68 12.21
C ASP A 44 9.98 -9.01 11.34
N GLN A 45 9.77 -9.78 10.26
CA GLN A 45 10.81 -10.31 9.38
C GLN A 45 10.52 -9.93 7.91
N PRO A 46 10.92 -8.72 7.46
CA PRO A 46 10.61 -8.24 6.11
C PRO A 46 11.42 -8.96 5.03
N ASP A 47 10.87 -8.98 3.82
CA ASP A 47 11.53 -9.53 2.61
C ASP A 47 12.17 -8.43 1.76
N TRP A 48 11.67 -7.20 1.89
CA TRP A 48 12.19 -5.99 1.25
C TRP A 48 11.90 -4.76 2.13
N THR A 49 12.79 -3.75 2.13
CA THR A 49 12.51 -2.42 2.66
C THR A 49 13.05 -1.33 1.74
N GLY A 50 12.42 -0.16 1.82
CA GLY A 50 12.73 0.96 0.93
C GLY A 50 11.97 2.22 1.32
N ARG A 51 11.50 2.93 0.30
CA ARG A 51 10.84 4.23 0.34
C ARG A 51 9.43 4.14 -0.25
N LEU A 52 8.48 4.90 0.28
CA LEU A 52 7.11 4.98 -0.20
C LEU A 52 6.90 6.22 -1.07
N ARG A 53 6.23 6.05 -2.22
CA ARG A 53 5.44 7.09 -2.88
C ARG A 53 3.98 6.65 -2.99
N ILE A 54 3.07 7.59 -2.80
CA ILE A 54 1.66 7.47 -3.16
C ILE A 54 1.36 8.60 -4.14
N THR A 55 0.86 8.25 -5.31
CA THR A 55 0.58 9.19 -6.41
C THR A 55 -0.85 9.01 -6.93
N SER A 56 -1.34 9.92 -7.78
CA SER A 56 -2.71 9.92 -8.32
C SER A 56 -2.79 10.58 -9.70
N LYS A 57 -3.38 9.87 -10.64
CA LYS A 57 -3.81 10.35 -11.97
C LYS A 57 -5.29 10.84 -11.98
N GLY A 58 -5.79 11.22 -10.81
CA GLY A 58 -7.18 11.66 -10.57
C GLY A 58 -8.15 10.47 -10.42
N LYS A 59 -8.85 10.38 -9.27
CA LYS A 59 -9.75 9.27 -8.85
C LYS A 59 -9.12 7.86 -8.78
N THR A 60 -7.88 7.72 -9.24
CA THR A 60 -7.10 6.50 -9.17
C THR A 60 -5.74 6.84 -8.58
N ALA A 61 -5.45 6.30 -7.40
CA ALA A 61 -4.13 6.41 -6.77
C ALA A 61 -3.27 5.20 -7.13
N TYR A 62 -1.96 5.35 -6.99
CA TYR A 62 -0.97 4.33 -7.28
C TYR A 62 -0.01 4.30 -6.10
N ILE A 63 -0.03 3.21 -5.34
CA ILE A 63 0.99 2.95 -4.31
C ILE A 63 2.25 2.50 -5.06
N LYS A 64 3.30 3.31 -5.06
CA LYS A 64 4.58 2.98 -5.71
C LYS A 64 5.71 2.85 -4.68
N LEU A 65 6.34 1.69 -4.64
CA LEU A 65 7.40 1.35 -3.68
C LEU A 65 8.77 1.45 -4.36
N GLU A 66 9.73 2.11 -3.72
CA GLU A 66 10.98 2.57 -4.33
C GLU A 66 12.23 2.18 -3.51
N ASP A 67 13.39 2.02 -4.16
CA ASP A 67 14.64 1.70 -3.51
C ASP A 67 15.13 2.88 -2.64
N LYS A 68 15.61 2.59 -1.42
CA LYS A 68 15.99 3.60 -0.42
C LYS A 68 17.22 4.44 -0.80
N VAL A 69 17.92 4.08 -1.87
CA VAL A 69 19.20 4.64 -2.32
C VAL A 69 19.07 5.34 -3.66
N SER A 70 18.29 4.77 -4.60
CA SER A 70 18.25 5.22 -5.99
C SER A 70 16.84 5.50 -6.52
N GLY A 71 15.79 5.28 -5.72
CA GLY A 71 14.40 5.55 -6.10
C GLY A 71 13.82 4.57 -7.15
N GLU A 72 14.52 3.46 -7.45
CA GLU A 72 14.11 2.49 -8.47
C GLU A 72 12.87 1.69 -8.03
N LEU A 73 11.94 1.41 -8.95
CA LEU A 73 10.65 0.80 -8.62
C LEU A 73 10.79 -0.68 -8.21
N PHE A 74 10.32 -1.01 -7.01
CA PHE A 74 10.16 -2.38 -6.50
C PHE A 74 8.81 -2.98 -6.95
N ALA A 75 7.71 -2.26 -6.70
CA ALA A 75 6.35 -2.67 -7.06
C ALA A 75 5.40 -1.47 -7.17
N GLN A 76 4.27 -1.65 -7.87
CA GLN A 76 3.17 -0.67 -7.90
C GLN A 76 1.78 -1.33 -7.82
N ALA A 77 0.86 -0.72 -7.05
CA ALA A 77 -0.53 -1.15 -6.87
C ALA A 77 -1.52 0.00 -7.23
N PRO A 78 -2.38 -0.14 -8.25
CA PRO A 78 -3.41 0.85 -8.58
C PRO A 78 -4.70 0.68 -7.74
N VAL A 79 -5.35 1.77 -7.34
CA VAL A 79 -6.60 1.79 -6.55
C VAL A 79 -7.62 2.80 -7.05
N GLU A 80 -8.88 2.40 -7.17
CA GLU A 80 -10.01 3.27 -7.53
C GLU A 80 -11.14 3.28 -6.47
N GLN A 81 -10.92 2.63 -5.32
CA GLN A 81 -11.87 2.43 -4.23
C GLN A 81 -11.13 2.09 -2.92
N TYR A 82 -11.43 2.79 -1.82
CA TYR A 82 -10.81 2.60 -0.51
C TYR A 82 -11.86 2.54 0.63
N PRO A 83 -11.84 1.51 1.50
CA PRO A 83 -11.05 0.27 1.42
C PRO A 83 -11.44 -0.60 0.21
N GLY A 84 -10.54 -1.50 -0.20
CA GLY A 84 -10.76 -2.41 -1.32
C GLY A 84 -9.72 -3.52 -1.43
N ILE A 85 -9.62 -4.15 -2.61
CA ILE A 85 -8.65 -5.22 -2.89
C ILE A 85 -7.25 -4.66 -3.12
N ALA A 86 -7.15 -3.40 -3.56
CA ALA A 86 -5.88 -2.75 -3.81
C ALA A 86 -5.16 -2.31 -2.53
N VAL A 87 -5.89 -2.11 -1.43
CA VAL A 87 -5.39 -1.67 -0.12
C VAL A 87 -6.42 -2.01 0.97
N GLU A 88 -5.99 -2.81 1.94
CA GLU A 88 -6.81 -3.29 3.06
C GLU A 88 -6.04 -3.16 4.38
N THR A 89 -6.75 -2.98 5.49
CA THR A 89 -6.18 -2.97 6.85
C THR A 89 -6.36 -4.35 7.44
N VAL A 90 -5.30 -5.14 7.31
CA VAL A 90 -4.96 -6.40 8.00
C VAL A 90 -6.10 -7.06 8.82
N THR A 91 -6.46 -6.43 9.94
CA THR A 91 -7.76 -6.61 10.61
C THR A 91 -8.30 -5.28 11.11
N ASP A 92 -7.48 -4.55 11.89
CA ASP A 92 -7.96 -3.43 12.71
C ASP A 92 -6.92 -2.31 12.89
N SER A 93 -5.83 -2.55 13.65
CA SER A 93 -4.65 -1.67 13.64
C SER A 93 -4.17 -1.30 12.25
N SER A 94 -3.78 -0.04 12.09
CA SER A 94 -3.26 0.52 10.87
C SER A 94 -1.78 0.94 10.97
N ARG A 95 -0.97 0.13 11.67
CA ARG A 95 0.50 0.04 11.47
C ARG A 95 0.86 -0.75 10.20
N TYR A 96 -0.04 -1.63 9.77
CA TYR A 96 0.11 -2.53 8.63
C TYR A 96 -1.02 -2.36 7.61
N PHE A 97 -0.74 -2.79 6.38
CA PHE A 97 -1.71 -2.91 5.29
C PHE A 97 -1.45 -4.17 4.47
N VAL A 98 -2.37 -4.48 3.55
CA VAL A 98 -2.17 -5.42 2.46
C VAL A 98 -2.56 -4.75 1.15
N ILE A 99 -1.71 -4.78 0.13
CA ILE A 99 -1.99 -4.19 -1.19
C ILE A 99 -1.85 -5.21 -2.32
N ARG A 100 -2.63 -5.03 -3.39
CA ARG A 100 -2.55 -5.81 -4.64
C ARG A 100 -1.69 -5.06 -5.64
N ILE A 101 -0.44 -5.48 -5.78
CA ILE A 101 0.51 -4.98 -6.78
C ILE A 101 0.38 -5.76 -8.10
N GLN A 102 0.95 -5.23 -9.18
CA GLN A 102 1.41 -6.07 -10.29
C GLN A 102 2.86 -6.54 -10.09
N ASP A 103 3.16 -7.75 -10.56
CA ASP A 103 4.53 -8.31 -10.51
C ASP A 103 5.40 -7.87 -11.71
N GLY A 104 4.81 -7.10 -12.65
CA GLY A 104 5.50 -6.50 -13.80
C GLY A 104 5.68 -7.43 -15.01
N THR A 105 5.13 -8.65 -14.97
CA THR A 105 5.25 -9.69 -16.01
C THR A 105 3.91 -10.02 -16.70
N GLY A 106 2.90 -9.17 -16.51
CA GLY A 106 1.51 -9.36 -16.97
C GLY A 106 0.60 -10.02 -15.92
N ARG A 107 1.03 -10.05 -14.65
CA ARG A 107 0.34 -10.70 -13.52
C ARG A 107 0.27 -9.83 -12.26
N SER A 108 -0.47 -10.29 -11.26
CA SER A 108 -0.69 -9.63 -9.96
C SER A 108 -0.15 -10.43 -8.77
N ALA A 109 0.11 -9.74 -7.66
CA ALA A 109 0.49 -10.34 -6.37
C ALA A 109 -0.02 -9.52 -5.18
N PHE A 110 -0.29 -10.18 -4.06
CA PHE A 110 -0.61 -9.52 -2.78
C PHE A 110 0.63 -9.46 -1.88
N ILE A 111 0.90 -8.28 -1.31
CA ILE A 111 1.93 -8.10 -0.27
C ILE A 111 1.34 -7.44 0.98
N GLY A 112 1.79 -7.89 2.14
CA GLY A 112 1.64 -7.15 3.39
C GLY A 112 2.69 -6.04 3.47
N ILE A 113 2.34 -4.93 4.13
CA ILE A 113 3.24 -3.82 4.44
C ILE A 113 3.20 -3.60 5.96
N GLY A 114 4.34 -3.25 6.55
CA GLY A 114 4.43 -2.78 7.93
C GLY A 114 5.39 -1.60 8.06
N PHE A 115 4.96 -0.53 8.71
CA PHE A 115 5.79 0.66 8.94
C PHE A 115 6.51 0.63 10.29
N THR A 116 7.67 1.30 10.33
CA THR A 116 8.48 1.44 11.54
C THR A 116 7.76 2.28 12.61
N ASP A 117 6.98 3.28 12.18
CA ASP A 117 6.14 4.12 13.04
C ASP A 117 4.63 3.91 12.75
N ARG A 118 3.82 3.83 13.82
CA ARG A 118 2.35 3.77 13.75
C ARG A 118 1.75 4.98 13.01
N GLY A 119 2.37 6.16 13.16
CA GLY A 119 1.98 7.40 12.49
C GLY A 119 2.34 7.46 11.00
N ASP A 120 3.39 6.74 10.56
CA ASP A 120 3.77 6.71 9.14
C ASP A 120 2.79 5.87 8.31
N ALA A 121 2.33 4.74 8.86
CA ALA A 121 1.24 3.95 8.29
C ALA A 121 -0.13 4.66 8.38
N PHE A 122 -0.38 5.42 9.46
CA PHE A 122 -1.57 6.26 9.54
C PHE A 122 -1.63 7.31 8.41
N ASP A 123 -0.50 7.89 7.99
CA ASP A 123 -0.44 8.79 6.84
C ASP A 123 -0.63 8.05 5.51
N PHE A 124 -0.19 6.79 5.40
CA PHE A 124 -0.46 5.94 4.23
C PHE A 124 -1.98 5.77 4.02
N ASN A 125 -2.74 5.57 5.10
CA ASN A 125 -4.21 5.58 5.08
C ASN A 125 -4.78 6.97 4.75
N VAL A 126 -4.36 8.04 5.44
CA VAL A 126 -4.94 9.39 5.26
C VAL A 126 -4.70 9.94 3.85
N SER A 127 -3.58 9.60 3.21
CA SER A 127 -3.31 9.91 1.80
C SER A 127 -4.36 9.33 0.84
N LEU A 128 -5.04 8.24 1.22
CA LEU A 128 -6.13 7.65 0.45
C LEU A 128 -7.51 8.12 0.92
N GLN A 129 -7.71 8.34 2.23
CA GLN A 129 -8.95 8.93 2.76
C GLN A 129 -9.23 10.29 2.09
N ASP A 130 -8.25 11.19 2.08
CA ASP A 130 -8.36 12.53 1.47
C ASP A 130 -8.26 12.51 -0.07
N HIS A 131 -7.93 11.37 -0.67
CA HIS A 131 -7.97 11.15 -2.12
C HIS A 131 -9.38 10.74 -2.58
N PHE A 132 -10.07 9.92 -1.80
CA PHE A 132 -11.44 9.50 -2.11
C PHE A 132 -12.53 10.42 -1.54
N LYS A 133 -12.22 11.32 -0.58
CA LYS A 133 -13.21 12.22 0.06
C LYS A 133 -13.94 13.17 -0.89
N TRP A 134 -13.29 13.54 -2.01
CA TRP A 134 -13.83 14.49 -3.01
C TRP A 134 -14.39 13.83 -4.28
N VAL A 135 -14.44 12.49 -4.30
CA VAL A 135 -14.92 11.62 -5.39
C VAL A 135 -15.89 10.57 -4.81
N LYS A 136 -16.03 9.41 -5.47
CA LYS A 136 -16.71 8.20 -5.00
C LYS A 136 -18.22 8.31 -4.73
N GLN A 137 -18.82 9.38 -5.26
CA GLN A 137 -20.27 9.64 -5.29
C GLN A 137 -20.95 9.71 -3.91
N GLU A 138 -20.20 10.02 -2.84
CA GLU A 138 -20.64 10.04 -1.43
C GLU A 138 -20.15 11.26 -0.63
N SER B 1 5.87 -1.84 24.39
CA SER B 1 5.56 -0.70 23.49
C SER B 1 6.62 -0.57 22.39
N GLN B 2 6.33 0.24 21.35
CA GLN B 2 7.17 0.57 20.18
C GLN B 2 7.52 -0.59 19.23
N ILE B 3 7.97 -1.74 19.73
CA ILE B 3 8.32 -2.94 18.94
C ILE B 3 7.10 -3.52 18.21
N THR B 4 7.33 -4.30 17.14
CA THR B 4 6.29 -5.03 16.40
C THR B 4 5.76 -6.24 17.18
N SER B 5 4.43 -6.33 17.29
CA SER B 5 3.71 -7.49 17.84
C SER B 5 2.20 -7.40 17.61
N GLN B 6 1.71 -8.19 16.66
CA GLN B 6 0.31 -8.38 16.25
C GLN B 6 -0.42 -7.11 15.76
N VAL B 7 -1.63 -7.28 15.22
CA VAL B 7 -2.57 -6.19 14.92
C VAL B 7 -3.33 -5.88 16.22
N GLY B 9 -6.69 -4.90 17.89
CA GLY B 9 -7.97 -5.55 17.57
C GLY B 9 -9.11 -5.28 18.54
N GLN B 10 -8.81 -4.84 19.77
CA GLN B 10 -9.82 -4.42 20.76
C GLN B 10 -10.51 -3.08 20.42
N ILE B 11 -9.91 -2.27 19.53
CA ILE B 11 -10.44 -0.94 19.17
C ILE B 11 -10.21 -0.51 17.71
N GLY B 12 -9.07 -0.85 17.11
CA GLY B 12 -8.74 -0.54 15.70
C GLY B 12 -8.58 0.96 15.42
N TRP B 13 -7.89 1.66 16.32
CA TRP B 13 -7.82 3.12 16.41
C TRP B 13 -6.61 3.74 15.69
N ARG B 14 -6.11 4.86 16.21
CA ARG B 14 -5.56 6.00 15.47
C ARG B 14 -4.38 6.65 16.22
N ARG B 15 -3.65 7.56 15.57
CA ARG B 15 -2.54 8.33 16.19
C ARG B 15 -3.04 9.47 17.09
N GLY A 1 7.29 -10.50 -20.06
CA GLY A 1 6.97 -9.05 -20.14
C GLY A 1 5.49 -8.82 -20.43
N SER A 2 4.99 -7.63 -20.07
CA SER A 2 3.59 -7.22 -20.30
C SER A 2 3.23 -7.13 -21.79
N PRO A 3 1.96 -7.33 -22.19
CA PRO A 3 1.54 -7.38 -23.59
C PRO A 3 1.53 -6.00 -24.31
N ASN A 4 1.62 -4.89 -23.56
CA ASN A 4 1.71 -3.53 -24.07
C ASN A 4 2.66 -2.66 -23.21
N SER A 5 3.08 -1.51 -23.73
CA SER A 5 3.92 -0.50 -23.05
C SER A 5 3.31 0.90 -23.15
N MET A 6 3.50 1.71 -22.10
CA MET A 6 2.93 3.06 -21.96
C MET A 6 3.92 4.19 -22.28
N ALA A 7 5.16 3.87 -22.68
CA ALA A 7 6.23 4.85 -22.91
C ALA A 7 5.95 5.85 -24.04
N THR A 8 5.02 5.54 -24.96
CA THR A 8 4.58 6.39 -26.08
C THR A 8 3.29 7.17 -25.80
N GLU A 9 2.64 6.90 -24.66
CA GLU A 9 1.36 7.49 -24.24
C GLU A 9 1.54 8.67 -23.26
N LEU A 10 0.52 9.52 -23.13
CA LEU A 10 0.45 10.58 -22.10
C LEU A 10 0.13 10.09 -20.67
N GLU A 11 0.28 8.79 -20.41
CA GLU A 11 0.05 8.17 -19.09
C GLU A 11 0.88 8.83 -17.98
N TYR A 12 0.26 9.10 -16.82
CA TYR A 12 0.90 9.78 -15.69
C TYR A 12 0.34 9.37 -14.33
N GLU A 13 0.91 9.96 -13.27
CA GLU A 13 0.43 9.96 -11.90
C GLU A 13 1.19 11.05 -11.11
N SER A 14 0.45 11.84 -10.33
CA SER A 14 0.95 12.98 -9.55
C SER A 14 1.17 12.59 -8.08
N VAL A 15 2.31 12.93 -7.48
CA VAL A 15 2.65 12.52 -6.10
C VAL A 15 1.67 13.09 -5.08
N LEU A 16 1.19 12.23 -4.17
CA LEU A 16 0.32 12.56 -3.04
C LEU A 16 1.04 12.46 -1.69
N CYS A 17 1.85 11.42 -1.48
CA CYS A 17 2.55 11.16 -0.22
C CYS A 17 3.89 10.44 -0.45
N VAL A 18 4.86 10.74 0.42
CA VAL A 18 6.19 10.13 0.45
C VAL A 18 6.58 9.86 1.90
N LYS A 19 7.04 8.63 2.20
CA LYS A 19 7.54 8.25 3.54
C LYS A 19 8.95 7.64 3.51
N PRO A 20 9.79 7.97 4.53
CA PRO A 20 11.24 7.71 4.52
C PRO A 20 11.62 6.25 4.77
N ASP A 21 10.76 5.47 5.43
CA ASP A 21 10.96 4.03 5.65
C ASP A 21 9.63 3.27 5.56
N VAL A 22 9.65 2.15 4.85
CA VAL A 22 8.56 1.18 4.75
C VAL A 22 9.14 -0.23 4.55
N SER A 23 8.54 -1.23 5.20
CA SER A 23 8.96 -2.64 5.14
C SER A 23 7.87 -3.57 4.59
N VAL A 24 8.25 -4.61 3.83
CA VAL A 24 7.32 -5.47 3.08
C VAL A 24 7.54 -6.95 3.38
N TYR A 25 6.44 -7.67 3.62
CA TYR A 25 6.41 -9.03 4.18
C TYR A 25 6.14 -10.19 3.20
N ARG A 26 5.72 -9.88 1.98
CA ARG A 26 5.44 -10.81 0.84
C ARG A 26 4.68 -12.09 1.24
N ILE A 27 3.35 -11.94 1.39
CA ILE A 27 2.48 -12.84 2.16
C ILE A 27 1.94 -14.05 1.35
N PRO A 28 1.71 -15.22 1.99
CA PRO A 28 1.08 -16.36 1.35
C PRO A 28 -0.45 -16.29 1.10
N PRO A 29 -1.33 -15.81 2.01
CA PRO A 29 -2.79 -15.87 1.83
C PRO A 29 -3.35 -14.73 0.97
N ARG A 30 -4.62 -14.88 0.56
CA ARG A 30 -5.44 -13.85 -0.11
C ARG A 30 -6.73 -13.46 0.63
N ALA A 31 -7.29 -14.38 1.41
CA ALA A 31 -8.55 -14.15 2.13
C ALA A 31 -8.75 -15.15 3.27
N SER A 32 -8.60 -14.65 4.50
CA SER A 32 -9.11 -15.26 5.73
C SER A 32 -10.45 -14.61 6.15
N ASN A 33 -11.18 -15.30 7.02
CA ASN A 33 -12.46 -14.88 7.60
C ASN A 33 -12.43 -13.52 8.34
N ARG A 34 -11.25 -13.07 8.80
CA ARG A 34 -11.04 -11.75 9.45
C ARG A 34 -10.35 -10.72 8.55
N GLY A 35 -9.95 -11.14 7.34
CA GLY A 35 -9.17 -10.35 6.39
C GLY A 35 -7.88 -11.06 6.00
N TYR A 36 -6.75 -10.62 6.56
CA TYR A 36 -5.41 -11.18 6.30
C TYR A 36 -4.60 -11.52 7.56
N ARG A 37 -4.79 -10.76 8.64
CA ARG A 37 -4.02 -10.71 9.90
C ARG A 37 -2.48 -10.74 9.74
N ALA A 38 -1.80 -9.62 9.99
CA ALA A 38 -0.32 -9.57 9.99
C ALA A 38 0.33 -10.57 10.95
N SER A 39 -0.40 -10.96 11.99
CA SER A 39 -0.06 -12.00 12.97
C SER A 39 -0.05 -13.43 12.41
N ASP A 40 -0.68 -13.67 11.25
CA ASP A 40 -0.72 -14.99 10.60
C ASP A 40 0.54 -15.30 9.78
N TRP A 41 1.14 -14.25 9.19
CA TRP A 41 2.37 -14.26 8.39
C TRP A 41 3.51 -13.52 9.15
N LYS A 42 4.54 -13.02 8.44
CA LYS A 42 5.61 -12.20 9.03
C LYS A 42 5.07 -10.87 9.54
N LEU A 43 5.05 -10.78 10.86
CA LEU A 43 4.55 -9.66 11.63
C LEU A 43 5.60 -8.54 11.79
N ASP A 44 6.88 -8.89 11.84
CA ASP A 44 7.99 -7.93 12.05
C ASP A 44 9.30 -8.33 11.32
N GLN A 45 9.20 -9.19 10.30
CA GLN A 45 10.33 -9.84 9.61
C GLN A 45 10.25 -9.63 8.08
N PRO A 46 10.65 -8.45 7.55
CA PRO A 46 10.48 -8.11 6.14
C PRO A 46 11.42 -8.87 5.20
N ASP A 47 10.99 -9.04 3.95
CA ASP A 47 11.81 -9.55 2.85
C ASP A 47 12.41 -8.42 2.01
N TRP A 48 11.75 -7.25 2.00
CA TRP A 48 12.22 -6.02 1.36
C TRP A 48 11.96 -4.80 2.25
N THR A 49 12.86 -3.81 2.19
CA THR A 49 12.72 -2.50 2.83
C THR A 49 13.18 -1.38 1.91
N GLY A 50 12.56 -0.21 2.07
CA GLY A 50 12.82 0.95 1.22
C GLY A 50 11.97 2.16 1.59
N ARG A 51 11.41 2.79 0.57
CA ARG A 51 10.76 4.11 0.58
C ARG A 51 9.36 4.04 -0.05
N LEU A 52 8.41 4.79 0.48
CA LEU A 52 7.03 4.88 -0.04
C LEU A 52 6.88 6.09 -0.97
N ARG A 53 6.16 5.94 -2.09
CA ARG A 53 5.77 7.04 -2.97
C ARG A 53 4.34 6.83 -3.51
N ILE A 54 3.34 7.35 -2.80
CA ILE A 54 1.93 7.32 -3.23
C ILE A 54 1.69 8.44 -4.24
N THR A 55 0.98 8.14 -5.32
CA THR A 55 0.71 9.03 -6.46
C THR A 55 -0.76 8.92 -6.89
N SER A 56 -1.26 9.75 -7.80
CA SER A 56 -2.61 9.66 -8.39
C SER A 56 -2.74 10.37 -9.74
N LYS A 57 -3.43 9.73 -10.68
CA LYS A 57 -3.85 10.24 -11.99
C LYS A 57 -5.31 10.78 -12.00
N GLY A 58 -5.88 11.00 -10.81
CA GLY A 58 -7.27 11.43 -10.58
C GLY A 58 -8.23 10.23 -10.44
N LYS A 59 -8.92 10.15 -9.28
CA LYS A 59 -9.67 8.99 -8.74
C LYS A 59 -8.90 7.66 -8.60
N THR A 60 -7.81 7.46 -9.34
CA THR A 60 -6.95 6.30 -9.20
C THR A 60 -5.64 6.74 -8.60
N ALA A 61 -5.45 6.41 -7.33
CA ALA A 61 -4.14 6.48 -6.70
C ALA A 61 -3.33 5.24 -7.08
N TYR A 62 -2.00 5.37 -7.04
CA TYR A 62 -1.07 4.29 -7.30
C TYR A 62 -0.04 4.30 -6.17
N ILE A 63 -0.01 3.25 -5.38
CA ILE A 63 1.04 3.02 -4.38
C ILE A 63 2.29 2.60 -5.15
N LYS A 64 3.32 3.44 -5.23
CA LYS A 64 4.65 3.02 -5.70
C LYS A 64 5.56 2.75 -4.48
N LEU A 65 6.43 1.75 -4.60
CA LEU A 65 7.46 1.44 -3.62
C LEU A 65 8.84 1.57 -4.27
N GLU A 66 9.76 2.29 -3.62
CA GLU A 66 11.04 2.74 -4.17
C GLU A 66 12.24 2.24 -3.35
N ASP A 67 13.39 2.00 -4.00
CA ASP A 67 14.64 1.73 -3.34
C ASP A 67 15.17 3.03 -2.68
N LYS A 68 15.60 2.94 -1.42
CA LYS A 68 15.98 4.11 -0.60
C LYS A 68 17.29 4.78 -1.06
N VAL A 69 18.04 4.15 -1.97
CA VAL A 69 19.36 4.58 -2.44
C VAL A 69 19.28 5.18 -3.83
N SER A 70 18.43 4.64 -4.70
CA SER A 70 18.40 5.01 -6.13
C SER A 70 17.01 5.36 -6.67
N GLY A 71 15.95 5.27 -5.86
CA GLY A 71 14.57 5.58 -6.25
C GLY A 71 13.94 4.55 -7.22
N GLU A 72 14.57 3.40 -7.42
CA GLU A 72 14.14 2.39 -8.40
C GLU A 72 12.88 1.64 -7.93
N LEU A 73 11.97 1.32 -8.84
CA LEU A 73 10.67 0.72 -8.52
C LEU A 73 10.81 -0.75 -8.05
N PHE A 74 10.31 -1.04 -6.85
CA PHE A 74 10.16 -2.39 -6.29
C PHE A 74 8.83 -3.02 -6.73
N ALA A 75 7.71 -2.30 -6.51
CA ALA A 75 6.36 -2.71 -6.89
C ALA A 75 5.43 -1.51 -7.04
N GLN A 76 4.28 -1.70 -7.71
CA GLN A 76 3.21 -0.70 -7.79
C GLN A 76 1.80 -1.32 -7.73
N ALA A 77 0.88 -0.73 -6.97
CA ALA A 77 -0.52 -1.15 -6.85
C ALA A 77 -1.51 -0.02 -7.21
N PRO A 78 -2.41 -0.19 -8.20
CA PRO A 78 -3.48 0.77 -8.51
C PRO A 78 -4.68 0.62 -7.55
N VAL A 79 -5.32 1.74 -7.16
CA VAL A 79 -6.55 1.74 -6.34
C VAL A 79 -7.62 2.68 -6.90
N GLU A 80 -8.84 2.16 -7.09
CA GLU A 80 -10.00 2.92 -7.57
C GLU A 80 -11.08 3.15 -6.50
N GLN A 81 -10.95 2.49 -5.34
CA GLN A 81 -11.80 2.64 -4.16
C GLN A 81 -11.09 2.19 -2.86
N TYR A 82 -11.36 2.91 -1.78
CA TYR A 82 -10.81 2.69 -0.42
C TYR A 82 -11.94 2.72 0.64
N PRO A 83 -12.03 1.74 1.56
CA PRO A 83 -11.32 0.46 1.58
C PRO A 83 -11.66 -0.42 0.35
N GLY A 84 -10.76 -1.34 0.01
CA GLY A 84 -10.91 -2.23 -1.16
C GLY A 84 -9.92 -3.39 -1.18
N ILE A 85 -9.77 -4.03 -2.33
CA ILE A 85 -8.81 -5.13 -2.56
C ILE A 85 -7.39 -4.60 -2.79
N ALA A 86 -7.26 -3.36 -3.26
CA ALA A 86 -5.98 -2.74 -3.55
C ALA A 86 -5.23 -2.27 -2.30
N VAL A 87 -5.93 -2.06 -1.19
CA VAL A 87 -5.39 -1.61 0.09
C VAL A 87 -6.37 -1.99 1.22
N GLU A 88 -5.90 -2.83 2.14
CA GLU A 88 -6.66 -3.36 3.29
C GLU A 88 -5.87 -3.23 4.58
N THR A 89 -6.55 -3.13 5.73
CA THR A 89 -5.92 -3.07 7.05
C THR A 89 -6.15 -4.38 7.79
N VAL A 90 -5.45 -5.40 7.30
CA VAL A 90 -5.07 -6.66 7.96
C VAL A 90 -6.14 -7.38 8.80
N THR A 91 -6.50 -6.83 9.95
CA THR A 91 -7.80 -7.03 10.61
C THR A 91 -8.36 -5.72 11.16
N ASP A 92 -7.51 -4.95 11.85
CA ASP A 92 -7.90 -3.68 12.49
C ASP A 92 -6.71 -2.75 12.78
N SER A 93 -5.76 -3.17 13.64
CA SER A 93 -4.57 -2.36 13.94
C SER A 93 -3.76 -1.99 12.68
N SER A 94 -3.33 -0.74 12.62
CA SER A 94 -2.98 -0.04 11.38
C SER A 94 -1.51 0.29 11.19
N ARG A 95 -0.59 -0.30 12.00
CA ARG A 95 0.84 -0.35 11.65
C ARG A 95 1.04 -1.09 10.31
N TYR A 96 0.17 -2.06 10.03
CA TYR A 96 0.25 -2.92 8.86
C TYR A 96 -0.88 -2.67 7.87
N PHE A 97 -0.61 -3.03 6.61
CA PHE A 97 -1.57 -3.05 5.51
C PHE A 97 -1.33 -4.26 4.61
N VAL A 98 -2.23 -4.50 3.66
CA VAL A 98 -2.01 -5.38 2.51
C VAL A 98 -2.43 -4.64 1.24
N ILE A 99 -1.62 -4.68 0.18
CA ILE A 99 -1.95 -4.09 -1.12
C ILE A 99 -1.80 -5.10 -2.27
N ARG A 100 -2.58 -4.87 -3.34
CA ARG A 100 -2.60 -5.70 -4.56
C ARG A 100 -1.77 -5.03 -5.66
N ILE A 101 -0.50 -5.40 -5.76
CA ILE A 101 0.46 -4.90 -6.75
C ILE A 101 0.36 -5.60 -8.10
N GLN A 102 0.83 -4.97 -9.17
CA GLN A 102 1.20 -5.67 -10.42
C GLN A 102 2.62 -6.22 -10.37
N ASP A 103 2.86 -7.33 -11.06
CA ASP A 103 4.16 -8.01 -11.11
C ASP A 103 5.05 -7.56 -12.31
N GLY A 104 4.55 -6.63 -13.13
CA GLY A 104 5.27 -6.07 -14.28
C GLY A 104 5.34 -6.99 -15.52
N THR A 105 4.48 -8.01 -15.59
CA THR A 105 4.42 -8.97 -16.72
C THR A 105 2.99 -9.41 -17.10
N GLY A 106 2.02 -8.50 -16.97
CA GLY A 106 0.62 -8.69 -17.32
C GLY A 106 -0.21 -9.37 -16.22
N ARG A 107 0.30 -9.35 -14.97
CA ARG A 107 -0.22 -10.09 -13.81
C ARG A 107 -0.10 -9.32 -12.49
N SER A 108 -0.57 -9.90 -11.39
CA SER A 108 -0.60 -9.24 -10.07
C SER A 108 -0.37 -10.18 -8.88
N ALA A 109 -0.04 -9.60 -7.72
CA ALA A 109 0.28 -10.26 -6.45
C ALA A 109 -0.16 -9.43 -5.23
N PHE A 110 -0.38 -10.08 -4.09
CA PHE A 110 -0.62 -9.43 -2.80
C PHE A 110 0.69 -9.31 -1.99
N ILE A 111 0.96 -8.11 -1.46
CA ILE A 111 2.02 -7.89 -0.46
C ILE A 111 1.46 -7.28 0.83
N GLY A 112 1.89 -7.83 1.97
CA GLY A 112 1.70 -7.24 3.29
C GLY A 112 2.79 -6.21 3.57
N ILE A 113 2.43 -5.12 4.23
CA ILE A 113 3.33 -4.00 4.55
C ILE A 113 3.35 -3.77 6.07
N GLY A 114 4.48 -3.34 6.63
CA GLY A 114 4.59 -2.77 7.97
C GLY A 114 5.43 -1.49 8.00
N PHE A 115 4.95 -0.51 8.75
CA PHE A 115 5.62 0.77 8.95
C PHE A 115 6.47 0.82 10.23
N THR A 116 7.42 1.75 10.25
CA THR A 116 8.32 2.00 11.39
C THR A 116 7.66 2.85 12.49
N ASP A 117 6.66 3.63 12.13
CA ASP A 117 5.85 4.48 13.03
C ASP A 117 4.35 4.37 12.72
N ARG A 118 3.50 4.37 13.76
CA ARG A 118 2.03 4.37 13.61
C ARG A 118 1.53 5.61 12.87
N GLY A 119 2.15 6.77 13.09
CA GLY A 119 1.83 8.02 12.38
C GLY A 119 2.22 7.98 10.90
N ASP A 120 3.33 7.32 10.55
CA ASP A 120 3.71 7.11 9.15
C ASP A 120 2.72 6.20 8.41
N ALA A 121 2.19 5.19 9.11
CA ALA A 121 1.14 4.33 8.59
C ALA A 121 -0.23 5.04 8.51
N PHE A 122 -0.55 5.90 9.48
CA PHE A 122 -1.77 6.72 9.46
C PHE A 122 -1.77 7.71 8.28
N ASP A 123 -0.60 8.17 7.82
CA ASP A 123 -0.44 8.99 6.62
C ASP A 123 -0.56 8.16 5.33
N PHE A 124 -0.12 6.89 5.33
CA PHE A 124 -0.39 5.96 4.23
C PHE A 124 -1.91 5.77 4.02
N ASN A 125 -2.69 5.76 5.11
CA ASN A 125 -4.15 5.76 5.06
C ASN A 125 -4.74 7.11 4.64
N VAL A 126 -4.41 8.21 5.33
CA VAL A 126 -5.04 9.52 5.13
C VAL A 126 -4.75 10.13 3.76
N SER A 127 -3.59 9.86 3.16
CA SER A 127 -3.30 10.27 1.78
C SER A 127 -4.19 9.56 0.75
N LEU A 128 -4.73 8.38 1.04
CA LEU A 128 -5.81 7.76 0.26
C LEU A 128 -7.20 8.28 0.66
N GLN A 129 -7.46 8.53 1.95
CA GLN A 129 -8.75 9.10 2.38
C GLN A 129 -9.01 10.46 1.73
N ASP A 130 -8.08 11.42 1.80
CA ASP A 130 -8.18 12.75 1.17
C ASP A 130 -8.21 12.69 -0.36
N HIS A 131 -7.81 11.56 -0.95
CA HIS A 131 -7.90 11.29 -2.39
C HIS A 131 -9.27 10.71 -2.80
N PHE A 132 -9.96 10.01 -1.91
CA PHE A 132 -11.30 9.43 -2.17
C PHE A 132 -12.45 10.28 -1.61
N LYS A 133 -12.14 11.18 -0.67
CA LYS A 133 -13.00 12.16 0.00
C LYS A 133 -13.85 13.03 -0.94
N TRP A 134 -13.33 13.35 -2.12
CA TRP A 134 -13.97 14.21 -3.14
C TRP A 134 -14.55 13.45 -4.35
N VAL A 135 -14.58 12.11 -4.29
CA VAL A 135 -15.09 11.18 -5.32
C VAL A 135 -16.00 10.11 -4.68
N LYS A 136 -16.28 9.00 -5.39
CA LYS A 136 -16.81 7.73 -4.85
C LYS A 136 -18.26 7.77 -4.33
N GLN A 137 -18.97 8.85 -4.65
CA GLN A 137 -20.40 9.08 -4.37
C GLN A 137 -20.81 8.94 -2.89
N GLU A 138 -19.86 9.09 -1.95
CA GLU A 138 -20.08 9.01 -0.49
C GLU A 138 -19.72 10.31 0.24
N SER B 1 14.53 -9.85 26.02
CA SER B 1 14.04 -10.35 24.71
C SER B 1 12.94 -9.45 24.14
N GLN B 2 12.78 -9.41 22.82
CA GLN B 2 11.72 -8.66 22.14
C GLN B 2 10.34 -9.33 22.30
N ILE B 3 9.27 -8.52 22.19
CA ILE B 3 7.86 -8.93 22.28
C ILE B 3 7.13 -8.57 20.98
N THR B 4 6.13 -9.39 20.61
CA THR B 4 5.34 -9.25 19.38
C THR B 4 4.25 -8.18 19.49
N SER B 5 3.93 -7.54 18.35
CA SER B 5 2.96 -6.44 18.23
C SER B 5 1.85 -6.78 17.23
N GLN B 6 1.10 -7.83 17.54
CA GLN B 6 0.02 -8.41 16.74
C GLN B 6 -1.09 -7.40 16.40
N VAL B 7 -1.85 -7.65 15.33
CA VAL B 7 -3.04 -6.88 14.99
C VAL B 7 -4.13 -7.14 16.04
N GLY B 9 -8.28 -6.82 17.70
CA GLY B 9 -9.64 -7.33 17.47
C GLY B 9 -10.65 -6.93 18.55
N GLN B 10 -10.34 -5.88 19.33
CA GLN B 10 -11.08 -5.50 20.54
C GLN B 10 -11.15 -3.98 20.80
N ILE B 11 -10.09 -3.23 20.54
CA ILE B 11 -10.03 -1.78 20.87
C ILE B 11 -10.69 -0.90 19.79
N GLY B 12 -10.57 -1.29 18.52
CA GLY B 12 -11.26 -0.66 17.39
C GLY B 12 -10.83 0.79 17.13
N TRP B 13 -9.52 1.03 17.18
CA TRP B 13 -8.88 2.35 17.28
C TRP B 13 -8.50 2.96 15.92
N ARG B 14 -7.19 2.99 15.69
CA ARG B 14 -6.50 3.59 14.54
C ARG B 14 -6.83 2.89 13.22
N ARG B 15 -6.61 3.61 12.11
CA ARG B 15 -7.05 3.28 10.74
C ARG B 15 -5.94 3.46 9.69
N GLY A 1 7.13 7.11 -40.51
CA GLY A 1 7.26 7.47 -39.08
C GLY A 1 8.26 6.58 -38.36
N SER A 2 8.90 7.10 -37.32
CA SER A 2 9.87 6.37 -36.48
C SER A 2 9.20 5.40 -35.49
N PRO A 3 9.95 4.43 -34.90
CA PRO A 3 9.43 3.55 -33.84
C PRO A 3 8.93 4.28 -32.58
N ASN A 4 9.38 5.53 -32.36
CA ASN A 4 8.97 6.38 -31.24
C ASN A 4 7.78 7.29 -31.56
N SER A 5 7.29 7.30 -32.81
CA SER A 5 6.16 8.13 -33.24
C SER A 5 4.84 7.72 -32.58
N MET A 6 3.97 8.69 -32.30
CA MET A 6 2.66 8.56 -31.63
C MET A 6 2.69 7.96 -30.20
N ALA A 7 3.88 7.75 -29.60
CA ALA A 7 4.05 7.25 -28.24
C ALA A 7 3.96 8.34 -27.15
N THR A 8 3.84 9.61 -27.55
CA THR A 8 3.95 10.81 -26.68
C THR A 8 2.65 11.17 -25.95
N GLU A 9 2.11 10.18 -25.24
CA GLU A 9 1.05 10.34 -24.24
C GLU A 9 1.64 10.80 -22.89
N LEU A 10 0.85 11.51 -22.08
CA LEU A 10 1.29 12.06 -20.79
C LEU A 10 1.63 10.96 -19.77
N GLU A 11 0.74 9.97 -19.68
CA GLU A 11 0.76 8.82 -18.75
C GLU A 11 1.25 9.20 -17.33
N TYR A 12 0.71 10.31 -16.80
CA TYR A 12 1.23 10.99 -15.61
C TYR A 12 0.82 10.36 -14.29
N GLU A 13 1.33 10.89 -13.19
CA GLU A 13 0.92 10.58 -11.82
C GLU A 13 1.50 11.63 -10.86
N SER A 14 0.62 12.29 -10.12
CA SER A 14 0.94 13.39 -9.21
C SER A 14 1.14 12.89 -7.77
N VAL A 15 2.24 13.22 -7.11
CA VAL A 15 2.57 12.69 -5.77
C VAL A 15 1.57 13.17 -4.71
N LEU A 16 1.08 12.23 -3.88
CA LEU A 16 0.15 12.48 -2.78
C LEU A 16 0.82 12.36 -1.40
N CYS A 17 1.61 11.30 -1.19
CA CYS A 17 2.29 11.02 0.08
C CYS A 17 3.64 10.33 -0.17
N VAL A 18 4.69 10.77 0.52
CA VAL A 18 6.00 10.13 0.55
C VAL A 18 6.32 9.70 1.98
N LYS A 19 6.87 8.49 2.14
CA LYS A 19 7.37 7.97 3.43
C LYS A 19 8.78 7.39 3.32
N PRO A 20 9.69 7.77 4.26
CA PRO A 20 11.14 7.59 4.12
C PRO A 20 11.63 6.16 4.35
N ASP A 21 10.91 5.37 5.14
CA ASP A 21 11.22 3.98 5.46
C ASP A 21 9.95 3.13 5.52
N VAL A 22 9.95 1.98 4.84
CA VAL A 22 8.83 1.05 4.76
C VAL A 22 9.35 -0.38 4.55
N SER A 23 8.68 -1.36 5.15
CA SER A 23 8.99 -2.79 5.01
C SER A 23 7.82 -3.57 4.38
N VAL A 24 8.14 -4.54 3.52
CA VAL A 24 7.18 -5.29 2.70
C VAL A 24 7.31 -6.79 2.93
N TYR A 25 6.15 -7.45 2.93
CA TYR A 25 5.97 -8.87 3.26
C TYR A 25 5.07 -9.53 2.20
N ARG A 26 5.61 -10.20 1.18
CA ARG A 26 4.83 -11.11 0.31
C ARG A 26 4.09 -12.17 1.13
N ILE A 27 2.76 -12.29 0.95
CA ILE A 27 1.88 -13.11 1.80
C ILE A 27 1.30 -14.35 1.09
N PRO A 28 1.19 -15.51 1.78
CA PRO A 28 0.48 -16.68 1.26
C PRO A 28 -1.06 -16.62 1.22
N PRO A 29 -1.79 -16.13 2.26
CA PRO A 29 -3.27 -16.16 2.28
C PRO A 29 -3.93 -15.05 1.45
N ARG A 30 -5.23 -15.25 1.17
CA ARG A 30 -6.13 -14.28 0.50
C ARG A 30 -7.27 -13.80 1.40
N ALA A 31 -7.92 -14.71 2.13
CA ALA A 31 -9.16 -14.41 2.84
C ALA A 31 -9.37 -15.35 4.04
N SER A 32 -8.92 -14.87 5.19
CA SER A 32 -9.31 -15.39 6.51
C SER A 32 -10.58 -14.69 7.03
N ASN A 33 -11.22 -15.30 8.02
CA ASN A 33 -12.42 -14.82 8.70
C ASN A 33 -12.29 -13.42 9.35
N ARG A 34 -11.05 -12.97 9.64
CA ARG A 34 -10.73 -11.61 10.16
C ARG A 34 -10.14 -10.66 9.12
N GLY A 35 -9.82 -11.17 7.93
CA GLY A 35 -9.13 -10.46 6.86
C GLY A 35 -7.85 -11.19 6.44
N TYR A 36 -6.69 -10.63 6.79
CA TYR A 36 -5.36 -11.17 6.46
C TYR A 36 -4.47 -11.47 7.66
N ARG A 37 -4.57 -10.66 8.72
CA ARG A 37 -3.72 -10.59 9.93
C ARG A 37 -2.20 -10.60 9.66
N ALA A 38 -1.50 -9.48 9.89
CA ALA A 38 -0.02 -9.43 9.84
C ALA A 38 0.63 -10.52 10.71
N SER A 39 -0.02 -10.80 11.83
CA SER A 39 0.25 -11.85 12.81
C SER A 39 0.17 -13.29 12.29
N ASP A 40 -0.47 -13.54 11.14
CA ASP A 40 -0.58 -14.88 10.51
C ASP A 40 0.63 -15.24 9.63
N TRP A 41 1.23 -14.22 9.00
CA TRP A 41 2.41 -14.30 8.14
C TRP A 41 3.64 -13.69 8.85
N LYS A 42 4.69 -13.33 8.10
CA LYS A 42 5.83 -12.58 8.65
C LYS A 42 5.39 -11.20 9.12
N LEU A 43 5.51 -11.05 10.44
CA LEU A 43 5.11 -9.88 11.21
C LEU A 43 6.29 -8.90 11.44
N ASP A 44 7.53 -9.41 11.42
CA ASP A 44 8.76 -8.64 11.69
C ASP A 44 9.98 -9.08 10.81
N GLN A 45 9.76 -9.93 9.80
CA GLN A 45 10.78 -10.55 8.94
C GLN A 45 10.52 -10.25 7.44
N PRO A 46 10.89 -9.04 6.95
CA PRO A 46 10.49 -8.56 5.62
C PRO A 46 11.17 -9.28 4.45
N ASP A 47 10.49 -9.25 3.30
CA ASP A 47 10.97 -9.76 2.01
C ASP A 47 11.64 -8.66 1.16
N TRP A 48 11.24 -7.41 1.37
CA TRP A 48 11.86 -6.20 0.80
C TRP A 48 11.73 -5.01 1.76
N THR A 49 12.68 -4.09 1.71
CA THR A 49 12.64 -2.81 2.44
C THR A 49 13.16 -1.66 1.58
N GLY A 50 12.63 -0.46 1.81
CA GLY A 50 12.93 0.71 1.01
C GLY A 50 12.10 1.94 1.40
N ARG A 51 11.51 2.58 0.38
CA ARG A 51 10.79 3.86 0.45
C ARG A 51 9.42 3.74 -0.21
N LEU A 52 8.45 4.56 0.19
CA LEU A 52 7.14 4.66 -0.48
C LEU A 52 6.92 6.06 -1.04
N ARG A 53 6.36 6.14 -2.25
CA ARG A 53 5.76 7.38 -2.78
C ARG A 53 4.41 7.08 -3.46
N ILE A 54 3.34 7.32 -2.72
CA ILE A 54 1.95 7.29 -3.21
C ILE A 54 1.75 8.45 -4.19
N THR A 55 1.15 8.16 -5.35
CA THR A 55 0.86 9.13 -6.41
C THR A 55 -0.59 8.96 -6.91
N SER A 56 -1.10 9.85 -7.78
CA SER A 56 -2.38 9.71 -8.46
C SER A 56 -2.44 10.46 -9.78
N LYS A 57 -2.98 9.79 -10.80
CA LYS A 57 -3.36 10.35 -12.11
C LYS A 57 -4.82 10.86 -12.13
N GLY A 58 -5.33 11.27 -10.96
CA GLY A 58 -6.71 11.72 -10.72
C GLY A 58 -7.69 10.53 -10.59
N LYS A 59 -8.40 10.44 -9.45
CA LYS A 59 -9.33 9.35 -9.04
C LYS A 59 -8.74 7.94 -8.93
N THR A 60 -7.59 7.69 -9.55
CA THR A 60 -6.80 6.48 -9.40
C THR A 60 -5.48 6.84 -8.75
N ALA A 61 -5.27 6.36 -7.53
CA ALA A 61 -3.97 6.45 -6.86
C ALA A 61 -3.12 5.20 -7.16
N TYR A 62 -1.81 5.34 -7.03
CA TYR A 62 -0.82 4.31 -7.29
C TYR A 62 0.14 4.23 -6.09
N ILE A 63 0.17 3.09 -5.41
CA ILE A 63 1.05 2.85 -4.24
C ILE A 63 2.45 2.45 -4.75
N LYS A 64 3.24 3.41 -5.23
CA LYS A 64 4.52 3.13 -5.90
C LYS A 64 5.64 3.00 -4.87
N LEU A 65 6.13 1.78 -4.68
CA LEU A 65 7.23 1.45 -3.77
C LEU A 65 8.57 1.59 -4.50
N GLU A 66 9.52 2.28 -3.87
CA GLU A 66 10.75 2.78 -4.51
C GLU A 66 12.02 2.40 -3.72
N ASP A 67 13.15 2.25 -4.40
CA ASP A 67 14.44 2.00 -3.79
C ASP A 67 14.93 3.26 -3.04
N LYS A 68 15.38 3.09 -1.80
CA LYS A 68 15.78 4.18 -0.90
C LYS A 68 17.01 4.98 -1.38
N VAL A 69 17.74 4.45 -2.36
CA VAL A 69 19.03 4.98 -2.85
C VAL A 69 18.87 5.64 -4.22
N SER A 70 18.03 5.06 -5.09
CA SER A 70 17.95 5.46 -6.51
C SER A 70 16.54 5.75 -7.01
N GLY A 71 15.51 5.58 -6.18
CA GLY A 71 14.10 5.83 -6.54
C GLY A 71 13.50 4.82 -7.52
N GLU A 72 14.18 3.69 -7.77
CA GLU A 72 13.76 2.69 -8.78
C GLU A 72 12.53 1.89 -8.30
N LEU A 73 11.59 1.59 -9.19
CA LEU A 73 10.32 0.95 -8.83
C LEU A 73 10.51 -0.53 -8.43
N PHE A 74 10.03 -0.88 -7.23
CA PHE A 74 9.92 -2.25 -6.74
C PHE A 74 8.56 -2.86 -7.09
N ALA A 75 7.47 -2.17 -6.73
CA ALA A 75 6.09 -2.58 -7.01
C ALA A 75 5.16 -1.36 -7.10
N GLN A 76 3.99 -1.55 -7.71
CA GLN A 76 2.90 -0.58 -7.68
C GLN A 76 1.54 -1.27 -7.61
N ALA A 77 0.63 -0.76 -6.77
CA ALA A 77 -0.77 -1.18 -6.72
C ALA A 77 -1.68 0.00 -7.13
N PRO A 78 -2.47 -0.11 -8.22
CA PRO A 78 -3.47 0.90 -8.58
C PRO A 78 -4.74 0.74 -7.73
N VAL A 79 -5.34 1.85 -7.30
CA VAL A 79 -6.58 1.88 -6.48
C VAL A 79 -7.64 2.79 -7.08
N GLU A 80 -8.87 2.29 -7.18
CA GLU A 80 -10.02 3.03 -7.72
C GLU A 80 -11.14 3.25 -6.68
N GLN A 81 -10.95 2.75 -5.45
CA GLN A 81 -11.86 2.90 -4.31
C GLN A 81 -11.13 2.65 -2.98
N TYR A 82 -11.46 3.42 -1.94
CA TYR A 82 -10.92 3.23 -0.58
C TYR A 82 -12.03 3.21 0.49
N PRO A 83 -12.10 2.16 1.35
CA PRO A 83 -11.36 0.89 1.28
C PRO A 83 -11.77 0.04 0.06
N GLY A 84 -10.94 -0.94 -0.29
CA GLY A 84 -11.17 -1.88 -1.40
C GLY A 84 -10.27 -3.11 -1.38
N ILE A 85 -10.01 -3.71 -2.55
CA ILE A 85 -9.08 -4.85 -2.71
C ILE A 85 -7.64 -4.39 -2.90
N ALA A 86 -7.43 -3.17 -3.41
CA ALA A 86 -6.10 -2.63 -3.66
C ALA A 86 -5.37 -2.24 -2.37
N VAL A 87 -6.09 -2.00 -1.27
CA VAL A 87 -5.55 -1.62 0.03
C VAL A 87 -6.53 -2.05 1.15
N GLU A 88 -6.03 -2.78 2.14
CA GLU A 88 -6.78 -3.29 3.31
C GLU A 88 -5.96 -3.21 4.60
N THR A 89 -6.62 -3.11 5.76
CA THR A 89 -5.97 -3.11 7.08
C THR A 89 -6.12 -4.48 7.71
N VAL A 90 -5.14 -5.33 7.39
CA VAL A 90 -4.73 -6.58 8.06
C VAL A 90 -5.79 -7.30 8.90
N THR A 91 -6.09 -6.78 10.09
CA THR A 91 -7.38 -6.98 10.76
C THR A 91 -7.98 -5.66 11.24
N ASP A 92 -7.16 -4.87 11.95
CA ASP A 92 -7.66 -3.74 12.72
C ASP A 92 -6.61 -2.64 12.94
N SER A 93 -5.60 -2.91 13.78
CA SER A 93 -4.44 -2.02 13.94
C SER A 93 -3.76 -1.60 12.64
N SER A 94 -3.32 -0.34 12.61
CA SER A 94 -2.79 0.32 11.42
C SER A 94 -1.32 0.73 11.57
N ARG A 95 -0.48 -0.20 12.04
CA ARG A 95 0.96 -0.27 11.69
C ARG A 95 1.17 -0.93 10.32
N TYR A 96 0.24 -1.80 9.92
CA TYR A 96 0.33 -2.64 8.73
C TYR A 96 -0.86 -2.45 7.77
N PHE A 97 -0.66 -2.87 6.53
CA PHE A 97 -1.69 -2.98 5.50
C PHE A 97 -1.45 -4.22 4.63
N VAL A 98 -2.37 -4.51 3.72
CA VAL A 98 -2.19 -5.41 2.58
C VAL A 98 -2.61 -4.67 1.31
N ILE A 99 -1.83 -4.76 0.23
CA ILE A 99 -2.15 -4.14 -1.06
C ILE A 99 -2.03 -5.14 -2.22
N ARG A 100 -2.78 -4.88 -3.30
CA ARG A 100 -2.80 -5.70 -4.53
C ARG A 100 -1.93 -5.04 -5.62
N ILE A 101 -0.65 -5.39 -5.66
CA ILE A 101 0.34 -4.87 -6.63
C ILE A 101 0.29 -5.60 -7.97
N GLN A 102 0.86 -4.99 -9.02
CA GLN A 102 1.54 -5.76 -10.07
C GLN A 102 2.94 -6.18 -9.61
N ASP A 103 3.33 -7.43 -9.91
CA ASP A 103 4.61 -7.99 -9.46
C ASP A 103 5.80 -7.68 -10.40
N GLY A 104 5.56 -6.85 -11.42
CA GLY A 104 6.57 -6.36 -12.38
C GLY A 104 6.93 -7.33 -13.52
N THR A 105 6.19 -8.44 -13.64
CA THR A 105 6.48 -9.55 -14.58
C THR A 105 5.31 -9.88 -15.53
N GLY A 106 4.32 -9.00 -15.62
CA GLY A 106 3.08 -9.19 -16.39
C GLY A 106 1.94 -9.82 -15.58
N ARG A 107 2.06 -9.83 -14.24
CA ARG A 107 1.13 -10.45 -13.28
C ARG A 107 0.80 -9.52 -12.10
N SER A 108 -0.09 -9.97 -11.22
CA SER A 108 -0.38 -9.31 -9.93
C SER A 108 -0.20 -10.23 -8.72
N ALA A 109 0.03 -9.61 -7.55
CA ALA A 109 0.30 -10.26 -6.27
C ALA A 109 -0.26 -9.44 -5.11
N PHE A 110 -0.61 -10.10 -4.00
CA PHE A 110 -0.86 -9.44 -2.72
C PHE A 110 0.42 -9.39 -1.89
N ILE A 111 0.72 -8.21 -1.34
CA ILE A 111 1.76 -8.03 -0.31
C ILE A 111 1.17 -7.38 0.93
N GLY A 112 1.62 -7.84 2.09
CA GLY A 112 1.54 -7.09 3.33
C GLY A 112 2.59 -5.98 3.35
N ILE A 113 2.29 -4.90 4.06
CA ILE A 113 3.22 -3.81 4.33
C ILE A 113 3.25 -3.59 5.84
N GLY A 114 4.42 -3.27 6.40
CA GLY A 114 4.59 -2.78 7.77
C GLY A 114 5.45 -1.50 7.80
N PHE A 115 4.97 -0.49 8.53
CA PHE A 115 5.71 0.76 8.74
C PHE A 115 6.49 0.76 10.06
N THR A 116 7.52 1.60 10.10
CA THR A 116 8.38 1.80 11.27
C THR A 116 7.69 2.62 12.37
N ASP A 117 6.76 3.50 11.99
CA ASP A 117 5.94 4.31 12.89
C ASP A 117 4.42 4.15 12.63
N ARG A 118 3.61 4.16 13.69
CA ARG A 118 2.13 4.15 13.62
C ARG A 118 1.57 5.38 12.90
N GLY A 119 2.19 6.55 13.07
CA GLY A 119 1.81 7.77 12.35
C GLY A 119 2.13 7.71 10.85
N ASP A 120 3.23 7.05 10.46
CA ASP A 120 3.59 6.86 9.06
C ASP A 120 2.57 5.98 8.31
N ALA A 121 2.11 4.90 8.95
CA ALA A 121 1.05 4.04 8.42
C ALA A 121 -0.35 4.69 8.50
N PHE A 122 -0.68 5.40 9.57
CA PHE A 122 -1.97 6.10 9.66
C PHE A 122 -2.11 7.17 8.56
N ASP A 123 -1.00 7.78 8.14
CA ASP A 123 -0.95 8.76 7.06
C ASP A 123 -0.96 8.09 5.67
N PHE A 124 -0.49 6.84 5.53
CA PHE A 124 -0.72 6.02 4.34
C PHE A 124 -2.23 5.85 4.09
N ASN A 125 -3.00 5.58 5.15
CA ASN A 125 -4.46 5.52 5.12
C ASN A 125 -5.10 6.89 4.82
N VAL A 126 -4.70 7.96 5.53
CA VAL A 126 -5.32 9.29 5.36
C VAL A 126 -5.03 9.88 3.97
N SER A 127 -3.87 9.57 3.38
CA SER A 127 -3.55 9.91 1.98
C SER A 127 -4.55 9.32 0.97
N LEU A 128 -5.24 8.23 1.31
CA LEU A 128 -6.31 7.64 0.49
C LEU A 128 -7.71 8.10 0.94
N GLN A 129 -7.95 8.32 2.24
CA GLN A 129 -9.20 8.93 2.70
C GLN A 129 -9.46 10.28 2.02
N ASP A 130 -8.50 11.21 2.08
CA ASP A 130 -8.62 12.54 1.48
C ASP A 130 -8.45 12.54 -0.05
N HIS A 131 -8.07 11.41 -0.65
CA HIS A 131 -8.04 11.23 -2.10
C HIS A 131 -9.41 10.79 -2.64
N PHE A 132 -10.10 9.89 -1.93
CA PHE A 132 -11.46 9.46 -2.31
C PHE A 132 -12.59 10.34 -1.76
N LYS A 133 -12.33 11.23 -0.78
CA LYS A 133 -13.37 12.09 -0.17
C LYS A 133 -14.08 13.04 -1.16
N TRP A 134 -13.41 13.43 -2.25
CA TRP A 134 -13.91 14.38 -3.26
C TRP A 134 -14.40 13.72 -4.57
N VAL A 135 -14.41 12.38 -4.63
CA VAL A 135 -14.83 11.55 -5.79
C VAL A 135 -15.85 10.48 -5.35
N LYS A 136 -16.16 9.50 -6.23
CA LYS A 136 -17.07 8.36 -6.00
C LYS A 136 -18.54 8.71 -5.74
N GLN A 137 -18.92 9.95 -6.03
CA GLN A 137 -20.26 10.53 -5.85
C GLN A 137 -20.83 10.40 -4.42
N GLU A 138 -19.97 10.27 -3.40
CA GLU A 138 -20.35 10.26 -1.98
C GLU A 138 -20.40 11.65 -1.33
N SER B 1 11.80 -8.01 27.38
CA SER B 1 10.51 -8.43 26.77
C SER B 1 10.65 -8.77 25.29
N GLN B 2 10.89 -7.78 24.41
CA GLN B 2 11.09 -7.96 22.95
C GLN B 2 9.95 -8.73 22.25
N ILE B 3 8.70 -8.44 22.62
CA ILE B 3 7.49 -9.06 22.05
C ILE B 3 7.17 -8.40 20.68
N THR B 4 6.79 -9.21 19.69
CA THR B 4 6.44 -8.75 18.33
C THR B 4 5.12 -7.97 18.29
N SER B 5 5.03 -6.98 17.40
CA SER B 5 3.97 -5.97 17.34
C SER B 5 2.69 -6.41 16.61
N GLN B 6 2.18 -7.57 16.99
CA GLN B 6 0.93 -8.21 16.50
C GLN B 6 -0.25 -7.21 16.36
N VAL B 7 -1.11 -7.38 15.34
CA VAL B 7 -2.22 -6.45 15.07
C VAL B 7 -3.15 -6.38 16.30
N GLY B 9 -6.73 -5.43 17.93
CA GLY B 9 -8.09 -5.78 17.51
C GLY B 9 -9.14 -5.79 18.63
N GLN B 10 -8.71 -5.86 19.90
CA GLN B 10 -9.61 -5.75 21.07
C GLN B 10 -10.27 -4.37 21.24
N ILE B 11 -9.71 -3.33 20.61
CA ILE B 11 -10.24 -1.95 20.60
C ILE B 11 -10.47 -1.40 19.18
N GLY B 12 -9.62 -1.79 18.22
CA GLY B 12 -9.79 -1.48 16.79
C GLY B 12 -9.48 -0.02 16.42
N TRP B 13 -8.53 0.59 17.13
CA TRP B 13 -8.23 2.02 17.12
C TRP B 13 -7.16 2.41 16.09
N ARG B 14 -6.32 3.38 16.44
CA ARG B 14 -5.67 4.34 15.53
C ARG B 14 -4.18 4.51 15.85
N ARG B 15 -3.56 5.60 15.36
CA ARG B 15 -2.22 6.07 15.75
C ARG B 15 -2.09 6.38 17.25
N GLY A 1 10.73 8.20 -36.91
CA GLY A 1 9.50 7.99 -37.70
C GLY A 1 8.25 8.04 -36.85
N SER A 2 7.08 8.20 -37.49
CA SER A 2 5.77 8.28 -36.82
C SER A 2 5.35 6.96 -36.15
N PRO A 3 4.58 7.00 -35.03
CA PRO A 3 4.12 5.79 -34.34
C PRO A 3 3.05 5.03 -35.14
N ASN A 4 2.95 3.72 -34.87
CA ASN A 4 1.93 2.84 -35.48
C ASN A 4 0.51 3.10 -34.96
N SER A 5 0.40 3.50 -33.69
CA SER A 5 -0.84 3.50 -32.89
C SER A 5 -1.07 4.82 -32.15
N MET A 6 -2.25 5.00 -31.56
CA MET A 6 -2.67 6.19 -30.82
C MET A 6 -2.02 6.25 -29.43
N ALA A 7 -0.73 6.58 -29.41
CA ALA A 7 0.14 6.59 -28.22
C ALA A 7 -0.15 7.73 -27.21
N THR A 8 -1.01 8.68 -27.56
CA THR A 8 -1.37 9.87 -26.75
C THR A 8 -2.42 9.56 -25.68
N GLU A 9 -2.06 8.61 -24.81
CA GLU A 9 -2.87 8.14 -23.67
C GLU A 9 -2.70 9.03 -22.41
N LEU A 10 -3.46 8.72 -21.35
CA LEU A 10 -3.28 9.30 -20.02
C LEU A 10 -2.16 8.54 -19.29
N GLU A 11 -0.91 8.98 -19.51
CA GLU A 11 0.30 8.37 -18.95
C GLU A 11 1.00 9.31 -17.93
N TYR A 12 0.32 9.56 -16.81
CA TYR A 12 0.83 10.36 -15.69
C TYR A 12 0.40 9.82 -14.34
N GLU A 13 0.81 10.52 -13.28
CA GLU A 13 0.33 10.40 -11.91
C GLU A 13 0.81 11.64 -11.12
N SER A 14 -0.09 12.23 -10.34
CA SER A 14 0.19 13.38 -9.48
C SER A 14 0.61 12.93 -8.08
N VAL A 15 1.66 13.50 -7.49
CA VAL A 15 2.12 13.06 -6.15
C VAL A 15 1.17 13.47 -5.03
N LEU A 16 0.87 12.54 -4.12
CA LEU A 16 0.02 12.75 -2.94
C LEU A 16 0.82 12.63 -1.62
N CYS A 17 1.68 11.61 -1.51
CA CYS A 17 2.46 11.35 -0.30
C CYS A 17 3.83 10.73 -0.58
N VAL A 18 4.76 10.95 0.35
CA VAL A 18 6.07 10.30 0.44
C VAL A 18 6.36 9.99 1.91
N LYS A 19 6.79 8.75 2.20
CA LYS A 19 7.29 8.35 3.54
C LYS A 19 8.69 7.73 3.51
N PRO A 20 9.56 8.07 4.49
CA PRO A 20 11.01 7.92 4.40
C PRO A 20 11.51 6.47 4.50
N ASP A 21 10.83 5.61 5.25
CA ASP A 21 11.20 4.20 5.45
C ASP A 21 9.95 3.31 5.56
N VAL A 22 9.94 2.18 4.85
CA VAL A 22 8.82 1.23 4.77
C VAL A 22 9.36 -0.18 4.48
N SER A 23 8.74 -1.19 5.07
CA SER A 23 9.14 -2.60 4.92
C SER A 23 7.98 -3.44 4.36
N VAL A 24 8.31 -4.44 3.55
CA VAL A 24 7.34 -5.28 2.81
C VAL A 24 7.49 -6.75 3.17
N TYR A 25 6.35 -7.41 3.23
CA TYR A 25 6.15 -8.77 3.74
C TYR A 25 5.22 -9.54 2.77
N ARG A 26 5.76 -10.15 1.70
CA ARG A 26 5.01 -11.03 0.78
C ARG A 26 4.18 -12.10 1.53
N ILE A 27 2.90 -12.30 1.15
CA ILE A 27 1.94 -13.12 1.92
C ILE A 27 1.36 -14.33 1.15
N PRO A 28 1.11 -15.48 1.83
CA PRO A 28 0.37 -16.60 1.26
C PRO A 28 -1.18 -16.43 1.13
N PRO A 29 -1.93 -16.00 2.17
CA PRO A 29 -3.39 -16.09 2.18
C PRO A 29 -4.09 -14.94 1.42
N ARG A 30 -5.42 -15.05 1.25
CA ARG A 30 -6.29 -14.08 0.54
C ARG A 30 -7.48 -13.56 1.34
N ALA A 31 -8.09 -14.38 2.20
CA ALA A 31 -9.33 -14.02 2.89
C ALA A 31 -9.58 -14.85 4.16
N SER A 32 -9.32 -14.22 5.32
CA SER A 32 -9.97 -14.51 6.61
C SER A 32 -11.23 -13.65 6.76
N ASN A 33 -12.10 -13.96 7.74
CA ASN A 33 -13.24 -13.12 8.07
C ASN A 33 -12.81 -11.81 8.76
N ARG A 34 -11.59 -11.76 9.31
CA ARG A 34 -10.96 -10.54 9.86
C ARG A 34 -10.20 -9.73 8.79
N GLY A 35 -9.90 -10.36 7.65
CA GLY A 35 -9.17 -9.77 6.54
C GLY A 35 -7.97 -10.64 6.12
N TYR A 36 -6.76 -10.24 6.52
CA TYR A 36 -5.50 -10.94 6.21
C TYR A 36 -4.66 -11.32 7.44
N ARG A 37 -4.75 -10.55 8.53
CA ARG A 37 -3.95 -10.57 9.76
C ARG A 37 -2.43 -10.70 9.56
N ALA A 38 -1.67 -9.62 9.76
CA ALA A 38 -0.19 -9.64 9.79
C ALA A 38 0.38 -10.73 10.72
N SER A 39 -0.34 -10.98 11.82
CA SER A 39 -0.06 -12.01 12.82
C SER A 39 -0.20 -13.47 12.31
N ASP A 40 -0.83 -13.69 11.15
CA ASP A 40 -0.97 -15.02 10.50
C ASP A 40 0.24 -15.38 9.62
N TRP A 41 0.86 -14.37 9.01
CA TRP A 41 2.09 -14.44 8.20
C TRP A 41 3.27 -13.80 8.98
N LYS A 42 4.29 -13.30 8.27
CA LYS A 42 5.45 -12.62 8.87
C LYS A 42 5.07 -11.21 9.32
N LEU A 43 4.90 -11.14 10.64
CA LEU A 43 4.58 -9.97 11.44
C LEU A 43 5.80 -9.07 11.70
N ASP A 44 7.00 -9.66 11.74
CA ASP A 44 8.25 -9.05 12.23
C ASP A 44 9.48 -9.34 11.35
N GLN A 45 9.32 -10.11 10.26
CA GLN A 45 10.40 -10.61 9.40
C GLN A 45 10.23 -10.11 7.94
N PRO A 46 10.76 -8.93 7.58
CA PRO A 46 10.56 -8.34 6.26
C PRO A 46 11.36 -9.05 5.15
N ASP A 47 10.87 -8.92 3.92
CA ASP A 47 11.45 -9.49 2.70
C ASP A 47 12.12 -8.42 1.81
N TRP A 48 11.64 -7.17 1.89
CA TRP A 48 12.21 -5.99 1.23
C TRP A 48 11.99 -4.75 2.12
N THR A 49 12.89 -3.76 2.04
CA THR A 49 12.64 -2.42 2.59
C THR A 49 13.13 -1.33 1.63
N GLY A 50 12.54 -0.15 1.77
CA GLY A 50 12.79 0.99 0.89
C GLY A 50 12.07 2.24 1.38
N ARG A 51 11.45 2.94 0.44
CA ARG A 51 10.77 4.24 0.57
C ARG A 51 9.38 4.16 -0.07
N LEU A 52 8.39 4.84 0.52
CA LEU A 52 7.03 4.92 -0.01
C LEU A 52 6.87 6.18 -0.86
N ARG A 53 6.23 6.07 -2.03
CA ARG A 53 5.40 7.14 -2.58
C ARG A 53 3.96 6.69 -2.86
N ILE A 54 3.05 7.63 -2.73
CA ILE A 54 1.65 7.51 -3.14
C ILE A 54 1.36 8.62 -4.13
N THR A 55 0.76 8.25 -5.26
CA THR A 55 0.44 9.13 -6.37
C THR A 55 -1.01 8.90 -6.85
N SER A 56 -1.53 9.74 -7.74
CA SER A 56 -2.86 9.57 -8.34
C SER A 56 -2.96 10.17 -9.73
N LYS A 57 -3.35 9.37 -10.71
CA LYS A 57 -3.75 9.81 -12.06
C LYS A 57 -5.26 10.10 -12.08
N GLY A 58 -5.64 11.16 -11.38
CA GLY A 58 -7.02 11.61 -11.17
C GLY A 58 -7.73 10.80 -10.08
N LYS A 59 -8.89 10.21 -10.40
CA LYS A 59 -9.73 9.37 -9.52
C LYS A 59 -9.15 7.97 -9.22
N THR A 60 -7.89 7.76 -9.58
CA THR A 60 -7.16 6.51 -9.34
C THR A 60 -5.86 6.80 -8.61
N ALA A 61 -5.68 6.27 -7.40
CA ALA A 61 -4.42 6.30 -6.66
C ALA A 61 -3.50 5.14 -7.07
N TYR A 62 -2.19 5.27 -6.84
CA TYR A 62 -1.20 4.23 -7.08
C TYR A 62 -0.21 4.25 -5.92
N ILE A 63 -0.09 3.13 -5.23
CA ILE A 63 0.97 2.92 -4.23
C ILE A 63 2.23 2.52 -5.01
N LYS A 64 3.24 3.38 -5.05
CA LYS A 64 4.50 3.15 -5.78
C LYS A 64 5.69 3.06 -4.82
N LEU A 65 6.24 1.86 -4.68
CA LEU A 65 7.31 1.53 -3.72
C LEU A 65 8.69 1.69 -4.37
N GLU A 66 9.61 2.37 -3.68
CA GLU A 66 10.88 2.83 -4.23
C GLU A 66 12.08 2.31 -3.42
N ASP A 67 13.22 2.08 -4.05
CA ASP A 67 14.47 1.72 -3.38
C ASP A 67 15.05 2.96 -2.67
N LYS A 68 15.44 2.82 -1.39
CA LYS A 68 15.89 3.95 -0.56
C LYS A 68 17.30 4.49 -0.89
N VAL A 69 17.98 3.90 -1.88
CA VAL A 69 19.32 4.28 -2.36
C VAL A 69 19.25 4.99 -3.71
N SER A 70 18.35 4.56 -4.61
CA SER A 70 18.31 5.03 -6.00
C SER A 70 16.94 5.57 -6.46
N GLY A 71 15.89 5.43 -5.65
CA GLY A 71 14.51 5.80 -6.00
C GLY A 71 13.85 4.88 -7.04
N GLU A 72 14.45 3.72 -7.34
CA GLU A 72 14.00 2.80 -8.40
C GLU A 72 12.75 2.01 -7.97
N LEU A 73 11.87 1.72 -8.92
CA LEU A 73 10.57 1.09 -8.63
C LEU A 73 10.74 -0.39 -8.25
N PHE A 74 10.30 -0.74 -7.04
CA PHE A 74 10.19 -2.13 -6.55
C PHE A 74 8.87 -2.76 -7.00
N ALA A 75 7.74 -2.09 -6.73
CA ALA A 75 6.39 -2.53 -7.10
C ALA A 75 5.42 -1.34 -7.18
N GLN A 76 4.30 -1.54 -7.88
CA GLN A 76 3.19 -0.59 -7.91
C GLN A 76 1.82 -1.29 -7.84
N ALA A 77 0.90 -0.78 -7.02
CA ALA A 77 -0.49 -1.26 -6.89
C ALA A 77 -1.50 -0.15 -7.29
N PRO A 78 -2.36 -0.36 -8.30
CA PRO A 78 -3.41 0.61 -8.67
C PRO A 78 -4.65 0.48 -7.77
N VAL A 79 -5.08 1.57 -7.15
CA VAL A 79 -6.22 1.67 -6.23
C VAL A 79 -7.28 2.61 -6.81
N GLU A 80 -8.54 2.16 -6.91
CA GLU A 80 -9.67 3.00 -7.38
C GLU A 80 -10.84 3.06 -6.36
N GLN A 81 -10.64 2.50 -5.17
CA GLN A 81 -11.59 2.49 -4.05
C GLN A 81 -10.85 2.24 -2.72
N TYR A 82 -11.30 2.90 -1.64
CA TYR A 82 -10.77 2.69 -0.29
C TYR A 82 -11.89 2.62 0.78
N PRO A 83 -11.98 1.54 1.60
CA PRO A 83 -11.27 0.25 1.50
C PRO A 83 -11.51 -0.51 0.17
N GLY A 84 -10.63 -1.43 -0.18
CA GLY A 84 -10.75 -2.25 -1.39
C GLY A 84 -9.86 -3.50 -1.39
N ILE A 85 -9.58 -4.05 -2.58
CA ILE A 85 -8.63 -5.16 -2.78
C ILE A 85 -7.20 -4.67 -2.96
N ALA A 86 -7.02 -3.46 -3.51
CA ALA A 86 -5.71 -2.92 -3.81
C ALA A 86 -5.01 -2.28 -2.60
N VAL A 87 -5.77 -1.90 -1.57
CA VAL A 87 -5.28 -1.54 -0.24
C VAL A 87 -6.28 -2.00 0.85
N GLU A 88 -5.79 -2.67 1.88
CA GLU A 88 -6.56 -3.14 3.04
C GLU A 88 -5.76 -3.05 4.34
N THR A 89 -6.44 -2.91 5.49
CA THR A 89 -5.81 -2.95 6.82
C THR A 89 -6.04 -4.33 7.41
N VAL A 90 -5.07 -5.20 7.13
CA VAL A 90 -4.71 -6.44 7.86
C VAL A 90 -5.80 -7.08 8.72
N THR A 91 -6.09 -6.50 9.88
CA THR A 91 -7.37 -6.64 10.59
C THR A 91 -7.83 -5.30 11.16
N ASP A 92 -6.96 -4.66 11.96
CA ASP A 92 -7.31 -3.53 12.81
C ASP A 92 -6.14 -2.56 13.04
N SER A 93 -5.06 -3.00 13.69
CA SER A 93 -3.88 -2.15 13.98
C SER A 93 -3.15 -1.67 12.72
N SER A 94 -3.28 -0.38 12.41
CA SER A 94 -2.93 0.16 11.09
C SER A 94 -1.45 0.50 10.87
N ARG A 95 -0.52 -0.01 11.70
CA ARG A 95 0.93 -0.03 11.39
C ARG A 95 1.24 -0.89 10.15
N TYR A 96 0.38 -1.86 9.85
CA TYR A 96 0.45 -2.71 8.67
C TYR A 96 -0.70 -2.46 7.69
N PHE A 97 -0.49 -2.88 6.45
CA PHE A 97 -1.50 -2.96 5.39
C PHE A 97 -1.27 -4.20 4.52
N VAL A 98 -2.17 -4.46 3.58
CA VAL A 98 -1.99 -5.36 2.44
C VAL A 98 -2.34 -4.60 1.17
N ILE A 99 -1.53 -4.73 0.12
CA ILE A 99 -1.81 -4.14 -1.20
C ILE A 99 -1.65 -5.16 -2.33
N ARG A 100 -2.40 -4.95 -3.42
CA ARG A 100 -2.40 -5.80 -4.63
C ARG A 100 -1.57 -5.13 -5.73
N ILE A 101 -0.28 -5.48 -5.80
CA ILE A 101 0.69 -4.95 -6.78
C ILE A 101 0.62 -5.68 -8.13
N GLN A 102 1.11 -5.05 -9.20
CA GLN A 102 1.60 -5.79 -10.37
C GLN A 102 3.05 -6.24 -10.20
N ASP A 103 3.40 -7.40 -10.76
CA ASP A 103 4.77 -7.96 -10.67
C ASP A 103 5.71 -7.49 -11.80
N GLY A 104 5.21 -6.66 -12.71
CA GLY A 104 5.97 -6.10 -13.86
C GLY A 104 6.13 -7.05 -15.05
N THR A 105 5.41 -8.17 -15.07
CA THR A 105 5.48 -9.23 -16.11
C THR A 105 4.10 -9.82 -16.41
N GLY A 106 3.14 -8.93 -16.73
CA GLY A 106 1.80 -9.26 -17.22
C GLY A 106 0.84 -9.80 -16.14
N ARG A 107 1.18 -9.61 -14.86
CA ARG A 107 0.59 -10.33 -13.72
C ARG A 107 0.57 -9.50 -12.43
N SER A 108 -0.01 -10.05 -11.37
CA SER A 108 -0.16 -9.37 -10.06
C SER A 108 0.04 -10.29 -8.85
N ALA A 109 0.31 -9.68 -7.69
CA ALA A 109 0.61 -10.33 -6.42
C ALA A 109 0.08 -9.52 -5.22
N PHE A 110 -0.22 -10.21 -4.13
CA PHE A 110 -0.52 -9.59 -2.82
C PHE A 110 0.74 -9.51 -1.96
N ILE A 111 0.99 -8.34 -1.37
CA ILE A 111 2.01 -8.13 -0.34
C ILE A 111 1.41 -7.47 0.90
N GLY A 112 1.88 -7.89 2.07
CA GLY A 112 1.75 -7.14 3.30
C GLY A 112 2.78 -6.01 3.34
N ILE A 113 2.46 -4.93 4.04
CA ILE A 113 3.36 -3.82 4.34
C ILE A 113 3.41 -3.65 5.86
N GLY A 114 4.56 -3.28 6.41
CA GLY A 114 4.72 -2.83 7.80
C GLY A 114 5.67 -1.63 7.89
N PHE A 115 5.24 -0.58 8.58
CA PHE A 115 5.98 0.69 8.67
C PHE A 115 6.97 0.76 9.84
N THR A 116 7.86 1.74 9.77
CA THR A 116 8.80 2.08 10.86
C THR A 116 8.09 2.76 12.05
N ASP A 117 6.95 3.41 11.80
CA ASP A 117 6.12 4.09 12.81
C ASP A 117 4.61 3.89 12.56
N ARG A 118 3.82 3.79 13.64
CA ARG A 118 2.34 3.74 13.59
C ARG A 118 1.76 4.99 12.91
N GLY A 119 2.32 6.16 13.17
CA GLY A 119 1.89 7.44 12.57
C GLY A 119 2.22 7.54 11.08
N ASP A 120 3.36 7.01 10.64
CA ASP A 120 3.73 6.96 9.22
C ASP A 120 2.77 6.06 8.41
N ALA A 121 2.27 5.00 9.05
CA ALA A 121 1.24 4.12 8.48
C ALA A 121 -0.18 4.72 8.56
N PHE A 122 -0.52 5.43 9.64
CA PHE A 122 -1.80 6.15 9.71
C PHE A 122 -1.89 7.26 8.65
N ASP A 123 -0.75 7.83 8.24
CA ASP A 123 -0.66 8.77 7.11
C ASP A 123 -0.77 8.04 5.76
N PHE A 124 -0.30 6.80 5.62
CA PHE A 124 -0.56 5.98 4.43
C PHE A 124 -2.07 5.77 4.22
N ASN A 125 -2.82 5.54 5.32
CA ASN A 125 -4.28 5.54 5.32
C ASN A 125 -4.87 6.91 4.93
N VAL A 126 -4.53 8.00 5.65
CA VAL A 126 -5.15 9.33 5.43
C VAL A 126 -4.87 9.87 4.02
N SER A 127 -3.71 9.56 3.43
CA SER A 127 -3.36 9.91 2.05
C SER A 127 -4.33 9.32 1.01
N LEU A 128 -5.01 8.22 1.34
CA LEU A 128 -6.03 7.58 0.51
C LEU A 128 -7.46 7.95 0.94
N GLN A 129 -7.71 8.16 2.25
CA GLN A 129 -9.01 8.67 2.72
C GLN A 129 -9.33 10.02 2.06
N ASP A 130 -8.41 10.99 2.14
CA ASP A 130 -8.52 12.33 1.52
C ASP A 130 -8.49 12.29 -0.01
N HIS A 131 -8.12 11.15 -0.62
CA HIS A 131 -8.16 10.95 -2.08
C HIS A 131 -9.52 10.48 -2.58
N PHE A 132 -10.26 9.68 -1.80
CA PHE A 132 -11.59 9.16 -2.18
C PHE A 132 -12.75 9.98 -1.58
N LYS A 133 -12.45 10.76 -0.55
CA LYS A 133 -13.31 11.75 0.14
C LYS A 133 -14.12 12.67 -0.80
N TRP A 134 -13.56 13.05 -1.94
CA TRP A 134 -14.15 13.99 -2.92
C TRP A 134 -14.58 13.35 -4.26
N VAL A 135 -14.54 12.01 -4.36
CA VAL A 135 -14.91 11.18 -5.53
C VAL A 135 -15.73 9.98 -5.05
N LYS A 136 -15.85 8.93 -5.88
CA LYS A 136 -16.48 7.63 -5.61
C LYS A 136 -18.00 7.61 -5.32
N GLN A 137 -18.58 8.79 -5.20
CA GLN A 137 -20.01 9.06 -4.96
C GLN A 137 -20.59 8.29 -3.75
N GLU A 138 -19.78 8.12 -2.70
CA GLU A 138 -20.09 7.38 -1.46
C GLU A 138 -19.67 8.16 -0.19
N SER B 1 14.88 -16.77 16.57
CA SER B 1 14.28 -15.81 17.51
C SER B 1 13.40 -14.80 16.78
N GLN B 2 12.21 -14.51 17.32
CA GLN B 2 11.16 -13.69 16.71
C GLN B 2 10.54 -12.73 17.74
N ILE B 3 9.95 -11.62 17.26
CA ILE B 3 9.36 -10.54 18.05
C ILE B 3 7.85 -10.46 17.77
N THR B 4 7.04 -10.27 18.81
CA THR B 4 5.57 -10.08 18.69
C THR B 4 5.16 -8.61 18.84
N SER B 5 4.44 -8.13 17.82
CA SER B 5 3.92 -6.74 17.69
C SER B 5 2.54 -6.72 17.03
N GLN B 6 1.70 -7.66 17.47
CA GLN B 6 0.51 -8.16 16.76
C GLN B 6 -0.45 -7.06 16.25
N VAL B 7 -1.07 -7.32 15.08
CA VAL B 7 -2.29 -6.63 14.69
C VAL B 7 -3.47 -7.20 15.52
N GLY B 9 -7.22 -7.97 17.56
CA GLY B 9 -8.42 -8.80 17.44
C GLY B 9 -9.61 -8.28 18.28
N GLN B 10 -9.39 -7.53 19.36
CA GLN B 10 -10.43 -7.24 20.36
C GLN B 10 -10.71 -5.76 20.67
N ILE B 11 -9.74 -4.84 20.53
CA ILE B 11 -9.97 -3.41 20.87
C ILE B 11 -10.74 -2.66 19.78
N GLY B 12 -10.52 -3.02 18.50
CA GLY B 12 -11.29 -2.51 17.36
C GLY B 12 -11.05 -1.02 17.10
N TRP B 13 -9.77 -0.61 17.05
CA TRP B 13 -9.29 0.75 16.97
C TRP B 13 -8.79 1.08 15.56
N ARG B 14 -8.08 2.21 15.46
CA ARG B 14 -7.20 2.54 14.34
C ARG B 14 -7.89 2.57 12.94
N ARG B 15 -9.14 3.04 12.92
CA ARG B 15 -10.04 3.18 11.75
C ARG B 15 -10.18 1.89 10.91
N GLY A 1 -22.82 16.84 -31.48
CA GLY A 1 -21.83 15.88 -30.94
C GLY A 1 -20.93 16.51 -29.89
N SER A 2 -20.23 15.67 -29.11
CA SER A 2 -19.33 16.08 -28.02
C SER A 2 -18.12 15.13 -27.88
N PRO A 3 -16.97 15.58 -27.35
CA PRO A 3 -15.78 14.76 -27.15
C PRO A 3 -15.95 13.74 -26.00
N ASN A 4 -15.21 12.63 -26.07
CA ASN A 4 -15.21 11.57 -25.04
C ASN A 4 -14.23 11.91 -23.90
N SER A 5 -14.76 12.14 -22.69
CA SER A 5 -13.99 12.46 -21.48
C SER A 5 -13.06 11.33 -21.01
N MET A 6 -13.25 10.10 -21.48
CA MET A 6 -12.39 8.94 -21.17
C MET A 6 -11.22 8.78 -22.17
N ALA A 7 -11.26 9.47 -23.32
CA ALA A 7 -10.24 9.38 -24.37
C ALA A 7 -9.04 10.33 -24.17
N THR A 8 -9.19 11.36 -23.33
CA THR A 8 -8.18 12.42 -23.08
C THR A 8 -7.14 12.01 -22.02
N GLU A 9 -6.50 10.87 -22.29
CA GLU A 9 -5.41 10.29 -21.51
C GLU A 9 -4.06 10.90 -21.89
N LEU A 10 -3.21 11.15 -20.89
CA LEU A 10 -1.83 11.62 -21.01
C LEU A 10 -0.82 10.70 -20.27
N GLU A 11 -1.31 9.62 -19.66
CA GLU A 11 -0.55 8.62 -18.88
C GLU A 11 0.33 9.24 -17.77
N TYR A 12 -0.21 10.27 -17.09
CA TYR A 12 0.42 10.96 -15.97
C TYR A 12 0.04 10.42 -14.59
N GLU A 13 0.54 11.05 -13.54
CA GLU A 13 0.18 10.88 -12.14
C GLU A 13 0.81 12.00 -11.31
N SER A 14 0.00 12.68 -10.51
CA SER A 14 0.40 13.77 -9.62
C SER A 14 0.77 13.24 -8.23
N VAL A 15 1.92 13.62 -7.67
CA VAL A 15 2.38 13.09 -6.37
C VAL A 15 1.49 13.58 -5.22
N LEU A 16 1.15 12.69 -4.29
CA LEU A 16 0.33 12.94 -3.10
C LEU A 16 1.11 12.78 -1.79
N CYS A 17 1.92 11.72 -1.67
CA CYS A 17 2.66 11.40 -0.45
C CYS A 17 4.04 10.80 -0.75
N VAL A 18 4.96 11.00 0.19
CA VAL A 18 6.28 10.38 0.27
C VAL A 18 6.59 10.08 1.73
N LYS A 19 7.00 8.85 2.04
CA LYS A 19 7.43 8.45 3.40
C LYS A 19 8.87 7.89 3.45
N PRO A 20 9.64 8.24 4.51
CA PRO A 20 11.07 7.95 4.62
C PRO A 20 11.40 6.48 4.92
N ASP A 21 10.41 5.68 5.29
CA ASP A 21 10.53 4.23 5.50
C ASP A 21 9.28 3.51 4.98
N VAL A 22 9.45 2.26 4.55
CA VAL A 22 8.38 1.27 4.36
C VAL A 22 9.01 -0.13 4.29
N SER A 23 8.47 -1.08 5.05
CA SER A 23 8.94 -2.48 5.06
C SER A 23 7.85 -3.43 4.55
N VAL A 24 8.24 -4.44 3.76
CA VAL A 24 7.33 -5.36 3.06
C VAL A 24 7.61 -6.81 3.45
N TYR A 25 6.53 -7.55 3.74
CA TYR A 25 6.56 -8.82 4.47
C TYR A 25 6.10 -10.06 3.67
N ARG A 26 5.71 -9.87 2.40
CA ARG A 26 5.42 -10.90 1.36
C ARG A 26 4.63 -12.13 1.86
N ILE A 27 3.30 -12.04 1.77
CA ILE A 27 2.34 -12.87 2.51
C ILE A 27 1.84 -14.10 1.69
N PRO A 28 1.56 -15.24 2.36
CA PRO A 28 0.95 -16.41 1.71
C PRO A 28 -0.56 -16.31 1.35
N PRO A 29 -1.48 -15.81 2.22
CA PRO A 29 -2.91 -15.85 1.96
C PRO A 29 -3.42 -14.69 1.07
N ARG A 30 -4.63 -14.86 0.51
CA ARG A 30 -5.42 -13.82 -0.16
C ARG A 30 -6.68 -13.37 0.58
N ALA A 31 -7.27 -14.26 1.38
CA ALA A 31 -8.57 -14.01 2.03
C ALA A 31 -8.81 -15.00 3.18
N SER A 32 -8.64 -14.50 4.40
CA SER A 32 -9.18 -15.10 5.63
C SER A 32 -10.53 -14.48 5.98
N ASN A 33 -11.29 -15.17 6.84
CA ASN A 33 -12.60 -14.78 7.36
C ASN A 33 -12.66 -13.40 8.06
N ARG A 34 -11.51 -12.88 8.54
CA ARG A 34 -11.38 -11.53 9.15
C ARG A 34 -10.70 -10.50 8.24
N GLY A 35 -10.20 -10.93 7.09
CA GLY A 35 -9.37 -10.15 6.17
C GLY A 35 -8.05 -10.86 5.88
N TYR A 36 -6.95 -10.39 6.45
CA TYR A 36 -5.61 -10.97 6.27
C TYR A 36 -4.88 -11.35 7.56
N ARG A 37 -5.11 -10.61 8.65
CA ARG A 37 -4.42 -10.59 9.94
C ARG A 37 -2.89 -10.69 9.86
N ALA A 38 -2.16 -9.60 10.14
CA ALA A 38 -0.69 -9.61 10.18
C ALA A 38 -0.12 -10.74 11.08
N SER A 39 -0.80 -10.99 12.20
CA SER A 39 -0.53 -12.08 13.16
C SER A 39 -0.56 -13.50 12.56
N ASP A 40 -1.19 -13.69 11.38
CA ASP A 40 -1.24 -14.98 10.66
C ASP A 40 0.04 -15.26 9.84
N TRP A 41 0.81 -14.21 9.51
CA TRP A 41 2.03 -14.25 8.71
C TRP A 41 3.18 -13.50 9.43
N LYS A 42 4.23 -13.10 8.70
CA LYS A 42 5.36 -12.32 9.23
C LYS A 42 4.95 -10.88 9.52
N LEU A 43 4.75 -10.54 10.81
CA LEU A 43 4.53 -9.16 11.28
C LEU A 43 5.79 -8.48 11.85
N ASP A 44 6.91 -9.19 11.91
CA ASP A 44 8.18 -8.75 12.55
C ASP A 44 9.43 -9.00 11.69
N GLN A 45 9.32 -9.74 10.57
CA GLN A 45 10.41 -10.14 9.68
C GLN A 45 10.14 -9.75 8.21
N PRO A 46 10.58 -8.56 7.75
CA PRO A 46 10.38 -8.14 6.36
C PRO A 46 11.34 -8.87 5.39
N ASP A 47 10.95 -8.94 4.11
CA ASP A 47 11.74 -9.51 3.02
C ASP A 47 12.36 -8.42 2.11
N TRP A 48 11.77 -7.21 2.10
CA TRP A 48 12.28 -6.01 1.45
C TRP A 48 11.95 -4.76 2.27
N THR A 49 12.81 -3.75 2.26
CA THR A 49 12.54 -2.42 2.82
C THR A 49 13.08 -1.31 1.93
N GLY A 50 12.48 -0.13 2.02
CA GLY A 50 12.84 1.02 1.21
C GLY A 50 12.06 2.29 1.56
N ARG A 51 11.54 2.94 0.53
CA ARG A 51 10.90 4.27 0.54
C ARG A 51 9.54 4.23 -0.17
N LEU A 52 8.58 5.03 0.29
CA LEU A 52 7.23 5.09 -0.26
C LEU A 52 7.06 6.29 -1.21
N ARG A 53 6.34 6.09 -2.32
CA ARG A 53 5.66 7.15 -3.07
C ARG A 53 4.18 6.81 -3.24
N ILE A 54 3.31 7.80 -3.08
CA ILE A 54 1.90 7.72 -3.48
C ILE A 54 1.61 8.87 -4.43
N THR A 55 0.93 8.56 -5.53
CA THR A 55 0.54 9.50 -6.60
C THR A 55 -0.94 9.33 -6.94
N SER A 56 -1.51 10.20 -7.79
CA SER A 56 -2.84 10.06 -8.37
C SER A 56 -2.95 10.76 -9.71
N LYS A 57 -3.43 10.04 -10.72
CA LYS A 57 -3.80 10.59 -12.03
C LYS A 57 -5.22 11.18 -12.04
N GLY A 58 -6.11 10.65 -11.21
CA GLY A 58 -7.51 11.09 -11.10
C GLY A 58 -8.22 10.33 -9.98
N LYS A 59 -9.31 9.63 -10.30
CA LYS A 59 -9.95 8.63 -9.42
C LYS A 59 -9.04 7.46 -9.05
N THR A 60 -7.97 7.25 -9.80
CA THR A 60 -6.93 6.28 -9.50
C THR A 60 -5.72 6.93 -8.83
N ALA A 61 -5.35 6.39 -7.67
CA ALA A 61 -4.04 6.57 -7.05
C ALA A 61 -3.13 5.38 -7.36
N TYR A 62 -1.81 5.54 -7.21
CA TYR A 62 -0.85 4.48 -7.47
C TYR A 62 0.11 4.45 -6.28
N ILE A 63 0.11 3.32 -5.56
CA ILE A 63 1.14 3.04 -4.56
C ILE A 63 2.39 2.62 -5.34
N LYS A 64 3.46 3.39 -5.24
CA LYS A 64 4.79 3.09 -5.81
C LYS A 64 5.80 2.85 -4.68
N LEU A 65 6.48 1.71 -4.68
CA LEU A 65 7.52 1.37 -3.70
C LEU A 65 8.90 1.53 -4.32
N GLU A 66 9.78 2.27 -3.66
CA GLU A 66 11.06 2.75 -4.20
C GLU A 66 12.26 2.25 -3.37
N ASP A 67 13.41 2.03 -4.02
CA ASP A 67 14.66 1.71 -3.35
C ASP A 67 15.16 2.91 -2.53
N LYS A 68 15.75 2.66 -1.36
CA LYS A 68 16.05 3.69 -0.34
C LYS A 68 17.20 4.63 -0.74
N VAL A 69 17.93 4.29 -1.81
CA VAL A 69 19.11 5.02 -2.28
C VAL A 69 19.11 5.29 -3.78
N SER A 70 18.48 4.42 -4.59
CA SER A 70 18.44 4.57 -6.05
C SER A 70 17.09 5.11 -6.55
N GLY A 71 16.05 5.10 -5.69
CA GLY A 71 14.68 5.47 -6.05
C GLY A 71 14.00 4.51 -7.04
N GLU A 72 14.62 3.36 -7.33
CA GLU A 72 14.15 2.39 -8.34
C GLU A 72 12.93 1.60 -7.87
N LEU A 73 12.03 1.25 -8.80
CA LEU A 73 10.74 0.64 -8.47
C LEU A 73 10.88 -0.83 -8.02
N PHE A 74 10.45 -1.12 -6.80
CA PHE A 74 10.29 -2.48 -6.25
C PHE A 74 8.97 -3.12 -6.71
N ALA A 75 7.86 -2.39 -6.53
CA ALA A 75 6.52 -2.78 -6.96
C ALA A 75 5.60 -1.56 -7.10
N GLN A 76 4.45 -1.73 -7.76
CA GLN A 76 3.36 -0.76 -7.71
C GLN A 76 1.96 -1.40 -7.71
N ALA A 77 1.01 -0.75 -7.04
CA ALA A 77 -0.39 -1.15 -6.95
C ALA A 77 -1.32 0.03 -7.34
N PRO A 78 -2.11 -0.06 -8.44
CA PRO A 78 -3.13 0.94 -8.78
C PRO A 78 -4.41 0.76 -7.94
N VAL A 79 -4.99 1.83 -7.40
CA VAL A 79 -6.20 1.82 -6.57
C VAL A 79 -7.27 2.77 -7.10
N GLU A 80 -8.50 2.27 -7.27
CA GLU A 80 -9.64 3.05 -7.75
C GLU A 80 -10.79 3.15 -6.72
N GLN A 81 -10.62 2.55 -5.53
CA GLN A 81 -11.54 2.61 -4.40
C GLN A 81 -10.81 2.31 -3.07
N TYR A 82 -11.13 3.03 -2.00
CA TYR A 82 -10.63 2.78 -0.64
C TYR A 82 -11.77 2.78 0.40
N PRO A 83 -11.89 1.75 1.29
CA PRO A 83 -11.17 0.47 1.27
C PRO A 83 -11.44 -0.36 0.00
N GLY A 84 -10.52 -1.26 -0.35
CA GLY A 84 -10.63 -2.16 -1.49
C GLY A 84 -9.61 -3.30 -1.47
N ILE A 85 -9.40 -3.95 -2.62
CA ILE A 85 -8.43 -5.06 -2.77
C ILE A 85 -7.01 -4.53 -3.03
N ALA A 86 -6.89 -3.29 -3.53
CA ALA A 86 -5.61 -2.66 -3.79
C ALA A 86 -4.98 -2.03 -2.54
N VAL A 87 -5.73 -1.84 -1.46
CA VAL A 87 -5.23 -1.44 -0.13
C VAL A 87 -6.26 -1.76 0.96
N GLU A 88 -5.82 -2.53 1.95
CA GLU A 88 -6.63 -3.05 3.06
C GLU A 88 -5.86 -2.98 4.40
N THR A 89 -6.55 -2.84 5.52
CA THR A 89 -5.98 -2.95 6.86
C THR A 89 -6.24 -4.35 7.37
N VAL A 90 -5.21 -5.18 7.19
CA VAL A 90 -4.91 -6.46 7.87
C VAL A 90 -6.05 -7.08 8.70
N THR A 91 -6.36 -6.47 9.85
CA THR A 91 -7.65 -6.53 10.55
C THR A 91 -7.97 -5.19 11.22
N ASP A 92 -7.04 -4.68 12.04
CA ASP A 92 -7.33 -3.64 13.04
C ASP A 92 -6.16 -2.67 13.33
N SER A 93 -4.98 -3.13 13.77
CA SER A 93 -3.77 -2.27 13.80
C SER A 93 -3.46 -1.70 12.41
N SER A 94 -3.42 -0.38 12.36
CA SER A 94 -3.12 0.41 11.17
C SER A 94 -1.65 0.87 11.18
N ARG A 95 -0.76 0.04 11.77
CA ARG A 95 0.69 0.02 11.50
C ARG A 95 1.03 -0.80 10.25
N TYR A 96 0.12 -1.71 9.86
CA TYR A 96 0.24 -2.59 8.69
C TYR A 96 -0.87 -2.37 7.67
N PHE A 97 -0.61 -2.81 6.44
CA PHE A 97 -1.59 -2.90 5.34
C PHE A 97 -1.35 -4.14 4.49
N VAL A 98 -2.25 -4.41 3.55
CA VAL A 98 -2.04 -5.31 2.42
C VAL A 98 -2.44 -4.59 1.14
N ILE A 99 -1.61 -4.64 0.10
CA ILE A 99 -1.91 -4.09 -1.23
C ILE A 99 -1.74 -5.18 -2.29
N ARG A 100 -2.60 -5.19 -3.33
CA ARG A 100 -2.38 -6.02 -4.53
C ARG A 100 -1.57 -5.23 -5.55
N ILE A 101 -0.35 -5.67 -5.83
CA ILE A 101 0.57 -5.08 -6.81
C ILE A 101 0.47 -5.77 -8.17
N GLN A 102 0.90 -5.10 -9.23
CA GLN A 102 1.28 -5.75 -10.50
C GLN A 102 2.70 -6.35 -10.37
N ASP A 103 2.94 -7.53 -10.95
CA ASP A 103 4.29 -8.10 -11.08
C ASP A 103 5.01 -7.63 -12.37
N GLY A 104 4.34 -6.81 -13.20
CA GLY A 104 4.89 -6.20 -14.41
C GLY A 104 4.95 -7.11 -15.65
N THR A 105 4.25 -8.25 -15.62
CA THR A 105 4.22 -9.26 -16.71
C THR A 105 2.81 -9.78 -17.03
N GLY A 106 1.79 -8.95 -16.80
CA GLY A 106 0.37 -9.25 -17.07
C GLY A 106 -0.34 -9.96 -15.91
N ARG A 107 0.24 -9.89 -14.70
CA ARG A 107 -0.20 -10.60 -13.49
C ARG A 107 -0.02 -9.79 -12.21
N SER A 108 -0.73 -10.16 -11.15
CA SER A 108 -0.74 -9.44 -9.86
C SER A 108 -0.44 -10.35 -8.67
N ALA A 109 0.05 -9.75 -7.58
CA ALA A 109 0.42 -10.41 -6.31
C ALA A 109 0.00 -9.58 -5.09
N PHE A 110 -0.30 -10.23 -3.96
CA PHE A 110 -0.57 -9.55 -2.70
C PHE A 110 0.71 -9.42 -1.86
N ILE A 111 0.99 -8.21 -1.37
CA ILE A 111 2.04 -7.97 -0.36
C ILE A 111 1.48 -7.31 0.90
N GLY A 112 1.89 -7.83 2.05
CA GLY A 112 1.70 -7.22 3.35
C GLY A 112 2.79 -6.19 3.62
N ILE A 113 2.43 -5.05 4.17
CA ILE A 113 3.32 -3.93 4.49
C ILE A 113 3.27 -3.66 5.99
N GLY A 114 4.38 -3.22 6.58
CA GLY A 114 4.45 -2.62 7.90
C GLY A 114 5.39 -1.41 7.91
N PHE A 115 5.00 -0.33 8.58
CA PHE A 115 5.86 0.85 8.79
C PHE A 115 6.55 0.79 10.15
N THR A 116 7.70 1.45 10.26
CA THR A 116 8.49 1.51 11.49
C THR A 116 7.79 2.36 12.57
N ASP A 117 6.91 3.29 12.16
CA ASP A 117 6.07 4.12 13.03
C ASP A 117 4.56 3.93 12.75
N ARG A 118 3.74 3.94 13.81
CA ARG A 118 2.27 3.94 13.74
C ARG A 118 1.72 5.13 12.95
N GLY A 119 2.32 6.31 13.12
CA GLY A 119 1.95 7.54 12.41
C GLY A 119 2.29 7.49 10.92
N ASP A 120 3.44 6.92 10.55
CA ASP A 120 3.86 6.84 9.14
C ASP A 120 2.98 5.86 8.33
N ALA A 121 2.49 4.79 8.96
CA ALA A 121 1.44 3.94 8.39
C ALA A 121 0.05 4.61 8.41
N PHE A 122 -0.35 5.25 9.51
CA PHE A 122 -1.65 5.92 9.56
C PHE A 122 -1.78 7.04 8.52
N ASP A 123 -0.66 7.64 8.11
CA ASP A 123 -0.58 8.63 7.03
C ASP A 123 -0.61 7.98 5.63
N PHE A 124 -0.12 6.74 5.49
CA PHE A 124 -0.35 5.92 4.28
C PHE A 124 -1.85 5.63 4.09
N ASN A 125 -2.61 5.50 5.19
CA ASN A 125 -4.07 5.51 5.18
C ASN A 125 -4.64 6.90 4.84
N VAL A 126 -4.29 7.97 5.57
CA VAL A 126 -4.93 9.29 5.42
C VAL A 126 -4.68 9.92 4.05
N SER A 127 -3.50 9.71 3.44
CA SER A 127 -3.22 10.15 2.07
C SER A 127 -4.10 9.48 1.01
N LEU A 128 -4.68 8.31 1.31
CA LEU A 128 -5.72 7.67 0.50
C LEU A 128 -7.14 8.05 0.96
N GLN A 129 -7.38 8.25 2.25
CA GLN A 129 -8.68 8.74 2.74
C GLN A 129 -9.04 10.10 2.11
N ASP A 130 -8.13 11.07 2.11
CA ASP A 130 -8.34 12.37 1.48
C ASP A 130 -8.29 12.32 -0.06
N HIS A 131 -7.83 11.21 -0.64
CA HIS A 131 -7.91 10.95 -2.08
C HIS A 131 -9.28 10.39 -2.49
N PHE A 132 -9.92 9.58 -1.63
CA PHE A 132 -11.25 9.03 -1.87
C PHE A 132 -12.41 9.80 -1.19
N LYS A 133 -12.14 10.78 -0.31
CA LYS A 133 -13.18 11.58 0.38
C LYS A 133 -14.04 12.42 -0.57
N TRP A 134 -13.48 12.81 -1.71
CA TRP A 134 -14.16 13.57 -2.78
C TRP A 134 -14.65 12.67 -3.95
N VAL A 135 -14.50 11.36 -3.79
CA VAL A 135 -14.88 10.27 -4.73
C VAL A 135 -16.06 9.49 -4.12
N LYS A 136 -16.51 8.42 -4.78
CA LYS A 136 -17.16 7.24 -4.14
C LYS A 136 -18.55 7.45 -3.52
N GLN A 137 -19.14 8.61 -3.81
CA GLN A 137 -20.52 9.00 -3.48
C GLN A 137 -20.88 8.93 -1.97
N GLU A 138 -19.88 9.13 -1.10
CA GLU A 138 -20.01 9.15 0.37
C GLU A 138 -20.08 10.58 0.96
N SER B 1 6.58 -6.99 23.63
CA SER B 1 7.87 -7.56 24.09
C SER B 1 7.78 -9.08 24.26
N GLN B 2 7.19 -9.58 25.35
CA GLN B 2 6.92 -11.02 25.55
C GLN B 2 5.77 -11.50 24.64
N ILE B 3 4.75 -10.65 24.44
CA ILE B 3 3.73 -10.77 23.39
C ILE B 3 4.22 -10.02 22.13
N THR B 4 3.88 -10.52 20.95
CA THR B 4 4.21 -9.92 19.64
C THR B 4 3.43 -8.63 19.37
N SER B 5 3.76 -7.94 18.27
CA SER B 5 3.07 -6.72 17.79
C SER B 5 1.74 -6.99 17.07
N GLN B 6 1.02 -8.00 17.57
CA GLN B 6 -0.23 -8.54 17.02
C GLN B 6 -1.25 -7.45 16.69
N VAL B 7 -1.89 -7.58 15.53
CA VAL B 7 -2.79 -6.56 14.95
C VAL B 7 -4.04 -6.40 15.85
N GLY B 9 -6.88 -5.52 17.23
CA GLY B 9 -8.30 -5.93 17.25
C GLY B 9 -8.88 -6.27 18.63
N GLN B 10 -8.04 -6.22 19.66
CA GLN B 10 -8.46 -5.89 21.03
C GLN B 10 -9.15 -4.51 21.13
N ILE B 11 -8.95 -3.62 20.15
CA ILE B 11 -9.54 -2.26 20.12
C ILE B 11 -9.69 -1.66 18.70
N GLY B 12 -8.71 -1.82 17.83
CA GLY B 12 -8.75 -1.35 16.43
C GLY B 12 -8.70 0.16 16.26
N TRP B 13 -7.71 0.80 16.90
CA TRP B 13 -7.53 2.26 17.00
C TRP B 13 -6.51 2.85 16.00
N ARG B 14 -5.71 3.80 16.46
CA ARG B 14 -5.13 4.90 15.65
C ARG B 14 -3.64 5.15 15.92
N ARG B 15 -3.05 6.17 15.29
CA ARG B 15 -1.73 6.72 15.64
C ARG B 15 -1.71 7.45 16.99
N GLY A 1 13.09 15.33 -23.87
CA GLY A 1 12.99 13.88 -24.15
C GLY A 1 13.55 13.54 -25.52
N SER A 2 14.23 12.39 -25.64
CA SER A 2 14.84 11.91 -26.89
C SER A 2 13.82 11.25 -27.84
N PRO A 3 14.07 11.22 -29.18
CA PRO A 3 13.21 10.54 -30.15
C PRO A 3 13.26 8.99 -30.04
N ASN A 4 14.22 8.44 -29.28
CA ASN A 4 14.41 7.00 -29.05
C ASN A 4 13.48 6.44 -27.96
N SER A 5 12.65 7.27 -27.32
CA SER A 5 11.73 6.90 -26.24
C SER A 5 10.34 7.54 -26.42
N MET A 6 9.31 6.99 -25.76
CA MET A 6 7.91 7.43 -25.83
C MET A 6 7.60 8.66 -24.95
N ALA A 7 8.53 9.62 -24.90
CA ALA A 7 8.45 10.82 -24.06
C ALA A 7 7.29 11.78 -24.43
N THR A 8 6.65 11.56 -25.58
CA THR A 8 5.48 12.32 -26.08
C THR A 8 4.14 11.86 -25.50
N GLU A 9 4.12 10.71 -24.80
CA GLU A 9 2.94 10.16 -24.13
C GLU A 9 2.50 11.01 -22.93
N LEU A 10 1.19 11.25 -22.81
CA LEU A 10 0.56 12.04 -21.74
C LEU A 10 0.28 11.22 -20.46
N GLU A 11 1.04 10.14 -20.23
CA GLU A 11 0.94 9.33 -19.01
C GLU A 11 1.47 10.09 -17.79
N TYR A 12 0.73 10.08 -16.67
CA TYR A 12 1.10 10.80 -15.45
C TYR A 12 0.59 10.15 -14.15
N GLU A 13 0.99 10.73 -13.03
CA GLU A 13 0.42 10.56 -11.69
C GLU A 13 0.90 11.72 -10.80
N SER A 14 -0.01 12.30 -10.03
CA SER A 14 0.25 13.43 -9.13
C SER A 14 0.56 12.94 -7.72
N VAL A 15 1.68 13.36 -7.11
CA VAL A 15 2.09 12.84 -5.79
C VAL A 15 1.13 13.28 -4.69
N LEU A 16 0.78 12.35 -3.80
CA LEU A 16 -0.10 12.54 -2.64
C LEU A 16 0.63 12.38 -1.30
N CYS A 17 1.48 11.36 -1.17
CA CYS A 17 2.28 11.10 0.04
C CYS A 17 3.62 10.43 -0.28
N VAL A 18 4.63 10.72 0.54
CA VAL A 18 5.97 10.12 0.50
C VAL A 18 6.43 9.81 1.92
N LYS A 19 6.77 8.54 2.21
CA LYS A 19 7.25 8.10 3.54
C LYS A 19 8.71 7.59 3.47
N PRO A 20 9.58 8.02 4.41
CA PRO A 20 11.04 7.82 4.34
C PRO A 20 11.50 6.36 4.49
N ASP A 21 10.73 5.52 5.17
CA ASP A 21 11.02 4.08 5.31
C ASP A 21 9.72 3.25 5.30
N VAL A 22 9.75 2.11 4.62
CA VAL A 22 8.64 1.14 4.54
C VAL A 22 9.20 -0.26 4.30
N SER A 23 8.60 -1.27 4.94
CA SER A 23 8.97 -2.69 4.79
C SER A 23 7.82 -3.54 4.22
N VAL A 24 8.15 -4.53 3.40
CA VAL A 24 7.19 -5.32 2.61
C VAL A 24 7.31 -6.81 2.92
N TYR A 25 6.16 -7.47 2.94
CA TYR A 25 5.96 -8.85 3.35
C TYR A 25 5.05 -9.56 2.34
N ARG A 26 5.58 -10.17 1.27
CA ARG A 26 4.81 -11.02 0.33
C ARG A 26 4.00 -12.10 1.09
N ILE A 27 2.71 -12.26 0.75
CA ILE A 27 1.76 -13.13 1.49
C ILE A 27 1.12 -14.24 0.63
N PRO A 28 0.98 -15.48 1.15
CA PRO A 28 0.16 -16.51 0.52
C PRO A 28 -1.38 -16.40 0.68
N PRO A 29 -1.98 -16.00 1.82
CA PRO A 29 -3.44 -15.97 1.99
C PRO A 29 -4.14 -14.78 1.30
N ARG A 30 -5.46 -14.90 1.14
CA ARG A 30 -6.38 -13.89 0.58
C ARG A 30 -7.59 -13.56 1.45
N ALA A 31 -8.05 -14.50 2.28
CA ALA A 31 -9.27 -14.36 3.05
C ALA A 31 -9.33 -15.32 4.23
N SER A 32 -9.23 -14.75 5.43
CA SER A 32 -9.77 -15.32 6.66
C SER A 32 -11.04 -14.58 7.10
N ASN A 33 -11.73 -15.11 8.12
CA ASN A 33 -12.90 -14.46 8.71
C ASN A 33 -12.58 -13.15 9.46
N ARG A 34 -11.31 -12.95 9.85
CA ARG A 34 -10.79 -11.70 10.45
C ARG A 34 -10.33 -10.70 9.39
N GLY A 35 -9.72 -11.24 8.33
CA GLY A 35 -9.32 -10.52 7.13
C GLY A 35 -8.02 -11.08 6.58
N TYR A 36 -6.92 -10.34 6.80
CA TYR A 36 -5.56 -10.78 6.43
C TYR A 36 -4.63 -11.04 7.61
N ARG A 37 -4.85 -10.32 8.72
CA ARG A 37 -4.10 -10.31 10.00
C ARG A 37 -2.58 -10.52 9.89
N ALA A 38 -1.80 -9.46 10.09
CA ALA A 38 -0.33 -9.46 9.97
C ALA A 38 0.37 -10.57 10.78
N SER A 39 -0.27 -11.01 11.87
CA SER A 39 0.17 -12.08 12.76
C SER A 39 0.06 -13.50 12.14
N ASP A 40 -0.63 -13.65 11.00
CA ASP A 40 -0.71 -14.91 10.25
C ASP A 40 0.54 -15.19 9.40
N TRP A 41 1.09 -14.14 8.78
CA TRP A 41 2.30 -14.14 7.96
C TRP A 41 3.50 -13.55 8.75
N LYS A 42 4.61 -13.23 8.06
CA LYS A 42 5.74 -12.50 8.65
C LYS A 42 5.30 -11.13 9.16
N LEU A 43 5.50 -10.96 10.45
CA LEU A 43 5.07 -9.85 11.27
C LEU A 43 6.21 -8.82 11.51
N ASP A 44 7.46 -9.30 11.50
CA ASP A 44 8.68 -8.52 11.76
C ASP A 44 9.91 -8.92 10.88
N GLN A 45 9.70 -9.80 9.89
CA GLN A 45 10.73 -10.39 9.02
C GLN A 45 10.44 -10.07 7.53
N PRO A 46 10.76 -8.85 7.03
CA PRO A 46 10.41 -8.40 5.68
C PRO A 46 11.20 -9.10 4.56
N ASP A 47 10.65 -9.05 3.35
CA ASP A 47 11.22 -9.57 2.10
C ASP A 47 11.87 -8.45 1.25
N TRP A 48 11.42 -7.21 1.43
CA TRP A 48 12.00 -6.00 0.82
C TRP A 48 11.79 -4.79 1.75
N THR A 49 12.69 -3.80 1.70
CA THR A 49 12.47 -2.48 2.30
C THR A 49 12.93 -1.35 1.37
N GLY A 50 12.31 -0.19 1.51
CA GLY A 50 12.55 0.96 0.65
C GLY A 50 11.83 2.20 1.15
N ARG A 51 11.20 2.90 0.22
CA ARG A 51 10.56 4.22 0.36
C ARG A 51 9.16 4.18 -0.26
N LEU A 52 8.17 4.81 0.38
CA LEU A 52 6.80 4.88 -0.13
C LEU A 52 6.61 6.09 -1.04
N ARG A 53 5.86 5.94 -2.14
CA ARG A 53 5.37 7.05 -2.97
C ARG A 53 3.92 6.81 -3.40
N ILE A 54 2.97 7.38 -2.67
CA ILE A 54 1.55 7.39 -3.06
C ILE A 54 1.32 8.56 -4.02
N THR A 55 0.67 8.27 -5.13
CA THR A 55 0.38 9.22 -6.21
C THR A 55 -1.06 9.00 -6.72
N SER A 56 -1.55 9.82 -7.65
CA SER A 56 -2.86 9.65 -8.30
C SER A 56 -2.94 10.30 -9.69
N LYS A 57 -3.31 9.52 -10.71
CA LYS A 57 -3.68 10.00 -12.04
C LYS A 57 -5.20 10.29 -12.09
N GLY A 58 -5.61 11.31 -11.35
CA GLY A 58 -6.99 11.75 -11.18
C GLY A 58 -7.73 10.97 -10.09
N LYS A 59 -8.90 10.40 -10.42
CA LYS A 59 -9.75 9.57 -9.54
C LYS A 59 -9.18 8.17 -9.24
N THR A 60 -7.94 7.92 -9.62
CA THR A 60 -7.21 6.68 -9.39
C THR A 60 -5.91 6.96 -8.65
N ALA A 61 -5.76 6.42 -7.44
CA ALA A 61 -4.49 6.42 -6.71
C ALA A 61 -3.58 5.27 -7.18
N TYR A 62 -2.28 5.42 -6.98
CA TYR A 62 -1.28 4.39 -7.21
C TYR A 62 -0.36 4.34 -5.99
N ILE A 63 -0.33 3.19 -5.31
CA ILE A 63 0.68 2.91 -4.29
C ILE A 63 1.94 2.48 -5.03
N LYS A 64 2.93 3.36 -5.16
CA LYS A 64 4.21 3.07 -5.82
C LYS A 64 5.31 2.92 -4.75
N LEU A 65 6.19 1.95 -4.92
CA LEU A 65 7.24 1.63 -3.95
C LEU A 65 8.62 1.78 -4.59
N GLU A 66 9.50 2.54 -3.93
CA GLU A 66 10.78 3.00 -4.47
C GLU A 66 11.97 2.44 -3.67
N ASP A 67 13.10 2.18 -4.33
CA ASP A 67 14.33 1.75 -3.67
C ASP A 67 14.95 2.93 -2.90
N LYS A 68 15.34 2.70 -1.64
CA LYS A 68 15.86 3.74 -0.71
C LYS A 68 17.27 4.25 -1.04
N VAL A 69 17.90 3.74 -2.10
CA VAL A 69 19.25 4.11 -2.57
C VAL A 69 19.18 4.85 -3.90
N SER A 70 18.29 4.45 -4.81
CA SER A 70 18.28 4.93 -6.21
C SER A 70 16.91 5.40 -6.71
N GLY A 71 15.85 5.27 -5.92
CA GLY A 71 14.49 5.69 -6.27
C GLY A 71 13.79 4.79 -7.32
N GLU A 72 14.35 3.62 -7.63
CA GLU A 72 13.86 2.71 -8.67
C GLU A 72 12.60 1.96 -8.24
N LEU A 73 11.67 1.69 -9.17
CA LEU A 73 10.38 1.07 -8.85
C LEU A 73 10.54 -0.41 -8.47
N PHE A 74 10.12 -0.77 -7.26
CA PHE A 74 10.00 -2.14 -6.77
C PHE A 74 8.67 -2.78 -7.18
N ALA A 75 7.56 -2.09 -6.90
CA ALA A 75 6.20 -2.51 -7.23
C ALA A 75 5.25 -1.30 -7.33
N GLN A 76 4.08 -1.52 -7.96
CA GLN A 76 2.97 -0.57 -7.88
C GLN A 76 1.60 -1.27 -7.84
N ALA A 77 0.66 -0.73 -7.05
CA ALA A 77 -0.72 -1.18 -6.96
C ALA A 77 -1.69 -0.03 -7.33
N PRO A 78 -2.47 -0.11 -8.42
CA PRO A 78 -3.53 0.84 -8.74
C PRO A 78 -4.74 0.67 -7.80
N VAL A 79 -5.25 1.77 -7.24
CA VAL A 79 -6.39 1.84 -6.29
C VAL A 79 -7.44 2.80 -6.85
N GLU A 80 -8.70 2.36 -6.96
CA GLU A 80 -9.82 3.21 -7.43
C GLU A 80 -10.99 3.30 -6.41
N GLN A 81 -10.80 2.75 -5.21
CA GLN A 81 -11.71 2.83 -4.07
C GLN A 81 -10.93 2.59 -2.76
N TYR A 82 -11.29 3.28 -1.68
CA TYR A 82 -10.66 3.15 -0.37
C TYR A 82 -11.65 2.97 0.79
N PRO A 83 -11.51 1.92 1.63
CA PRO A 83 -10.72 0.70 1.40
C PRO A 83 -11.22 -0.12 0.19
N GLY A 84 -10.43 -1.10 -0.26
CA GLY A 84 -10.80 -2.02 -1.35
C GLY A 84 -9.93 -3.27 -1.42
N ILE A 85 -9.86 -3.90 -2.61
CA ILE A 85 -8.96 -5.03 -2.86
C ILE A 85 -7.52 -4.55 -3.05
N ALA A 86 -7.35 -3.33 -3.58
CA ALA A 86 -6.03 -2.80 -3.88
C ALA A 86 -5.31 -2.23 -2.65
N VAL A 87 -6.04 -1.84 -1.60
CA VAL A 87 -5.47 -1.47 -0.29
C VAL A 87 -6.46 -1.84 0.84
N GLU A 88 -5.99 -2.62 1.81
CA GLU A 88 -6.75 -3.14 2.96
C GLU A 88 -5.93 -3.10 4.25
N THR A 89 -6.58 -3.14 5.42
CA THR A 89 -5.93 -3.13 6.74
C THR A 89 -6.20 -4.46 7.43
N VAL A 90 -5.26 -5.39 7.23
CA VAL A 90 -4.93 -6.55 8.09
C VAL A 90 -6.07 -7.07 8.95
N THR A 91 -6.31 -6.41 10.09
CA THR A 91 -7.57 -6.51 10.84
C THR A 91 -8.04 -5.16 11.33
N ASP A 92 -7.16 -4.46 12.05
CA ASP A 92 -7.57 -3.30 12.85
C ASP A 92 -6.47 -2.23 13.00
N SER A 93 -5.39 -2.52 13.74
CA SER A 93 -4.27 -1.59 13.87
C SER A 93 -3.61 -1.13 12.57
N SER A 94 -2.94 0.00 12.66
CA SER A 94 -2.36 0.74 11.55
C SER A 94 -0.84 0.89 11.71
N ARG A 95 -0.15 -0.25 11.85
CA ARG A 95 1.23 -0.43 11.37
C ARG A 95 1.27 -1.00 9.95
N TYR A 96 0.29 -1.85 9.61
CA TYR A 96 0.31 -2.69 8.43
C TYR A 96 -0.85 -2.42 7.47
N PHE A 97 -0.64 -2.84 6.22
CA PHE A 97 -1.67 -2.93 5.18
C PHE A 97 -1.45 -4.18 4.32
N VAL A 98 -2.38 -4.46 3.43
CA VAL A 98 -2.22 -5.38 2.29
C VAL A 98 -2.61 -4.64 1.02
N ILE A 99 -1.80 -4.76 -0.04
CA ILE A 99 -2.08 -4.14 -1.35
C ILE A 99 -1.94 -5.15 -2.50
N ARG A 100 -2.68 -4.91 -3.60
CA ARG A 100 -2.69 -5.73 -4.83
C ARG A 100 -1.82 -5.08 -5.91
N ILE A 101 -0.54 -5.47 -5.98
CA ILE A 101 0.46 -4.94 -6.91
C ILE A 101 0.48 -5.67 -8.25
N GLN A 102 1.10 -5.04 -9.26
CA GLN A 102 1.85 -5.74 -10.30
C GLN A 102 3.21 -6.20 -9.72
N ASP A 103 3.59 -7.47 -9.87
CA ASP A 103 4.83 -8.01 -9.25
C ASP A 103 6.09 -7.76 -10.10
N GLY A 104 5.96 -7.10 -11.25
CA GLY A 104 7.06 -6.70 -12.14
C GLY A 104 7.59 -7.80 -13.07
N THR A 105 7.03 -9.01 -13.02
CA THR A 105 7.44 -10.19 -13.80
C THR A 105 6.42 -10.59 -14.87
N GLY A 106 5.45 -9.72 -15.16
CA GLY A 106 4.31 -9.97 -16.06
C GLY A 106 3.07 -10.50 -15.35
N ARG A 107 3.01 -10.40 -14.02
CA ARG A 107 1.94 -10.92 -13.14
C ARG A 107 1.48 -9.90 -12.09
N SER A 108 0.38 -10.20 -11.40
CA SER A 108 -0.05 -9.49 -10.19
C SER A 108 0.20 -10.31 -8.93
N ALA A 109 0.38 -9.64 -7.80
CA ALA A 109 0.56 -10.25 -6.48
C ALA A 109 -0.10 -9.45 -5.35
N PHE A 110 -0.50 -10.14 -4.27
CA PHE A 110 -0.79 -9.49 -2.99
C PHE A 110 0.48 -9.42 -2.13
N ILE A 111 0.75 -8.25 -1.56
CA ILE A 111 1.78 -8.07 -0.52
C ILE A 111 1.17 -7.45 0.73
N GLY A 112 1.62 -7.93 1.89
CA GLY A 112 1.55 -7.18 3.13
C GLY A 112 2.60 -6.07 3.14
N ILE A 113 2.30 -4.99 3.85
CA ILE A 113 3.22 -3.89 4.14
C ILE A 113 3.24 -3.69 5.66
N GLY A 114 4.39 -3.32 6.22
CA GLY A 114 4.55 -2.86 7.59
C GLY A 114 5.45 -1.62 7.65
N PHE A 115 5.01 -0.59 8.37
CA PHE A 115 5.77 0.65 8.54
C PHE A 115 6.64 0.65 9.80
N THR A 116 7.54 1.63 9.89
CA THR A 116 8.46 1.81 11.04
C THR A 116 7.79 2.49 12.23
N ASP A 117 6.69 3.20 11.99
CA ASP A 117 5.86 3.90 13.00
C ASP A 117 4.36 3.78 12.70
N ARG A 118 3.51 3.83 13.75
CA ARG A 118 2.04 3.92 13.59
C ARG A 118 1.61 5.18 12.85
N GLY A 119 2.29 6.31 13.05
CA GLY A 119 2.01 7.54 12.31
C GLY A 119 2.35 7.43 10.83
N ASP A 120 3.45 6.75 10.48
CA ASP A 120 3.87 6.56 9.08
C ASP A 120 2.84 5.73 8.27
N ALA A 121 2.29 4.69 8.88
CA ALA A 121 1.18 3.90 8.33
C ALA A 121 -0.19 4.61 8.42
N PHE A 122 -0.53 5.26 9.53
CA PHE A 122 -1.77 6.05 9.60
C PHE A 122 -1.82 7.16 8.52
N ASP A 123 -0.67 7.73 8.11
CA ASP A 123 -0.57 8.67 7.00
C ASP A 123 -0.71 8.00 5.62
N PHE A 124 -0.25 6.75 5.46
CA PHE A 124 -0.54 5.95 4.27
C PHE A 124 -2.05 5.81 4.07
N ASN A 125 -2.79 5.54 5.15
CA ASN A 125 -4.25 5.53 5.17
C ASN A 125 -4.87 6.91 4.89
N VAL A 126 -4.48 7.97 5.60
CA VAL A 126 -5.11 9.30 5.46
C VAL A 126 -4.87 9.93 4.09
N SER A 127 -3.72 9.66 3.46
CA SER A 127 -3.45 10.04 2.07
C SER A 127 -4.51 9.50 1.10
N LEU A 128 -5.05 8.32 1.37
CA LEU A 128 -6.10 7.66 0.59
C LEU A 128 -7.50 8.11 1.02
N GLN A 129 -7.75 8.30 2.32
CA GLN A 129 -9.02 8.88 2.80
C GLN A 129 -9.29 10.25 2.15
N ASP A 130 -8.31 11.16 2.19
CA ASP A 130 -8.43 12.51 1.62
C ASP A 130 -8.29 12.53 0.09
N HIS A 131 -7.91 11.41 -0.55
CA HIS A 131 -7.98 11.24 -2.00
C HIS A 131 -9.38 10.85 -2.46
N PHE A 132 -10.05 9.95 -1.74
CA PHE A 132 -11.41 9.51 -2.07
C PHE A 132 -12.53 10.37 -1.46
N LYS A 133 -12.23 11.27 -0.50
CA LYS A 133 -13.25 12.14 0.15
C LYS A 133 -13.97 13.09 -0.81
N TRP A 134 -13.33 13.48 -1.92
CA TRP A 134 -13.87 14.43 -2.92
C TRP A 134 -14.35 13.76 -4.22
N VAL A 135 -14.32 12.43 -4.28
CA VAL A 135 -14.84 11.54 -5.35
C VAL A 135 -15.87 10.58 -4.75
N LYS A 136 -16.12 9.42 -5.40
CA LYS A 136 -17.03 8.35 -4.97
C LYS A 136 -18.50 8.79 -4.79
N GLN A 137 -18.86 9.93 -5.40
CA GLN A 137 -20.15 10.62 -5.27
C GLN A 137 -20.55 10.92 -3.81
N GLU A 138 -19.56 11.11 -2.92
CA GLU A 138 -19.74 11.48 -1.52
C GLU A 138 -19.99 12.99 -1.29
N SER B 1 4.69 -11.19 31.09
CA SER B 1 4.90 -12.19 30.03
C SER B 1 5.16 -11.54 28.68
N GLN B 2 5.92 -12.21 27.80
CA GLN B 2 6.21 -11.72 26.45
C GLN B 2 5.01 -11.93 25.50
N ILE B 3 4.81 -10.98 24.57
CA ILE B 3 3.73 -10.95 23.57
C ILE B 3 4.31 -10.50 22.21
N THR B 4 3.83 -11.06 21.10
CA THR B 4 4.18 -10.64 19.73
C THR B 4 3.73 -9.22 19.41
N SER B 5 4.45 -8.53 18.53
CA SER B 5 4.17 -7.16 18.07
C SER B 5 3.08 -7.10 16.99
N GLN B 6 1.96 -7.77 17.27
CA GLN B 6 0.81 -8.01 16.39
C GLN B 6 0.14 -6.72 15.89
N VAL B 7 -0.73 -6.85 14.88
CA VAL B 7 -1.82 -5.88 14.65
C VAL B 7 -2.79 -5.97 15.84
N GLY B 9 -6.25 -5.30 17.91
CA GLY B 9 -7.67 -5.55 17.69
C GLY B 9 -8.52 -5.47 18.98
N GLN B 10 -7.86 -5.51 20.15
CA GLN B 10 -8.44 -5.34 21.49
C GLN B 10 -8.99 -3.92 21.77
N ILE B 11 -8.64 -2.92 20.93
CA ILE B 11 -9.16 -1.54 20.98
C ILE B 11 -9.39 -0.92 19.60
N GLY B 12 -8.56 -1.27 18.61
CA GLY B 12 -8.76 -0.89 17.19
C GLY B 12 -8.58 0.61 16.91
N TRP B 13 -7.54 1.21 17.48
CA TRP B 13 -7.31 2.66 17.57
C TRP B 13 -6.34 3.21 16.49
N ARG B 14 -5.49 4.16 16.89
CA ARG B 14 -4.95 5.25 16.05
C ARG B 14 -3.42 5.43 16.20
N ARG B 15 -2.92 6.60 15.79
CA ARG B 15 -1.50 7.04 15.89
C ARG B 15 -0.90 6.84 17.29
N GLY A 1 7.31 6.11 -21.86
CA GLY A 1 6.95 6.37 -23.27
C GLY A 1 5.53 6.90 -23.41
N SER A 2 5.20 7.42 -24.60
CA SER A 2 3.88 7.98 -24.92
C SER A 2 2.76 6.91 -24.94
N PRO A 3 1.48 7.28 -24.66
CA PRO A 3 0.33 6.37 -24.80
C PRO A 3 0.08 5.98 -26.27
N ASN A 4 -0.65 4.89 -26.49
CA ASN A 4 -1.03 4.43 -27.83
C ASN A 4 -1.94 5.44 -28.56
N SER A 5 -2.81 6.12 -27.81
CA SER A 5 -3.52 7.33 -28.22
C SER A 5 -3.90 8.17 -27.00
N MET A 6 -3.89 9.50 -27.13
CA MET A 6 -4.39 10.42 -26.12
C MET A 6 -5.92 10.31 -25.92
N ALA A 7 -6.63 9.63 -26.83
CA ALA A 7 -8.04 9.26 -26.68
C ALA A 7 -8.26 7.99 -25.84
N THR A 8 -7.23 7.18 -25.56
CA THR A 8 -7.33 5.90 -24.84
C THR A 8 -6.56 5.82 -23.53
N GLU A 9 -5.53 6.64 -23.36
CA GLU A 9 -4.76 6.80 -22.13
C GLU A 9 -4.16 8.23 -22.06
N LEU A 10 -4.02 8.76 -20.86
CA LEU A 10 -3.48 10.10 -20.55
C LEU A 10 -2.50 9.93 -19.39
N GLU A 11 -1.31 9.41 -19.70
CA GLU A 11 -0.26 9.10 -18.71
C GLU A 11 0.23 10.34 -17.93
N TYR A 12 -0.40 10.57 -16.76
CA TYR A 12 0.13 11.38 -15.65
C TYR A 12 -0.07 10.68 -14.31
N GLU A 13 0.37 11.30 -13.23
CA GLU A 13 0.01 11.01 -11.84
C GLU A 13 0.44 12.18 -10.94
N SER A 14 -0.46 12.64 -10.06
CA SER A 14 -0.22 13.72 -9.10
C SER A 14 0.24 13.18 -7.75
N VAL A 15 1.33 13.69 -7.17
CA VAL A 15 1.86 13.18 -5.88
C VAL A 15 0.93 13.48 -4.70
N LEU A 16 0.79 12.52 -3.78
CA LEU A 16 -0.06 12.60 -2.59
C LEU A 16 0.71 12.37 -1.28
N CYS A 17 1.57 11.35 -1.22
CA CYS A 17 2.38 11.01 -0.04
C CYS A 17 3.76 10.45 -0.41
N VAL A 18 4.72 10.67 0.48
CA VAL A 18 6.05 10.06 0.48
C VAL A 18 6.42 9.68 1.91
N LYS A 19 6.99 8.49 2.10
CA LYS A 19 7.57 8.08 3.40
C LYS A 19 9.03 7.57 3.30
N PRO A 20 9.90 7.92 4.27
CA PRO A 20 11.36 7.77 4.18
C PRO A 20 11.89 6.36 4.50
N ASP A 21 11.08 5.50 5.12
CA ASP A 21 11.37 4.08 5.35
C ASP A 21 10.08 3.26 5.39
N VAL A 22 10.06 2.12 4.70
CA VAL A 22 8.95 1.15 4.69
C VAL A 22 9.49 -0.26 4.43
N SER A 23 8.84 -1.28 5.01
CA SER A 23 9.15 -2.70 4.81
C SER A 23 7.96 -3.49 4.24
N VAL A 24 8.24 -4.56 3.49
CA VAL A 24 7.25 -5.35 2.73
C VAL A 24 7.35 -6.83 3.05
N TYR A 25 6.19 -7.48 3.09
CA TYR A 25 6.05 -8.93 3.24
C TYR A 25 5.15 -9.49 2.10
N ARG A 26 5.68 -10.26 1.15
CA ARG A 26 4.85 -11.10 0.26
C ARG A 26 4.06 -12.14 1.09
N ILE A 27 2.74 -12.27 0.85
CA ILE A 27 1.82 -13.10 1.65
C ILE A 27 1.08 -14.17 0.82
N PRO A 28 0.84 -15.39 1.35
CA PRO A 28 0.08 -16.43 0.65
C PRO A 28 -1.47 -16.29 0.60
N PRO A 29 -2.21 -15.78 1.63
CA PRO A 29 -3.66 -15.71 1.60
C PRO A 29 -4.21 -14.51 0.78
N ARG A 30 -5.52 -14.55 0.50
CA ARG A 30 -6.30 -13.44 -0.10
C ARG A 30 -7.53 -13.00 0.71
N ALA A 31 -8.11 -13.91 1.50
CA ALA A 31 -9.36 -13.66 2.21
C ALA A 31 -9.57 -14.65 3.37
N SER A 32 -9.34 -14.17 4.59
CA SER A 32 -9.85 -14.75 5.83
C SER A 32 -11.12 -14.00 6.30
N ASN A 33 -11.80 -14.58 7.28
CA ASN A 33 -13.08 -14.12 7.84
C ASN A 33 -13.07 -12.67 8.39
N ARG A 34 -11.90 -12.18 8.83
CA ARG A 34 -11.67 -10.82 9.36
C ARG A 34 -10.87 -9.89 8.44
N GLY A 35 -10.36 -10.45 7.34
CA GLY A 35 -9.52 -9.78 6.35
C GLY A 35 -8.26 -10.59 6.05
N TYR A 36 -7.10 -10.10 6.48
CA TYR A 36 -5.78 -10.70 6.22
C TYR A 36 -4.99 -11.06 7.47
N ARG A 37 -5.17 -10.31 8.55
CA ARG A 37 -4.44 -10.33 9.84
C ARG A 37 -2.92 -10.51 9.71
N ALA A 38 -2.15 -9.43 9.92
CA ALA A 38 -0.68 -9.47 9.93
C ALA A 38 -0.11 -10.59 10.82
N SER A 39 -0.80 -10.83 11.93
CA SER A 39 -0.56 -11.91 12.91
C SER A 39 -0.58 -13.34 12.34
N ASP A 40 -1.16 -13.56 11.14
CA ASP A 40 -1.21 -14.86 10.46
C ASP A 40 0.02 -15.14 9.56
N TRP A 41 0.80 -14.11 9.21
CA TRP A 41 1.99 -14.19 8.35
C TRP A 41 3.20 -13.52 9.02
N LYS A 42 4.30 -13.33 8.27
CA LYS A 42 5.48 -12.57 8.72
C LYS A 42 5.12 -11.09 8.92
N LEU A 43 4.90 -10.66 10.16
CA LEU A 43 4.85 -9.23 10.54
C LEU A 43 6.20 -8.67 11.05
N ASP A 44 7.23 -9.51 11.09
CA ASP A 44 8.55 -9.22 11.69
C ASP A 44 9.74 -9.38 10.72
N GLN A 45 9.56 -10.13 9.62
CA GLN A 45 10.63 -10.58 8.73
C GLN A 45 10.37 -10.14 7.27
N PRO A 46 10.87 -8.96 6.84
CA PRO A 46 10.59 -8.41 5.52
C PRO A 46 11.29 -9.15 4.38
N ASP A 47 10.63 -9.14 3.22
CA ASP A 47 11.12 -9.67 1.93
C ASP A 47 11.72 -8.56 1.05
N TRP A 48 11.33 -7.30 1.28
CA TRP A 48 11.92 -6.09 0.69
C TRP A 48 11.80 -4.89 1.65
N THR A 49 12.74 -3.94 1.54
CA THR A 49 12.73 -2.67 2.26
C THR A 49 13.19 -1.50 1.38
N GLY A 50 12.68 -0.31 1.64
CA GLY A 50 12.93 0.87 0.84
C GLY A 50 12.06 2.07 1.26
N ARG A 51 11.42 2.70 0.27
CA ARG A 51 10.64 3.95 0.40
C ARG A 51 9.29 3.87 -0.32
N LEU A 52 8.36 4.73 0.10
CA LEU A 52 6.98 4.82 -0.39
C LEU A 52 6.77 6.07 -1.26
N ARG A 53 6.03 5.93 -2.35
CA ARG A 53 5.36 7.05 -3.06
C ARG A 53 3.89 6.71 -3.29
N ILE A 54 2.99 7.57 -2.84
CA ILE A 54 1.57 7.52 -3.18
C ILE A 54 1.29 8.67 -4.14
N THR A 55 0.70 8.35 -5.28
CA THR A 55 0.34 9.29 -6.36
C THR A 55 -1.10 9.05 -6.80
N SER A 56 -1.67 9.90 -7.65
CA SER A 56 -3.01 9.73 -8.23
C SER A 56 -3.18 10.38 -9.59
N LYS A 57 -3.57 9.58 -10.59
CA LYS A 57 -4.05 10.04 -11.89
C LYS A 57 -5.57 10.20 -11.84
N GLY A 58 -6.00 11.24 -11.13
CA GLY A 58 -7.40 11.60 -10.89
C GLY A 58 -8.07 10.71 -9.85
N LYS A 59 -9.21 10.11 -10.19
CA LYS A 59 -10.05 9.21 -9.35
C LYS A 59 -9.45 7.82 -9.11
N THR A 60 -8.13 7.73 -9.20
CA THR A 60 -7.34 6.50 -9.06
C THR A 60 -6.02 6.87 -8.41
N ALA A 61 -5.73 6.32 -7.22
CA ALA A 61 -4.41 6.42 -6.60
C ALA A 61 -3.53 5.22 -6.96
N TYR A 62 -2.22 5.36 -6.79
CA TYR A 62 -1.23 4.34 -7.10
C TYR A 62 -0.26 4.25 -5.92
N ILE A 63 -0.22 3.08 -5.26
CA ILE A 63 0.75 2.80 -4.20
C ILE A 63 2.02 2.30 -4.88
N LYS A 64 3.03 3.17 -5.01
CA LYS A 64 4.32 2.84 -5.62
C LYS A 64 5.41 2.70 -4.56
N LEU A 65 6.37 1.82 -4.80
CA LEU A 65 7.45 1.51 -3.87
C LEU A 65 8.81 1.66 -4.56
N GLU A 66 9.73 2.39 -3.93
CA GLU A 66 11.00 2.82 -4.52
C GLU A 66 12.22 2.37 -3.69
N ASP A 67 13.33 2.07 -4.35
CA ASP A 67 14.61 1.76 -3.70
C ASP A 67 15.19 3.03 -3.04
N LYS A 68 15.67 2.89 -1.80
CA LYS A 68 16.15 3.98 -0.95
C LYS A 68 17.41 4.69 -1.50
N VAL A 69 18.12 4.07 -2.42
CA VAL A 69 19.44 4.49 -2.94
C VAL A 69 19.31 5.14 -4.31
N SER A 70 18.36 4.69 -5.11
CA SER A 70 18.26 5.03 -6.54
C SER A 70 16.89 5.57 -6.98
N GLY A 71 15.85 5.42 -6.16
CA GLY A 71 14.47 5.69 -6.53
C GLY A 71 13.87 4.66 -7.50
N GLU A 72 14.54 3.53 -7.76
CA GLU A 72 14.08 2.53 -8.73
C GLU A 72 12.84 1.78 -8.25
N LEU A 73 11.92 1.47 -9.17
CA LEU A 73 10.61 0.89 -8.84
C LEU A 73 10.74 -0.59 -8.44
N PHE A 74 10.29 -0.92 -7.22
CA PHE A 74 10.12 -2.28 -6.72
C PHE A 74 8.78 -2.89 -7.15
N ALA A 75 7.68 -2.18 -6.87
CA ALA A 75 6.32 -2.59 -7.18
C ALA A 75 5.38 -1.38 -7.27
N GLN A 76 4.21 -1.58 -7.88
CA GLN A 76 3.09 -0.64 -7.77
C GLN A 76 1.73 -1.35 -7.75
N ALA A 77 0.79 -0.84 -6.94
CA ALA A 77 -0.60 -1.28 -6.87
C ALA A 77 -1.55 -0.12 -7.25
N PRO A 78 -2.35 -0.22 -8.33
CA PRO A 78 -3.38 0.77 -8.64
C PRO A 78 -4.61 0.57 -7.76
N VAL A 79 -5.15 1.65 -7.18
CA VAL A 79 -6.34 1.65 -6.30
C VAL A 79 -7.44 2.55 -6.85
N GLU A 80 -8.68 2.05 -6.90
CA GLU A 80 -9.86 2.77 -7.40
C GLU A 80 -10.96 2.90 -6.32
N GLN A 81 -10.66 2.48 -5.09
CA GLN A 81 -11.50 2.60 -3.91
C GLN A 81 -10.65 2.48 -2.64
N TYR A 82 -11.06 3.12 -1.55
CA TYR A 82 -10.44 2.98 -0.23
C TYR A 82 -11.45 2.83 0.94
N PRO A 83 -11.32 1.79 1.79
CA PRO A 83 -10.53 0.57 1.60
C PRO A 83 -11.04 -0.30 0.42
N GLY A 84 -10.23 -1.27 -0.02
CA GLY A 84 -10.59 -2.21 -1.10
C GLY A 84 -9.70 -3.45 -1.17
N ILE A 85 -9.62 -4.08 -2.35
CA ILE A 85 -8.74 -5.23 -2.60
C ILE A 85 -7.29 -4.76 -2.83
N ALA A 86 -7.14 -3.58 -3.44
CA ALA A 86 -5.84 -3.05 -3.77
C ALA A 86 -5.13 -2.37 -2.60
N VAL A 87 -5.85 -2.01 -1.53
CA VAL A 87 -5.28 -1.50 -0.27
C VAL A 87 -6.26 -1.79 0.88
N GLU A 88 -5.80 -2.47 1.93
CA GLU A 88 -6.59 -2.90 3.09
C GLU A 88 -5.80 -2.80 4.40
N THR A 89 -6.49 -2.60 5.53
CA THR A 89 -5.89 -2.67 6.88
C THR A 89 -6.17 -4.05 7.46
N VAL A 90 -5.25 -4.96 7.16
CA VAL A 90 -4.93 -6.22 7.86
C VAL A 90 -6.06 -6.85 8.67
N THR A 91 -6.35 -6.30 9.84
CA THR A 91 -7.65 -6.42 10.53
C THR A 91 -8.09 -5.10 11.14
N ASP A 92 -7.22 -4.50 11.96
CA ASP A 92 -7.57 -3.37 12.82
C ASP A 92 -6.43 -2.36 13.00
N SER A 93 -5.35 -2.71 13.69
CA SER A 93 -4.15 -1.86 13.73
C SER A 93 -3.65 -1.42 12.36
N SER A 94 -3.25 -0.15 12.28
CA SER A 94 -2.61 0.43 11.11
C SER A 94 -1.12 0.71 11.35
N ARG A 95 -0.40 -0.24 12.00
CA ARG A 95 1.05 -0.43 11.80
C ARG A 95 1.36 -1.01 10.42
N TYR A 96 0.37 -1.68 9.83
CA TYR A 96 0.47 -2.49 8.62
C TYR A 96 -0.68 -2.21 7.63
N PHE A 97 -0.48 -2.65 6.39
CA PHE A 97 -1.52 -2.76 5.36
C PHE A 97 -1.32 -4.04 4.54
N VAL A 98 -2.24 -4.30 3.63
CA VAL A 98 -2.07 -5.23 2.50
C VAL A 98 -2.43 -4.49 1.22
N ILE A 99 -1.63 -4.65 0.16
CA ILE A 99 -1.92 -4.09 -1.16
C ILE A 99 -1.79 -5.16 -2.27
N ARG A 100 -2.53 -4.97 -3.38
CA ARG A 100 -2.50 -5.84 -4.57
C ARG A 100 -1.66 -5.19 -5.68
N ILE A 101 -0.38 -5.52 -5.73
CA ILE A 101 0.60 -4.99 -6.70
C ILE A 101 0.60 -5.75 -8.04
N GLN A 102 1.15 -5.14 -9.08
CA GLN A 102 1.85 -5.89 -10.12
C GLN A 102 3.23 -6.32 -9.61
N ASP A 103 3.64 -7.58 -9.80
CA ASP A 103 4.85 -8.16 -9.20
C ASP A 103 6.14 -7.93 -10.02
N GLY A 104 6.05 -7.19 -11.13
CA GLY A 104 7.17 -6.82 -12.00
C GLY A 104 7.71 -7.92 -12.91
N THR A 105 7.04 -9.08 -12.98
CA THR A 105 7.49 -10.27 -13.76
C THR A 105 6.38 -10.90 -14.63
N GLY A 106 5.39 -10.09 -15.02
CA GLY A 106 4.26 -10.50 -15.87
C GLY A 106 3.04 -11.03 -15.09
N ARG A 107 2.99 -10.75 -13.78
CA ARG A 107 1.95 -11.20 -12.84
C ARG A 107 1.51 -10.10 -11.88
N SER A 108 0.43 -10.34 -11.13
CA SER A 108 0.10 -9.58 -9.91
C SER A 108 0.31 -10.41 -8.64
N ALA A 109 0.47 -9.73 -7.50
CA ALA A 109 0.71 -10.34 -6.19
C ALA A 109 0.08 -9.53 -5.05
N PHE A 110 -0.28 -10.23 -3.97
CA PHE A 110 -0.62 -9.60 -2.69
C PHE A 110 0.61 -9.49 -1.80
N ILE A 111 0.85 -8.30 -1.24
CA ILE A 111 1.86 -8.07 -0.20
C ILE A 111 1.24 -7.39 1.00
N GLY A 112 1.62 -7.84 2.19
CA GLY A 112 1.58 -7.04 3.41
C GLY A 112 2.65 -5.96 3.38
N ILE A 113 2.39 -4.86 4.09
CA ILE A 113 3.35 -3.77 4.32
C ILE A 113 3.47 -3.55 5.83
N GLY A 114 4.67 -3.27 6.33
CA GLY A 114 4.91 -2.82 7.70
C GLY A 114 5.78 -1.56 7.76
N PHE A 115 5.30 -0.55 8.49
CA PHE A 115 6.03 0.70 8.69
C PHE A 115 6.87 0.72 9.97
N THR A 116 7.86 1.61 9.99
CA THR A 116 8.75 1.84 11.14
C THR A 116 8.09 2.63 12.26
N ASP A 117 7.03 3.38 11.93
CA ASP A 117 6.20 4.15 12.87
C ASP A 117 4.70 3.97 12.59
N ARG A 118 3.89 3.84 13.65
CA ARG A 118 2.42 3.77 13.58
C ARG A 118 1.80 5.03 12.95
N GLY A 119 2.42 6.19 13.14
CA GLY A 119 2.02 7.47 12.52
C GLY A 119 2.36 7.56 11.03
N ASP A 120 3.46 6.94 10.58
CA ASP A 120 3.82 6.89 9.15
C ASP A 120 2.82 6.06 8.35
N ALA A 121 2.36 4.94 8.92
CA ALA A 121 1.29 4.12 8.36
C ALA A 121 -0.11 4.76 8.52
N PHE A 122 -0.40 5.45 9.64
CA PHE A 122 -1.66 6.19 9.79
C PHE A 122 -1.82 7.27 8.68
N ASP A 123 -0.71 7.83 8.20
CA ASP A 123 -0.69 8.81 7.10
C ASP A 123 -0.74 8.16 5.71
N PHE A 124 -0.29 6.91 5.55
CA PHE A 124 -0.59 6.08 4.36
C PHE A 124 -2.12 5.90 4.23
N ASN A 125 -2.81 5.66 5.34
CA ASN A 125 -4.27 5.66 5.42
C ASN A 125 -4.87 7.04 5.09
N VAL A 126 -4.48 8.11 5.78
CA VAL A 126 -5.13 9.44 5.61
C VAL A 126 -4.92 10.01 4.20
N SER A 127 -3.77 9.74 3.57
CA SER A 127 -3.50 10.09 2.17
C SER A 127 -4.55 9.52 1.20
N LEU A 128 -5.10 8.34 1.51
CA LEU A 128 -6.14 7.67 0.73
C LEU A 128 -7.56 8.04 1.19
N GLN A 129 -7.79 8.22 2.50
CA GLN A 129 -9.07 8.74 3.01
C GLN A 129 -9.43 10.07 2.35
N ASP A 130 -8.52 11.05 2.38
CA ASP A 130 -8.72 12.39 1.80
C ASP A 130 -8.58 12.41 0.27
N HIS A 131 -8.14 11.31 -0.35
CA HIS A 131 -8.17 11.14 -1.82
C HIS A 131 -9.53 10.63 -2.30
N PHE A 132 -10.16 9.71 -1.58
CA PHE A 132 -11.48 9.18 -1.93
C PHE A 132 -12.65 9.99 -1.34
N LYS A 133 -12.43 10.87 -0.34
CA LYS A 133 -13.51 11.66 0.31
C LYS A 133 -14.30 12.57 -0.64
N TRP A 134 -13.69 13.03 -1.72
CA TRP A 134 -14.29 13.96 -2.70
C TRP A 134 -14.76 13.30 -4.02
N VAL A 135 -14.69 11.96 -4.10
CA VAL A 135 -15.04 11.13 -5.27
C VAL A 135 -15.91 9.92 -4.85
N LYS A 136 -16.06 8.91 -5.73
CA LYS A 136 -16.86 7.69 -5.54
C LYS A 136 -18.37 7.90 -5.37
N GLN A 137 -18.85 9.10 -5.70
CA GLN A 137 -20.27 9.51 -5.68
C GLN A 137 -20.97 9.30 -4.32
N GLU A 138 -20.21 9.28 -3.22
CA GLU A 138 -20.73 9.22 -1.84
C GLU A 138 -21.13 10.58 -1.27
N SER B 1 11.88 -7.47 23.86
CA SER B 1 11.64 -7.02 22.47
C SER B 1 11.43 -5.51 22.39
N GLN B 2 11.66 -4.91 21.21
CA GLN B 2 11.43 -3.49 20.90
C GLN B 2 10.24 -3.26 19.94
N ILE B 3 9.50 -4.32 19.58
CA ILE B 3 8.35 -4.29 18.64
C ILE B 3 7.20 -5.18 19.13
N THR B 4 5.99 -4.97 18.61
CA THR B 4 4.84 -5.86 18.83
C THR B 4 4.95 -7.20 18.09
N SER B 5 4.01 -8.08 18.39
CA SER B 5 3.85 -9.43 17.82
C SER B 5 2.45 -9.73 17.29
N GLN B 6 1.76 -8.66 16.87
CA GLN B 6 0.41 -8.67 16.30
C GLN B 6 0.05 -7.41 15.49
N VAL B 7 -1.02 -7.50 14.68
CA VAL B 7 -1.96 -6.37 14.46
C VAL B 7 -2.89 -6.31 15.69
N GLY B 9 -6.20 -5.57 17.78
CA GLY B 9 -7.63 -5.85 17.56
C GLY B 9 -8.48 -5.83 18.85
N GLN B 10 -7.87 -5.94 20.04
CA GLN B 10 -8.57 -5.94 21.33
C GLN B 10 -9.23 -4.59 21.68
N ILE B 11 -8.71 -3.47 21.15
CA ILE B 11 -9.33 -2.13 21.26
C ILE B 11 -10.07 -1.73 19.97
N GLY B 12 -9.58 -2.16 18.80
CA GLY B 12 -10.29 -2.11 17.52
C GLY B 12 -10.49 -0.69 16.99
N TRP B 13 -9.37 -0.01 16.70
CA TRP B 13 -9.27 1.46 16.75
C TRP B 13 -8.44 2.09 15.63
N ARG B 14 -8.52 3.43 15.58
CA ARG B 14 -7.63 4.36 14.89
C ARG B 14 -7.86 5.81 15.35
N ARG B 15 -9.11 6.19 15.56
CA ARG B 15 -9.57 7.43 16.24
C ARG B 15 -10.71 7.14 17.23
#